data_3AL4
#
_entry.id   3AL4
#
_cell.length_a   66.020
_cell.length_b   115.190
_cell.length_c   114.985
_cell.angle_alpha   62.31
_cell.angle_beta   77.94
_cell.angle_gamma   81.05
#
_symmetry.space_group_name_H-M   'P 1'
#
loop_
_entity.id
_entity.type
_entity.pdbx_description
1 polymer Hemagglutinin
2 polymer Hemagglutinin
3 branched 2-acetamido-2-deoxy-beta-D-glucopyranose-(1-4)-2-acetamido-2-deoxy-beta-D-glucopyranose
4 branched beta-D-mannopyranose-(1-4)-2-acetamido-2-deoxy-beta-D-glucopyranose-(1-4)-2-acetamido-2-deoxy-beta-D-glucopyranose
5 non-polymer 2-acetamido-2-deoxy-beta-D-glucopyranose
6 water water
#
loop_
_entity_poly.entity_id
_entity_poly.type
_entity_poly.pdbx_seq_one_letter_code
_entity_poly.pdbx_strand_id
1 'polypeptide(L)'
;ADLGSRDTLCIGYHANNSTDTVDTVLEKNVTVTHSVNLLEDKHNGKLCKLRGVAPLHLGKCNIAGWILGNPECESLSTAS
SWSYIVETPSSDNGTCYPGDFIDYEELREQLSSVSSFERFEIFPKTSSWPNHDSNKGVTAACPHAGAKSFYKNLIWLVKK
GNSYPKLSKSYINDKGKEVLVLWGIHHPSTSADQQSLYQNADTYVFVGSSRYSKKFKPEIAIRPKVRDQEGRMNYYWTLV
EPGDKITFEATGNLVVPRYAFAMERNAGSGIIISDTPVHDCNTTCQTPKGAINTSLPFQNIHPITIGKCPKYVKSTKLRL
ATGLRNIPSIQSR
;
A,C,E,G,I,K
2 'polypeptide(L)'
;GLFGAIAGFIEGGWTGMVDGWYGYHHQNEQGSGYAADLKSTQNAIDEITNKVNSVIEKMNTQFTAVGKEFNHLEKRIENL
NKKVDDGFLDIWTYNAELLVLLENERTLDYHDSNVKNLYEKVRSQLKNNAKEIGNGCFEFYHKCDNTCMESVKNGTYDYP
KYSEEAKLNREEIDGVRLVPR
;
B,D,F,H,J,L
#
loop_
_chem_comp.id
_chem_comp.type
_chem_comp.name
_chem_comp.formula
BMA D-saccharide, beta linking beta-D-mannopyranose 'C6 H12 O6'
NAG D-saccharide, beta linking 2-acetamido-2-deoxy-beta-D-glucopyranose 'C8 H15 N O6'
#
# COMPACT_ATOMS: atom_id res chain seq x y z
N ASP A 7 -57.85 50.83 -10.73
CA ASP A 7 -57.25 50.20 -11.90
C ASP A 7 -55.72 50.13 -11.78
N THR A 8 -55.18 48.92 -11.78
CA THR A 8 -53.74 48.73 -11.60
C THR A 8 -53.08 47.89 -12.71
N LEU A 9 -51.84 48.24 -13.04
CA LEU A 9 -51.07 47.51 -14.04
C LEU A 9 -49.66 47.29 -13.56
N CYS A 10 -49.38 46.11 -13.02
CA CYS A 10 -48.05 45.86 -12.45
C CYS A 10 -47.27 44.85 -13.33
N ILE A 11 -46.15 44.36 -12.81
CA ILE A 11 -45.28 43.47 -13.58
C ILE A 11 -44.48 42.60 -12.63
N GLY A 12 -44.16 41.39 -13.06
CA GLY A 12 -43.39 40.48 -12.25
C GLY A 12 -42.89 39.30 -13.05
N TYR A 13 -42.54 38.21 -12.37
CA TYR A 13 -41.92 37.08 -13.04
C TYR A 13 -42.63 35.75 -12.84
N HIS A 14 -41.85 34.67 -12.88
CA HIS A 14 -42.39 33.32 -12.98
C HIS A 14 -41.92 32.47 -11.82
N ALA A 15 -42.73 31.50 -11.41
CA ALA A 15 -42.34 30.59 -10.34
C ALA A 15 -43.16 29.31 -10.46
N ASN A 16 -42.73 28.28 -9.74
CA ASN A 16 -43.32 26.96 -9.90
C ASN A 16 -42.97 25.98 -8.78
N ASN A 17 -43.29 24.70 -9.00
CA ASN A 17 -43.01 23.66 -8.04
C ASN A 17 -41.60 23.11 -8.21
N SER A 18 -40.74 23.89 -8.87
CA SER A 18 -39.39 23.45 -9.17
C SER A 18 -38.52 23.44 -7.93
N THR A 19 -37.62 22.48 -7.88
CA THR A 19 -36.87 22.21 -6.68
C THR A 19 -35.41 22.15 -7.09
N ASP A 20 -35.21 22.30 -8.40
CA ASP A 20 -33.88 22.45 -8.97
C ASP A 20 -33.09 23.50 -8.23
N THR A 21 -31.86 23.18 -7.87
CA THR A 21 -30.97 24.13 -7.24
C THR A 21 -29.65 24.22 -8.00
N VAL A 22 -29.16 25.44 -8.17
CA VAL A 22 -27.88 25.67 -8.82
C VAL A 22 -27.00 26.50 -7.90
N ASP A 23 -25.72 26.59 -8.24
CA ASP A 23 -24.79 27.43 -7.48
C ASP A 23 -24.30 28.58 -8.36
N THR A 24 -23.98 29.70 -7.72
CA THR A 24 -23.34 30.82 -8.40
C THR A 24 -22.05 31.15 -7.68
N VAL A 25 -21.33 32.17 -8.16
CA VAL A 25 -20.13 32.65 -7.49
C VAL A 25 -20.48 33.22 -6.12
N LEU A 26 -21.63 33.89 -6.05
CA LEU A 26 -22.01 34.66 -4.86
C LEU A 26 -22.89 33.88 -3.87
N GLU A 27 -23.61 32.87 -4.37
CA GLU A 27 -24.58 32.17 -3.54
C GLU A 27 -24.64 30.67 -3.85
N LYS A 28 -24.87 29.88 -2.80
CA LYS A 28 -24.97 28.43 -2.94
C LYS A 28 -26.42 27.97 -2.85
N ASN A 29 -26.69 26.78 -3.39
CA ASN A 29 -28.02 26.19 -3.37
C ASN A 29 -29.15 27.20 -3.58
N VAL A 30 -29.17 27.80 -4.77
CA VAL A 30 -30.24 28.71 -5.14
C VAL A 30 -31.26 27.97 -5.99
N THR A 31 -32.49 27.91 -5.49
CA THR A 31 -33.56 27.22 -6.19
C THR A 31 -34.00 27.99 -7.43
N VAL A 32 -33.95 27.34 -8.59
CA VAL A 32 -34.35 27.96 -9.86
C VAL A 32 -35.59 27.34 -10.50
N THR A 33 -36.27 28.12 -11.34
CA THR A 33 -37.48 27.65 -12.02
C THR A 33 -37.14 26.58 -13.05
N HIS A 34 -36.05 26.79 -13.78
CA HIS A 34 -35.63 25.85 -14.81
C HIS A 34 -34.11 25.75 -14.91
N SER A 35 -33.62 24.64 -15.45
CA SER A 35 -32.19 24.46 -15.68
C SER A 35 -31.90 23.22 -16.53
N VAL A 36 -30.63 22.96 -16.77
CA VAL A 36 -30.21 21.77 -17.51
C VAL A 36 -28.89 21.25 -16.93
N ASN A 37 -28.62 19.97 -17.14
CA ASN A 37 -27.37 19.39 -16.65
C ASN A 37 -26.35 19.32 -17.76
N LEU A 38 -25.18 19.92 -17.53
CA LEU A 38 -24.10 19.90 -18.51
C LEU A 38 -23.22 18.68 -18.31
N LEU A 39 -23.45 17.96 -17.23
CA LEU A 39 -22.64 16.80 -16.90
C LEU A 39 -23.33 15.47 -17.24
N GLU A 40 -22.66 14.66 -18.06
CA GLU A 40 -23.15 13.33 -18.39
C GLU A 40 -22.69 12.35 -17.31
N ASP A 41 -23.63 11.58 -16.78
CA ASP A 41 -23.33 10.60 -15.75
C ASP A 41 -24.11 9.31 -15.98
N LYS A 42 -24.32 8.97 -17.24
CA LYS A 42 -25.13 7.80 -17.59
C LYS A 42 -24.64 7.08 -18.84
N HIS A 43 -24.14 5.87 -18.65
CA HIS A 43 -23.70 5.01 -19.76
C HIS A 43 -24.70 3.87 -19.95
N ASN A 44 -24.75 3.29 -21.14
CA ASN A 44 -25.68 2.19 -21.41
C ASN A 44 -25.18 0.84 -20.93
N GLY A 45 -23.99 0.83 -20.34
CA GLY A 45 -23.42 -0.39 -19.78
C GLY A 45 -23.19 -1.47 -20.83
N LYS A 46 -22.97 -1.06 -22.07
CA LYS A 46 -22.70 -1.99 -23.16
C LYS A 46 -21.47 -1.56 -23.96
N LEU A 47 -20.61 -2.53 -24.29
CA LEU A 47 -19.47 -2.26 -25.14
C LEU A 47 -19.94 -2.07 -26.56
N CYS A 48 -20.73 -1.04 -26.78
CA CYS A 48 -21.26 -0.75 -28.10
C CYS A 48 -20.10 -0.52 -29.06
N LYS A 49 -20.39 -0.60 -30.36
CA LYS A 49 -19.34 -0.46 -31.36
C LYS A 49 -19.04 1.00 -31.68
N LEU A 50 -17.95 1.28 -32.37
CA LEU A 50 -17.59 2.67 -32.55
C LEU A 50 -18.10 3.47 -33.74
N ARG A 51 -17.66 3.20 -34.96
CA ARG A 51 -17.87 4.12 -36.08
C ARG A 51 -19.15 3.40 -36.46
N GLY A 52 -18.97 2.27 -37.14
CA GLY A 52 -20.03 1.30 -37.33
C GLY A 52 -19.39 -0.07 -37.30
N VAL A 53 -18.11 -0.08 -36.94
CA VAL A 53 -17.33 -1.32 -36.86
C VAL A 53 -17.38 -1.89 -35.44
N ALA A 54 -17.45 -3.20 -35.32
CA ALA A 54 -17.53 -3.85 -34.02
C ALA A 54 -16.15 -4.04 -33.42
N PRO A 55 -16.08 -4.11 -32.08
CA PRO A 55 -14.83 -4.39 -31.37
C PRO A 55 -14.44 -5.86 -31.52
N LEU A 56 -13.15 -6.14 -31.41
CA LEU A 56 -12.66 -7.51 -31.41
C LEU A 56 -12.61 -8.01 -29.98
N HIS A 57 -13.57 -8.85 -29.62
CA HIS A 57 -13.62 -9.39 -28.27
C HIS A 57 -12.85 -10.72 -28.21
N LEU A 58 -11.90 -10.81 -27.28
CA LEU A 58 -11.04 -11.99 -27.18
C LEU A 58 -11.53 -13.05 -26.19
N GLY A 59 -12.50 -12.68 -25.35
CA GLY A 59 -13.09 -13.63 -24.43
C GLY A 59 -12.15 -14.16 -23.36
N LYS A 60 -11.79 -15.43 -23.45
CA LYS A 60 -10.92 -16.05 -22.45
C LYS A 60 -9.44 -15.89 -22.80
N CYS A 61 -9.16 -15.32 -23.96
CA CYS A 61 -7.78 -15.19 -24.46
C CYS A 61 -7.30 -13.75 -24.48
N ASN A 62 -5.98 -13.55 -24.41
CA ASN A 62 -5.39 -12.23 -24.63
C ASN A 62 -4.78 -12.12 -26.01
N ILE A 63 -4.34 -10.91 -26.36
CA ILE A 63 -3.75 -10.66 -27.65
C ILE A 63 -2.70 -11.71 -27.99
N ALA A 64 -1.79 -11.97 -27.05
CA ALA A 64 -0.74 -12.96 -27.25
C ALA A 64 -1.29 -14.30 -27.71
N GLY A 65 -2.21 -14.87 -26.94
CA GLY A 65 -2.80 -16.15 -27.25
C GLY A 65 -3.52 -16.16 -28.59
N TRP A 66 -4.24 -15.08 -28.88
CA TRP A 66 -5.03 -14.98 -30.10
C TRP A 66 -4.18 -14.99 -31.37
N ILE A 67 -3.08 -14.23 -31.37
CA ILE A 67 -2.24 -14.11 -32.55
C ILE A 67 -1.32 -15.33 -32.73
N LEU A 68 -0.78 -15.82 -31.62
CA LEU A 68 0.10 -16.99 -31.68
C LEU A 68 -0.67 -18.23 -32.10
N GLY A 69 -1.95 -18.28 -31.74
CA GLY A 69 -2.79 -19.40 -32.09
C GLY A 69 -2.87 -20.45 -30.99
N ASN A 70 -2.99 -19.99 -29.75
CA ASN A 70 -3.16 -20.88 -28.61
C ASN A 70 -4.34 -21.82 -28.87
N PRO A 71 -4.14 -23.12 -28.61
CA PRO A 71 -5.19 -24.12 -28.84
C PRO A 71 -6.54 -23.70 -28.27
N GLU A 72 -6.54 -22.92 -27.20
CA GLU A 72 -7.79 -22.46 -26.59
C GLU A 72 -8.41 -21.31 -27.38
N CYS A 73 -7.56 -20.45 -27.93
CA CYS A 73 -8.04 -19.29 -28.67
C CYS A 73 -8.53 -19.69 -30.06
N GLU A 74 -9.50 -20.58 -30.13
CA GLU A 74 -9.91 -21.16 -31.40
C GLU A 74 -11.02 -20.33 -31.98
N SER A 75 -12.02 -20.06 -31.15
CA SER A 75 -13.36 -19.72 -31.66
C SER A 75 -13.89 -18.32 -31.44
N LEU A 76 -13.20 -17.32 -31.98
CA LEU A 76 -13.63 -15.95 -31.86
C LEU A 76 -13.25 -15.15 -33.07
N SER A 77 -12.36 -15.74 -33.86
CA SER A 77 -11.62 -14.99 -34.85
C SER A 77 -12.11 -15.34 -36.25
N THR A 78 -13.30 -14.88 -36.61
CA THR A 78 -13.68 -14.87 -38.01
C THR A 78 -14.14 -13.47 -38.38
N ALA A 79 -13.15 -12.58 -38.51
CA ALA A 79 -13.37 -11.16 -38.68
C ALA A 79 -12.52 -10.62 -39.82
N SER A 80 -12.67 -9.33 -40.09
CA SER A 80 -11.94 -8.68 -41.16
C SER A 80 -11.42 -7.32 -40.70
N SER A 81 -12.06 -6.79 -39.66
CA SER A 81 -11.71 -5.48 -39.13
C SER A 81 -12.32 -5.27 -37.75
N TRP A 82 -11.77 -4.31 -37.01
CA TRP A 82 -12.33 -3.93 -35.72
C TRP A 82 -11.90 -2.53 -35.31
N SER A 83 -12.80 -1.82 -34.63
CA SER A 83 -12.54 -0.45 -34.20
C SER A 83 -11.61 -0.43 -32.98
N TYR A 84 -11.79 -1.41 -32.10
CA TYR A 84 -10.93 -1.53 -30.92
C TYR A 84 -10.94 -2.98 -30.42
N ILE A 85 -10.09 -3.27 -29.44
CA ILE A 85 -9.98 -4.62 -28.91
C ILE A 85 -10.46 -4.71 -27.47
N VAL A 86 -11.25 -5.74 -27.18
CA VAL A 86 -11.75 -5.95 -25.83
C VAL A 86 -11.15 -7.20 -25.20
N GLU A 87 -10.59 -7.05 -24.01
CA GLU A 87 -10.01 -8.15 -23.27
C GLU A 87 -10.71 -8.26 -21.93
N THR A 88 -11.03 -9.48 -21.52
CA THR A 88 -11.66 -9.69 -20.22
C THR A 88 -10.60 -9.81 -19.14
N PRO A 89 -10.87 -9.23 -17.96
CA PRO A 89 -9.90 -9.28 -16.84
C PRO A 89 -9.57 -10.71 -16.45
N SER A 90 -10.36 -11.67 -16.92
CA SER A 90 -10.17 -13.06 -16.57
C SER A 90 -9.61 -13.88 -17.72
N SER A 91 -8.92 -13.20 -18.64
CA SER A 91 -8.30 -13.89 -19.77
C SER A 91 -6.84 -14.17 -19.45
N ASP A 92 -6.45 -15.44 -19.55
CA ASP A 92 -5.09 -15.85 -19.21
C ASP A 92 -4.48 -16.83 -20.21
N ASN A 93 -5.29 -17.25 -21.19
CA ASN A 93 -4.78 -18.13 -22.24
C ASN A 93 -3.92 -17.36 -23.25
N GLY A 94 -2.68 -17.09 -22.87
CA GLY A 94 -1.75 -16.40 -23.74
C GLY A 94 -0.63 -17.33 -24.20
N THR A 95 0.60 -17.03 -23.77
CA THR A 95 1.74 -17.86 -24.09
C THR A 95 1.82 -19.07 -23.17
N CYS A 96 1.30 -20.20 -23.63
CA CYS A 96 1.29 -21.43 -22.85
C CYS A 96 2.70 -21.96 -22.59
N TYR A 97 3.61 -21.74 -23.52
CA TYR A 97 5.01 -22.07 -23.29
C TYR A 97 5.73 -20.83 -22.77
N PRO A 98 6.37 -20.95 -21.60
CA PRO A 98 7.03 -19.82 -20.93
C PRO A 98 8.03 -19.13 -21.85
N GLY A 99 8.09 -17.80 -21.77
CA GLY A 99 9.01 -17.05 -22.58
C GLY A 99 8.66 -15.56 -22.63
N ASP A 100 9.49 -14.80 -23.33
CA ASP A 100 9.30 -13.36 -23.42
C ASP A 100 8.71 -12.98 -24.77
N PHE A 101 7.69 -12.13 -24.74
CA PHE A 101 7.10 -11.61 -25.98
C PHE A 101 7.70 -10.23 -26.25
N ILE A 102 8.67 -10.18 -27.15
CA ILE A 102 9.41 -8.94 -27.42
C ILE A 102 8.52 -7.87 -28.02
N ASP A 103 8.58 -6.67 -27.45
CA ASP A 103 7.77 -5.54 -27.91
C ASP A 103 6.31 -5.92 -27.97
N TYR A 104 5.83 -6.58 -26.91
CA TYR A 104 4.45 -7.06 -26.86
C TYR A 104 3.44 -5.92 -26.80
N GLU A 105 3.67 -4.98 -25.88
CA GLU A 105 2.78 -3.84 -25.73
C GLU A 105 2.66 -3.06 -27.03
N GLU A 106 3.77 -2.98 -27.77
CA GLU A 106 3.78 -2.32 -29.07
C GLU A 106 2.89 -3.06 -30.05
N LEU A 107 3.05 -4.38 -30.10
CA LEU A 107 2.24 -5.21 -30.98
C LEU A 107 0.75 -4.93 -30.73
N ARG A 108 0.36 -4.97 -29.47
CA ARG A 108 -1.03 -4.72 -29.06
C ARG A 108 -1.54 -3.37 -29.54
N GLU A 109 -0.70 -2.34 -29.39
CA GLU A 109 -1.07 -0.99 -29.81
C GLU A 109 -1.31 -0.93 -31.31
N GLN A 110 -0.49 -1.64 -32.07
CA GLN A 110 -0.61 -1.66 -33.52
C GLN A 110 -1.82 -2.46 -33.97
N LEU A 111 -2.16 -3.49 -33.21
CA LEU A 111 -3.30 -4.35 -33.54
C LEU A 111 -4.61 -3.79 -33.00
N SER A 112 -4.52 -2.74 -32.17
CA SER A 112 -5.69 -2.19 -31.49
C SER A 112 -6.83 -1.86 -32.44
N SER A 113 -6.50 -1.37 -33.63
CA SER A 113 -7.50 -1.11 -34.64
C SER A 113 -6.99 -1.51 -36.02
N VAL A 114 -7.78 -2.32 -36.72
CA VAL A 114 -7.38 -2.88 -37.99
C VAL A 114 -8.44 -2.67 -39.07
N SER A 115 -8.01 -2.20 -40.23
CA SER A 115 -8.92 -1.98 -41.35
C SER A 115 -9.27 -3.31 -42.01
N SER A 116 -8.26 -3.98 -42.58
CA SER A 116 -8.45 -5.34 -43.07
C SER A 116 -7.48 -6.30 -42.42
N PHE A 117 -7.92 -7.53 -42.20
CA PHE A 117 -7.14 -8.51 -41.45
C PHE A 117 -7.48 -9.92 -41.92
N GLU A 118 -6.58 -10.54 -42.67
CA GLU A 118 -6.78 -11.92 -43.11
C GLU A 118 -5.60 -12.81 -42.73
N ARG A 119 -5.91 -13.98 -42.21
CA ARG A 119 -4.87 -14.93 -41.84
C ARG A 119 -4.62 -15.95 -42.95
N PHE A 120 -3.42 -15.93 -43.51
CA PHE A 120 -3.07 -16.86 -44.58
C PHE A 120 -1.87 -17.71 -44.19
N GLU A 121 -1.77 -18.90 -44.76
CA GLU A 121 -0.64 -19.78 -44.51
C GLU A 121 0.57 -19.31 -45.30
N ILE A 122 1.53 -18.70 -44.61
CA ILE A 122 2.73 -18.19 -45.25
C ILE A 122 3.70 -19.32 -45.61
N PHE A 123 3.83 -20.28 -44.69
CA PHE A 123 4.64 -21.47 -44.95
C PHE A 123 3.83 -22.73 -44.69
N PRO A 124 3.23 -23.29 -45.75
CA PRO A 124 2.45 -24.53 -45.62
C PRO A 124 3.28 -25.63 -44.96
N LYS A 125 2.73 -26.27 -43.94
CA LYS A 125 3.47 -27.25 -43.16
C LYS A 125 4.16 -28.31 -43.99
N THR A 126 3.51 -28.72 -45.07
CA THR A 126 3.91 -29.94 -45.75
C THR A 126 4.86 -29.85 -46.92
N SER A 127 5.03 -28.66 -47.49
CA SER A 127 5.87 -28.52 -48.66
C SER A 127 7.12 -27.65 -48.39
N SER A 128 7.09 -26.94 -47.27
CA SER A 128 8.11 -25.94 -46.97
C SER A 128 9.24 -26.46 -46.09
N TRP A 129 8.92 -27.39 -45.19
CA TRP A 129 9.93 -27.99 -44.33
C TRP A 129 10.10 -29.48 -44.64
N PRO A 130 10.83 -29.79 -45.72
CA PRO A 130 11.04 -31.18 -46.18
C PRO A 130 12.22 -31.86 -45.51
N ASN A 131 13.15 -31.08 -44.96
CA ASN A 131 14.35 -31.64 -44.35
C ASN A 131 14.28 -31.61 -42.83
N HIS A 132 13.06 -31.49 -42.30
CA HIS A 132 12.86 -31.37 -40.86
C HIS A 132 11.50 -31.93 -40.49
N ASP A 133 11.36 -32.36 -39.24
CA ASP A 133 10.09 -32.90 -38.76
C ASP A 133 9.15 -31.77 -38.32
N SER A 134 8.00 -31.68 -38.97
CA SER A 134 7.02 -30.64 -38.66
C SER A 134 5.80 -31.22 -37.96
N ASN A 135 6.00 -32.30 -37.22
CA ASN A 135 4.89 -32.99 -36.56
C ASN A 135 5.14 -33.26 -35.08
N LYS A 136 6.41 -33.38 -34.71
CA LYS A 136 6.77 -33.73 -33.33
C LYS A 136 6.84 -32.50 -32.42
N GLY A 137 6.47 -31.35 -32.96
CA GLY A 137 6.59 -30.10 -32.23
C GLY A 137 5.42 -29.79 -31.33
N VAL A 138 5.24 -30.60 -30.29
CA VAL A 138 4.17 -30.37 -29.33
C VAL A 138 4.72 -30.37 -27.91
N THR A 139 3.89 -30.00 -26.94
CA THR A 139 4.32 -29.90 -25.56
C THR A 139 3.15 -29.96 -24.60
N ALA A 140 3.41 -30.38 -23.36
CA ALA A 140 2.40 -30.45 -22.33
C ALA A 140 2.00 -29.05 -21.88
N ALA A 141 2.80 -28.06 -22.27
CA ALA A 141 2.56 -26.67 -21.89
C ALA A 141 1.36 -26.08 -22.64
N CYS A 142 1.18 -26.52 -23.89
CA CYS A 142 0.07 -26.03 -24.71
C CYS A 142 -0.95 -27.14 -25.01
N PRO A 143 -1.70 -27.56 -23.98
CA PRO A 143 -2.60 -28.72 -24.04
C PRO A 143 -3.89 -28.49 -24.82
N HIS A 144 -4.21 -29.41 -25.73
CA HIS A 144 -5.52 -29.40 -26.37
C HIS A 144 -6.29 -30.65 -25.93
N ALA A 145 -7.15 -30.48 -24.93
CA ALA A 145 -7.90 -31.59 -24.36
C ALA A 145 -6.97 -32.75 -23.98
N GLY A 146 -6.16 -32.54 -22.94
CA GLY A 146 -5.26 -33.55 -22.46
C GLY A 146 -4.03 -33.75 -23.32
N ALA A 147 -4.23 -33.89 -24.63
CA ALA A 147 -3.14 -34.15 -25.56
C ALA A 147 -2.16 -32.98 -25.63
N LYS A 148 -0.89 -33.30 -25.91
CA LYS A 148 0.15 -32.29 -26.08
C LYS A 148 0.08 -31.65 -27.47
N SER A 149 -0.12 -30.34 -27.49
CA SER A 149 -0.34 -29.59 -28.72
C SER A 149 0.61 -28.41 -28.77
N PHE A 150 0.27 -27.41 -29.58
CA PHE A 150 1.12 -26.25 -29.77
C PHE A 150 0.33 -25.11 -30.41
N TYR A 151 0.97 -23.96 -30.58
CA TYR A 151 0.32 -22.84 -31.25
C TYR A 151 -0.03 -23.23 -32.68
N LYS A 152 -1.20 -22.80 -33.13
CA LYS A 152 -1.67 -23.13 -34.47
C LYS A 152 -0.90 -22.38 -35.55
N ASN A 153 -0.60 -21.12 -35.27
CA ASN A 153 0.03 -20.24 -36.25
C ASN A 153 1.55 -20.39 -36.33
N LEU A 154 2.10 -21.29 -35.53
CA LEU A 154 3.53 -21.55 -35.53
C LEU A 154 3.82 -23.05 -35.57
N ILE A 155 4.96 -23.43 -36.12
CA ILE A 155 5.36 -24.82 -36.17
C ILE A 155 6.72 -25.02 -35.50
N TRP A 156 6.75 -25.88 -34.49
CA TRP A 156 7.98 -26.15 -33.76
C TRP A 156 8.81 -27.21 -34.48
N LEU A 157 9.75 -26.74 -35.28
CA LEU A 157 10.56 -27.60 -36.13
C LEU A 157 11.64 -28.35 -35.35
N VAL A 158 11.52 -29.67 -35.30
CA VAL A 158 12.54 -30.49 -34.67
C VAL A 158 13.29 -31.28 -35.74
N LYS A 159 14.43 -31.84 -35.37
CA LYS A 159 15.26 -32.57 -36.31
C LYS A 159 14.65 -33.92 -36.68
N LYS A 160 14.67 -34.21 -37.96
CA LYS A 160 14.13 -35.46 -38.50
C LYS A 160 15.15 -36.57 -38.33
N GLY A 161 14.85 -37.52 -37.45
CA GLY A 161 15.70 -38.68 -37.21
C GLY A 161 17.20 -38.47 -37.25
N ASN A 162 17.70 -37.63 -36.35
CA ASN A 162 19.13 -37.42 -36.18
C ASN A 162 19.74 -36.50 -37.23
N SER A 163 18.94 -35.59 -37.79
CA SER A 163 19.46 -34.68 -38.78
C SER A 163 18.78 -33.32 -38.67
N TYR A 164 19.57 -32.25 -38.73
CA TYR A 164 19.01 -30.91 -38.82
C TYR A 164 19.89 -30.06 -39.74
N PRO A 165 19.66 -30.16 -41.06
CA PRO A 165 20.46 -29.38 -42.00
C PRO A 165 20.10 -27.92 -41.88
N LYS A 166 21.01 -27.02 -42.23
CA LYS A 166 20.67 -25.62 -42.24
C LYS A 166 19.44 -25.40 -43.13
N LEU A 167 18.38 -24.86 -42.57
CA LEU A 167 17.20 -24.53 -43.36
C LEU A 167 17.30 -23.08 -43.85
N SER A 168 16.63 -22.80 -44.97
CA SER A 168 16.68 -21.46 -45.55
C SER A 168 15.44 -21.16 -46.38
N LYS A 169 14.36 -20.77 -45.70
CA LYS A 169 13.14 -20.37 -46.37
C LYS A 169 13.00 -18.85 -46.37
N SER A 170 12.32 -18.32 -47.38
CA SER A 170 12.09 -16.88 -47.46
C SER A 170 10.83 -16.56 -48.24
N TYR A 171 9.94 -15.79 -47.63
CA TYR A 171 8.68 -15.40 -48.24
C TYR A 171 8.70 -13.94 -48.67
N ILE A 172 8.08 -13.66 -49.82
CA ILE A 172 8.01 -12.29 -50.32
C ILE A 172 6.58 -11.76 -50.30
N ASN A 173 6.39 -10.58 -49.73
CA ASN A 173 5.05 -10.01 -49.57
C ASN A 173 4.38 -9.68 -50.90
N ASP A 174 3.57 -10.59 -51.40
CA ASP A 174 2.85 -10.36 -52.66
C ASP A 174 1.51 -9.69 -52.40
N LYS A 175 1.20 -9.44 -51.13
CA LYS A 175 -0.02 -8.74 -50.75
C LYS A 175 0.14 -7.25 -51.03
N GLY A 176 -0.94 -6.50 -50.86
CA GLY A 176 -0.92 -5.05 -51.08
C GLY A 176 -1.05 -4.32 -49.76
N LYS A 177 -0.74 -5.05 -48.70
CA LYS A 177 -0.82 -4.53 -47.35
C LYS A 177 0.30 -5.19 -46.56
N GLU A 178 0.69 -4.57 -45.46
CA GLU A 178 1.73 -5.12 -44.61
C GLU A 178 1.35 -6.54 -44.17
N VAL A 179 2.35 -7.36 -43.90
CA VAL A 179 2.10 -8.70 -43.40
C VAL A 179 2.79 -8.89 -42.04
N LEU A 180 2.00 -9.20 -41.02
CA LEU A 180 2.54 -9.47 -39.70
C LEU A 180 3.06 -10.89 -39.63
N VAL A 181 4.37 -11.03 -39.50
CA VAL A 181 4.99 -12.34 -39.38
C VAL A 181 5.49 -12.57 -37.96
N LEU A 182 5.07 -13.69 -37.36
CA LEU A 182 5.53 -14.04 -36.02
C LEU A 182 6.37 -15.31 -36.05
N TRP A 183 7.37 -15.36 -35.18
CA TRP A 183 8.21 -16.55 -35.07
C TRP A 183 8.74 -16.66 -33.64
N GLY A 184 9.33 -17.81 -33.33
CA GLY A 184 9.83 -18.05 -31.99
C GLY A 184 11.23 -18.61 -31.96
N ILE A 185 11.97 -18.29 -30.90
CA ILE A 185 13.29 -18.85 -30.69
C ILE A 185 13.26 -19.68 -29.41
N HIS A 186 13.43 -20.99 -29.55
CA HIS A 186 13.38 -21.88 -28.40
C HIS A 186 14.73 -22.01 -27.70
N HIS A 187 14.72 -21.86 -26.38
CA HIS A 187 15.92 -22.02 -25.58
C HIS A 187 15.76 -23.21 -24.64
N PRO A 188 16.32 -24.36 -25.04
CA PRO A 188 16.22 -25.60 -24.26
C PRO A 188 16.80 -25.44 -22.85
N SER A 189 16.42 -26.32 -21.95
CA SER A 189 16.86 -26.25 -20.56
C SER A 189 18.24 -26.85 -20.36
N THR A 190 18.51 -27.95 -21.06
CA THR A 190 19.77 -28.66 -20.93
C THR A 190 20.41 -28.93 -22.29
N SER A 191 21.73 -29.07 -22.30
CA SER A 191 22.46 -29.36 -23.53
C SER A 191 22.06 -30.73 -24.09
N ALA A 192 21.53 -31.58 -23.22
CA ALA A 192 21.01 -32.87 -23.64
C ALA A 192 19.71 -32.68 -24.41
N ASP A 193 18.88 -31.76 -23.93
CA ASP A 193 17.64 -31.41 -24.61
C ASP A 193 17.92 -30.75 -25.96
N GLN A 194 19.04 -30.02 -26.02
CA GLN A 194 19.44 -29.33 -27.24
C GLN A 194 19.70 -30.30 -28.39
N GLN A 195 20.62 -31.23 -28.17
CA GLN A 195 20.96 -32.22 -29.19
C GLN A 195 19.81 -33.21 -29.41
N SER A 196 18.97 -33.38 -28.39
CA SER A 196 17.81 -34.23 -28.51
C SER A 196 16.81 -33.65 -29.50
N LEU A 197 16.74 -32.32 -29.54
CA LEU A 197 15.76 -31.63 -30.38
C LEU A 197 16.31 -31.23 -31.75
N TYR A 198 17.54 -30.74 -31.77
CA TYR A 198 18.10 -30.20 -33.02
C TYR A 198 19.46 -30.73 -32.57
N GLN A 199 19.87 -31.87 -33.13
CA GLN A 199 21.19 -32.46 -32.84
C GLN A 199 22.47 -31.68 -32.65
N ASN A 200 22.56 -30.52 -33.31
CA ASN A 200 23.75 -29.69 -33.27
C ASN A 200 23.79 -29.01 -31.91
N ALA A 201 25.00 -28.80 -31.40
CA ALA A 201 25.17 -28.19 -30.08
C ALA A 201 25.28 -26.68 -30.18
N ASP A 202 26.02 -26.21 -31.17
CA ASP A 202 26.21 -24.78 -31.39
C ASP A 202 25.40 -24.32 -32.61
N THR A 203 24.21 -23.78 -32.36
CA THR A 203 23.30 -23.41 -33.44
C THR A 203 23.02 -21.91 -33.46
N TYR A 204 22.33 -21.45 -34.50
CA TYR A 204 21.97 -20.04 -34.64
C TYR A 204 20.73 -19.85 -35.51
N VAL A 205 19.93 -18.83 -35.18
CA VAL A 205 18.80 -18.43 -36.01
C VAL A 205 19.02 -17.03 -36.56
N PHE A 206 18.67 -16.81 -37.82
CA PHE A 206 18.74 -15.47 -38.40
C PHE A 206 17.46 -15.12 -39.15
N VAL A 207 16.89 -13.96 -38.82
CA VAL A 207 15.69 -13.47 -39.49
C VAL A 207 15.94 -12.07 -40.05
N GLY A 208 15.74 -11.91 -41.36
CA GLY A 208 16.03 -10.64 -42.00
C GLY A 208 15.06 -10.25 -43.10
N SER A 209 14.79 -8.95 -43.19
CA SER A 209 14.01 -8.38 -44.27
C SER A 209 14.76 -7.17 -44.81
N SER A 210 14.06 -6.29 -45.53
CA SER A 210 14.68 -5.08 -46.04
C SER A 210 15.06 -4.15 -44.89
N ARG A 211 14.34 -4.28 -43.77
CA ARG A 211 14.54 -3.39 -42.63
C ARG A 211 14.98 -4.15 -41.38
N TYR A 212 14.44 -5.35 -41.20
CA TYR A 212 14.74 -6.16 -40.02
C TYR A 212 15.97 -7.03 -40.26
N SER A 213 16.75 -7.26 -39.21
CA SER A 213 17.94 -8.09 -39.31
C SER A 213 18.43 -8.40 -37.89
N LYS A 214 18.49 -9.69 -37.56
CA LYS A 214 19.01 -10.08 -36.25
C LYS A 214 19.37 -11.57 -36.22
N LYS A 215 20.50 -11.87 -35.59
CA LYS A 215 20.97 -13.24 -35.45
C LYS A 215 20.77 -13.68 -34.00
N PHE A 216 20.16 -14.85 -33.81
CA PHE A 216 19.84 -15.34 -32.48
C PHE A 216 20.74 -16.50 -32.05
N LYS A 217 21.24 -16.42 -30.82
CA LYS A 217 21.99 -17.52 -30.23
C LYS A 217 21.21 -18.11 -29.07
N PRO A 218 20.89 -19.42 -29.17
CA PRO A 218 20.14 -20.12 -28.13
C PRO A 218 20.84 -20.05 -26.77
N GLU A 219 20.12 -19.60 -25.75
CA GLU A 219 20.67 -19.52 -24.40
C GLU A 219 20.22 -20.72 -23.58
N ILE A 220 21.09 -21.73 -23.51
CA ILE A 220 20.74 -22.98 -22.85
C ILE A 220 21.05 -22.94 -21.36
N ALA A 221 20.00 -23.12 -20.55
CA ALA A 221 20.13 -23.12 -19.09
C ALA A 221 18.85 -23.55 -18.41
N ILE A 222 18.90 -23.73 -17.10
CA ILE A 222 17.74 -24.16 -16.33
C ILE A 222 17.01 -23.00 -15.69
N ARG A 223 15.80 -22.72 -16.17
CA ARG A 223 14.96 -21.69 -15.58
C ARG A 223 13.95 -22.30 -14.61
N PRO A 224 13.56 -21.54 -13.59
CA PRO A 224 12.53 -22.00 -12.65
C PRO A 224 11.28 -22.45 -13.38
N LYS A 225 10.79 -23.64 -13.07
CA LYS A 225 9.67 -24.23 -13.78
C LYS A 225 8.42 -23.35 -13.82
N VAL A 226 7.99 -23.03 -15.03
CA VAL A 226 6.72 -22.38 -15.26
C VAL A 226 5.93 -23.26 -16.22
N ARG A 227 4.87 -23.89 -15.72
CA ARG A 227 4.11 -24.83 -16.53
C ARG A 227 4.96 -26.03 -16.94
N ASP A 228 5.77 -26.53 -16.02
CA ASP A 228 6.55 -27.75 -16.22
C ASP A 228 7.78 -27.57 -17.10
N GLN A 229 7.93 -26.41 -17.71
CA GLN A 229 9.05 -26.16 -18.62
C GLN A 229 10.18 -25.40 -17.94
N GLU A 230 11.38 -25.98 -17.94
CA GLU A 230 12.56 -25.32 -17.42
C GLU A 230 13.24 -24.53 -18.54
N GLY A 231 12.78 -24.77 -19.76
CA GLY A 231 13.28 -24.03 -20.92
C GLY A 231 12.38 -22.85 -21.21
N ARG A 232 12.85 -21.95 -22.07
CA ARG A 232 12.08 -20.76 -22.43
C ARG A 232 11.87 -20.68 -23.93
N MET A 233 10.93 -19.83 -24.34
CA MET A 233 10.67 -19.60 -25.75
C MET A 233 10.31 -18.13 -25.98
N ASN A 234 11.22 -17.41 -26.62
CA ASN A 234 10.99 -16.00 -26.91
C ASN A 234 10.25 -15.81 -28.22
N TYR A 235 9.28 -14.89 -28.21
CA TYR A 235 8.44 -14.65 -29.37
C TYR A 235 8.76 -13.32 -30.03
N TYR A 236 8.97 -13.36 -31.33
CA TYR A 236 9.32 -12.15 -32.09
C TYR A 236 8.33 -11.91 -33.21
N TRP A 237 8.24 -10.66 -33.65
CA TRP A 237 7.34 -10.29 -34.73
C TRP A 237 7.90 -9.12 -35.52
N THR A 238 7.33 -8.92 -36.71
CA THR A 238 7.75 -7.82 -37.57
C THR A 238 6.72 -7.61 -38.67
N LEU A 239 6.72 -6.43 -39.26
CA LEU A 239 5.80 -6.08 -40.34
C LEU A 239 6.57 -5.91 -41.64
N VAL A 240 6.47 -6.90 -42.52
CA VAL A 240 7.15 -6.81 -43.81
C VAL A 240 6.32 -6.06 -44.84
N GLU A 241 6.92 -5.02 -45.40
CA GLU A 241 6.26 -4.14 -46.35
C GLU A 241 5.84 -4.85 -47.63
N PRO A 242 4.80 -4.34 -48.31
CA PRO A 242 4.40 -4.86 -49.61
C PRO A 242 5.56 -4.83 -50.60
N GLY A 243 5.83 -5.95 -51.25
CA GLY A 243 6.93 -6.04 -52.19
C GLY A 243 8.25 -6.37 -51.53
N ASP A 244 8.23 -6.45 -50.20
CA ASP A 244 9.41 -6.80 -49.43
C ASP A 244 9.38 -8.28 -49.09
N LYS A 245 10.55 -8.86 -48.82
CA LYS A 245 10.61 -10.27 -48.45
C LYS A 245 11.37 -10.46 -47.14
N ILE A 246 10.98 -11.48 -46.40
CA ILE A 246 11.64 -11.80 -45.14
C ILE A 246 12.25 -13.20 -45.21
N THR A 247 13.53 -13.29 -44.83
CA THR A 247 14.26 -14.55 -44.90
C THR A 247 14.48 -15.16 -43.52
N PHE A 248 14.40 -16.48 -43.45
CA PHE A 248 14.75 -17.19 -42.23
C PHE A 248 15.89 -18.16 -42.52
N GLU A 249 16.71 -18.43 -41.52
CA GLU A 249 17.90 -19.24 -41.67
C GLU A 249 18.29 -19.79 -40.31
N ALA A 250 18.19 -21.10 -40.14
CA ALA A 250 18.39 -21.69 -38.83
C ALA A 250 19.09 -23.03 -38.89
N THR A 251 19.94 -23.28 -37.90
CA THR A 251 20.53 -24.59 -37.70
C THR A 251 19.86 -25.26 -36.51
N GLY A 252 18.71 -24.73 -36.11
CA GLY A 252 17.94 -25.28 -35.00
C GLY A 252 17.29 -24.23 -34.12
N ASN A 253 16.43 -24.66 -33.21
CA ASN A 253 15.85 -23.75 -32.23
C ASN A 253 14.88 -22.73 -32.81
N LEU A 254 14.49 -22.90 -34.07
CA LEU A 254 13.59 -21.95 -34.72
C LEU A 254 12.14 -22.43 -34.80
N VAL A 255 11.27 -21.81 -34.02
CA VAL A 255 9.84 -22.04 -34.14
C VAL A 255 9.33 -21.22 -35.32
N VAL A 256 9.24 -21.86 -36.49
CA VAL A 256 8.94 -21.16 -37.73
C VAL A 256 7.47 -20.73 -37.83
N PRO A 257 7.22 -19.66 -38.59
CA PRO A 257 5.87 -19.18 -38.87
C PRO A 257 5.10 -20.17 -39.74
N ARG A 258 3.83 -20.35 -39.46
CA ARG A 258 2.97 -21.16 -40.31
C ARG A 258 1.93 -20.25 -40.97
N TYR A 259 1.26 -19.45 -40.14
CA TYR A 259 0.31 -18.47 -40.63
C TYR A 259 0.81 -17.06 -40.37
N ALA A 260 0.63 -16.19 -41.36
CA ALA A 260 0.93 -14.78 -41.22
C ALA A 260 -0.38 -14.00 -41.32
N PHE A 261 -0.29 -12.68 -41.31
CA PHE A 261 -1.50 -11.85 -41.35
C PHE A 261 -1.37 -10.66 -42.30
N ALA A 262 -2.08 -10.73 -43.42
CA ALA A 262 -2.22 -9.57 -44.30
C ALA A 262 -3.04 -8.54 -43.54
N MET A 263 -2.48 -7.34 -43.40
CA MET A 263 -3.03 -6.38 -42.46
C MET A 263 -2.91 -4.92 -42.90
N GLU A 264 -4.03 -4.20 -42.81
CA GLU A 264 -4.04 -2.77 -43.05
C GLU A 264 -4.55 -2.09 -41.79
N ARG A 265 -3.68 -1.34 -41.13
CA ARG A 265 -4.01 -0.74 -39.83
C ARG A 265 -4.20 0.77 -39.89
N ASN A 266 -5.16 1.25 -39.10
CA ASN A 266 -5.37 2.68 -38.94
C ASN A 266 -5.02 3.10 -37.51
N ALA A 267 -4.18 4.13 -37.39
CA ALA A 267 -3.69 4.56 -36.10
C ALA A 267 -4.77 5.19 -35.23
N GLY A 268 -4.59 5.10 -33.91
CA GLY A 268 -5.41 5.86 -32.98
C GLY A 268 -6.59 5.15 -32.32
N SER A 269 -6.39 3.92 -31.88
CA SER A 269 -7.41 3.25 -31.07
C SER A 269 -6.79 2.75 -29.77
N GLY A 270 -7.44 1.77 -29.14
CA GLY A 270 -6.95 1.24 -27.88
C GLY A 270 -7.46 -0.14 -27.54
N ILE A 271 -7.19 -0.57 -26.32
CA ILE A 271 -7.60 -1.88 -25.83
C ILE A 271 -8.29 -1.75 -24.48
N ILE A 272 -9.56 -2.13 -24.43
CA ILE A 272 -10.33 -2.03 -23.20
C ILE A 272 -10.38 -3.38 -22.47
N ILE A 273 -9.95 -3.37 -21.21
CA ILE A 273 -10.06 -4.55 -20.36
C ILE A 273 -11.31 -4.44 -19.50
N SER A 274 -12.35 -5.14 -19.88
CA SER A 274 -13.65 -5.04 -19.21
C SER A 274 -14.45 -6.33 -19.29
N ASP A 275 -15.35 -6.50 -18.32
CA ASP A 275 -16.26 -7.66 -18.31
C ASP A 275 -17.53 -7.33 -19.08
N THR A 276 -17.82 -6.04 -19.20
CA THR A 276 -19.07 -5.57 -19.79
C THR A 276 -19.37 -6.27 -21.11
N PRO A 277 -20.64 -6.60 -21.34
CA PRO A 277 -21.12 -7.32 -22.53
C PRO A 277 -20.89 -6.55 -23.83
N VAL A 278 -20.42 -7.24 -24.86
CA VAL A 278 -20.35 -6.68 -26.20
C VAL A 278 -21.76 -6.64 -26.78
N HIS A 279 -22.06 -5.60 -27.55
CA HIS A 279 -23.42 -5.41 -28.04
C HIS A 279 -23.48 -4.94 -29.49
N ASP A 280 -24.63 -5.19 -30.12
CA ASP A 280 -24.90 -4.66 -31.45
C ASP A 280 -25.54 -3.29 -31.32
N CYS A 281 -24.72 -2.27 -31.05
CA CYS A 281 -25.21 -0.91 -30.88
C CYS A 281 -24.22 0.11 -31.40
N ASN A 282 -24.69 1.32 -31.66
CA ASN A 282 -23.82 2.39 -32.15
C ASN A 282 -23.43 3.36 -31.05
N THR A 283 -22.17 3.77 -31.04
CA THR A 283 -21.71 4.78 -30.10
C THR A 283 -20.58 5.62 -30.70
N THR A 284 -20.40 6.83 -30.18
CA THR A 284 -19.33 7.70 -30.62
C THR A 284 -18.25 7.80 -29.54
N CYS A 285 -18.57 7.29 -28.36
CA CYS A 285 -17.64 7.32 -27.23
C CYS A 285 -17.79 6.06 -26.40
N GLN A 286 -16.68 5.36 -26.17
CA GLN A 286 -16.72 4.08 -25.48
C GLN A 286 -15.85 4.08 -24.22
N THR A 287 -16.43 3.62 -23.11
CA THR A 287 -15.70 3.46 -21.87
C THR A 287 -15.74 1.99 -21.44
N PRO A 288 -14.82 1.59 -20.55
CA PRO A 288 -14.79 0.22 -20.03
C PRO A 288 -16.08 -0.17 -19.33
N LYS A 289 -16.81 0.80 -18.81
CA LYS A 289 -18.04 0.53 -18.07
C LYS A 289 -19.26 0.47 -19.00
N GLY A 290 -19.18 1.20 -20.11
CA GLY A 290 -20.26 1.26 -21.07
C GLY A 290 -20.10 2.44 -22.00
N ALA A 291 -20.94 2.49 -23.04
CA ALA A 291 -20.85 3.56 -24.03
C ALA A 291 -21.56 4.82 -23.56
N ILE A 292 -21.21 5.95 -24.18
CA ILE A 292 -21.84 7.23 -23.87
C ILE A 292 -22.50 7.84 -25.10
N ASN A 293 -23.82 7.96 -25.03
CA ASN A 293 -24.61 8.60 -26.08
C ASN A 293 -24.97 10.00 -25.62
N THR A 294 -24.12 10.97 -25.93
CA THR A 294 -24.25 12.30 -25.33
C THR A 294 -23.91 13.47 -26.24
N SER A 295 -24.50 14.62 -25.93
CA SER A 295 -24.17 15.89 -26.57
C SER A 295 -23.47 16.79 -25.56
N LEU A 296 -23.59 16.44 -24.29
CA LEU A 296 -23.03 17.23 -23.20
C LEU A 296 -21.50 17.31 -23.28
N PRO A 297 -20.93 18.45 -22.86
CA PRO A 297 -19.49 18.73 -22.95
C PRO A 297 -18.66 17.92 -21.97
N PHE A 298 -19.26 17.47 -20.87
CA PHE A 298 -18.49 16.81 -19.83
C PHE A 298 -19.13 15.51 -19.33
N GLN A 299 -18.29 14.56 -18.94
CA GLN A 299 -18.75 13.29 -18.38
C GLN A 299 -17.89 12.91 -17.18
N ASN A 300 -18.52 12.29 -16.19
CA ASN A 300 -17.80 11.86 -14.98
C ASN A 300 -17.86 10.35 -14.80
N ILE A 301 -18.12 9.65 -15.88
CA ILE A 301 -18.27 8.20 -15.85
C ILE A 301 -16.92 7.49 -15.70
N HIS A 302 -15.99 7.80 -16.61
CA HIS A 302 -14.70 7.12 -16.61
C HIS A 302 -13.64 7.95 -17.32
N PRO A 303 -12.41 7.96 -16.77
CA PRO A 303 -11.27 8.70 -17.33
C PRO A 303 -10.76 8.09 -18.64
N ILE A 304 -10.63 6.77 -18.66
CA ILE A 304 -10.18 6.08 -19.87
C ILE A 304 -11.32 5.98 -20.87
N THR A 305 -11.10 6.50 -22.07
CA THR A 305 -12.16 6.63 -23.05
C THR A 305 -11.64 6.42 -24.46
N ILE A 306 -12.50 5.93 -25.35
CA ILE A 306 -12.13 5.78 -26.76
C ILE A 306 -13.18 6.40 -27.67
N GLY A 307 -12.71 7.11 -28.69
CA GLY A 307 -13.59 7.77 -29.64
C GLY A 307 -13.58 9.28 -29.48
N LYS A 308 -14.71 9.91 -29.81
CA LYS A 308 -14.84 11.36 -29.69
C LYS A 308 -15.72 11.65 -28.47
N CYS A 309 -15.10 11.80 -27.31
CA CYS A 309 -15.85 11.81 -26.05
C CYS A 309 -15.88 13.16 -25.35
N PRO A 310 -16.89 13.36 -24.47
CA PRO A 310 -16.94 14.52 -23.60
C PRO A 310 -15.73 14.50 -22.68
N LYS A 311 -15.37 15.66 -22.14
CA LYS A 311 -14.19 15.73 -21.30
C LYS A 311 -14.45 15.14 -19.91
N TYR A 312 -13.49 14.38 -19.39
CA TYR A 312 -13.65 13.76 -18.09
C TYR A 312 -13.48 14.78 -16.96
N VAL A 313 -14.48 14.84 -16.08
CA VAL A 313 -14.48 15.78 -14.98
C VAL A 313 -14.79 15.07 -13.66
N LYS A 314 -14.19 15.56 -12.58
CA LYS A 314 -14.35 14.95 -11.26
C LYS A 314 -15.61 15.46 -10.58
N SER A 315 -16.35 16.31 -11.28
CA SER A 315 -17.57 16.90 -10.73
C SER A 315 -18.65 15.87 -10.46
N THR A 316 -19.49 16.16 -9.47
CA THR A 316 -20.64 15.31 -9.15
C THR A 316 -21.88 15.84 -9.87
N LYS A 317 -21.95 17.16 -10.00
CA LYS A 317 -23.05 17.80 -10.70
C LYS A 317 -22.60 19.12 -11.34
N LEU A 318 -23.14 19.42 -12.51
CA LEU A 318 -22.85 20.66 -13.20
C LEU A 318 -24.14 21.28 -13.71
N ARG A 319 -25.10 21.51 -12.83
CA ARG A 319 -26.38 22.05 -13.24
C ARG A 319 -26.28 23.52 -13.63
N LEU A 320 -26.77 23.83 -14.82
CA LEU A 320 -26.71 25.17 -15.38
C LEU A 320 -28.08 25.81 -15.25
N ALA A 321 -28.17 27.00 -14.69
CA ALA A 321 -29.46 27.66 -14.54
C ALA A 321 -29.96 28.20 -15.88
N THR A 322 -31.20 27.87 -16.23
CA THR A 322 -31.81 28.41 -17.44
C THR A 322 -32.94 29.38 -17.11
N GLY A 323 -33.73 29.03 -16.11
CA GLY A 323 -34.80 29.91 -15.64
C GLY A 323 -34.26 30.96 -14.70
N LEU A 324 -35.15 31.56 -13.93
CA LEU A 324 -34.78 32.59 -12.95
C LEU A 324 -34.82 32.04 -11.53
N ARG A 325 -34.92 32.95 -10.56
CA ARG A 325 -35.11 32.58 -9.16
C ARG A 325 -36.44 31.85 -8.99
N ASN A 326 -36.78 31.45 -7.76
CA ASN A 326 -38.06 30.78 -7.50
C ASN A 326 -38.66 31.13 -6.15
N ILE A 327 -39.97 31.35 -6.17
CA ILE A 327 -40.64 32.02 -5.08
C ILE A 327 -42.04 31.43 -4.98
N GLY B 1 -30.76 40.48 -8.46
CA GLY B 1 -29.48 40.40 -7.78
C GLY B 1 -28.56 41.57 -8.10
N LEU B 2 -28.58 42.02 -9.35
CA LEU B 2 -27.68 43.08 -9.79
C LEU B 2 -28.41 44.35 -10.25
N PHE B 3 -29.65 44.19 -10.71
CA PHE B 3 -30.42 45.32 -11.21
C PHE B 3 -31.52 45.76 -10.25
N GLY B 4 -31.55 45.17 -9.07
CA GLY B 4 -32.49 45.57 -8.03
C GLY B 4 -33.91 45.11 -8.21
N ALA B 5 -34.21 44.48 -9.35
CA ALA B 5 -35.58 44.09 -9.67
C ALA B 5 -36.00 42.78 -9.02
N ILE B 6 -35.50 41.66 -9.54
CA ILE B 6 -35.85 40.35 -9.02
C ILE B 6 -35.29 40.15 -7.62
N ALA B 7 -36.16 39.79 -6.68
CA ALA B 7 -35.79 39.69 -5.28
C ALA B 7 -35.36 41.05 -4.74
N GLY B 8 -35.85 42.10 -5.39
CA GLY B 8 -35.55 43.47 -4.98
C GLY B 8 -36.81 44.23 -4.61
N PHE B 9 -37.11 45.29 -5.35
CA PHE B 9 -38.33 46.07 -5.10
C PHE B 9 -39.57 45.31 -5.56
N ILE B 10 -39.37 44.35 -6.44
CA ILE B 10 -40.39 43.34 -6.75
C ILE B 10 -39.94 42.07 -6.07
N GLU B 11 -40.50 41.79 -4.89
CA GLU B 11 -40.03 40.70 -4.04
C GLU B 11 -40.54 39.31 -4.45
N GLY B 12 -41.55 39.27 -5.31
CA GLY B 12 -42.23 38.01 -5.59
C GLY B 12 -42.52 37.68 -7.05
N GLY B 13 -42.52 36.38 -7.36
CA GLY B 13 -42.87 35.91 -8.68
C GLY B 13 -44.30 35.39 -8.74
N TRP B 14 -44.80 35.17 -9.95
CA TRP B 14 -46.19 34.77 -10.14
C TRP B 14 -46.35 33.35 -10.66
N THR B 15 -46.60 32.42 -9.75
CA THR B 15 -46.97 31.05 -10.12
C THR B 15 -48.12 31.12 -11.11
N GLY B 16 -48.92 32.19 -10.97
CA GLY B 16 -50.07 32.42 -11.81
C GLY B 16 -49.75 32.64 -13.28
N MET B 17 -48.69 33.39 -13.56
CA MET B 17 -48.29 33.65 -14.94
C MET B 17 -47.47 32.50 -15.50
N VAL B 18 -48.05 31.75 -16.42
CA VAL B 18 -47.41 30.56 -16.97
C VAL B 18 -47.20 30.65 -18.47
N ASP B 19 -47.32 31.85 -19.01
CA ASP B 19 -47.20 32.07 -20.45
C ASP B 19 -45.77 32.40 -20.85
N GLY B 20 -45.05 33.08 -19.97
CA GLY B 20 -43.68 33.48 -20.23
C GLY B 20 -42.88 33.75 -18.97
N TRP B 21 -41.69 34.32 -19.13
CA TRP B 21 -40.82 34.60 -17.99
C TRP B 21 -41.14 35.95 -17.34
N TYR B 22 -41.43 36.94 -18.19
CA TYR B 22 -41.84 38.25 -17.70
C TYR B 22 -43.17 38.62 -18.33
N GLY B 23 -44.00 39.33 -17.56
CA GLY B 23 -45.34 39.69 -17.97
C GLY B 23 -46.18 40.36 -16.89
N TYR B 24 -47.26 41.01 -17.32
CA TYR B 24 -48.02 41.92 -16.47
C TYR B 24 -49.19 41.28 -15.71
N HIS B 25 -49.77 42.04 -14.79
CA HIS B 25 -51.03 41.67 -14.14
C HIS B 25 -51.94 42.90 -13.98
N HIS B 26 -52.89 43.01 -14.90
CA HIS B 26 -53.79 44.15 -14.98
C HIS B 26 -54.88 44.01 -13.91
N GLN B 27 -55.52 45.12 -13.55
CA GLN B 27 -56.53 45.10 -12.50
C GLN B 27 -57.58 46.18 -12.76
N ASN B 28 -58.21 46.12 -13.94
CA ASN B 28 -59.16 47.15 -14.33
C ASN B 28 -60.59 46.72 -14.11
N GLU B 29 -61.53 47.48 -14.67
CA GLU B 29 -62.94 47.26 -14.39
C GLU B 29 -63.54 46.13 -15.22
N GLN B 30 -62.75 45.60 -16.15
CA GLN B 30 -63.20 44.47 -16.97
C GLN B 30 -62.64 43.14 -16.48
N GLY B 31 -61.95 43.16 -15.35
CA GLY B 31 -61.42 41.93 -14.77
C GLY B 31 -59.94 42.01 -14.44
N SER B 32 -59.38 40.87 -14.04
CA SER B 32 -57.97 40.80 -13.68
C SER B 32 -57.27 39.71 -14.48
N GLY B 33 -56.11 39.28 -14.01
CA GLY B 33 -55.37 38.20 -14.65
C GLY B 33 -53.94 38.53 -15.00
N TYR B 34 -53.18 37.51 -15.38
CA TYR B 34 -51.79 37.70 -15.76
C TYR B 34 -51.62 37.56 -17.27
N ALA B 35 -50.68 38.33 -17.82
CA ALA B 35 -50.38 38.25 -19.25
C ALA B 35 -48.88 38.42 -19.49
N ALA B 36 -48.23 37.36 -19.96
CA ALA B 36 -46.79 37.39 -20.20
C ALA B 36 -46.43 38.25 -21.40
N ASP B 37 -45.36 39.02 -21.27
CA ASP B 37 -44.88 39.87 -22.34
C ASP B 37 -44.36 39.02 -23.50
N LEU B 38 -44.96 39.21 -24.67
CA LEU B 38 -44.65 38.39 -25.82
C LEU B 38 -43.20 38.56 -26.31
N LYS B 39 -42.86 39.78 -26.71
CA LYS B 39 -41.55 40.05 -27.30
C LYS B 39 -40.39 39.80 -26.33
N SER B 40 -40.57 40.16 -25.07
CA SER B 40 -39.50 40.03 -24.08
C SER B 40 -39.17 38.57 -23.79
N THR B 41 -40.19 37.79 -23.44
CA THR B 41 -40.00 36.38 -23.11
C THR B 41 -39.42 35.61 -24.28
N GLN B 42 -39.84 35.95 -25.50
CA GLN B 42 -39.37 35.26 -26.69
C GLN B 42 -37.87 35.47 -26.90
N ASN B 43 -37.42 36.71 -26.80
CA ASN B 43 -36.00 37.04 -26.95
C ASN B 43 -35.13 36.33 -25.91
N ALA B 44 -35.56 36.38 -24.66
CA ALA B 44 -34.83 35.72 -23.58
C ALA B 44 -34.61 34.24 -23.88
N ILE B 45 -35.70 33.56 -24.24
CA ILE B 45 -35.63 32.14 -24.59
C ILE B 45 -34.61 31.90 -25.69
N ASP B 46 -34.69 32.68 -26.76
CA ASP B 46 -33.77 32.55 -27.88
C ASP B 46 -32.32 32.74 -27.44
N GLU B 47 -32.07 33.79 -26.66
CA GLU B 47 -30.71 34.11 -26.24
C GLU B 47 -30.16 33.14 -25.19
N ILE B 48 -31.01 32.72 -24.27
CA ILE B 48 -30.61 31.72 -23.28
C ILE B 48 -30.34 30.39 -23.97
N THR B 49 -31.15 30.06 -24.96
CA THR B 49 -30.94 28.88 -25.77
C THR B 49 -29.58 28.93 -26.45
N ASN B 50 -29.31 30.06 -27.12
CA ASN B 50 -28.03 30.26 -27.78
C ASN B 50 -26.87 30.12 -26.79
N LYS B 51 -27.08 30.62 -25.58
CA LYS B 51 -26.09 30.52 -24.53
C LYS B 51 -25.73 29.07 -24.22
N VAL B 52 -26.76 28.26 -24.00
CA VAL B 52 -26.58 26.84 -23.69
C VAL B 52 -25.93 26.12 -24.87
N ASN B 53 -26.34 26.44 -26.08
CA ASN B 53 -25.77 25.84 -27.27
C ASN B 53 -24.29 26.13 -27.44
N SER B 54 -23.88 27.35 -27.08
CA SER B 54 -22.48 27.75 -27.20
C SER B 54 -21.58 26.92 -26.31
N VAL B 55 -21.91 26.86 -25.02
CA VAL B 55 -21.15 26.09 -24.06
C VAL B 55 -20.98 24.64 -24.52
N ILE B 56 -21.95 24.14 -25.25
CA ILE B 56 -21.94 22.76 -25.73
C ILE B 56 -21.26 22.63 -27.09
N GLU B 57 -21.69 23.45 -28.05
CA GLU B 57 -21.26 23.33 -29.44
C GLU B 57 -19.77 23.56 -29.62
N LYS B 58 -19.18 24.38 -28.74
CA LYS B 58 -17.76 24.71 -28.84
C LYS B 58 -16.85 23.58 -28.37
N MET B 59 -17.45 22.46 -27.95
CA MET B 59 -16.67 21.31 -27.53
C MET B 59 -16.55 20.29 -28.66
N ASN B 60 -15.54 20.48 -29.51
CA ASN B 60 -15.26 19.51 -30.56
C ASN B 60 -13.97 18.76 -30.25
N THR B 61 -14.13 17.57 -29.68
CA THR B 61 -12.99 16.79 -29.20
C THR B 61 -12.33 15.98 -30.31
N GLN B 62 -11.05 15.66 -30.10
CA GLN B 62 -10.31 14.82 -31.03
C GLN B 62 -10.64 13.36 -30.78
N PHE B 63 -10.47 12.53 -31.82
CA PHE B 63 -10.60 11.10 -31.63
C PHE B 63 -9.33 10.57 -30.99
N THR B 64 -9.41 10.24 -29.70
CA THR B 64 -8.27 9.74 -28.97
C THR B 64 -8.63 8.53 -28.12
N ALA B 65 -7.68 7.62 -27.96
CA ALA B 65 -7.87 6.49 -27.07
C ALA B 65 -7.03 6.68 -25.82
N VAL B 66 -7.58 7.37 -24.83
CA VAL B 66 -6.93 7.52 -23.54
C VAL B 66 -6.52 6.12 -23.07
N GLY B 67 -5.55 6.05 -22.18
CA GLY B 67 -5.16 4.78 -21.61
C GLY B 67 -4.14 4.04 -22.45
N LYS B 68 -3.01 3.71 -21.81
CA LYS B 68 -1.93 3.02 -22.48
C LYS B 68 -1.50 1.84 -21.63
N GLU B 69 -0.68 0.97 -22.19
CA GLU B 69 -0.21 -0.20 -21.46
C GLU B 69 1.31 -0.19 -21.37
N PHE B 70 1.83 -0.36 -20.15
CA PHE B 70 3.27 -0.37 -19.92
C PHE B 70 3.65 -1.56 -19.06
N ASN B 71 4.79 -2.16 -19.36
CA ASN B 71 5.30 -3.28 -18.57
C ASN B 71 5.97 -2.81 -17.29
N HIS B 72 6.37 -3.76 -16.46
CA HIS B 72 6.92 -3.46 -15.13
C HIS B 72 8.17 -2.59 -15.19
N LEU B 73 8.85 -2.58 -16.34
CA LEU B 73 10.07 -1.79 -16.50
C LEU B 73 9.82 -0.47 -17.22
N GLU B 74 8.56 -0.04 -17.23
CA GLU B 74 8.19 1.22 -17.86
C GLU B 74 7.31 2.05 -16.93
N LYS B 75 7.55 1.92 -15.62
CA LYS B 75 6.76 2.62 -14.62
C LYS B 75 6.86 4.14 -14.78
N ARG B 76 7.95 4.59 -15.38
CA ARG B 76 8.22 6.03 -15.53
C ARG B 76 7.31 6.68 -16.58
N ILE B 77 7.25 6.09 -17.77
CA ILE B 77 6.35 6.58 -18.80
C ILE B 77 4.90 6.34 -18.40
N GLU B 78 4.68 5.30 -17.60
CA GLU B 78 3.36 5.03 -17.05
C GLU B 78 2.92 6.19 -16.17
N ASN B 79 3.85 6.69 -15.36
CA ASN B 79 3.58 7.84 -14.50
C ASN B 79 3.50 9.15 -15.26
N LEU B 80 4.32 9.27 -16.30
CA LEU B 80 4.24 10.43 -17.19
C LEU B 80 2.84 10.48 -17.75
N ASN B 81 2.39 9.34 -18.28
CA ASN B 81 1.04 9.20 -18.81
C ASN B 81 -0.03 9.54 -17.78
N LYS B 82 0.16 9.03 -16.56
CA LYS B 82 -0.78 9.32 -15.49
C LYS B 82 -0.81 10.82 -15.18
N LYS B 83 0.36 11.46 -15.29
CA LYS B 83 0.46 12.89 -15.03
C LYS B 83 -0.35 13.71 -16.05
N VAL B 84 -0.23 13.35 -17.32
CA VAL B 84 -0.95 14.08 -18.37
C VAL B 84 -2.46 13.86 -18.25
N ASP B 85 -2.85 12.70 -17.72
CA ASP B 85 -4.26 12.41 -17.48
C ASP B 85 -4.78 13.21 -16.29
N ASP B 86 -3.99 13.25 -15.22
CA ASP B 86 -4.37 13.97 -14.01
C ASP B 86 -4.32 15.48 -14.23
N GLY B 87 -3.51 15.91 -15.18
CA GLY B 87 -3.41 17.32 -15.52
C GLY B 87 -4.66 17.81 -16.22
N PHE B 88 -5.03 17.11 -17.31
CA PHE B 88 -6.24 17.45 -18.04
C PHE B 88 -7.46 17.34 -17.13
N LEU B 89 -7.43 16.38 -16.22
CA LEU B 89 -8.52 16.19 -15.27
C LEU B 89 -8.71 17.41 -14.38
N ASP B 90 -7.60 17.96 -13.89
CA ASP B 90 -7.64 19.11 -13.01
C ASP B 90 -8.04 20.39 -13.74
N ILE B 91 -7.53 20.56 -14.95
CA ILE B 91 -7.87 21.73 -15.77
C ILE B 91 -9.36 21.75 -16.10
N TRP B 92 -9.86 20.65 -16.66
CA TRP B 92 -11.24 20.57 -17.10
C TRP B 92 -12.24 20.66 -15.95
N THR B 93 -11.93 20.00 -14.84
CA THR B 93 -12.79 20.07 -13.66
C THR B 93 -12.90 21.50 -13.17
N TYR B 94 -11.77 22.14 -12.98
CA TYR B 94 -11.74 23.52 -12.47
C TYR B 94 -12.44 24.48 -13.41
N ASN B 95 -12.13 24.40 -14.70
CA ASN B 95 -12.74 25.29 -15.68
C ASN B 95 -14.25 25.10 -15.82
N ALA B 96 -14.68 23.84 -15.86
CA ALA B 96 -16.09 23.52 -15.98
C ALA B 96 -16.87 24.02 -14.77
N GLU B 97 -16.33 23.75 -13.59
CA GLU B 97 -16.95 24.20 -12.36
C GLU B 97 -17.12 25.72 -12.34
N LEU B 98 -16.07 26.44 -12.72
CA LEU B 98 -16.14 27.89 -12.67
C LEU B 98 -16.93 28.50 -13.84
N LEU B 99 -16.90 27.82 -14.98
CA LEU B 99 -17.70 28.26 -16.12
C LEU B 99 -19.17 28.31 -15.73
N VAL B 100 -19.64 27.24 -15.10
CA VAL B 100 -21.02 27.16 -14.65
C VAL B 100 -21.34 28.23 -13.63
N LEU B 101 -20.48 28.35 -12.61
CA LEU B 101 -20.68 29.37 -11.60
C LEU B 101 -20.82 30.72 -12.29
N LEU B 102 -19.76 31.16 -12.97
CA LEU B 102 -19.76 32.47 -13.64
C LEU B 102 -20.98 32.70 -14.51
N GLU B 103 -21.30 31.72 -15.36
CA GLU B 103 -22.44 31.87 -16.28
C GLU B 103 -23.77 31.93 -15.56
N ASN B 104 -23.91 31.17 -14.49
CA ASN B 104 -25.13 31.20 -13.69
C ASN B 104 -25.39 32.59 -13.10
N GLU B 105 -24.33 33.29 -12.72
CA GLU B 105 -24.42 34.66 -12.18
C GLU B 105 -24.79 35.65 -13.26
N ARG B 106 -24.39 35.34 -14.49
CA ARG B 106 -24.71 36.20 -15.62
C ARG B 106 -26.16 35.97 -16.07
N THR B 107 -26.61 34.72 -15.95
CA THR B 107 -27.95 34.35 -16.40
C THR B 107 -29.06 34.99 -15.56
N LEU B 108 -28.93 34.90 -14.24
CA LEU B 108 -29.84 35.58 -13.31
C LEU B 108 -29.79 37.09 -13.45
N ASP B 109 -28.59 37.64 -13.63
CA ASP B 109 -28.44 39.08 -13.84
C ASP B 109 -29.10 39.48 -15.16
N TYR B 110 -29.06 38.58 -16.13
CA TYR B 110 -29.69 38.81 -17.42
C TYR B 110 -31.22 38.89 -17.28
N HIS B 111 -31.79 37.95 -16.54
CA HIS B 111 -33.22 37.95 -16.29
C HIS B 111 -33.62 39.15 -15.45
N ASP B 112 -32.85 39.40 -14.39
CA ASP B 112 -33.09 40.55 -13.53
C ASP B 112 -33.14 41.82 -14.36
N SER B 113 -32.24 41.91 -15.34
CA SER B 113 -32.16 43.07 -16.22
C SER B 113 -33.44 43.27 -17.03
N ASN B 114 -33.90 42.20 -17.66
CA ASN B 114 -35.10 42.27 -18.51
C ASN B 114 -36.32 42.76 -17.74
N VAL B 115 -36.44 42.35 -16.48
CA VAL B 115 -37.53 42.81 -15.63
C VAL B 115 -37.41 44.32 -15.41
N LYS B 116 -36.25 44.73 -14.91
CA LYS B 116 -35.97 46.16 -14.70
C LYS B 116 -36.29 46.97 -15.94
N ASN B 117 -35.91 46.45 -17.11
CA ASN B 117 -36.16 47.13 -18.37
C ASN B 117 -37.64 47.22 -18.71
N LEU B 118 -38.37 46.16 -18.43
CA LEU B 118 -39.81 46.13 -18.68
C LEU B 118 -40.48 47.17 -17.78
N TYR B 119 -40.07 47.22 -16.53
CA TYR B 119 -40.57 48.21 -15.58
C TYR B 119 -40.29 49.62 -16.06
N GLU B 120 -39.04 49.88 -16.43
CA GLU B 120 -38.63 51.19 -16.89
C GLU B 120 -39.38 51.63 -18.16
N LYS B 121 -39.54 50.70 -19.09
CA LYS B 121 -40.22 51.01 -20.35
C LYS B 121 -41.65 51.49 -20.12
N VAL B 122 -42.30 50.92 -19.10
CA VAL B 122 -43.65 51.33 -18.73
C VAL B 122 -43.62 52.67 -18.01
N ARG B 123 -42.66 52.81 -17.09
CA ARG B 123 -42.56 54.00 -16.27
C ARG B 123 -42.22 55.26 -17.08
N SER B 124 -41.28 55.15 -18.01
CA SER B 124 -40.91 56.30 -18.83
C SER B 124 -41.92 56.51 -19.94
N GLN B 125 -43.10 55.95 -19.75
CA GLN B 125 -44.15 56.02 -20.75
C GLN B 125 -45.43 56.56 -20.09
N LEU B 126 -45.79 56.01 -18.94
CA LEU B 126 -46.67 56.73 -18.04
C LEU B 126 -45.77 57.58 -17.17
N LYS B 127 -45.95 58.89 -17.25
CA LYS B 127 -45.17 59.77 -16.41
C LYS B 127 -46.05 60.36 -15.30
N ASN B 128 -46.76 61.45 -15.62
CA ASN B 128 -47.69 62.06 -14.68
C ASN B 128 -49.00 61.27 -14.59
N ASN B 129 -49.36 60.58 -15.67
CA ASN B 129 -50.66 59.90 -15.74
C ASN B 129 -50.83 58.75 -14.76
N ALA B 130 -49.80 58.50 -13.95
CA ALA B 130 -49.85 57.45 -12.94
C ALA B 130 -48.71 57.62 -11.93
N LYS B 131 -48.77 56.87 -10.83
CA LYS B 131 -47.74 56.96 -9.81
C LYS B 131 -47.15 55.60 -9.46
N GLU B 132 -45.89 55.57 -9.07
CA GLU B 132 -45.23 54.36 -8.63
C GLU B 132 -45.68 54.00 -7.22
N ILE B 133 -45.90 52.71 -6.98
CA ILE B 133 -46.22 52.24 -5.64
C ILE B 133 -44.94 51.87 -4.90
N GLY B 134 -43.97 51.35 -5.65
CA GLY B 134 -42.71 50.93 -5.08
C GLY B 134 -42.54 49.42 -5.16
N ASN B 135 -43.65 48.72 -5.36
CA ASN B 135 -43.64 47.26 -5.44
C ASN B 135 -43.65 46.79 -6.89
N GLY B 136 -43.06 47.60 -7.76
CA GLY B 136 -43.06 47.32 -9.19
C GLY B 136 -44.45 47.49 -9.80
N CYS B 137 -45.31 48.20 -9.08
CA CYS B 137 -46.68 48.42 -9.50
C CYS B 137 -47.01 49.91 -9.65
N PHE B 138 -47.85 50.24 -10.63
CA PHE B 138 -48.25 51.62 -10.86
C PHE B 138 -49.74 51.80 -10.56
N GLU B 139 -50.13 53.02 -10.21
CA GLU B 139 -51.53 53.36 -10.02
C GLU B 139 -51.96 54.47 -10.96
N PHE B 140 -52.96 54.18 -11.78
CA PHE B 140 -53.45 55.13 -12.77
C PHE B 140 -54.31 56.23 -12.15
N TYR B 141 -54.08 57.47 -12.57
CA TYR B 141 -54.97 58.57 -12.23
C TYR B 141 -56.06 58.67 -13.27
N HIS B 142 -55.81 58.05 -14.43
CA HIS B 142 -56.74 58.10 -15.54
C HIS B 142 -57.26 56.71 -15.86
N LYS B 143 -58.59 56.56 -15.81
CA LYS B 143 -59.23 55.28 -16.06
C LYS B 143 -58.63 54.52 -17.24
N CYS B 144 -57.97 53.42 -16.91
CA CYS B 144 -57.32 52.58 -17.91
C CYS B 144 -58.01 51.23 -18.11
N ASP B 145 -58.86 51.13 -19.12
CA ASP B 145 -59.52 49.88 -19.43
C ASP B 145 -58.61 48.91 -20.20
N ASN B 146 -59.19 47.90 -20.83
CA ASN B 146 -58.43 46.83 -21.49
C ASN B 146 -57.60 47.27 -22.69
N THR B 147 -58.23 48.03 -23.59
CA THR B 147 -57.49 48.58 -24.71
C THR B 147 -56.63 49.75 -24.24
N CYS B 148 -56.87 50.20 -23.01
CA CYS B 148 -55.98 51.17 -22.40
C CYS B 148 -54.81 50.44 -21.71
N MET B 149 -55.05 49.19 -21.38
CA MET B 149 -53.96 48.30 -21.00
C MET B 149 -52.89 48.23 -22.07
N GLU B 150 -53.23 47.59 -23.19
CA GLU B 150 -52.27 47.25 -24.24
C GLU B 150 -51.38 48.40 -24.72
N SER B 151 -51.96 49.58 -24.95
CA SER B 151 -51.19 50.71 -25.44
C SER B 151 -49.85 50.79 -24.70
N VAL B 152 -49.87 50.34 -23.45
CA VAL B 152 -48.68 50.22 -22.63
C VAL B 152 -47.85 49.01 -23.04
N LYS B 153 -48.49 47.84 -23.15
CA LYS B 153 -47.79 46.62 -23.57
C LYS B 153 -47.20 46.75 -24.97
N ASN B 154 -48.04 47.07 -25.94
CA ASN B 154 -47.57 47.29 -27.32
C ASN B 154 -46.52 48.39 -27.39
N GLY B 155 -46.38 49.14 -26.31
CA GLY B 155 -45.42 50.23 -26.26
C GLY B 155 -45.92 51.44 -27.02
N THR B 156 -47.12 51.35 -27.55
CA THR B 156 -47.75 52.45 -28.28
C THR B 156 -48.75 53.17 -27.39
N TYR B 157 -48.24 54.01 -26.48
CA TYR B 157 -49.07 54.72 -25.53
C TYR B 157 -49.16 56.20 -25.91
N ASP B 158 -50.37 56.66 -26.21
CA ASP B 158 -50.58 58.06 -26.54
C ASP B 158 -50.28 58.93 -25.33
N TYR B 159 -50.50 60.24 -25.44
CA TYR B 159 -50.40 61.10 -24.28
C TYR B 159 -51.30 62.34 -24.30
N PRO B 160 -52.63 62.14 -24.41
CA PRO B 160 -53.59 63.25 -24.44
C PRO B 160 -54.33 63.49 -23.12
N LYS B 161 -54.00 62.76 -22.06
CA LYS B 161 -54.97 62.62 -20.97
C LYS B 161 -54.77 63.38 -19.65
N TYR B 162 -55.90 63.56 -18.95
CA TYR B 162 -55.93 63.73 -17.49
C TYR B 162 -57.32 63.33 -17.00
N ASP C 7 -31.37 68.25 7.99
CA ASP C 7 -32.30 68.20 6.87
C ASP C 7 -31.67 67.61 5.60
N THR C 8 -30.62 66.81 5.79
CA THR C 8 -30.03 66.07 4.68
C THR C 8 -29.73 64.64 5.13
N LEU C 9 -30.02 63.69 4.24
CA LEU C 9 -29.60 62.31 4.43
C LEU C 9 -28.85 61.84 3.20
N CYS C 10 -27.54 61.62 3.35
CA CYS C 10 -26.71 61.24 2.21
C CYS C 10 -26.31 59.77 2.27
N ILE C 11 -25.81 59.27 1.14
CA ILE C 11 -25.45 57.85 1.04
C ILE C 11 -24.06 57.68 0.43
N GLY C 12 -23.29 56.76 0.99
CA GLY C 12 -21.94 56.52 0.52
C GLY C 12 -21.38 55.17 0.90
N TYR C 13 -20.10 54.99 0.64
CA TYR C 13 -19.41 53.72 0.88
C TYR C 13 -18.21 53.88 1.81
N HIS C 14 -17.31 52.89 1.81
CA HIS C 14 -16.18 52.86 2.74
C HIS C 14 -14.89 53.40 2.12
N ALA C 15 -13.94 53.75 3.00
CA ALA C 15 -12.61 54.17 2.58
C ALA C 15 -11.64 53.97 3.73
N ASN C 16 -10.35 53.88 3.43
CA ASN C 16 -9.34 53.62 4.46
C ASN C 16 -7.92 53.92 4.02
N ASN C 17 -6.96 53.51 4.85
CA ASN C 17 -5.55 53.73 4.61
C ASN C 17 -4.93 52.64 3.74
N SER C 18 -5.78 51.89 3.04
CA SER C 18 -5.32 50.76 2.25
C SER C 18 -4.55 51.21 1.01
N THR C 19 -3.44 50.55 0.75
CA THR C 19 -2.63 50.81 -0.44
C THR C 19 -2.72 49.65 -1.40
N ASP C 20 -3.46 48.62 -1.01
CA ASP C 20 -3.67 47.45 -1.86
C ASP C 20 -4.13 47.86 -3.26
N THR C 21 -3.48 47.30 -4.27
CA THR C 21 -3.88 47.56 -5.65
C THR C 21 -4.13 46.25 -6.40
N VAL C 22 -5.22 46.24 -7.16
CA VAL C 22 -5.53 45.09 -8.00
C VAL C 22 -5.72 45.55 -9.43
N ASP C 23 -5.78 44.58 -10.35
CA ASP C 23 -6.05 44.87 -11.74
C ASP C 23 -7.40 44.31 -12.15
N THR C 24 -8.02 44.95 -13.12
CA THR C 24 -9.25 44.46 -13.70
C THR C 24 -9.03 44.31 -15.20
N VAL C 25 -10.09 43.89 -15.91
CA VAL C 25 -10.01 43.77 -17.35
C VAL C 25 -9.95 45.15 -17.98
N LEU C 26 -10.64 46.11 -17.35
CA LEU C 26 -10.78 47.45 -17.89
C LEU C 26 -9.74 48.45 -17.37
N GLU C 27 -9.16 48.16 -16.22
CA GLU C 27 -8.30 49.14 -15.55
C GLU C 27 -7.13 48.50 -14.80
N LYS C 28 -6.00 49.18 -14.78
CA LYS C 28 -4.81 48.69 -14.08
C LYS C 28 -4.54 49.43 -12.78
N ASN C 29 -3.80 48.79 -11.89
CA ASN C 29 -3.45 49.37 -10.59
C ASN C 29 -4.56 50.19 -9.95
N VAL C 30 -5.66 49.52 -9.62
CA VAL C 30 -6.78 50.15 -8.93
C VAL C 30 -6.70 49.88 -7.44
N THR C 31 -6.65 50.95 -6.65
CA THR C 31 -6.56 50.83 -5.19
C THR C 31 -7.89 50.40 -4.59
N VAL C 32 -7.86 49.30 -3.83
CA VAL C 32 -9.08 48.78 -3.20
C VAL C 32 -8.95 48.80 -1.67
N THR C 33 -10.10 48.79 -1.00
CA THR C 33 -10.14 48.82 0.46
C THR C 33 -9.64 47.51 1.07
N HIS C 34 -10.00 46.40 0.44
CA HIS C 34 -9.63 45.08 0.94
C HIS C 34 -9.33 44.11 -0.21
N SER C 35 -8.49 43.12 0.07
CA SER C 35 -8.14 42.12 -0.93
C SER C 35 -7.44 40.92 -0.33
N VAL C 36 -7.33 39.84 -1.11
CA VAL C 36 -6.63 38.65 -0.69
C VAL C 36 -5.71 38.17 -1.80
N ASN C 37 -4.65 37.45 -1.43
CA ASN C 37 -3.74 36.91 -2.43
C ASN C 37 -4.05 35.44 -2.71
N LEU C 38 -4.28 35.12 -3.98
CA LEU C 38 -4.59 33.75 -4.39
C LEU C 38 -3.30 32.99 -4.71
N LEU C 39 -2.19 33.71 -4.75
CA LEU C 39 -0.91 33.11 -5.10
C LEU C 39 -0.02 32.88 -3.88
N GLU C 40 0.35 31.62 -3.66
CA GLU C 40 1.27 31.27 -2.60
C GLU C 40 2.71 31.40 -3.09
N ASP C 41 3.51 32.17 -2.37
CA ASP C 41 4.89 32.43 -2.77
C ASP C 41 5.83 32.33 -1.57
N LYS C 42 5.55 31.40 -0.68
CA LYS C 42 6.31 31.28 0.57
C LYS C 42 6.41 29.84 1.04
N HIS C 43 7.63 29.30 1.02
CA HIS C 43 7.87 27.96 1.49
C HIS C 43 8.63 28.00 2.81
N ASN C 44 8.59 26.91 3.57
CA ASN C 44 9.25 26.88 4.87
C ASN C 44 10.73 26.50 4.78
N GLY C 45 11.20 26.25 3.57
CA GLY C 45 12.60 25.93 3.33
C GLY C 45 13.04 24.65 4.01
N LYS C 46 12.09 23.75 4.24
CA LYS C 46 12.39 22.46 4.85
C LYS C 46 11.92 21.32 3.96
N LEU C 47 12.72 20.26 3.89
CA LEU C 47 12.26 19.03 3.26
C LEU C 47 11.52 18.21 4.32
N CYS C 48 10.20 18.37 4.35
CA CYS C 48 9.36 17.76 5.38
C CYS C 48 8.80 16.39 4.98
N LYS C 49 8.08 15.76 5.91
CA LYS C 49 7.46 14.47 5.65
C LYS C 49 6.18 14.71 4.88
N LEU C 50 5.82 13.74 4.03
CA LEU C 50 4.80 14.00 3.01
C LEU C 50 3.37 13.61 3.38
N ARG C 51 3.20 12.41 3.94
CA ARG C 51 1.93 12.03 4.57
C ARG C 51 2.14 12.22 6.06
N GLY C 52 2.70 11.19 6.68
CA GLY C 52 3.18 11.24 8.05
C GLY C 52 4.53 10.53 8.11
N VAL C 53 4.95 10.01 6.96
CA VAL C 53 6.22 9.29 6.86
C VAL C 53 7.33 10.14 6.26
N ALA C 54 8.56 9.93 6.73
CA ALA C 54 9.69 10.76 6.37
C ALA C 54 10.33 10.38 5.03
N PRO C 55 11.02 11.33 4.39
CA PRO C 55 11.78 11.05 3.18
C PRO C 55 13.04 10.24 3.49
N LEU C 56 13.55 9.52 2.49
CA LEU C 56 14.80 8.79 2.64
C LEU C 56 15.96 9.66 2.15
N HIS C 57 16.74 10.19 3.09
CA HIS C 57 17.85 11.05 2.75
C HIS C 57 19.16 10.27 2.65
N LEU C 58 19.80 10.33 1.49
CA LEU C 58 20.99 9.53 1.23
C LEU C 58 22.28 10.28 1.54
N GLY C 59 22.18 11.59 1.72
CA GLY C 59 23.34 12.40 2.05
C GLY C 59 24.41 12.40 0.96
N LYS C 60 25.57 11.86 1.28
CA LYS C 60 26.71 11.89 0.36
C LYS C 60 26.61 10.81 -0.72
N CYS C 61 25.60 9.96 -0.61
CA CYS C 61 25.44 8.85 -1.56
C CYS C 61 24.24 9.05 -2.48
N ASN C 62 24.25 8.30 -3.59
CA ASN C 62 23.10 8.26 -4.49
C ASN C 62 22.44 6.89 -4.44
N ILE C 63 21.29 6.75 -5.08
CA ILE C 63 20.54 5.50 -5.07
C ILE C 63 21.45 4.30 -5.36
N ALA C 64 22.25 4.39 -6.41
CA ALA C 64 23.15 3.31 -6.80
C ALA C 64 24.03 2.87 -5.63
N GLY C 65 24.75 3.81 -5.04
CA GLY C 65 25.65 3.52 -3.94
C GLY C 65 24.92 2.94 -2.75
N TRP C 66 23.74 3.47 -2.45
CA TRP C 66 22.97 3.04 -1.29
C TRP C 66 22.51 1.58 -1.37
N ILE C 67 21.99 1.19 -2.55
CA ILE C 67 21.46 -0.16 -2.71
C ILE C 67 22.56 -1.19 -2.92
N LEU C 68 23.58 -0.83 -3.68
CA LEU C 68 24.69 -1.75 -3.92
C LEU C 68 25.48 -2.02 -2.64
N GLY C 69 25.51 -1.02 -1.76
CA GLY C 69 26.21 -1.16 -0.49
C GLY C 69 27.62 -0.61 -0.54
N ASN C 70 27.78 0.54 -1.19
CA ASN C 70 29.08 1.21 -1.24
C ASN C 70 29.60 1.41 0.19
N PRO C 71 30.88 1.08 0.41
CA PRO C 71 31.50 1.18 1.73
C PRO C 71 31.23 2.53 2.41
N GLU C 72 31.02 3.57 1.61
CA GLU C 72 30.78 4.91 2.14
C GLU C 72 29.30 5.25 2.39
N CYS C 73 28.40 4.34 2.05
CA CYS C 73 26.95 4.62 2.13
C CYS C 73 26.27 3.88 3.29
N GLU C 74 26.63 4.20 4.53
CA GLU C 74 26.60 3.19 5.57
C GLU C 74 25.97 3.88 6.77
N SER C 75 24.73 4.26 6.51
CA SER C 75 24.09 5.34 7.27
C SER C 75 23.19 4.90 8.42
N LEU C 76 23.85 4.47 9.49
CA LEU C 76 23.22 4.15 10.76
C LEU C 76 22.03 3.22 10.56
N SER C 77 22.02 2.51 9.43
CA SER C 77 21.31 1.23 9.32
C SER C 77 19.78 1.24 9.14
N THR C 78 19.22 2.45 9.05
CA THR C 78 18.14 2.78 8.15
C THR C 78 16.73 2.33 8.54
N ALA C 79 15.90 2.26 7.51
CA ALA C 79 14.47 2.30 7.64
C ALA C 79 13.52 1.12 7.35
N SER C 80 12.22 1.42 7.25
CA SER C 80 11.20 0.44 6.90
C SER C 80 10.29 1.03 5.83
N SER C 81 10.35 2.36 5.68
CA SER C 81 9.53 3.05 4.69
C SER C 81 9.89 4.53 4.47
N TRP C 82 9.47 5.06 3.33
CA TRP C 82 9.67 6.48 3.02
C TRP C 82 8.70 6.98 1.95
N SER C 83 8.29 8.24 2.08
CA SER C 83 7.33 8.85 1.15
C SER C 83 8.01 9.24 -0.15
N TYR C 84 9.26 9.69 -0.05
CA TYR C 84 10.05 10.03 -1.23
C TYR C 84 11.53 9.96 -0.91
N ILE C 85 12.37 10.13 -1.92
CA ILE C 85 13.81 10.04 -1.74
C ILE C 85 14.50 11.37 -1.97
N VAL C 86 15.43 11.72 -1.09
CA VAL C 86 16.18 12.96 -1.22
C VAL C 86 17.64 12.68 -1.53
N GLU C 87 18.14 13.31 -2.58
CA GLU C 87 19.53 13.19 -2.99
C GLU C 87 20.16 14.57 -2.98
N THR C 88 21.38 14.68 -2.46
CA THR C 88 22.09 15.96 -2.47
C THR C 88 22.85 16.12 -3.77
N PRO C 89 22.87 17.35 -4.31
CA PRO C 89 23.57 17.62 -5.57
C PRO C 89 25.05 17.26 -5.49
N SER C 90 25.54 17.03 -4.28
CA SER C 90 26.96 16.75 -4.07
C SER C 90 27.20 15.29 -3.69
N SER C 91 26.26 14.42 -4.08
CA SER C 91 26.39 13.00 -3.78
C SER C 91 26.96 12.24 -4.99
N ASP C 92 28.14 11.67 -4.82
CA ASP C 92 28.83 11.00 -5.92
C ASP C 92 29.30 9.60 -5.56
N ASN C 93 29.07 9.20 -4.32
CA ASN C 93 29.42 7.85 -3.89
C ASN C 93 28.40 6.81 -4.36
N GLY C 94 28.50 6.43 -5.64
CA GLY C 94 27.63 5.44 -6.24
C GLY C 94 28.41 4.21 -6.67
N THR C 95 28.54 4.01 -7.98
CA THR C 95 29.34 2.91 -8.49
C THR C 95 30.83 3.22 -8.38
N CYS C 96 31.47 2.70 -7.34
CA CYS C 96 32.91 2.84 -7.20
C CYS C 96 33.65 2.05 -8.27
N TYR C 97 33.06 0.93 -8.72
CA TYR C 97 33.63 0.16 -9.81
C TYR C 97 32.95 0.51 -11.13
N PRO C 98 33.72 1.02 -12.10
CA PRO C 98 33.19 1.46 -13.39
C PRO C 98 32.30 0.41 -14.02
N GLY C 99 31.20 0.84 -14.62
CA GLY C 99 30.27 -0.08 -15.25
C GLY C 99 28.92 0.55 -15.52
N ASP C 100 28.04 -0.21 -16.14
CA ASP C 100 26.71 0.28 -16.48
C ASP C 100 25.65 -0.28 -15.54
N PHE C 101 24.79 0.60 -15.04
CA PHE C 101 23.68 0.18 -14.19
C PHE C 101 22.42 0.06 -15.06
N ILE C 102 22.10 -1.16 -15.46
CA ILE C 102 21.00 -1.39 -16.39
C ILE C 102 19.66 -0.99 -15.80
N ASP C 103 18.89 -0.22 -16.57
CA ASP C 103 17.58 0.24 -16.13
C ASP C 103 17.66 0.93 -14.78
N TYR C 104 18.66 1.80 -14.63
CA TYR C 104 18.90 2.48 -13.37
C TYR C 104 17.79 3.47 -13.02
N GLU C 105 17.45 4.32 -13.98
CA GLU C 105 16.39 5.32 -13.77
C GLU C 105 15.09 4.63 -13.40
N GLU C 106 14.83 3.47 -13.99
CA GLU C 106 13.65 2.69 -13.64
C GLU C 106 13.70 2.23 -12.19
N LEU C 107 14.84 1.70 -11.77
CA LEU C 107 15.01 1.25 -10.39
C LEU C 107 14.73 2.37 -9.42
N ARG C 108 15.28 3.55 -9.70
CA ARG C 108 15.11 4.72 -8.86
C ARG C 108 13.63 5.07 -8.72
N GLU C 109 12.91 5.03 -9.85
CA GLU C 109 11.49 5.35 -9.86
C GLU C 109 10.70 4.39 -8.99
N GLN C 110 11.06 3.11 -9.05
CA GLN C 110 10.39 2.07 -8.28
C GLN C 110 10.70 2.20 -6.79
N LEU C 111 11.92 2.63 -6.48
CA LEU C 111 12.34 2.78 -5.10
C LEU C 111 11.91 4.12 -4.50
N SER C 112 11.41 5.02 -5.34
CA SER C 112 11.09 6.37 -4.93
C SER C 112 10.20 6.41 -3.69
N SER C 113 9.25 5.49 -3.61
CA SER C 113 8.39 5.38 -2.43
C SER C 113 8.17 3.92 -2.05
N VAL C 114 8.45 3.61 -0.79
CA VAL C 114 8.39 2.23 -0.31
C VAL C 114 7.55 2.13 0.95
N SER C 115 6.65 1.15 0.98
CA SER C 115 5.76 0.96 2.12
C SER C 115 6.48 0.21 3.24
N SER C 116 7.09 -0.92 2.90
CA SER C 116 7.94 -1.65 3.83
C SER C 116 9.21 -2.10 3.12
N PHE C 117 10.33 -2.04 3.83
CA PHE C 117 11.64 -2.25 3.22
C PHE C 117 12.60 -2.86 4.22
N GLU C 118 12.86 -4.16 4.09
CA GLU C 118 13.82 -4.82 4.96
C GLU C 118 14.94 -5.48 4.15
N ARG C 119 16.15 -5.39 4.68
CA ARG C 119 17.34 -5.91 4.01
C ARG C 119 17.81 -7.20 4.70
N PHE C 120 17.70 -8.31 3.97
CA PHE C 120 18.08 -9.60 4.52
C PHE C 120 19.15 -10.27 3.69
N GLU C 121 19.94 -11.14 4.33
CA GLU C 121 20.98 -11.87 3.63
C GLU C 121 20.37 -13.02 2.85
N ILE C 122 20.31 -12.87 1.53
CA ILE C 122 19.71 -13.89 0.66
C ILE C 122 20.67 -15.07 0.47
N PHE C 123 21.95 -14.76 0.31
CA PHE C 123 22.98 -15.80 0.23
C PHE C 123 24.09 -15.54 1.24
N PRO C 124 24.00 -16.17 2.43
CA PRO C 124 25.03 -16.04 3.46
C PRO C 124 26.41 -16.38 2.91
N LYS C 125 27.41 -15.56 3.21
CA LYS C 125 28.75 -15.72 2.64
C LYS C 125 29.42 -17.06 2.95
N THR C 126 29.05 -17.66 4.08
CA THR C 126 29.80 -18.79 4.63
C THR C 126 29.20 -20.19 4.49
N SER C 127 28.17 -20.34 3.69
CA SER C 127 27.50 -21.62 3.61
C SER C 127 27.07 -21.77 2.15
N SER C 128 26.85 -20.62 1.52
CA SER C 128 26.84 -20.53 0.07
C SER C 128 28.32 -20.46 -0.28
N TRP C 129 28.63 -20.81 -1.53
CA TRP C 129 29.99 -20.72 -2.05
C TRP C 129 31.08 -21.52 -1.30
N PRO C 130 30.92 -22.86 -1.23
CA PRO C 130 31.94 -23.71 -0.59
C PRO C 130 33.01 -24.14 -1.60
N ASN C 131 32.77 -23.85 -2.87
CA ASN C 131 33.69 -24.22 -3.93
C ASN C 131 34.35 -23.01 -4.56
N HIS C 132 34.13 -21.84 -3.97
CA HIS C 132 34.67 -20.60 -4.49
C HIS C 132 35.14 -19.71 -3.36
N ASP C 133 36.08 -18.82 -3.65
CA ASP C 133 36.60 -17.89 -2.64
C ASP C 133 35.71 -16.66 -2.55
N SER C 134 35.15 -16.45 -1.36
CA SER C 134 34.24 -15.32 -1.13
C SER C 134 34.90 -14.26 -0.26
N ASN C 135 36.22 -14.18 -0.34
CA ASN C 135 36.98 -13.26 0.51
C ASN C 135 37.95 -12.40 -0.28
N LYS C 136 38.39 -12.89 -1.43
CA LYS C 136 39.39 -12.19 -2.24
C LYS C 136 38.77 -11.15 -3.17
N GLY C 137 37.46 -10.98 -3.09
CA GLY C 137 36.75 -10.07 -3.97
C GLY C 137 36.74 -8.62 -3.52
N VAL C 138 37.92 -7.99 -3.56
CA VAL C 138 38.01 -6.57 -3.23
C VAL C 138 38.75 -5.80 -4.33
N THR C 139 38.77 -4.49 -4.23
CA THR C 139 39.39 -3.65 -5.24
C THR C 139 39.74 -2.26 -4.72
N ALA C 140 40.74 -1.64 -5.34
CA ALA C 140 41.15 -0.28 -4.97
C ALA C 140 40.08 0.72 -5.40
N ALA C 141 39.14 0.27 -6.24
CA ALA C 141 38.07 1.12 -6.72
C ALA C 141 37.05 1.42 -5.63
N CYS C 142 36.82 0.44 -4.76
CA CYS C 142 35.87 0.61 -3.66
C CYS C 142 36.61 0.60 -2.33
N PRO C 143 37.31 1.69 -2.00
CA PRO C 143 38.18 1.76 -0.83
C PRO C 143 37.42 2.04 0.47
N HIS C 144 37.74 1.27 1.51
CA HIS C 144 37.24 1.56 2.84
C HIS C 144 38.43 1.94 3.72
N ALA C 145 38.62 3.25 3.90
CA ALA C 145 39.75 3.77 4.66
C ALA C 145 41.07 3.15 4.18
N GLY C 146 41.48 3.54 2.97
CA GLY C 146 42.73 3.06 2.41
C GLY C 146 42.66 1.64 1.89
N ALA C 147 42.13 0.73 2.71
CA ALA C 147 42.06 -0.68 2.35
C ALA C 147 41.15 -0.93 1.16
N LYS C 148 41.48 -1.94 0.37
CA LYS C 148 40.67 -2.34 -0.78
C LYS C 148 39.43 -3.09 -0.33
N SER C 149 38.26 -2.52 -0.59
CA SER C 149 37.01 -3.13 -0.17
C SER C 149 36.09 -3.42 -1.36
N PHE C 150 34.80 -3.52 -1.09
CA PHE C 150 33.81 -3.81 -2.13
C PHE C 150 32.42 -3.47 -1.62
N TYR C 151 31.41 -3.63 -2.48
CA TYR C 151 30.03 -3.41 -2.08
C TYR C 151 29.64 -4.39 -0.99
N LYS C 152 28.89 -3.92 0.00
CA LYS C 152 28.48 -4.75 1.12
C LYS C 152 27.43 -5.78 0.71
N ASN C 153 26.50 -5.35 -0.14
CA ASN C 153 25.37 -6.19 -0.52
C ASN C 153 25.67 -7.16 -1.66
N LEU C 154 26.91 -7.16 -2.13
CA LEU C 154 27.33 -8.07 -3.17
C LEU C 154 28.65 -8.74 -2.82
N ILE C 155 28.88 -9.94 -3.33
CA ILE C 155 30.14 -10.64 -3.11
C ILE C 155 30.81 -10.97 -4.44
N TRP C 156 32.03 -10.48 -4.62
CA TRP C 156 32.78 -10.74 -5.84
C TRP C 156 33.49 -12.09 -5.76
N LEU C 157 32.81 -13.15 -6.20
CA LEU C 157 33.36 -14.49 -6.16
C LEU C 157 34.54 -14.66 -7.13
N VAL C 158 35.64 -15.19 -6.61
CA VAL C 158 36.81 -15.50 -7.43
C VAL C 158 37.17 -16.98 -7.30
N LYS C 159 38.06 -17.44 -8.16
CA LYS C 159 38.46 -18.84 -8.16
C LYS C 159 39.16 -19.24 -6.86
N LYS C 160 38.83 -20.43 -6.37
CA LYS C 160 39.45 -20.94 -5.15
C LYS C 160 40.69 -21.77 -5.48
N GLY C 161 41.85 -21.13 -5.44
CA GLY C 161 43.11 -21.81 -5.68
C GLY C 161 43.14 -22.62 -6.96
N ASN C 162 42.97 -21.93 -8.09
CA ASN C 162 43.02 -22.56 -9.40
C ASN C 162 41.79 -23.40 -9.75
N SER C 163 40.65 -23.06 -9.16
CA SER C 163 39.43 -23.81 -9.44
C SER C 163 38.17 -22.94 -9.39
N TYR C 164 37.45 -22.91 -10.50
CA TYR C 164 36.16 -22.24 -10.55
C TYR C 164 35.14 -23.16 -11.21
N PRO C 165 34.54 -24.06 -10.42
CA PRO C 165 33.55 -25.02 -10.91
C PRO C 165 32.22 -24.32 -11.15
N LYS C 166 31.43 -24.84 -12.09
CA LYS C 166 30.10 -24.29 -12.33
C LYS C 166 29.34 -24.19 -11.01
N LEU C 167 28.99 -22.98 -10.62
CA LEU C 167 28.16 -22.79 -9.44
C LEU C 167 26.69 -22.74 -9.83
N SER C 168 25.82 -23.09 -8.89
CA SER C 168 24.40 -23.13 -9.19
C SER C 168 23.55 -22.99 -7.93
N LYS C 169 23.37 -21.75 -7.49
CA LYS C 169 22.55 -21.43 -6.34
C LYS C 169 21.22 -20.87 -6.82
N SER C 170 20.19 -20.99 -5.99
CA SER C 170 18.87 -20.49 -6.34
C SER C 170 18.03 -20.27 -5.08
N TYR C 171 17.51 -19.05 -4.95
CA TYR C 171 16.72 -18.67 -3.78
C TYR C 171 15.25 -18.56 -4.15
N ILE C 172 14.39 -18.97 -3.23
CA ILE C 172 12.94 -18.87 -3.44
C ILE C 172 12.32 -17.86 -2.49
N ASN C 173 11.49 -16.98 -3.03
CA ASN C 173 10.89 -15.91 -2.26
C ASN C 173 9.85 -16.40 -1.26
N ASP C 174 10.28 -16.60 -0.02
CA ASP C 174 9.40 -17.07 1.03
C ASP C 174 8.72 -15.90 1.76
N LYS C 175 9.07 -14.69 1.35
CA LYS C 175 8.47 -13.49 1.92
C LYS C 175 7.06 -13.31 1.37
N GLY C 176 6.32 -12.35 1.94
CA GLY C 176 4.98 -12.05 1.48
C GLY C 176 4.97 -10.79 0.63
N LYS C 177 6.15 -10.42 0.15
CA LYS C 177 6.33 -9.21 -0.64
C LYS C 177 7.43 -9.44 -1.67
N GLU C 178 7.45 -8.61 -2.71
CA GLU C 178 8.49 -8.72 -3.73
C GLU C 178 9.87 -8.61 -3.10
N VAL C 179 10.86 -9.23 -3.73
CA VAL C 179 12.24 -9.13 -3.27
C VAL C 179 13.14 -8.57 -4.35
N LEU C 180 13.78 -7.44 -4.06
CA LEU C 180 14.72 -6.84 -5.00
C LEU C 180 16.07 -7.54 -4.92
N VAL C 181 16.44 -8.23 -5.99
CA VAL C 181 17.72 -8.92 -6.05
C VAL C 181 18.66 -8.21 -7.03
N LEU C 182 19.85 -7.85 -6.54
CA LEU C 182 20.84 -7.22 -7.39
C LEU C 182 22.04 -8.14 -7.58
N TRP C 183 22.65 -8.09 -8.76
CA TRP C 183 23.85 -8.86 -9.04
C TRP C 183 24.70 -8.13 -10.07
N GLY C 184 25.93 -8.59 -10.26
CA GLY C 184 26.84 -7.95 -11.19
C GLY C 184 27.53 -8.92 -12.11
N ILE C 185 27.85 -8.45 -13.31
CA ILE C 185 28.63 -9.23 -14.27
C ILE C 185 29.95 -8.51 -14.52
N HIS C 186 31.05 -9.12 -14.09
CA HIS C 186 32.36 -8.49 -14.23
C HIS C 186 32.99 -8.80 -15.58
N HIS C 187 33.47 -7.75 -16.26
CA HIS C 187 34.16 -7.89 -17.53
C HIS C 187 35.61 -7.46 -17.37
N PRO C 188 36.52 -8.45 -17.21
CA PRO C 188 37.95 -8.20 -17.03
C PRO C 188 38.55 -7.43 -18.21
N SER C 189 39.70 -6.79 -17.97
CA SER C 189 40.35 -5.98 -18.99
C SER C 189 41.16 -6.82 -19.96
N THR C 190 41.83 -7.85 -19.45
CA THR C 190 42.67 -8.71 -20.28
C THR C 190 42.37 -10.18 -20.06
N SER C 191 42.66 -11.00 -21.06
CA SER C 191 42.44 -12.44 -20.97
C SER C 191 43.30 -13.05 -19.86
N ALA C 192 44.38 -12.37 -19.52
CA ALA C 192 45.23 -12.80 -18.43
C ALA C 192 44.53 -12.55 -17.10
N ASP C 193 43.82 -11.44 -17.00
CA ASP C 193 43.03 -11.12 -15.82
C ASP C 193 41.85 -12.08 -15.69
N GLN C 194 41.36 -12.56 -16.81
CA GLN C 194 40.23 -13.48 -16.84
C GLN C 194 40.57 -14.81 -16.16
N GLN C 195 41.62 -15.46 -16.64
CA GLN C 195 42.05 -16.74 -16.08
C GLN C 195 42.65 -16.56 -14.70
N SER C 196 43.14 -15.35 -14.42
CA SER C 196 43.68 -15.03 -13.11
C SER C 196 42.56 -15.01 -12.06
N LEU C 197 41.38 -14.57 -12.49
CA LEU C 197 40.25 -14.44 -11.60
C LEU C 197 39.34 -15.67 -11.57
N TYR C 198 39.08 -16.27 -12.73
CA TYR C 198 38.16 -17.40 -12.80
C TYR C 198 38.83 -18.73 -13.15
N GLN C 199 39.99 -18.65 -13.80
CA GLN C 199 40.76 -19.83 -14.16
C GLN C 199 40.28 -20.55 -15.41
N ASN C 200 39.15 -20.10 -15.93
CA ASN C 200 38.56 -20.67 -17.14
C ASN C 200 38.64 -19.48 -18.12
N ALA C 201 38.47 -19.73 -19.41
CA ALA C 201 38.55 -18.65 -20.40
C ALA C 201 37.17 -18.29 -20.94
N ASP C 202 36.54 -19.27 -21.58
CA ASP C 202 35.21 -19.08 -22.14
C ASP C 202 34.16 -19.39 -21.09
N THR C 203 33.66 -18.35 -20.42
CA THR C 203 32.70 -18.52 -19.34
C THR C 203 31.35 -17.92 -19.66
N TYR C 204 30.37 -18.15 -18.79
CA TYR C 204 29.03 -17.59 -18.96
C TYR C 204 28.32 -17.45 -17.63
N VAL C 205 27.36 -16.52 -17.58
CA VAL C 205 26.53 -16.34 -16.41
C VAL C 205 25.07 -16.39 -16.83
N PHE C 206 24.24 -17.05 -16.04
CA PHE C 206 22.81 -17.11 -16.36
C PHE C 206 21.93 -16.87 -15.13
N VAL C 207 21.05 -15.87 -15.25
CA VAL C 207 20.12 -15.54 -14.18
C VAL C 207 18.68 -15.69 -14.67
N GLY C 208 17.89 -16.48 -13.94
CA GLY C 208 16.53 -16.74 -14.35
C GLY C 208 15.53 -16.85 -13.22
N SER C 209 14.32 -16.39 -13.47
CA SER C 209 13.19 -16.58 -12.56
C SER C 209 11.99 -17.02 -13.38
N SER C 210 10.79 -16.93 -12.80
CA SER C 210 9.58 -17.29 -13.53
C SER C 210 9.37 -16.34 -14.71
N ARG C 211 9.90 -15.13 -14.58
CA ARG C 211 9.76 -14.11 -15.60
C ARG C 211 11.10 -13.83 -16.26
N TYR C 212 12.08 -13.46 -15.45
CA TYR C 212 13.37 -12.99 -15.96
C TYR C 212 14.25 -14.14 -16.43
N SER C 213 14.85 -13.98 -17.61
CA SER C 213 15.77 -14.98 -18.13
C SER C 213 16.81 -14.40 -19.10
N LYS C 214 18.09 -14.44 -18.73
CA LYS C 214 19.14 -13.97 -19.60
C LYS C 214 20.51 -14.61 -19.35
N LYS C 215 21.23 -14.88 -20.43
CA LYS C 215 22.56 -15.46 -20.38
C LYS C 215 23.62 -14.41 -20.72
N PHE C 216 24.63 -14.28 -19.87
CA PHE C 216 25.64 -13.26 -20.04
C PHE C 216 26.97 -13.82 -20.52
N LYS C 217 27.56 -13.15 -21.51
CA LYS C 217 28.90 -13.49 -21.98
C LYS C 217 29.86 -12.35 -21.66
N PRO C 218 30.89 -12.65 -20.85
CA PRO C 218 31.89 -11.65 -20.46
C PRO C 218 32.57 -11.03 -21.69
N GLU C 219 32.55 -9.71 -21.77
CA GLU C 219 33.19 -8.99 -22.86
C GLU C 219 34.57 -8.50 -22.41
N ILE C 220 35.61 -9.24 -22.78
CA ILE C 220 36.96 -8.94 -22.33
C ILE C 220 37.69 -7.97 -23.25
N ALA C 221 38.08 -6.82 -22.72
CA ALA C 221 38.79 -5.81 -23.50
C ALA C 221 39.38 -4.71 -22.61
N ILE C 222 40.09 -3.77 -23.22
CA ILE C 222 40.68 -2.66 -22.47
C ILE C 222 39.87 -1.37 -22.64
N ARG C 223 39.27 -0.91 -21.55
CA ARG C 223 38.52 0.35 -21.55
C ARG C 223 39.34 1.45 -20.89
N PRO C 224 39.12 2.69 -21.33
CA PRO C 224 39.78 3.87 -20.74
C PRO C 224 39.65 3.88 -19.23
N LYS C 225 40.77 4.00 -18.53
CA LYS C 225 40.77 3.91 -17.08
C LYS C 225 39.80 4.87 -16.41
N VAL C 226 38.89 4.31 -15.62
CA VAL C 226 38.04 5.09 -14.74
C VAL C 226 38.25 4.54 -13.32
N ARG C 227 38.88 5.33 -12.47
CA ARG C 227 39.23 4.87 -11.13
C ARG C 227 40.18 3.67 -11.19
N ASP C 228 41.13 3.74 -12.12
CA ASP C 228 42.21 2.75 -12.22
C ASP C 228 41.82 1.42 -12.84
N GLN C 229 40.54 1.24 -13.10
CA GLN C 229 40.07 -0.02 -13.67
C GLN C 229 39.89 0.09 -15.18
N GLU C 230 40.58 -0.78 -15.90
CA GLU C 230 40.41 -0.87 -17.35
C GLU C 230 39.30 -1.86 -17.67
N GLY C 231 38.87 -2.60 -16.67
CA GLY C 231 37.74 -3.51 -16.80
C GLY C 231 36.46 -2.83 -16.38
N ARG C 232 35.33 -3.48 -16.64
CA ARG C 232 34.02 -2.91 -16.31
C ARG C 232 33.13 -3.92 -15.60
N MET C 233 32.14 -3.42 -14.87
CA MET C 233 31.22 -4.27 -14.15
C MET C 233 29.80 -3.74 -14.34
N ASN C 234 28.97 -4.51 -15.04
CA ASN C 234 27.58 -4.13 -15.25
C ASN C 234 26.69 -4.62 -14.12
N TYR C 235 25.76 -3.78 -13.69
CA TYR C 235 24.90 -4.10 -12.57
C TYR C 235 23.47 -4.36 -13.03
N TYR C 236 22.90 -5.46 -12.56
CA TYR C 236 21.55 -5.84 -12.97
C TYR C 236 20.67 -6.09 -11.74
N TRP C 237 19.36 -5.94 -11.92
CA TRP C 237 18.40 -6.14 -10.84
C TRP C 237 17.10 -6.69 -11.39
N THR C 238 16.27 -7.21 -10.49
CA THR C 238 14.96 -7.73 -10.86
C THR C 238 14.09 -7.85 -9.61
N LEU C 239 12.78 -8.01 -9.81
CA LEU C 239 11.87 -8.16 -8.68
C LEU C 239 11.24 -9.55 -8.66
N VAL C 240 11.65 -10.37 -7.69
CA VAL C 240 11.13 -11.73 -7.57
C VAL C 240 9.77 -11.73 -6.88
N GLU C 241 8.75 -12.24 -7.56
CA GLU C 241 7.41 -12.31 -7.00
C GLU C 241 7.38 -13.25 -5.80
N PRO C 242 6.47 -12.99 -4.86
CA PRO C 242 6.28 -13.89 -3.73
C PRO C 242 5.95 -15.31 -4.22
N GLY C 243 6.67 -16.30 -3.71
CA GLY C 243 6.45 -17.68 -4.10
C GLY C 243 7.24 -18.04 -5.35
N ASP C 244 7.93 -17.07 -5.91
CA ASP C 244 8.76 -17.28 -7.09
C ASP C 244 10.21 -17.48 -6.66
N LYS C 245 11.00 -18.13 -7.50
CA LYS C 245 12.42 -18.33 -7.19
C LYS C 245 13.31 -17.84 -8.34
N ILE C 246 14.52 -17.42 -7.97
CA ILE C 246 15.49 -16.93 -8.95
C ILE C 246 16.77 -17.78 -8.90
N THR C 247 17.24 -18.20 -10.06
CA THR C 247 18.39 -19.09 -10.15
C THR C 247 19.63 -18.39 -10.71
N PHE C 248 20.78 -18.67 -10.10
CA PHE C 248 22.06 -18.19 -10.59
C PHE C 248 22.93 -19.36 -11.03
N GLU C 249 23.58 -19.21 -12.18
CA GLU C 249 24.39 -20.27 -12.76
C GLU C 249 25.58 -19.69 -13.52
N ALA C 250 26.78 -19.85 -12.97
CA ALA C 250 27.96 -19.21 -13.52
C ALA C 250 29.19 -20.11 -13.58
N THR C 251 29.99 -19.91 -14.62
CA THR C 251 31.31 -20.53 -14.71
C THR C 251 32.36 -19.46 -14.46
N GLY C 252 31.91 -18.34 -13.91
CA GLY C 252 32.78 -17.22 -13.61
C GLY C 252 32.14 -15.88 -13.94
N ASN C 253 32.79 -14.80 -13.51
CA ASN C 253 32.38 -13.44 -13.84
C ASN C 253 31.11 -12.94 -13.15
N LEU C 254 30.64 -13.70 -12.17
CA LEU C 254 29.40 -13.37 -11.49
C LEU C 254 29.59 -12.73 -10.12
N VAL C 255 29.29 -11.44 -10.00
CA VAL C 255 29.21 -10.80 -8.71
C VAL C 255 27.89 -11.16 -8.03
N VAL C 256 27.91 -12.21 -7.22
CA VAL C 256 26.70 -12.76 -6.65
C VAL C 256 26.08 -11.84 -5.59
N PRO C 257 24.75 -11.92 -5.45
CA PRO C 257 24.02 -11.18 -4.41
C PRO C 257 24.37 -11.71 -3.03
N ARG C 258 24.48 -10.82 -2.05
CA ARG C 258 24.66 -11.23 -0.67
C ARG C 258 23.41 -10.84 0.13
N TYR C 259 23.01 -9.59 -0.02
CA TYR C 259 21.79 -9.08 0.62
C TYR C 259 20.75 -8.72 -0.43
N ALA C 260 19.51 -9.14 -0.20
CA ALA C 260 18.39 -8.72 -1.02
C ALA C 260 17.49 -7.79 -0.23
N PHE C 261 16.35 -7.42 -0.80
CA PHE C 261 15.44 -6.50 -0.13
C PHE C 261 13.97 -6.90 -0.23
N ALA C 262 13.40 -7.37 0.88
CA ALA C 262 11.96 -7.59 0.96
C ALA C 262 11.30 -6.23 0.87
N MET C 263 10.40 -6.05 -0.08
CA MET C 263 9.94 -4.72 -0.44
C MET C 263 8.48 -4.66 -0.88
N GLU C 264 7.73 -3.73 -0.29
CA GLU C 264 6.37 -3.45 -0.72
C GLU C 264 6.29 -2.00 -1.15
N ARG C 265 6.08 -1.77 -2.44
CA ARG C 265 6.12 -0.43 -2.99
C ARG C 265 4.75 0.12 -3.39
N ASN C 266 4.57 1.42 -3.15
CA ASN C 266 3.39 2.13 -3.61
C ASN C 266 3.76 3.13 -4.70
N ALA C 267 3.02 3.10 -5.80
CA ALA C 267 3.34 3.90 -6.97
C ALA C 267 3.06 5.39 -6.75
N GLY C 268 3.80 6.24 -7.47
CA GLY C 268 3.45 7.64 -7.59
C GLY C 268 4.24 8.67 -6.80
N SER C 269 5.48 8.37 -6.44
CA SER C 269 6.32 9.38 -5.78
C SER C 269 7.44 9.85 -6.69
N GLY C 270 8.51 10.37 -6.10
CA GLY C 270 9.63 10.89 -6.87
C GLY C 270 10.92 11.00 -6.09
N ILE C 271 11.91 11.65 -6.71
CA ILE C 271 13.21 11.85 -6.10
C ILE C 271 13.63 13.29 -6.22
N ILE C 272 13.82 13.95 -5.08
CA ILE C 272 14.21 15.35 -5.06
C ILE C 272 15.71 15.51 -4.85
N ILE C 273 16.36 16.22 -5.77
CA ILE C 273 17.77 16.54 -5.62
C ILE C 273 17.90 17.96 -5.06
N SER C 274 18.21 18.05 -3.77
CA SER C 274 18.25 19.33 -3.08
C SER C 274 19.23 19.33 -1.90
N ASP C 275 19.71 20.52 -1.56
CA ASP C 275 20.59 20.69 -0.41
C ASP C 275 19.76 20.96 0.84
N THR C 276 18.53 21.43 0.63
CA THR C 276 17.61 21.78 1.71
C THR C 276 17.62 20.76 2.84
N PRO C 277 17.62 21.25 4.10
CA PRO C 277 17.63 20.41 5.29
C PRO C 277 16.39 19.55 5.43
N VAL C 278 16.58 18.28 5.80
CA VAL C 278 15.46 17.41 6.14
C VAL C 278 14.96 17.80 7.52
N HIS C 279 13.64 17.71 7.71
CA HIS C 279 13.04 18.19 8.95
C HIS C 279 11.94 17.29 9.50
N ASP C 280 11.71 17.40 10.80
CA ASP C 280 10.58 16.72 11.44
C ASP C 280 9.35 17.62 11.39
N CYS C 281 8.69 17.66 10.23
CA CYS C 281 7.50 18.49 10.05
C CYS C 281 6.51 17.80 9.10
N ASN C 282 5.23 18.17 9.19
CA ASN C 282 4.18 17.67 8.32
C ASN C 282 3.94 18.60 7.11
N THR C 283 3.82 18.05 5.91
CA THR C 283 3.47 18.84 4.73
C THR C 283 2.58 18.03 3.78
N THR C 284 1.82 18.71 2.94
CA THR C 284 0.98 18.03 1.95
C THR C 284 1.54 18.24 0.55
N CYS C 285 2.51 19.14 0.44
CA CYS C 285 3.15 19.45 -0.83
C CYS C 285 4.63 19.77 -0.61
N GLN C 286 5.49 19.10 -1.35
CA GLN C 286 6.93 19.24 -1.16
C GLN C 286 7.66 19.69 -2.43
N THR C 287 8.50 20.71 -2.30
CA THR C 287 9.32 21.18 -3.41
C THR C 287 10.79 21.07 -3.02
N PRO C 288 11.69 21.07 -4.02
CA PRO C 288 13.13 21.03 -3.77
C PRO C 288 13.62 22.18 -2.89
N LYS C 289 12.92 23.30 -2.93
CA LYS C 289 13.32 24.49 -2.17
C LYS C 289 12.77 24.47 -0.75
N GLY C 290 11.63 23.81 -0.58
CA GLY C 290 10.97 23.74 0.71
C GLY C 290 9.52 23.31 0.58
N ALA C 291 8.88 23.05 1.71
CA ALA C 291 7.49 22.58 1.71
C ALA C 291 6.51 23.73 1.59
N ILE C 292 5.29 23.42 1.14
CA ILE C 292 4.24 24.42 1.03
C ILE C 292 3.03 24.08 1.89
N ASN C 293 2.77 24.92 2.89
CA ASN C 293 1.61 24.79 3.74
C ASN C 293 0.55 25.80 3.31
N THR C 294 -0.35 25.40 2.40
CA THR C 294 -1.23 26.38 1.77
C THR C 294 -2.64 25.86 1.47
N SER C 295 -3.57 26.81 1.33
CA SER C 295 -4.93 26.51 0.88
C SER C 295 -5.13 27.13 -0.50
N LEU C 296 -4.24 28.03 -0.86
CA LEU C 296 -4.32 28.77 -2.12
C LEU C 296 -4.22 27.85 -3.34
N PRO C 297 -4.94 28.20 -4.41
CA PRO C 297 -5.03 27.38 -5.62
C PRO C 297 -3.74 27.39 -6.44
N PHE C 298 -2.93 28.44 -6.30
CA PHE C 298 -1.75 28.58 -7.15
C PHE C 298 -0.47 28.91 -6.38
N GLN C 299 0.65 28.46 -6.93
CA GLN C 299 1.97 28.66 -6.34
C GLN C 299 2.97 29.01 -7.43
N ASN C 300 3.93 29.88 -7.10
CA ASN C 300 4.96 30.26 -8.06
C ASN C 300 6.36 29.95 -7.52
N ILE C 301 6.41 29.06 -6.54
CA ILE C 301 7.68 28.71 -5.90
C ILE C 301 8.54 27.81 -6.79
N HIS C 302 7.99 26.68 -7.21
CA HIS C 302 8.75 25.72 -7.99
C HIS C 302 7.82 24.83 -8.84
N PRO C 303 8.24 24.55 -10.08
CA PRO C 303 7.49 23.72 -11.03
C PRO C 303 7.47 22.25 -10.61
N ILE C 304 8.63 21.72 -10.22
CA ILE C 304 8.72 20.34 -9.78
C ILE C 304 8.19 20.21 -8.35
N THR C 305 7.20 19.35 -8.17
CA THR C 305 6.49 19.25 -6.91
C THR C 305 6.08 17.82 -6.61
N ILE C 306 5.93 17.51 -5.32
CA ILE C 306 5.46 16.19 -4.91
C ILE C 306 4.34 16.28 -3.88
N GLY C 307 3.29 15.47 -4.07
CA GLY C 307 2.16 15.48 -3.18
C GLY C 307 0.92 16.06 -3.82
N LYS C 308 0.01 16.58 -3.00
CA LYS C 308 -1.17 17.27 -3.50
C LYS C 308 -0.92 18.78 -3.41
N CYS C 309 -0.50 19.37 -4.52
CA CYS C 309 0.01 20.74 -4.51
C CYS C 309 -0.84 21.72 -5.32
N PRO C 310 -0.72 23.01 -4.99
CA PRO C 310 -1.32 24.07 -5.80
C PRO C 310 -0.70 24.07 -7.18
N LYS C 311 -1.41 24.62 -8.16
CA LYS C 311 -0.92 24.60 -9.53
C LYS C 311 0.22 25.61 -9.72
N TYR C 312 1.27 25.21 -10.44
CA TYR C 312 2.40 26.10 -10.67
C TYR C 312 2.08 27.17 -11.71
N VAL C 313 2.29 28.43 -11.31
CA VAL C 313 2.00 29.56 -12.18
C VAL C 313 3.20 30.50 -12.30
N LYS C 314 3.34 31.13 -13.46
CA LYS C 314 4.45 32.02 -13.74
C LYS C 314 4.17 33.43 -13.20
N SER C 315 3.01 33.59 -12.56
CA SER C 315 2.58 34.89 -12.07
C SER C 315 3.47 35.40 -10.95
N THR C 316 3.56 36.73 -10.83
CA THR C 316 4.30 37.35 -9.74
C THR C 316 3.33 37.70 -8.62
N LYS C 317 2.11 38.05 -8.99
CA LYS C 317 1.07 38.37 -8.03
C LYS C 317 -0.32 38.04 -8.59
N LEU C 318 -1.20 37.57 -7.72
CA LEU C 318 -2.58 37.29 -8.09
C LEU C 318 -3.53 37.85 -7.04
N ARG C 319 -3.45 39.15 -6.83
CA ARG C 319 -4.24 39.81 -5.79
C ARG C 319 -5.71 39.94 -6.19
N LEU C 320 -6.59 39.33 -5.39
CA LEU C 320 -8.01 39.29 -5.67
C LEU C 320 -8.76 40.32 -4.82
N ALA C 321 -9.45 41.24 -5.49
CA ALA C 321 -10.18 42.29 -4.80
C ALA C 321 -11.37 41.75 -4.02
N THR C 322 -11.43 42.10 -2.73
CA THR C 322 -12.54 41.70 -1.88
C THR C 322 -13.40 42.89 -1.49
N GLY C 323 -12.74 44.03 -1.25
CA GLY C 323 -13.43 45.25 -0.90
C GLY C 323 -13.79 46.05 -2.15
N LEU C 324 -14.04 47.34 -1.96
CA LEU C 324 -14.39 48.21 -3.07
C LEU C 324 -13.31 49.27 -3.29
N ARG C 325 -13.50 50.10 -4.30
CA ARG C 325 -12.55 51.17 -4.60
C ARG C 325 -12.18 51.96 -3.36
N ASN C 326 -11.02 52.60 -3.41
CA ASN C 326 -10.52 53.38 -2.27
C ASN C 326 -10.28 54.85 -2.63
N ILE C 327 -10.97 55.76 -1.94
CA ILE C 327 -10.88 57.17 -2.26
C ILE C 327 -11.23 57.99 -1.03
N GLY D 1 -18.04 51.93 -11.62
CA GLY D 1 -17.69 52.22 -12.99
C GLY D 1 -18.79 51.87 -13.98
N LEU D 2 -19.52 50.79 -13.68
CA LEU D 2 -20.54 50.29 -14.60
C LEU D 2 -21.94 50.80 -14.28
N PHE D 3 -22.19 51.11 -13.01
CA PHE D 3 -23.50 51.59 -12.59
C PHE D 3 -23.49 53.10 -12.33
N GLY D 4 -22.35 53.73 -12.59
CA GLY D 4 -22.22 55.18 -12.51
C GLY D 4 -22.21 55.76 -11.11
N ALA D 5 -22.31 54.89 -10.11
CA ALA D 5 -22.35 55.35 -8.71
C ALA D 5 -20.97 55.64 -8.16
N ILE D 6 -20.19 54.59 -7.91
CA ILE D 6 -18.85 54.74 -7.36
C ILE D 6 -17.91 55.37 -8.38
N ALA D 7 -17.25 56.45 -7.97
CA ALA D 7 -16.41 57.24 -8.87
C ALA D 7 -17.26 57.82 -10.00
N GLY D 8 -18.55 58.01 -9.72
CA GLY D 8 -19.48 58.58 -10.67
C GLY D 8 -20.12 59.84 -10.14
N PHE D 9 -21.44 59.83 -9.97
CA PHE D 9 -22.13 60.99 -9.41
C PHE D 9 -21.86 61.10 -7.91
N ILE D 10 -21.41 60.01 -7.30
CA ILE D 10 -20.86 60.04 -5.95
C ILE D 10 -19.35 59.95 -6.07
N GLU D 11 -18.69 61.11 -6.13
CA GLU D 11 -17.29 61.21 -6.52
C GLU D 11 -16.31 60.53 -5.57
N GLY D 12 -16.58 60.57 -4.27
CA GLY D 12 -15.63 60.08 -3.30
C GLY D 12 -16.16 59.15 -2.24
N GLY D 13 -15.24 58.55 -1.49
CA GLY D 13 -15.59 57.66 -0.41
C GLY D 13 -15.46 58.32 0.95
N TRP D 14 -15.91 57.63 1.99
CA TRP D 14 -15.86 58.18 3.35
C TRP D 14 -14.95 57.39 4.27
N THR D 15 -13.78 57.94 4.55
CA THR D 15 -12.88 57.35 5.53
C THR D 15 -13.58 57.31 6.89
N GLY D 16 -14.53 58.23 7.07
CA GLY D 16 -15.25 58.36 8.32
C GLY D 16 -16.12 57.16 8.67
N MET D 17 -16.77 56.58 7.66
CA MET D 17 -17.63 55.42 7.88
C MET D 17 -16.80 54.14 7.92
N VAL D 18 -16.69 53.54 9.11
CA VAL D 18 -15.85 52.37 9.30
C VAL D 18 -16.65 51.17 9.81
N ASP D 19 -17.98 51.25 9.68
CA ASP D 19 -18.85 50.19 10.17
C ASP D 19 -19.15 49.17 9.09
N GLY D 20 -19.19 49.63 7.84
CA GLY D 20 -19.50 48.76 6.71
C GLY D 20 -19.02 49.31 5.39
N TRP D 21 -19.43 48.67 4.30
CA TRP D 21 -19.01 49.08 2.97
C TRP D 21 -19.89 50.18 2.39
N TYR D 22 -21.19 50.11 2.67
CA TYR D 22 -22.12 51.15 2.22
C TYR D 22 -22.93 51.65 3.41
N GLY D 23 -23.29 52.93 3.39
CA GLY D 23 -24.04 53.52 4.48
C GLY D 23 -24.51 54.94 4.21
N TYR D 24 -24.91 55.63 5.27
CA TYR D 24 -25.46 56.98 5.14
C TYR D 24 -24.71 58.00 6.00
N HIS D 25 -25.04 59.27 5.79
CA HIS D 25 -24.54 60.35 6.65
C HIS D 25 -25.62 61.41 6.82
N HIS D 26 -26.36 61.30 7.93
CA HIS D 26 -27.46 62.20 8.21
C HIS D 26 -26.95 63.56 8.66
N GLN D 27 -27.80 64.58 8.62
CA GLN D 27 -27.40 65.94 8.96
C GLN D 27 -28.59 66.76 9.46
N ASN D 28 -29.27 66.25 10.48
CA ASN D 28 -30.43 66.93 11.04
C ASN D 28 -30.10 67.70 12.31
N GLU D 29 -31.15 68.12 13.02
CA GLU D 29 -31.01 69.02 14.15
C GLU D 29 -30.45 68.35 15.42
N GLN D 30 -30.36 67.03 15.40
CA GLN D 30 -29.84 66.31 16.57
C GLN D 30 -28.39 65.89 16.40
N GLY D 31 -27.75 66.34 15.33
CA GLY D 31 -26.35 66.04 15.11
C GLY D 31 -26.06 65.45 13.74
N SER D 32 -24.81 65.03 13.56
CA SER D 32 -24.39 64.44 12.28
C SER D 32 -23.76 63.06 12.52
N GLY D 33 -22.99 62.60 11.54
CA GLY D 33 -22.29 61.33 11.67
C GLY D 33 -22.57 60.35 10.54
N TYR D 34 -21.79 59.28 10.50
CA TYR D 34 -21.96 58.24 9.50
C TYR D 34 -22.57 56.99 10.10
N ALA D 35 -23.38 56.28 9.32
CA ALA D 35 -23.98 55.02 9.75
C ALA D 35 -24.06 54.03 8.60
N ALA D 36 -23.29 52.95 8.71
CA ALA D 36 -23.25 51.94 7.65
C ALA D 36 -24.54 51.13 7.60
N ASP D 37 -25.00 50.85 6.38
CA ASP D 37 -26.21 50.07 6.18
C ASP D 37 -25.97 48.63 6.62
N LEU D 38 -26.79 48.18 7.57
CA LEU D 38 -26.62 46.87 8.17
C LEU D 38 -26.83 45.72 7.18
N LYS D 39 -28.03 45.64 6.60
CA LYS D 39 -28.38 44.53 5.73
C LYS D 39 -27.54 44.47 4.46
N SER D 40 -27.23 45.62 3.88
CA SER D 40 -26.49 45.68 2.62
C SER D 40 -25.05 45.22 2.78
N THR D 41 -24.34 45.80 3.73
CA THR D 41 -22.94 45.45 3.98
C THR D 41 -22.79 43.99 4.35
N GLN D 42 -23.74 43.47 5.11
CA GLN D 42 -23.68 42.08 5.56
C GLN D 42 -23.78 41.11 4.38
N ASN D 43 -24.74 41.35 3.49
CA ASN D 43 -24.90 40.51 2.30
C ASN D 43 -23.68 40.52 1.40
N ALA D 44 -23.14 41.72 1.14
CA ALA D 44 -21.96 41.86 0.30
C ALA D 44 -20.80 41.01 0.84
N ILE D 45 -20.53 41.16 2.14
CA ILE D 45 -19.48 40.38 2.79
C ILE D 45 -19.68 38.89 2.58
N ASP D 46 -20.90 38.41 2.84
CA ASP D 46 -21.23 37.00 2.67
C ASP D 46 -20.98 36.54 1.24
N GLU D 47 -21.47 37.30 0.27
CA GLU D 47 -21.36 36.93 -1.13
C GLU D 47 -19.94 37.06 -1.67
N ILE D 48 -19.23 38.09 -1.27
CA ILE D 48 -17.83 38.25 -1.65
C ILE D 48 -17.00 37.13 -1.05
N THR D 49 -17.30 36.77 0.20
CA THR D 49 -16.65 35.65 0.86
C THR D 49 -16.86 34.38 0.05
N ASN D 50 -18.11 34.10 -0.28
CA ASN D 50 -18.46 32.93 -1.07
C ASN D 50 -17.71 32.93 -2.40
N LYS D 51 -17.57 34.12 -2.99
CA LYS D 51 -16.83 34.27 -4.24
C LYS D 51 -15.39 33.80 -4.09
N VAL D 52 -14.71 34.30 -3.06
CA VAL D 52 -13.33 33.94 -2.80
C VAL D 52 -13.19 32.45 -2.51
N ASN D 53 -14.13 31.91 -1.73
CA ASN D 53 -14.12 30.49 -1.41
C ASN D 53 -14.27 29.60 -2.64
N SER D 54 -15.09 30.03 -3.59
CA SER D 54 -15.31 29.25 -4.81
C SER D 54 -14.02 29.10 -5.62
N VAL D 55 -13.39 30.23 -5.92
CA VAL D 55 -12.15 30.23 -6.68
C VAL D 55 -11.11 29.31 -6.06
N ILE D 56 -11.18 29.16 -4.74
CA ILE D 56 -10.23 28.34 -4.00
C ILE D 56 -10.70 26.89 -3.86
N GLU D 57 -11.93 26.73 -3.39
CA GLU D 57 -12.46 25.41 -3.05
C GLU D 57 -12.56 24.47 -4.25
N LYS D 58 -12.75 25.04 -5.43
CA LYS D 58 -12.91 24.25 -6.65
C LYS D 58 -11.60 23.67 -7.17
N MET D 59 -10.51 23.93 -6.46
CA MET D 59 -9.20 23.41 -6.87
C MET D 59 -8.80 22.17 -6.08
N ASN D 60 -9.36 21.02 -6.43
CA ASN D 60 -8.93 19.75 -5.82
C ASN D 60 -7.98 19.01 -6.75
N THR D 61 -6.69 19.09 -6.44
CA THR D 61 -5.64 18.52 -7.28
C THR D 61 -5.41 17.05 -6.98
N GLN D 62 -4.88 16.34 -7.97
CA GLN D 62 -4.53 14.94 -7.81
C GLN D 62 -3.21 14.81 -7.09
N PHE D 63 -2.98 13.67 -6.44
CA PHE D 63 -1.67 13.40 -5.86
C PHE D 63 -0.73 12.94 -6.96
N THR D 64 0.18 13.83 -7.35
CA THR D 64 1.13 13.53 -8.41
C THR D 64 2.52 13.98 -8.05
N ALA D 65 3.51 13.21 -8.51
CA ALA D 65 4.90 13.60 -8.36
C ALA D 65 5.44 14.02 -9.72
N VAL D 66 5.19 15.27 -10.09
CA VAL D 66 5.76 15.83 -11.31
C VAL D 66 7.28 15.72 -11.22
N GLY D 67 7.93 15.65 -12.37
CA GLY D 67 9.37 15.50 -12.40
C GLY D 67 9.75 14.04 -12.56
N LYS D 68 10.48 13.74 -13.63
CA LYS D 68 10.90 12.38 -13.91
C LYS D 68 12.39 12.37 -14.21
N GLU D 69 12.98 11.18 -14.23
CA GLU D 69 14.41 11.04 -14.51
C GLU D 69 14.61 10.25 -15.78
N PHE D 70 15.44 10.77 -16.68
CA PHE D 70 15.75 10.09 -17.93
C PHE D 70 17.25 10.09 -18.18
N ASN D 71 17.76 9.00 -18.74
CA ASN D 71 19.17 8.89 -19.06
C ASN D 71 19.50 9.58 -20.37
N HIS D 72 20.78 9.65 -20.70
CA HIS D 72 21.26 10.38 -21.87
C HIS D 72 20.64 9.89 -23.19
N LEU D 73 20.13 8.67 -23.20
CA LEU D 73 19.54 8.11 -24.42
C LEU D 73 18.02 8.17 -24.40
N GLU D 74 17.48 9.03 -23.54
CA GLU D 74 16.04 9.21 -23.45
C GLU D 74 15.67 10.69 -23.50
N LYS D 75 16.42 11.44 -24.29
CA LYS D 75 16.23 12.89 -24.37
C LYS D 75 14.86 13.25 -24.96
N ARG D 76 14.32 12.36 -25.79
CA ARG D 76 13.04 12.60 -26.45
C ARG D 76 11.86 12.54 -25.49
N ILE D 77 11.80 11.50 -24.65
CA ILE D 77 10.76 11.42 -23.64
C ILE D 77 10.97 12.48 -22.56
N GLU D 78 12.22 12.86 -22.34
CA GLU D 78 12.53 13.93 -21.42
C GLU D 78 11.92 15.23 -21.93
N ASN D 79 11.99 15.44 -23.25
CA ASN D 79 11.42 16.63 -23.87
C ASN D 79 9.90 16.54 -23.97
N LEU D 80 9.38 15.34 -24.17
CA LEU D 80 7.94 15.12 -24.14
C LEU D 80 7.44 15.55 -22.77
N ASN D 81 8.10 15.03 -21.73
CA ASN D 81 7.78 15.38 -20.35
C ASN D 81 7.88 16.88 -20.11
N LYS D 82 8.93 17.49 -20.62
CA LYS D 82 9.10 18.94 -20.49
C LYS D 82 7.96 19.68 -21.18
N LYS D 83 7.49 19.13 -22.30
CA LYS D 83 6.41 19.75 -23.04
C LYS D 83 5.11 19.75 -22.25
N VAL D 84 4.79 18.62 -21.62
CA VAL D 84 3.57 18.51 -20.84
C VAL D 84 3.62 19.42 -19.60
N ASP D 85 4.82 19.65 -19.09
CA ASP D 85 5.01 20.56 -17.97
C ASP D 85 4.87 22.01 -18.41
N ASP D 86 5.45 22.35 -19.55
CA ASP D 86 5.38 23.71 -20.08
C ASP D 86 3.98 24.02 -20.58
N GLY D 87 3.24 22.99 -20.96
CA GLY D 87 1.87 23.15 -21.43
C GLY D 87 0.95 23.52 -20.28
N PHE D 88 0.97 22.72 -19.23
CA PHE D 88 0.17 22.99 -18.04
C PHE D 88 0.54 24.34 -17.43
N LEU D 89 1.82 24.68 -17.52
CA LEU D 89 2.32 25.95 -17.01
C LEU D 89 1.68 27.12 -17.75
N ASP D 90 1.61 27.02 -19.07
CA ASP D 90 1.04 28.09 -19.89
C ASP D 90 -0.47 28.22 -19.72
N ILE D 91 -1.15 27.08 -19.62
CA ILE D 91 -2.60 27.08 -19.43
C ILE D 91 -2.98 27.71 -18.09
N TRP D 92 -2.37 27.21 -17.02
CA TRP D 92 -2.70 27.67 -15.68
C TRP D 92 -2.33 29.14 -15.43
N THR D 93 -1.18 29.55 -15.96
CA THR D 93 -0.77 30.94 -15.83
C THR D 93 -1.77 31.86 -16.52
N TYR D 94 -2.07 31.56 -17.77
CA TYR D 94 -3.00 32.38 -18.55
C TYR D 94 -4.38 32.42 -17.92
N ASN D 95 -4.92 31.25 -17.57
CA ASN D 95 -6.24 31.17 -16.97
C ASN D 95 -6.34 31.90 -15.63
N ALA D 96 -5.33 31.69 -14.78
CA ALA D 96 -5.31 32.33 -13.48
C ALA D 96 -5.23 33.86 -13.59
N GLU D 97 -4.40 34.34 -14.51
CA GLU D 97 -4.25 35.77 -14.74
C GLU D 97 -5.57 36.39 -15.22
N LEU D 98 -6.18 35.74 -16.21
CA LEU D 98 -7.45 36.21 -16.77
C LEU D 98 -8.60 36.10 -15.76
N LEU D 99 -8.59 35.03 -14.96
CA LEU D 99 -9.64 34.82 -13.97
C LEU D 99 -9.69 35.98 -12.98
N VAL D 100 -8.52 36.37 -12.48
CA VAL D 100 -8.43 37.46 -11.53
C VAL D 100 -8.90 38.78 -12.14
N LEU D 101 -8.40 39.07 -13.34
CA LEU D 101 -8.81 40.29 -14.05
C LEU D 101 -10.33 40.33 -14.23
N LEU D 102 -10.87 39.25 -14.77
CA LEU D 102 -12.30 39.17 -15.05
C LEU D 102 -13.15 39.27 -13.79
N GLU D 103 -12.68 38.66 -12.71
CA GLU D 103 -13.44 38.66 -11.45
C GLU D 103 -13.34 40.00 -10.71
N ASN D 104 -12.16 40.61 -10.73
CA ASN D 104 -11.94 41.88 -10.06
C ASN D 104 -12.81 42.96 -10.65
N GLU D 105 -13.05 42.85 -11.95
CA GLU D 105 -13.87 43.81 -12.68
C GLU D 105 -15.35 43.56 -12.42
N ARG D 106 -15.69 42.32 -12.08
CA ARG D 106 -17.05 41.98 -11.67
C ARG D 106 -17.30 42.39 -10.22
N THR D 107 -16.26 42.28 -9.40
CA THR D 107 -16.37 42.62 -7.99
C THR D 107 -16.60 44.11 -7.78
N LEU D 108 -15.88 44.92 -8.55
CA LEU D 108 -16.06 46.37 -8.48
C LEU D 108 -17.44 46.77 -8.97
N ASP D 109 -17.89 46.15 -10.06
CA ASP D 109 -19.22 46.40 -10.59
C ASP D 109 -20.29 45.94 -9.61
N TYR D 110 -19.97 44.91 -8.83
CA TYR D 110 -20.90 44.41 -7.81
C TYR D 110 -21.09 45.44 -6.70
N HIS D 111 -19.99 46.00 -6.22
CA HIS D 111 -20.05 47.03 -5.19
C HIS D 111 -20.72 48.29 -5.72
N ASP D 112 -20.31 48.71 -6.92
CA ASP D 112 -20.90 49.87 -7.58
C ASP D 112 -22.42 49.71 -7.64
N SER D 113 -22.86 48.49 -7.94
CA SER D 113 -24.28 48.18 -8.04
C SER D 113 -25.01 48.41 -6.73
N ASN D 114 -24.47 47.85 -5.65
CA ASN D 114 -25.09 47.96 -4.34
C ASN D 114 -25.29 49.41 -3.89
N VAL D 115 -24.33 50.26 -4.22
CA VAL D 115 -24.45 51.69 -3.93
C VAL D 115 -25.62 52.28 -4.70
N LYS D 116 -25.59 52.12 -6.02
CA LYS D 116 -26.66 52.57 -6.89
C LYS D 116 -28.03 52.12 -6.37
N ASN D 117 -28.11 50.87 -5.95
CA ASN D 117 -29.35 50.31 -5.44
C ASN D 117 -29.79 50.96 -4.13
N LEU D 118 -28.82 51.25 -3.27
CA LEU D 118 -29.10 51.89 -2.00
C LEU D 118 -29.64 53.30 -2.24
N TYR D 119 -29.02 53.99 -3.20
CA TYR D 119 -29.45 55.32 -3.60
C TYR D 119 -30.88 55.28 -4.14
N GLU D 120 -31.12 54.36 -5.07
CA GLU D 120 -32.43 54.22 -5.69
C GLU D 120 -33.53 53.89 -4.68
N LYS D 121 -33.22 52.98 -3.75
CA LYS D 121 -34.19 52.55 -2.76
C LYS D 121 -34.66 53.72 -1.90
N VAL D 122 -33.75 54.66 -1.64
CA VAL D 122 -34.09 55.86 -0.89
C VAL D 122 -34.88 56.84 -1.76
N ARG D 123 -34.44 56.98 -3.01
CA ARG D 123 -35.04 57.94 -3.93
C ARG D 123 -36.46 57.57 -4.32
N SER D 124 -36.69 56.31 -4.64
CA SER D 124 -38.03 55.86 -5.01
C SER D 124 -38.90 55.71 -3.76
N GLN D 125 -38.47 56.34 -2.68
CA GLN D 125 -39.17 56.30 -1.40
C GLN D 125 -39.55 57.73 -1.04
N LEU D 126 -38.55 58.58 -0.80
CA LEU D 126 -38.81 60.01 -0.83
C LEU D 126 -38.97 60.35 -2.29
N LYS D 127 -40.13 60.88 -2.65
CA LYS D 127 -40.38 61.30 -4.03
C LYS D 127 -40.47 62.82 -4.08
N ASN D 128 -41.64 63.35 -3.73
CA ASN D 128 -41.83 64.79 -3.65
C ASN D 128 -41.27 65.39 -2.35
N ASN D 129 -41.25 64.57 -1.29
CA ASN D 129 -40.89 65.06 0.03
C ASN D 129 -39.43 65.51 0.15
N ALA D 130 -38.68 65.41 -0.94
CA ALA D 130 -37.29 65.83 -0.96
C ALA D 130 -36.79 65.94 -2.40
N LYS D 131 -35.61 66.55 -2.57
CA LYS D 131 -35.04 66.73 -3.90
C LYS D 131 -33.62 66.19 -4.01
N GLU D 132 -33.26 65.72 -5.19
CA GLU D 132 -31.91 65.25 -5.45
C GLU D 132 -30.96 66.43 -5.61
N ILE D 133 -29.76 66.31 -5.05
CA ILE D 133 -28.73 67.32 -5.23
C ILE D 133 -27.88 66.98 -6.45
N GLY D 134 -27.67 65.68 -6.67
CA GLY D 134 -26.86 65.22 -7.77
C GLY D 134 -25.59 64.56 -7.30
N ASN D 135 -25.22 64.85 -6.06
CA ASN D 135 -24.01 64.28 -5.47
C ASN D 135 -24.34 63.06 -4.61
N GLY D 136 -25.42 62.37 -4.97
CA GLY D 136 -25.87 61.22 -4.21
C GLY D 136 -26.48 61.62 -2.89
N CYS D 137 -26.84 62.90 -2.77
CA CYS D 137 -27.43 63.42 -1.53
C CYS D 137 -28.78 64.08 -1.78
N PHE D 138 -29.70 63.90 -0.85
CA PHE D 138 -31.04 64.45 -0.95
C PHE D 138 -31.23 65.62 0.01
N GLU D 139 -32.17 66.51 -0.30
CA GLU D 139 -32.53 67.59 0.62
C GLU D 139 -34.02 67.52 0.97
N PHE D 140 -34.30 67.41 2.26
CA PHE D 140 -35.67 67.28 2.73
C PHE D 140 -36.42 68.61 2.72
N TYR D 141 -37.66 68.57 2.25
CA TYR D 141 -38.55 69.72 2.39
C TYR D 141 -39.30 69.60 3.71
N HIS D 142 -39.27 68.40 4.27
CA HIS D 142 -39.98 68.13 5.52
C HIS D 142 -39.01 67.75 6.63
N LYS D 143 -39.03 68.55 7.71
CA LYS D 143 -38.13 68.33 8.82
C LYS D 143 -38.01 66.86 9.19
N CYS D 144 -36.82 66.30 8.98
CA CYS D 144 -36.60 64.89 9.24
C CYS D 144 -35.57 64.69 10.35
N ASP D 145 -36.07 64.44 11.57
CA ASP D 145 -35.21 64.17 12.70
C ASP D 145 -34.65 62.75 12.68
N ASN D 146 -34.12 62.30 13.82
CA ASN D 146 -33.44 61.00 13.89
C ASN D 146 -34.33 59.80 13.59
N THR D 147 -35.54 59.80 14.12
CA THR D 147 -36.46 58.69 13.90
C THR D 147 -37.15 58.81 12.54
N CYS D 148 -37.01 59.97 11.90
CA CYS D 148 -37.45 60.11 10.53
C CYS D 148 -36.39 59.48 9.65
N MET D 149 -35.14 59.81 9.94
CA MET D 149 -33.99 59.25 9.24
C MET D 149 -34.00 57.72 9.26
N GLU D 150 -34.61 57.15 10.30
CA GLU D 150 -34.64 55.70 10.47
C GLU D 150 -35.63 55.04 9.52
N SER D 151 -36.81 55.65 9.38
CA SER D 151 -37.86 55.12 8.52
C SER D 151 -37.34 54.89 7.11
N VAL D 152 -36.34 55.68 6.73
CA VAL D 152 -35.72 55.55 5.42
C VAL D 152 -34.77 54.36 5.41
N LYS D 153 -33.99 54.21 6.49
CA LYS D 153 -33.03 53.12 6.59
C LYS D 153 -33.74 51.76 6.65
N ASN D 154 -34.61 51.61 7.65
CA ASN D 154 -35.43 50.41 7.78
C ASN D 154 -36.28 50.14 6.54
N GLY D 155 -36.34 51.12 5.65
CA GLY D 155 -37.11 51.01 4.43
C GLY D 155 -38.60 51.15 4.70
N THR D 156 -38.95 51.47 5.94
CA THR D 156 -40.34 51.67 6.33
C THR D 156 -40.66 53.15 6.43
N TYR D 157 -40.97 53.77 5.30
CA TYR D 157 -41.15 55.21 5.23
C TYR D 157 -42.55 55.62 4.76
N ASP D 158 -43.29 56.28 5.65
CA ASP D 158 -44.64 56.71 5.34
C ASP D 158 -44.64 57.96 4.45
N TYR D 159 -45.44 57.91 3.39
CA TYR D 159 -45.46 58.98 2.40
C TYR D 159 -46.42 60.16 2.66
N PRO D 160 -47.49 59.94 3.46
CA PRO D 160 -48.44 61.01 3.82
C PRO D 160 -47.75 62.06 4.71
N LYS D 161 -46.88 62.85 4.10
CA LYS D 161 -46.14 63.90 4.81
C LYS D 161 -45.73 65.05 3.90
N TYR D 162 -46.31 65.10 2.71
CA TYR D 162 -46.00 66.16 1.75
C TYR D 162 -46.25 67.56 2.30
N ASP E 7 -35.02 72.98 -29.49
CA ASP E 7 -33.82 73.19 -28.69
C ASP E 7 -33.68 72.03 -27.72
N THR E 8 -34.06 70.85 -28.19
CA THR E 8 -33.95 69.62 -27.40
C THR E 8 -32.52 69.28 -27.02
N LEU E 9 -32.36 68.36 -26.07
CA LEU E 9 -31.07 67.71 -25.87
C LEU E 9 -31.15 66.22 -26.13
N CYS E 10 -30.67 65.87 -27.32
CA CYS E 10 -30.62 64.52 -27.81
C CYS E 10 -29.37 63.81 -27.32
N ILE E 11 -29.52 62.63 -26.71
CA ILE E 11 -28.37 61.81 -26.35
C ILE E 11 -28.31 60.55 -27.19
N GLY E 12 -27.11 59.97 -27.31
CA GLY E 12 -26.97 58.69 -27.97
C GLY E 12 -25.54 58.21 -28.13
N TYR E 13 -25.36 57.25 -29.03
CA TYR E 13 -24.06 56.64 -29.25
C TYR E 13 -23.62 56.72 -30.71
N HIS E 14 -22.58 55.95 -31.04
CA HIS E 14 -21.94 56.02 -32.35
C HIS E 14 -22.50 54.99 -33.35
N ALA E 15 -22.27 55.25 -34.63
CA ALA E 15 -22.64 54.32 -35.70
C ALA E 15 -21.75 54.58 -36.92
N ASN E 16 -21.65 53.60 -37.82
CA ASN E 16 -20.78 53.73 -38.99
C ASN E 16 -21.04 52.70 -40.08
N ASN E 17 -20.16 52.66 -41.08
CA ASN E 17 -20.29 51.70 -42.18
C ASN E 17 -19.64 50.36 -41.88
N SER E 18 -19.44 50.07 -40.61
CA SER E 18 -18.80 48.83 -40.19
C SER E 18 -19.67 47.62 -40.47
N THR E 19 -19.07 46.58 -41.04
CA THR E 19 -19.76 45.33 -41.29
C THR E 19 -19.23 44.24 -40.37
N ASP E 20 -18.27 44.61 -39.53
CA ASP E 20 -17.69 43.69 -38.55
C ASP E 20 -18.78 43.03 -37.72
N THR E 21 -18.71 41.71 -37.60
CA THR E 21 -19.65 40.97 -36.78
C THR E 21 -18.92 40.12 -35.76
N VAL E 22 -19.42 40.13 -34.53
CA VAL E 22 -18.87 39.30 -33.47
C VAL E 22 -19.97 38.43 -32.87
N ASP E 23 -19.58 37.44 -32.08
CA ASP E 23 -20.54 36.61 -31.38
C ASP E 23 -20.45 36.85 -29.87
N THR E 24 -21.59 36.71 -29.20
CA THR E 24 -21.62 36.79 -27.75
C THR E 24 -22.19 35.50 -27.21
N VAL E 25 -22.33 35.41 -25.89
CA VAL E 25 -22.91 34.23 -25.27
C VAL E 25 -24.39 34.16 -25.59
N LEU E 26 -25.02 35.33 -25.68
CA LEU E 26 -26.46 35.42 -25.81
C LEU E 26 -26.93 35.61 -27.26
N GLU E 27 -26.04 36.07 -28.12
CA GLU E 27 -26.43 36.43 -29.49
C GLU E 27 -25.33 36.13 -30.52
N LYS E 28 -25.75 35.73 -31.71
CA LYS E 28 -24.82 35.43 -32.80
C LYS E 28 -24.81 36.54 -33.85
N ASN E 29 -23.72 36.60 -34.62
CA ASN E 29 -23.56 37.58 -35.68
C ASN E 29 -24.12 38.96 -35.35
N VAL E 30 -23.53 39.61 -34.35
CA VAL E 30 -23.92 40.95 -33.97
C VAL E 30 -23.00 41.97 -34.61
N THR E 31 -23.56 42.87 -35.42
CA THR E 31 -22.76 43.88 -36.08
C THR E 31 -22.28 44.92 -35.06
N VAL E 32 -20.99 45.25 -35.16
CA VAL E 32 -20.30 46.02 -34.14
C VAL E 32 -19.45 47.12 -34.78
N THR E 33 -19.36 48.28 -34.13
CA THR E 33 -18.70 49.43 -34.73
C THR E 33 -17.21 49.21 -34.92
N HIS E 34 -16.57 48.57 -33.95
CA HIS E 34 -15.13 48.34 -34.00
C HIS E 34 -14.81 47.00 -33.37
N SER E 35 -13.70 46.40 -33.80
CA SER E 35 -13.27 45.12 -33.26
C SER E 35 -11.84 44.78 -33.67
N VAL E 36 -11.29 43.76 -33.02
CA VAL E 36 -9.94 43.30 -33.33
C VAL E 36 -9.94 41.78 -33.41
N ASN E 37 -8.99 41.23 -34.16
CA ASN E 37 -8.87 39.78 -34.28
C ASN E 37 -7.79 39.25 -33.34
N LEU E 38 -8.16 38.31 -32.49
CA LEU E 38 -7.23 37.72 -31.55
C LEU E 38 -6.55 36.49 -32.15
N LEU E 39 -7.02 36.09 -33.32
CA LEU E 39 -6.49 34.91 -33.99
C LEU E 39 -5.58 35.26 -35.16
N GLU E 40 -4.33 34.82 -35.08
CA GLU E 40 -3.38 35.00 -36.17
C GLU E 40 -3.54 33.86 -37.17
N ASP E 41 -3.73 34.23 -38.44
CA ASP E 41 -3.94 33.24 -39.50
C ASP E 41 -3.13 33.60 -40.73
N LYS E 42 -1.94 34.15 -40.51
CA LYS E 42 -1.12 34.64 -41.61
C LYS E 42 0.37 34.46 -41.34
N HIS E 43 1.01 33.60 -42.14
CA HIS E 43 2.44 33.37 -42.04
C HIS E 43 3.14 33.95 -43.26
N ASN E 44 4.43 34.23 -43.13
CA ASN E 44 5.18 34.81 -44.24
C ASN E 44 5.66 33.75 -45.25
N GLY E 45 5.37 32.50 -44.94
CA GLY E 45 5.73 31.41 -45.81
C GLY E 45 7.22 31.29 -46.08
N LYS E 46 8.01 31.71 -45.10
CA LYS E 46 9.46 31.58 -45.17
C LYS E 46 9.94 30.77 -43.99
N LEU E 47 10.91 29.90 -44.22
CA LEU E 47 11.62 29.25 -43.12
C LEU E 47 12.72 30.19 -42.64
N CYS E 48 12.40 30.99 -41.63
CA CYS E 48 13.29 32.04 -41.15
C CYS E 48 14.19 31.60 -40.01
N LYS E 49 15.10 32.49 -39.61
CA LYS E 49 15.99 32.23 -38.49
C LYS E 49 15.23 32.40 -37.19
N LEU E 50 15.59 31.59 -36.20
CA LEU E 50 14.80 31.48 -34.99
C LEU E 50 15.12 32.44 -33.84
N ARG E 51 16.40 32.57 -33.51
CA ARG E 51 16.84 33.60 -32.58
C ARG E 51 17.41 34.70 -33.47
N GLY E 52 18.68 34.53 -33.83
CA GLY E 52 19.33 35.32 -34.86
C GLY E 52 20.13 34.32 -35.65
N VAL E 53 19.95 33.05 -35.26
CA VAL E 53 20.67 31.94 -35.86
C VAL E 53 19.84 31.29 -36.98
N ALA E 54 20.51 30.93 -38.06
CA ALA E 54 19.83 30.31 -39.21
C ALA E 54 19.64 28.81 -39.00
N PRO E 55 18.63 28.26 -39.67
CA PRO E 55 18.40 26.80 -39.64
C PRO E 55 19.41 26.07 -40.52
N LEU E 56 19.64 24.80 -40.21
CA LEU E 56 20.51 23.96 -41.02
C LEU E 56 19.67 23.23 -42.07
N HIS E 57 19.80 23.67 -43.33
CA HIS E 57 19.03 23.08 -44.42
C HIS E 57 19.85 22.03 -45.14
N LEU E 58 19.33 20.81 -45.20
CA LEU E 58 20.07 19.68 -45.76
C LEU E 58 19.77 19.45 -47.23
N GLY E 59 18.71 20.08 -47.73
CA GLY E 59 18.34 19.95 -49.13
C GLY E 59 17.96 18.54 -49.53
N LYS E 60 18.75 17.94 -50.42
CA LYS E 60 18.44 16.63 -50.96
C LYS E 60 18.83 15.50 -50.01
N CYS E 61 19.48 15.85 -48.90
CA CYS E 61 19.95 14.85 -47.95
C CYS E 61 19.16 14.88 -46.64
N ASN E 62 19.26 13.80 -45.88
CA ASN E 62 18.70 13.74 -44.54
C ASN E 62 19.82 13.69 -43.51
N ILE E 63 19.45 13.78 -42.23
CA ILE E 63 20.44 13.78 -41.15
C ILE E 63 21.47 12.67 -41.31
N ALA E 64 20.99 11.45 -41.55
CA ALA E 64 21.88 10.30 -41.71
C ALA E 64 22.94 10.55 -42.77
N GLY E 65 22.52 10.92 -43.97
CA GLY E 65 23.44 11.16 -45.06
C GLY E 65 24.43 12.27 -44.76
N TRP E 66 23.94 13.33 -44.13
CA TRP E 66 24.77 14.50 -43.84
C TRP E 66 25.90 14.21 -42.86
N ILE E 67 25.61 13.47 -41.81
CA ILE E 67 26.61 13.19 -40.78
C ILE E 67 27.57 12.08 -41.20
N LEU E 68 27.04 11.06 -41.86
CA LEU E 68 27.87 9.95 -42.31
C LEU E 68 28.83 10.39 -43.40
N GLY E 69 28.41 11.39 -44.19
CA GLY E 69 29.23 11.92 -45.25
C GLY E 69 28.93 11.27 -46.59
N ASN E 70 27.65 11.06 -46.87
CA ASN E 70 27.23 10.54 -48.16
C ASN E 70 27.83 11.39 -49.28
N PRO E 71 28.40 10.74 -50.30
CA PRO E 71 29.02 11.45 -51.42
C PRO E 71 28.15 12.56 -52.00
N GLU E 72 26.84 12.42 -51.88
CA GLU E 72 25.91 13.39 -52.47
C GLU E 72 25.51 14.50 -51.50
N CYS E 73 25.94 14.38 -50.25
CA CYS E 73 25.66 15.39 -49.24
C CYS E 73 26.89 16.27 -49.06
N GLU E 74 27.54 16.57 -50.18
CA GLU E 74 28.82 17.29 -50.18
C GLU E 74 28.71 18.73 -49.68
N SER E 75 28.03 19.56 -50.47
CA SER E 75 27.95 21.00 -50.27
C SER E 75 27.45 21.77 -49.05
N LEU E 76 27.07 21.05 -48.00
CA LEU E 76 26.49 21.72 -46.84
C LEU E 76 27.13 22.16 -45.52
N SER E 77 27.33 21.24 -44.58
CA SER E 77 27.87 21.61 -43.28
C SER E 77 29.22 22.32 -43.43
N THR E 78 29.16 23.61 -43.11
CA THR E 78 30.17 24.63 -43.25
C THR E 78 29.75 25.45 -42.03
N ALA E 79 28.69 24.93 -41.43
CA ALA E 79 27.96 25.58 -40.35
C ALA E 79 28.65 25.42 -39.01
N SER E 80 28.61 26.49 -38.24
CA SER E 80 29.17 26.53 -36.91
C SER E 80 28.05 26.32 -35.90
N SER E 81 26.83 26.64 -36.31
CA SER E 81 25.68 26.51 -35.41
C SER E 81 24.37 26.63 -36.18
N TRP E 82 23.28 26.18 -35.54
CA TRP E 82 21.94 26.31 -36.12
C TRP E 82 20.86 26.21 -35.05
N SER E 83 19.77 26.96 -35.25
CA SER E 83 18.67 26.98 -34.30
C SER E 83 17.78 25.76 -34.44
N TYR E 84 17.62 25.28 -35.67
CA TYR E 84 16.86 24.07 -35.93
C TYR E 84 17.29 23.46 -37.27
N ILE E 85 16.78 22.27 -37.57
CA ILE E 85 17.16 21.57 -38.79
C ILE E 85 15.98 21.45 -39.76
N VAL E 86 16.25 21.74 -41.03
CA VAL E 86 15.22 21.63 -42.06
C VAL E 86 15.52 20.49 -43.02
N GLU E 87 14.55 19.61 -43.20
CA GLU E 87 14.67 18.50 -44.13
C GLU E 87 13.56 18.61 -45.17
N THR E 88 13.90 18.38 -46.44
CA THR E 88 12.89 18.41 -47.49
C THR E 88 12.24 17.04 -47.61
N PRO E 89 10.91 17.02 -47.85
CA PRO E 89 10.17 15.76 -47.98
C PRO E 89 10.73 14.88 -49.09
N SER E 90 11.58 15.46 -49.94
CA SER E 90 12.13 14.74 -51.08
C SER E 90 13.61 14.41 -50.89
N SER E 91 14.06 14.42 -49.65
CA SER E 91 15.45 14.12 -49.38
C SER E 91 15.46 12.66 -49.15
N ASP E 92 16.56 11.99 -49.44
CA ASP E 92 16.55 10.55 -49.33
C ASP E 92 17.95 10.00 -49.44
N ASN E 93 18.87 10.83 -49.87
CA ASN E 93 20.28 10.48 -49.84
C ASN E 93 20.78 10.34 -48.40
N GLY E 94 20.50 9.19 -47.80
CA GLY E 94 20.93 8.90 -46.44
C GLY E 94 21.97 7.80 -46.42
N THR E 95 21.60 6.65 -45.85
CA THR E 95 22.50 5.50 -45.80
C THR E 95 22.47 4.74 -47.12
N CYS E 96 23.43 5.02 -47.99
CA CYS E 96 23.51 4.38 -49.30
C CYS E 96 23.78 2.88 -49.19
N TYR E 97 24.53 2.47 -48.17
CA TYR E 97 24.71 1.06 -47.90
C TYR E 97 23.67 0.61 -46.89
N PRO E 98 22.88 -0.41 -47.27
CA PRO E 98 21.77 -0.89 -46.43
C PRO E 98 22.26 -1.26 -45.03
N GLY E 99 21.40 -0.99 -44.05
CA GLY E 99 21.69 -1.28 -42.66
C GLY E 99 20.81 -0.43 -41.79
N ASP E 100 20.87 -0.62 -40.48
CA ASP E 100 20.08 0.24 -39.59
C ASP E 100 20.91 1.10 -38.64
N PHE E 101 20.41 2.32 -38.46
CA PHE E 101 21.08 3.37 -37.71
C PHE E 101 20.59 3.33 -36.28
N ILE E 102 21.40 2.78 -35.39
CA ILE E 102 21.00 2.60 -34.00
C ILE E 102 20.72 3.93 -33.31
N ASP E 103 19.59 4.04 -32.63
CA ASP E 103 19.21 5.26 -31.94
C ASP E 103 19.29 6.47 -32.87
N TYR E 104 18.76 6.31 -34.07
CA TYR E 104 18.80 7.37 -35.07
C TYR E 104 17.97 8.58 -34.69
N GLU E 105 16.72 8.34 -34.31
CA GLU E 105 15.81 9.41 -33.91
C GLU E 105 16.40 10.22 -32.76
N GLU E 106 17.08 9.52 -31.85
CA GLU E 106 17.74 10.17 -30.74
C GLU E 106 18.85 11.10 -31.24
N LEU E 107 19.69 10.60 -32.13
CA LEU E 107 20.78 11.39 -32.68
C LEU E 107 20.26 12.68 -33.30
N ARG E 108 19.18 12.56 -34.06
CA ARG E 108 18.57 13.70 -34.73
C ARG E 108 18.07 14.74 -33.72
N GLU E 109 17.47 14.26 -32.65
CA GLU E 109 16.96 15.13 -31.59
C GLU E 109 18.11 15.91 -30.95
N GLN E 110 19.23 15.24 -30.75
CA GLN E 110 20.40 15.85 -30.14
C GLN E 110 21.06 16.85 -31.09
N LEU E 111 21.00 16.55 -32.38
CA LEU E 111 21.61 17.42 -33.40
C LEU E 111 20.68 18.56 -33.81
N SER E 112 19.42 18.48 -33.39
CA SER E 112 18.40 19.44 -33.82
C SER E 112 18.87 20.89 -33.65
N SER E 113 19.68 21.14 -32.63
CA SER E 113 20.20 22.48 -32.37
C SER E 113 21.57 22.41 -31.75
N VAL E 114 22.57 22.92 -32.46
CA VAL E 114 23.90 22.98 -31.89
C VAL E 114 24.35 24.43 -31.75
N SER E 115 25.17 24.67 -30.73
CA SER E 115 25.70 25.99 -30.45
C SER E 115 27.01 26.16 -31.21
N SER E 116 27.88 25.15 -31.14
CA SER E 116 29.05 25.09 -32.01
C SER E 116 29.27 23.69 -32.59
N PHE E 117 29.80 23.65 -33.80
CA PHE E 117 29.89 22.42 -34.56
C PHE E 117 31.05 22.46 -35.54
N GLU E 118 32.15 21.80 -35.20
CA GLU E 118 33.30 21.75 -36.08
C GLU E 118 33.71 20.31 -36.39
N ARG E 119 33.93 20.04 -37.66
CA ARG E 119 34.24 18.70 -38.14
C ARG E 119 35.74 18.50 -38.33
N PHE E 120 36.34 17.65 -37.51
CA PHE E 120 37.77 17.42 -37.56
C PHE E 120 38.11 15.96 -37.84
N GLU E 121 39.28 15.73 -38.42
CA GLU E 121 39.73 14.37 -38.70
C GLU E 121 40.25 13.73 -37.43
N ILE E 122 39.46 12.82 -36.87
CA ILE E 122 39.84 12.14 -35.63
C ILE E 122 40.90 11.08 -35.88
N PHE E 123 40.75 10.34 -36.98
CA PHE E 123 41.74 9.37 -37.39
C PHE E 123 42.16 9.63 -38.82
N PRO E 124 43.27 10.37 -39.01
CA PRO E 124 43.79 10.63 -40.36
C PRO E 124 44.03 9.31 -41.11
N LYS E 125 43.55 9.23 -42.34
CA LYS E 125 43.70 8.03 -43.16
C LYS E 125 45.14 7.50 -43.16
N THR E 126 46.08 8.36 -43.49
CA THR E 126 47.42 7.93 -43.90
C THR E 126 48.45 7.70 -42.80
N SER E 127 48.03 7.61 -41.54
CA SER E 127 48.96 7.40 -40.46
C SER E 127 48.36 6.50 -39.38
N SER E 128 47.05 6.29 -39.44
CA SER E 128 46.34 5.56 -38.40
C SER E 128 46.22 4.08 -38.70
N TRP E 129 46.25 3.75 -39.99
CA TRP E 129 46.03 2.38 -40.43
C TRP E 129 47.15 1.88 -41.35
N PRO E 130 48.30 1.53 -40.75
CA PRO E 130 49.51 1.10 -41.44
C PRO E 130 49.52 -0.41 -41.68
N ASN E 131 48.61 -1.13 -41.03
CA ASN E 131 48.55 -2.58 -41.16
C ASN E 131 47.29 -3.03 -41.89
N HIS E 132 46.53 -2.06 -42.40
CA HIS E 132 45.29 -2.35 -43.10
C HIS E 132 45.14 -1.44 -44.31
N ASP E 133 44.36 -1.88 -45.29
CA ASP E 133 44.13 -1.10 -46.50
C ASP E 133 42.99 -0.11 -46.29
N SER E 134 43.30 1.17 -46.42
CA SER E 134 42.32 2.23 -46.21
C SER E 134 41.92 2.88 -47.54
N ASN E 135 41.99 2.11 -48.62
CA ASN E 135 41.71 2.64 -49.95
C ASN E 135 40.70 1.79 -50.73
N LYS E 136 40.64 0.50 -50.41
CA LYS E 136 39.78 -0.42 -51.15
C LYS E 136 38.35 -0.44 -50.63
N GLY E 137 38.07 0.42 -49.65
CA GLY E 137 36.77 0.44 -49.01
C GLY E 137 35.72 1.25 -49.75
N VAL E 138 35.33 0.79 -50.92
CA VAL E 138 34.27 1.45 -51.69
C VAL E 138 33.19 0.46 -52.11
N THR E 139 32.11 0.96 -52.67
CA THR E 139 30.98 0.12 -53.05
C THR E 139 30.08 0.79 -54.09
N ALA E 140 29.38 -0.02 -54.87
CA ALA E 140 28.45 0.49 -55.87
C ALA E 140 27.21 1.08 -55.19
N ALA E 141 27.07 0.82 -53.91
CA ALA E 141 25.93 1.33 -53.14
C ALA E 141 26.06 2.82 -52.88
N CYS E 142 27.29 3.30 -52.69
CA CYS E 142 27.54 4.71 -52.46
C CYS E 142 28.31 5.31 -53.63
N PRO E 143 27.63 5.53 -54.76
CA PRO E 143 28.26 5.97 -56.00
C PRO E 143 28.54 7.47 -56.05
N HIS E 144 29.73 7.85 -56.47
CA HIS E 144 30.05 9.23 -56.75
C HIS E 144 30.32 9.37 -58.24
N ALA E 145 29.32 9.83 -58.98
CA ALA E 145 29.40 9.94 -60.43
C ALA E 145 29.88 8.65 -61.07
N GLY E 146 29.04 7.62 -61.03
CA GLY E 146 29.35 6.34 -61.62
C GLY E 146 30.32 5.51 -60.80
N ALA E 147 31.43 6.12 -60.39
CA ALA E 147 32.46 5.41 -59.63
C ALA E 147 31.97 4.93 -58.28
N LYS E 148 32.51 3.80 -57.83
CA LYS E 148 32.17 3.24 -56.52
C LYS E 148 32.86 4.02 -55.42
N SER E 149 32.06 4.68 -54.57
CA SER E 149 32.63 5.49 -53.49
C SER E 149 32.16 5.00 -52.12
N PHE E 150 32.20 5.89 -51.13
CA PHE E 150 31.82 5.55 -49.78
C PHE E 150 31.58 6.83 -48.97
N TYR E 151 31.14 6.68 -47.73
CA TYR E 151 30.95 7.83 -46.84
C TYR E 151 32.27 8.53 -46.63
N LYS E 152 32.24 9.86 -46.61
CA LYS E 152 33.45 10.66 -46.44
C LYS E 152 33.97 10.60 -45.02
N ASN E 153 33.06 10.61 -44.06
CA ASN E 153 33.43 10.68 -42.65
C ASN E 153 33.77 9.32 -42.03
N LEU E 154 33.72 8.27 -42.86
CA LEU E 154 34.06 6.93 -42.40
C LEU E 154 34.98 6.25 -43.39
N ILE E 155 35.78 5.31 -42.90
CA ILE E 155 36.68 4.53 -43.75
C ILE E 155 36.43 3.05 -43.58
N TRP E 156 36.12 2.39 -44.69
CA TRP E 156 35.86 0.96 -44.67
C TRP E 156 37.17 0.19 -44.81
N LEU E 157 37.77 -0.14 -43.66
CA LEU E 157 39.03 -0.86 -43.66
C LEU E 157 38.87 -2.30 -44.12
N VAL E 158 39.74 -2.70 -45.05
CA VAL E 158 39.77 -4.08 -45.53
C VAL E 158 41.15 -4.67 -45.32
N LYS E 159 41.28 -5.98 -45.51
CA LYS E 159 42.55 -6.66 -45.29
C LYS E 159 43.62 -6.18 -46.26
N LYS E 160 44.83 -5.99 -45.77
CA LYS E 160 45.96 -5.59 -46.60
C LYS E 160 46.69 -6.81 -47.16
N GLY E 161 46.34 -7.20 -48.37
CA GLY E 161 46.98 -8.34 -49.01
C GLY E 161 47.05 -9.62 -48.21
N ASN E 162 45.89 -10.12 -47.79
CA ASN E 162 45.81 -11.39 -47.07
C ASN E 162 46.19 -11.23 -45.59
N SER E 163 46.01 -10.04 -45.05
CA SER E 163 46.35 -9.81 -43.65
C SER E 163 45.45 -8.79 -42.98
N TYR E 164 44.78 -9.21 -41.91
CA TYR E 164 43.99 -8.31 -41.08
C TYR E 164 44.33 -8.56 -39.61
N PRO E 165 45.40 -7.93 -39.13
CA PRO E 165 45.87 -8.06 -37.74
C PRO E 165 44.96 -7.29 -36.80
N LYS E 166 44.85 -7.75 -35.55
CA LYS E 166 44.07 -7.02 -34.56
C LYS E 166 44.50 -5.56 -34.54
N LEU E 167 43.56 -4.66 -34.83
CA LEU E 167 43.84 -3.23 -34.79
C LEU E 167 43.40 -2.65 -33.45
N SER E 168 44.08 -1.61 -33.00
CA SER E 168 43.80 -1.03 -31.69
C SER E 168 44.13 0.44 -31.62
N LYS E 169 43.22 1.27 -32.12
CA LYS E 169 43.37 2.72 -32.06
C LYS E 169 42.47 3.29 -30.98
N SER E 170 42.88 4.41 -30.39
CA SER E 170 42.08 5.07 -29.36
C SER E 170 42.36 6.57 -29.33
N TYR E 171 41.30 7.37 -29.43
CA TYR E 171 41.42 8.81 -29.42
C TYR E 171 40.93 9.41 -28.10
N ILE E 172 41.60 10.46 -27.65
CA ILE E 172 41.21 11.13 -26.41
C ILE E 172 40.71 12.54 -26.69
N ASN E 173 39.55 12.87 -26.12
CA ASN E 173 38.90 14.15 -26.38
C ASN E 173 39.67 15.33 -25.78
N ASP E 174 40.50 15.95 -26.62
CA ASP E 174 41.29 17.11 -26.22
C ASP E 174 40.56 18.40 -26.57
N LYS E 175 39.28 18.28 -26.90
CA LYS E 175 38.45 19.46 -27.14
C LYS E 175 37.84 19.88 -25.82
N GLY E 176 37.18 21.03 -25.80
CA GLY E 176 36.51 21.51 -24.60
C GLY E 176 35.02 21.26 -24.71
N LYS E 177 34.64 20.42 -25.65
CA LYS E 177 33.24 20.12 -25.91
C LYS E 177 33.10 18.65 -26.27
N GLU E 178 31.89 18.12 -26.13
CA GLU E 178 31.64 16.73 -26.48
C GLU E 178 32.05 16.50 -27.93
N VAL E 179 32.43 15.26 -28.24
CA VAL E 179 32.77 14.90 -29.61
C VAL E 179 31.88 13.75 -30.08
N LEU E 180 31.14 13.98 -31.15
CA LEU E 180 30.30 12.96 -31.74
C LEU E 180 31.14 12.04 -32.61
N VAL E 181 31.28 10.78 -32.18
CA VAL E 181 32.03 9.80 -32.95
C VAL E 181 31.08 8.77 -33.57
N LEU E 182 31.18 8.59 -34.88
CA LEU E 182 30.37 7.61 -35.57
C LEU E 182 31.24 6.49 -36.15
N TRP E 183 30.71 5.28 -36.12
CA TRP E 183 31.41 4.13 -36.71
C TRP E 183 30.40 3.11 -37.22
N GLY E 184 30.89 2.15 -37.99
CA GLY E 184 30.01 1.16 -38.57
C GLY E 184 30.51 -0.26 -38.39
N ILE E 185 29.57 -1.20 -38.29
CA ILE E 185 29.90 -2.62 -38.22
C ILE E 185 29.34 -3.29 -39.48
N HIS E 186 30.23 -3.80 -40.32
CA HIS E 186 29.81 -4.43 -41.57
C HIS E 186 29.50 -5.92 -41.39
N HIS E 187 28.34 -6.33 -41.89
CA HIS E 187 27.94 -7.73 -41.85
C HIS E 187 27.86 -8.29 -43.27
N PRO E 188 28.92 -8.99 -43.70
CA PRO E 188 28.99 -9.56 -45.05
C PRO E 188 27.85 -10.53 -45.32
N SER E 189 27.57 -10.78 -46.60
CA SER E 189 26.47 -11.65 -46.99
C SER E 189 26.85 -13.12 -46.92
N THR E 190 28.09 -13.44 -47.30
CA THR E 190 28.55 -14.82 -47.31
C THR E 190 29.88 -14.98 -46.59
N SER E 191 30.15 -16.18 -46.11
CA SER E 191 31.39 -16.48 -45.42
C SER E 191 32.58 -16.32 -46.36
N ALA E 192 32.31 -16.42 -47.66
CA ALA E 192 33.34 -16.21 -48.67
C ALA E 192 33.68 -14.72 -48.75
N ASP E 193 32.65 -13.89 -48.65
CA ASP E 193 32.83 -12.44 -48.63
C ASP E 193 33.58 -12.01 -47.37
N GLN E 194 33.35 -12.74 -46.28
CA GLN E 194 33.98 -12.44 -45.00
C GLN E 194 35.50 -12.55 -45.07
N GLN E 195 35.98 -13.73 -45.47
CA GLN E 195 37.42 -13.97 -45.58
C GLN E 195 38.03 -13.17 -46.73
N SER E 196 37.19 -12.85 -47.72
CA SER E 196 37.62 -12.04 -48.86
C SER E 196 37.95 -10.62 -48.40
N LEU E 197 37.19 -10.14 -47.42
CA LEU E 197 37.34 -8.78 -46.93
C LEU E 197 38.30 -8.67 -45.73
N TYR E 198 38.12 -9.56 -44.77
CA TYR E 198 38.93 -9.59 -43.56
C TYR E 198 39.21 -11.06 -43.35
N GLN E 199 40.38 -11.50 -43.82
CA GLN E 199 40.72 -12.92 -43.93
C GLN E 199 40.11 -13.84 -42.87
N ASN E 200 39.97 -13.33 -41.66
CA ASN E 200 39.54 -14.13 -40.51
C ASN E 200 38.06 -14.50 -40.59
N ALA E 201 37.72 -15.71 -40.15
CA ALA E 201 36.33 -16.17 -40.21
C ALA E 201 35.55 -15.76 -38.97
N ASP E 202 36.18 -15.91 -37.80
CA ASP E 202 35.56 -15.56 -36.54
C ASP E 202 36.17 -14.28 -35.98
N THR E 203 35.52 -13.16 -36.26
CA THR E 203 36.04 -11.85 -35.86
C THR E 203 35.15 -11.17 -34.84
N TYR E 204 35.62 -10.03 -34.33
CA TYR E 204 34.88 -9.22 -33.38
C TYR E 204 35.39 -7.80 -33.43
N VAL E 205 34.53 -6.84 -33.06
CA VAL E 205 34.96 -5.47 -32.88
C VAL E 205 34.39 -4.92 -31.57
N PHE E 206 35.18 -4.11 -30.89
CA PHE E 206 34.81 -3.59 -29.58
C PHE E 206 35.06 -2.09 -29.48
N VAL E 207 34.04 -1.35 -29.07
CA VAL E 207 34.15 0.09 -28.91
C VAL E 207 33.84 0.48 -27.47
N GLY E 208 34.77 1.16 -26.81
CA GLY E 208 34.60 1.52 -25.42
C GLY E 208 35.11 2.89 -25.06
N SER E 209 34.40 3.55 -24.15
CA SER E 209 34.85 4.80 -23.56
C SER E 209 34.67 4.71 -22.05
N SER E 210 34.66 5.84 -21.37
CA SER E 210 34.44 5.86 -19.93
C SER E 210 33.02 5.40 -19.60
N ARG E 211 32.11 5.57 -20.55
CA ARG E 211 30.71 5.26 -20.33
C ARG E 211 30.20 4.18 -21.29
N TYR E 212 30.68 4.23 -22.53
CA TYR E 212 30.24 3.30 -23.56
C TYR E 212 31.11 2.04 -23.56
N SER E 213 30.49 0.90 -23.88
CA SER E 213 31.21 -0.36 -23.92
C SER E 213 30.32 -1.41 -24.59
N LYS E 214 30.77 -1.94 -25.72
CA LYS E 214 30.03 -3.01 -26.40
C LYS E 214 30.92 -3.79 -27.35
N LYS E 215 30.73 -5.10 -27.37
CA LYS E 215 31.47 -5.98 -28.26
C LYS E 215 30.53 -6.47 -29.37
N PHE E 216 30.98 -6.36 -30.61
CA PHE E 216 30.15 -6.70 -31.76
C PHE E 216 30.59 -7.99 -32.43
N LYS E 217 29.62 -8.84 -32.74
CA LYS E 217 29.88 -10.05 -33.50
C LYS E 217 29.20 -9.98 -34.85
N PRO E 218 29.99 -10.03 -35.94
CA PRO E 218 29.46 -9.96 -37.30
C PRO E 218 28.43 -11.05 -37.56
N GLU E 219 27.25 -10.65 -38.01
CA GLU E 219 26.20 -11.60 -38.34
C GLU E 219 26.22 -11.83 -39.86
N ILE E 220 26.81 -12.96 -40.26
CA ILE E 220 26.96 -13.28 -41.69
C ILE E 220 25.76 -14.06 -42.23
N ALA E 221 25.06 -13.47 -43.18
CA ALA E 221 23.92 -14.13 -43.81
C ALA E 221 23.47 -13.38 -45.06
N ILE E 222 22.56 -13.99 -45.81
CA ILE E 222 22.02 -13.36 -47.01
C ILE E 222 20.71 -12.63 -46.73
N ARG E 223 20.76 -11.30 -46.73
CA ARG E 223 19.56 -10.48 -46.60
C ARG E 223 19.05 -10.05 -47.97
N PRO E 224 17.72 -9.95 -48.11
CA PRO E 224 17.13 -9.43 -49.34
C PRO E 224 17.90 -8.24 -49.87
N LYS E 225 18.19 -8.22 -51.17
CA LYS E 225 18.99 -7.15 -51.74
C LYS E 225 18.32 -5.78 -51.68
N VAL E 226 19.05 -4.82 -51.14
CA VAL E 226 18.65 -3.43 -51.14
C VAL E 226 19.82 -2.66 -51.72
N ARG E 227 20.22 -2.24 -52.87
CA ARG E 227 21.32 -1.57 -53.54
C ARG E 227 22.45 -2.54 -53.85
N ASP E 228 22.10 -3.74 -54.31
CA ASP E 228 23.06 -4.73 -54.77
C ASP E 228 23.83 -5.45 -53.67
N GLN E 229 23.67 -5.00 -52.43
CA GLN E 229 24.40 -5.59 -51.31
C GLN E 229 23.56 -6.60 -50.54
N GLU E 230 24.06 -7.83 -50.42
CA GLU E 230 23.40 -8.85 -49.61
C GLU E 230 23.94 -8.80 -48.19
N GLY E 231 25.03 -8.06 -48.01
CA GLY E 231 25.59 -7.86 -46.70
C GLY E 231 25.06 -6.57 -46.09
N ARG E 232 25.26 -6.40 -44.80
CA ARG E 232 24.79 -5.20 -44.10
C ARG E 232 25.93 -4.42 -43.48
N MET E 233 25.61 -3.24 -42.96
CA MET E 233 26.58 -2.41 -42.24
C MET E 233 25.86 -1.58 -41.17
N ASN E 234 26.03 -1.98 -39.92
CA ASN E 234 25.43 -1.26 -38.80
C ASN E 234 26.28 -0.05 -38.41
N TYR E 235 25.61 1.08 -38.16
CA TYR E 235 26.30 2.31 -37.81
C TYR E 235 26.11 2.67 -36.34
N TYR E 236 27.21 2.95 -35.66
CA TYR E 236 27.17 3.28 -34.25
C TYR E 236 27.80 4.64 -33.97
N TRP E 237 27.44 5.24 -32.85
CA TRP E 237 27.98 6.54 -32.48
C TRP E 237 28.01 6.70 -30.96
N THR E 238 28.76 7.69 -30.50
CA THR E 238 28.88 7.95 -29.06
C THR E 238 29.51 9.31 -28.82
N LEU E 239 29.30 9.86 -27.63
CA LEU E 239 29.83 11.17 -27.29
C LEU E 239 30.95 11.07 -26.25
N VAL E 240 32.18 11.28 -26.70
CA VAL E 240 33.34 11.22 -25.82
C VAL E 240 33.47 12.51 -25.01
N GLU E 241 33.44 12.39 -23.69
CA GLU E 241 33.57 13.53 -22.80
C GLU E 241 34.96 14.15 -22.94
N PRO E 242 35.07 15.45 -22.67
CA PRO E 242 36.37 16.12 -22.67
C PRO E 242 37.31 15.48 -21.66
N GLY E 243 38.52 15.14 -22.09
CA GLY E 243 39.48 14.50 -21.22
C GLY E 243 39.32 12.99 -21.18
N ASP E 244 38.31 12.50 -21.87
CA ASP E 244 38.04 11.07 -21.96
C ASP E 244 38.63 10.53 -23.26
N LYS E 245 38.91 9.23 -23.30
CA LYS E 245 39.42 8.61 -24.52
C LYS E 245 38.56 7.42 -24.94
N ILE E 246 38.55 7.14 -26.25
CA ILE E 246 37.79 6.02 -26.79
C ILE E 246 38.75 5.09 -27.55
N THR E 247 38.63 3.79 -27.29
CA THR E 247 39.55 2.82 -27.87
C THR E 247 38.85 1.89 -28.87
N PHE E 248 39.51 1.66 -30.00
CA PHE E 248 39.03 0.73 -31.01
C PHE E 248 39.95 -0.49 -31.09
N GLU E 249 39.34 -1.67 -31.16
CA GLU E 249 40.08 -2.92 -31.19
C GLU E 249 39.36 -3.92 -32.08
N ALA E 250 39.99 -4.31 -33.19
CA ALA E 250 39.32 -5.15 -34.16
C ALA E 250 40.24 -6.16 -34.84
N THR E 251 39.69 -7.34 -35.12
CA THR E 251 40.38 -8.34 -35.92
C THR E 251 39.74 -8.38 -37.30
N GLY E 252 38.96 -7.34 -37.59
CA GLY E 252 38.27 -7.23 -38.87
C GLY E 252 36.86 -6.66 -38.72
N ASN E 253 36.24 -6.36 -39.86
CA ASN E 253 34.85 -5.94 -39.90
C ASN E 253 34.59 -4.55 -39.34
N LEU E 254 35.65 -3.80 -39.08
CA LEU E 254 35.53 -2.48 -38.47
C LEU E 254 35.68 -1.33 -39.47
N VAL E 255 34.58 -0.66 -39.77
CA VAL E 255 34.62 0.58 -40.54
C VAL E 255 35.04 1.70 -39.59
N VAL E 256 36.33 2.00 -39.56
CA VAL E 256 36.89 2.93 -38.58
C VAL E 256 36.52 4.38 -38.87
N PRO E 257 36.48 5.21 -37.81
CA PRO E 257 36.24 6.64 -37.94
C PRO E 257 37.42 7.33 -38.62
N ARG E 258 37.14 8.31 -39.47
CA ARG E 258 38.19 9.14 -40.06
C ARG E 258 38.04 10.56 -39.53
N TYR E 259 36.82 11.08 -39.61
CA TYR E 259 36.51 12.41 -39.07
C TYR E 259 35.56 12.30 -37.89
N ALA E 260 35.85 13.06 -36.84
CA ALA E 260 34.94 13.19 -35.70
C ALA E 260 34.40 14.60 -35.65
N PHE E 261 33.64 14.92 -34.61
CA PHE E 261 33.03 16.24 -34.52
C PHE E 261 33.12 16.84 -33.12
N ALA E 262 33.97 17.84 -32.96
CA ALA E 262 33.99 18.64 -31.73
C ALA E 262 32.68 19.38 -31.68
N MET E 263 31.94 19.21 -30.58
CA MET E 263 30.55 19.65 -30.55
C MET E 263 30.08 20.14 -29.18
N GLU E 264 29.45 21.31 -29.19
CA GLU E 264 28.80 21.84 -28.00
C GLU E 264 27.33 22.06 -28.31
N ARG E 265 26.48 21.27 -27.65
CA ARG E 265 25.06 21.26 -27.96
C ARG E 265 24.20 21.91 -26.89
N ASN E 266 23.17 22.63 -27.31
CA ASN E 266 22.17 23.18 -26.42
C ASN E 266 20.83 22.48 -26.61
N ALA E 267 20.22 22.04 -25.51
CA ALA E 267 19.00 21.24 -25.58
C ALA E 267 17.79 22.07 -26.00
N GLY E 268 16.81 21.40 -26.61
CA GLY E 268 15.51 21.99 -26.82
C GLY E 268 15.14 22.52 -28.19
N SER E 269 15.69 21.92 -29.25
CA SER E 269 15.28 22.31 -30.61
C SER E 269 14.60 21.15 -31.32
N GLY E 270 14.58 21.18 -32.64
CA GLY E 270 13.92 20.14 -33.42
C GLY E 270 14.38 20.05 -34.86
N ILE E 271 13.66 19.26 -35.64
CA ILE E 271 13.98 19.06 -37.05
C ILE E 271 12.73 19.22 -37.90
N ILE E 272 12.74 20.20 -38.79
CA ILE E 272 11.60 20.46 -39.65
C ILE E 272 11.78 19.83 -41.03
N ILE E 273 10.81 19.02 -41.43
CA ILE E 273 10.79 18.45 -42.77
C ILE E 273 9.87 19.28 -43.66
N SER E 274 10.47 20.12 -44.49
CA SER E 274 9.70 21.05 -45.30
C SER E 274 10.40 21.41 -46.61
N ASP E 275 9.62 21.81 -47.61
CA ASP E 275 10.15 22.25 -48.88
C ASP E 275 10.40 23.76 -48.84
N THR E 276 9.71 24.43 -47.93
CA THR E 276 9.79 25.89 -47.78
C THR E 276 11.22 26.40 -47.89
N PRO E 277 11.41 27.51 -48.61
CA PRO E 277 12.72 28.14 -48.84
C PRO E 277 13.35 28.65 -47.54
N VAL E 278 14.66 28.40 -47.38
CA VAL E 278 15.41 29.00 -46.29
C VAL E 278 15.67 30.46 -46.62
N HIS E 279 15.62 31.32 -45.60
CA HIS E 279 15.74 32.76 -45.83
C HIS E 279 16.61 33.48 -44.81
N ASP E 280 17.11 34.64 -45.22
CA ASP E 280 17.85 35.53 -44.33
C ASP E 280 16.87 36.47 -43.64
N CYS E 281 16.19 35.97 -42.62
CA CYS E 281 15.22 36.74 -41.85
C CYS E 281 15.22 36.27 -40.39
N ASN E 282 14.63 37.09 -39.54
CA ASN E 282 14.51 36.78 -38.13
C ASN E 282 13.13 36.38 -37.74
N THR E 283 13.05 35.48 -36.79
CA THR E 283 11.72 35.07 -36.33
C THR E 283 11.82 34.55 -34.89
N THR E 284 10.70 34.54 -34.17
CA THR E 284 10.68 34.02 -32.81
C THR E 284 9.97 32.68 -32.78
N CYS E 285 9.28 32.36 -33.87
CA CYS E 285 8.48 31.16 -33.95
C CYS E 285 8.53 30.64 -35.38
N GLN E 286 8.90 29.37 -35.52
CA GLN E 286 9.08 28.78 -36.84
C GLN E 286 8.18 27.56 -37.04
N THR E 287 7.47 27.54 -38.17
CA THR E 287 6.66 26.39 -38.54
C THR E 287 7.15 25.84 -39.87
N PRO E 288 6.78 24.58 -40.17
CA PRO E 288 7.16 23.96 -41.45
C PRO E 288 6.67 24.74 -42.67
N LYS E 289 5.61 25.53 -42.50
CA LYS E 289 5.01 26.25 -43.62
C LYS E 289 5.60 27.65 -43.76
N GLY E 290 6.17 28.16 -42.67
CA GLY E 290 6.70 29.51 -42.67
C GLY E 290 6.81 30.07 -41.26
N ALA E 291 7.50 31.19 -41.11
CA ALA E 291 7.73 31.81 -39.80
C ALA E 291 6.52 32.62 -39.33
N ILE E 292 6.45 32.85 -38.02
CA ILE E 292 5.35 33.61 -37.41
C ILE E 292 5.88 34.85 -36.65
N ASN E 293 5.68 36.03 -37.22
CA ASN E 293 5.95 37.31 -36.55
C ASN E 293 4.67 37.83 -35.92
N THR E 294 4.40 37.44 -34.68
CA THR E 294 3.15 37.89 -34.05
C THR E 294 3.15 38.09 -32.54
N SER E 295 2.33 39.03 -32.10
CA SER E 295 2.12 39.33 -30.69
C SER E 295 0.88 38.60 -30.19
N LEU E 296 0.05 38.16 -31.13
CA LEU E 296 -1.21 37.50 -30.80
C LEU E 296 -0.99 36.21 -30.01
N PRO E 297 -1.91 35.90 -29.09
CA PRO E 297 -1.81 34.75 -28.18
C PRO E 297 -2.02 33.41 -28.88
N PHE E 298 -2.71 33.41 -30.02
CA PHE E 298 -3.08 32.15 -30.66
C PHE E 298 -2.82 32.15 -32.17
N GLN E 299 -2.46 30.98 -32.68
CA GLN E 299 -2.24 30.80 -34.11
C GLN E 299 -2.87 29.50 -34.58
N ASN E 300 -3.39 29.51 -35.81
CA ASN E 300 -4.03 28.32 -36.38
C ASN E 300 -3.31 27.85 -37.64
N ILE E 301 -2.05 28.25 -37.78
CA ILE E 301 -1.27 27.92 -38.95
C ILE E 301 -0.80 26.47 -38.95
N HIS E 302 -0.12 26.07 -37.88
CA HIS E 302 0.45 24.73 -37.80
C HIS E 302 0.66 24.30 -36.35
N PRO E 303 0.37 23.03 -36.05
CA PRO E 303 0.53 22.45 -34.71
C PRO E 303 2.00 22.29 -34.32
N ILE E 304 2.81 21.76 -35.24
CA ILE E 304 4.24 21.59 -34.98
C ILE E 304 4.95 22.93 -35.11
N THR E 305 5.63 23.33 -34.05
CA THR E 305 6.23 24.66 -33.97
C THR E 305 7.56 24.64 -33.21
N ILE E 306 8.43 25.59 -33.54
CA ILE E 306 9.70 25.72 -32.83
C ILE E 306 9.95 27.16 -32.40
N GLY E 307 10.40 27.33 -31.17
CA GLY E 307 10.67 28.65 -30.63
C GLY E 307 9.69 29.05 -29.54
N LYS E 308 9.50 30.35 -29.38
CA LYS E 308 8.49 30.86 -28.45
C LYS E 308 7.27 31.28 -29.25
N CYS E 309 6.28 30.40 -29.33
CA CYS E 309 5.18 30.58 -30.28
C CYS E 309 3.84 30.76 -29.61
N PRO E 310 2.88 31.38 -30.34
CA PRO E 310 1.50 31.46 -29.89
C PRO E 310 0.91 30.05 -29.78
N LYS E 311 -0.17 29.89 -29.03
CA LYS E 311 -0.78 28.57 -28.87
C LYS E 311 -1.52 28.13 -30.12
N TYR E 312 -1.37 26.86 -30.48
CA TYR E 312 -2.09 26.32 -31.62
C TYR E 312 -3.56 26.09 -31.29
N VAL E 313 -4.43 26.66 -32.10
CA VAL E 313 -5.87 26.55 -31.89
C VAL E 313 -6.56 26.14 -33.20
N LYS E 314 -7.63 25.37 -33.08
CA LYS E 314 -8.36 24.85 -34.23
C LYS E 314 -9.37 25.87 -34.73
N SER E 315 -9.40 27.04 -34.10
CA SER E 315 -10.34 28.10 -34.46
C SER E 315 -10.10 28.62 -35.88
N THR E 316 -11.18 29.08 -36.50
CA THR E 316 -11.09 29.74 -37.81
C THR E 316 -11.00 31.24 -37.59
N LYS E 317 -11.70 31.72 -36.57
CA LYS E 317 -11.66 33.14 -36.23
C LYS E 317 -11.85 33.37 -34.72
N LEU E 318 -11.16 34.39 -34.22
CA LEU E 318 -11.23 34.77 -32.82
C LEU E 318 -11.31 36.29 -32.71
N ARG E 319 -12.29 36.87 -33.40
CA ARG E 319 -12.43 38.32 -33.47
C ARG E 319 -12.98 38.90 -32.16
N LEU E 320 -12.20 39.81 -31.56
CA LEU E 320 -12.53 40.38 -30.26
C LEU E 320 -13.12 41.78 -30.40
N ALA E 321 -14.35 41.96 -29.91
CA ALA E 321 -15.02 43.25 -29.99
C ALA E 321 -14.34 44.31 -29.14
N THR E 322 -14.04 45.45 -29.75
CA THR E 322 -13.41 46.56 -29.05
C THR E 322 -14.38 47.74 -28.99
N GLY E 323 -15.12 47.93 -30.07
CA GLY E 323 -16.11 48.98 -30.14
C GLY E 323 -17.45 48.52 -29.60
N LEU E 324 -18.52 49.17 -30.08
CA LEU E 324 -19.87 48.87 -29.62
C LEU E 324 -20.77 48.39 -30.75
N ARG E 325 -21.96 47.91 -30.39
CA ARG E 325 -22.94 47.46 -31.37
C ARG E 325 -23.16 48.57 -32.41
N ASN E 326 -23.43 48.17 -33.64
CA ASN E 326 -23.48 49.12 -34.74
C ASN E 326 -24.86 49.26 -35.33
N ILE E 327 -25.29 50.49 -35.57
CA ILE E 327 -26.62 50.75 -36.10
C ILE E 327 -26.58 51.74 -37.27
N LEU F 2 -28.08 45.41 -21.88
CA LEU F 2 -28.18 45.15 -20.44
C LEU F 2 -28.71 46.37 -19.69
N PHE F 3 -28.35 47.55 -20.18
CA PHE F 3 -28.74 48.80 -19.54
C PHE F 3 -29.89 49.51 -20.26
N GLY F 4 -30.43 48.88 -21.30
CA GLY F 4 -31.61 49.36 -21.98
C GLY F 4 -31.42 50.60 -22.84
N ALA F 5 -30.18 51.09 -22.90
CA ALA F 5 -29.89 52.30 -23.67
C ALA F 5 -29.69 51.98 -25.15
N ILE F 6 -28.57 51.36 -25.48
CA ILE F 6 -28.25 51.02 -26.87
C ILE F 6 -29.19 49.94 -27.40
N ALA F 7 -29.83 50.24 -28.53
CA ALA F 7 -30.83 49.34 -29.10
C ALA F 7 -32.02 49.19 -28.15
N GLY F 8 -32.22 50.19 -27.30
CA GLY F 8 -33.33 50.23 -26.36
C GLY F 8 -34.18 51.48 -26.50
N PHE F 9 -34.16 52.33 -25.48
CA PHE F 9 -34.90 53.58 -25.52
C PHE F 9 -34.23 54.64 -26.41
N ILE F 10 -33.05 54.29 -26.93
CA ILE F 10 -32.42 55.06 -28.01
C ILE F 10 -32.21 54.10 -29.18
N GLU F 11 -33.19 54.01 -30.06
CA GLU F 11 -33.24 52.94 -31.06
C GLU F 11 -32.04 52.87 -32.01
N GLY F 12 -31.48 54.01 -32.38
CA GLY F 12 -30.43 54.03 -33.39
C GLY F 12 -29.16 54.80 -33.04
N GLY F 13 -28.14 54.59 -33.87
CA GLY F 13 -26.88 55.30 -33.72
C GLY F 13 -26.77 56.44 -34.73
N TRP F 14 -25.72 57.24 -34.60
CA TRP F 14 -25.54 58.39 -35.47
C TRP F 14 -24.29 58.27 -36.33
N THR F 15 -24.49 58.00 -37.62
CA THR F 15 -23.40 58.00 -38.57
C THR F 15 -22.78 59.40 -38.61
N GLY F 16 -23.59 60.39 -38.28
CA GLY F 16 -23.17 61.78 -38.32
C GLY F 16 -22.08 62.13 -37.33
N MET F 17 -22.15 61.56 -36.13
CA MET F 17 -21.15 61.83 -35.11
C MET F 17 -19.92 60.94 -35.30
N VAL F 18 -18.81 61.55 -35.70
CA VAL F 18 -17.60 60.81 -36.02
C VAL F 18 -16.42 61.23 -35.15
N ASP F 19 -16.71 61.94 -34.07
CA ASP F 19 -15.68 62.44 -33.18
C ASP F 19 -15.37 61.46 -32.05
N GLY F 20 -16.39 60.72 -31.63
CA GLY F 20 -16.24 59.77 -30.54
C GLY F 20 -17.31 58.69 -30.55
N TRP F 21 -17.36 57.91 -29.47
CA TRP F 21 -18.32 56.83 -29.35
C TRP F 21 -19.67 57.30 -28.81
N TYR F 22 -19.64 58.22 -27.85
CA TYR F 22 -20.85 58.79 -27.29
C TYR F 22 -20.80 60.31 -27.37
N GLY F 23 -21.95 60.93 -27.57
CA GLY F 23 -22.01 62.38 -27.68
C GLY F 23 -23.41 62.94 -27.70
N TYR F 24 -23.54 64.20 -28.11
CA TYR F 24 -24.83 64.87 -28.12
C TYR F 24 -25.19 65.41 -29.49
N HIS F 25 -26.43 65.85 -29.64
CA HIS F 25 -26.84 66.59 -30.82
C HIS F 25 -27.78 67.71 -30.43
N HIS F 26 -27.22 68.91 -30.28
CA HIS F 26 -27.99 70.07 -29.88
C HIS F 26 -28.86 70.54 -31.03
N GLN F 27 -29.83 71.39 -30.72
CA GLN F 27 -30.79 71.88 -31.70
C GLN F 27 -31.39 73.14 -31.09
N ASN F 28 -30.70 74.28 -31.22
CA ASN F 28 -31.18 75.51 -30.61
C ASN F 28 -31.39 76.53 -31.71
N GLU F 29 -31.10 77.80 -31.41
CA GLU F 29 -31.36 78.88 -32.34
C GLU F 29 -30.11 79.28 -33.13
N GLN F 30 -28.96 78.77 -32.72
CA GLN F 30 -27.70 79.08 -33.40
C GLN F 30 -27.25 77.96 -34.32
N GLY F 31 -28.10 76.96 -34.50
CA GLY F 31 -27.80 75.86 -35.41
C GLY F 31 -27.93 74.49 -34.79
N SER F 32 -27.50 73.47 -35.54
CA SER F 32 -27.57 72.09 -35.08
C SER F 32 -26.20 71.43 -35.19
N GLY F 33 -26.18 70.11 -35.18
CA GLY F 33 -24.94 69.36 -35.32
C GLY F 33 -24.69 68.35 -34.21
N TYR F 34 -23.68 67.51 -34.41
CA TYR F 34 -23.31 66.50 -33.42
C TYR F 34 -22.01 66.88 -32.73
N ALA F 35 -21.89 66.53 -31.46
CA ALA F 35 -20.66 66.77 -30.70
C ALA F 35 -20.40 65.63 -29.73
N ALA F 36 -19.32 64.89 -29.99
CA ALA F 36 -18.97 63.74 -29.16
C ALA F 36 -18.47 64.16 -27.78
N ASP F 37 -18.90 63.43 -26.75
CA ASP F 37 -18.45 63.70 -25.40
C ASP F 37 -16.97 63.41 -25.24
N LEU F 38 -16.22 64.44 -24.86
CA LEU F 38 -14.77 64.36 -24.76
C LEU F 38 -14.27 63.38 -23.71
N LYS F 39 -14.65 63.61 -22.46
CA LYS F 39 -14.17 62.80 -21.34
C LYS F 39 -14.63 61.35 -21.42
N SER F 40 -15.88 61.14 -21.83
CA SER F 40 -16.45 59.80 -21.88
C SER F 40 -15.80 58.91 -22.92
N THR F 41 -15.75 59.41 -24.16
CA THR F 41 -15.17 58.65 -25.27
C THR F 41 -13.71 58.32 -25.00
N GLN F 42 -12.99 59.26 -24.39
CA GLN F 42 -11.58 59.08 -24.11
C GLN F 42 -11.34 57.93 -23.13
N ASN F 43 -12.10 57.91 -22.04
CA ASN F 43 -11.98 56.85 -21.05
C ASN F 43 -12.29 55.47 -21.63
N ALA F 44 -13.37 55.39 -22.40
CA ALA F 44 -13.77 54.13 -23.03
C ALA F 44 -12.64 53.56 -23.87
N ILE F 45 -12.07 54.41 -24.74
CA ILE F 45 -10.97 54.01 -25.59
C ILE F 45 -9.80 53.46 -24.76
N ASP F 46 -9.42 54.19 -23.72
CA ASP F 46 -8.33 53.77 -22.84
C ASP F 46 -8.61 52.41 -22.22
N GLU F 47 -9.82 52.25 -21.67
CA GLU F 47 -10.17 51.02 -20.97
C GLU F 47 -10.38 49.83 -21.91
N ILE F 48 -10.97 50.08 -23.08
CA ILE F 48 -11.12 49.04 -24.08
C ILE F 48 -9.76 48.62 -24.60
N THR F 49 -8.87 49.60 -24.78
CA THR F 49 -7.50 49.33 -25.19
C THR F 49 -6.83 48.42 -24.16
N ASN F 50 -6.92 48.81 -22.89
CA ASN F 50 -6.35 48.03 -21.80
C ASN F 50 -6.91 46.62 -21.81
N LYS F 51 -8.19 46.49 -22.11
CA LYS F 51 -8.85 45.20 -22.18
C LYS F 51 -8.21 44.31 -23.24
N VAL F 52 -8.03 44.85 -24.44
CA VAL F 52 -7.43 44.11 -25.53
C VAL F 52 -5.98 43.74 -25.22
N ASN F 53 -5.26 44.67 -24.61
CA ASN F 53 -3.87 44.43 -24.23
C ASN F 53 -3.73 43.30 -23.21
N SER F 54 -4.68 43.21 -22.28
CA SER F 54 -4.64 42.18 -21.25
C SER F 54 -4.75 40.78 -21.84
N VAL F 55 -5.79 40.57 -22.65
CA VAL F 55 -6.02 39.28 -23.29
C VAL F 55 -4.78 38.83 -24.07
N ILE F 56 -4.02 39.80 -24.56
CA ILE F 56 -2.82 39.51 -25.36
C ILE F 56 -1.57 39.40 -24.50
N GLU F 57 -1.35 40.40 -23.64
CA GLU F 57 -0.10 40.51 -22.88
C GLU F 57 0.10 39.35 -21.91
N LYS F 58 -1.00 38.77 -21.43
CA LYS F 58 -0.92 37.70 -20.45
C LYS F 58 -0.52 36.37 -21.08
N MET F 59 -0.23 36.38 -22.37
CA MET F 59 0.15 35.16 -23.07
C MET F 59 1.66 35.07 -23.25
N ASN F 60 2.36 34.70 -22.19
CA ASN F 60 3.80 34.48 -22.26
C ASN F 60 4.13 33.00 -22.34
N THR F 61 4.37 32.52 -23.57
CA THR F 61 4.57 31.10 -23.81
C THR F 61 6.02 30.68 -23.57
N GLN F 62 6.19 29.39 -23.29
CA GLN F 62 7.53 28.81 -23.11
C GLN F 62 8.16 28.53 -24.47
N PHE F 63 9.48 28.49 -24.51
CA PHE F 63 10.17 28.06 -25.73
C PHE F 63 10.12 26.54 -25.80
N THR F 64 9.27 26.04 -26.69
CA THR F 64 9.13 24.60 -26.85
C THR F 64 9.10 24.21 -28.31
N ALA F 65 9.65 23.04 -28.60
CA ALA F 65 9.56 22.47 -29.94
C ALA F 65 8.59 21.29 -29.92
N VAL F 66 7.30 21.59 -30.00
CA VAL F 66 6.31 20.55 -30.14
C VAL F 66 6.62 19.72 -31.37
N GLY F 67 6.22 18.46 -31.36
CA GLY F 67 6.54 17.56 -32.46
C GLY F 67 7.76 16.73 -32.12
N LYS F 68 7.56 15.41 -32.10
CA LYS F 68 8.63 14.47 -31.79
C LYS F 68 8.70 13.39 -32.85
N GLU F 69 9.76 12.60 -32.83
CA GLU F 69 9.94 11.53 -33.79
C GLU F 69 10.04 10.18 -33.11
N PHE F 70 9.22 9.22 -33.55
CA PHE F 70 9.22 7.89 -32.97
C PHE F 70 9.29 6.83 -34.06
N ASN F 71 10.03 5.76 -33.81
CA ASN F 71 10.12 4.66 -34.78
C ASN F 71 8.90 3.75 -34.70
N HIS F 72 8.85 2.77 -35.59
CA HIS F 72 7.69 1.90 -35.71
C HIS F 72 7.38 1.12 -34.43
N LEU F 73 8.38 0.97 -33.58
CA LEU F 73 8.20 0.24 -32.33
C LEU F 73 8.00 1.18 -31.14
N GLU F 74 7.56 2.40 -31.42
CA GLU F 74 7.28 3.38 -30.38
C GLU F 74 5.94 4.05 -30.61
N LYS F 75 4.99 3.30 -31.16
CA LYS F 75 3.67 3.81 -31.48
C LYS F 75 2.92 4.28 -30.22
N ARG F 76 3.22 3.64 -29.10
CA ARG F 76 2.56 3.98 -27.84
C ARG F 76 2.90 5.39 -27.36
N ILE F 77 4.20 5.69 -27.26
CA ILE F 77 4.63 7.02 -26.86
C ILE F 77 4.26 8.05 -27.91
N GLU F 78 4.22 7.62 -29.17
CA GLU F 78 3.79 8.50 -30.25
C GLU F 78 2.34 8.92 -30.03
N ASN F 79 1.53 7.99 -29.56
CA ASN F 79 0.12 8.27 -29.26
C ASN F 79 -0.05 9.04 -27.96
N LEU F 80 0.83 8.77 -27.00
CA LEU F 80 0.85 9.54 -25.76
C LEU F 80 1.11 11.00 -26.15
N ASN F 81 2.14 11.21 -26.96
CA ASN F 81 2.48 12.54 -27.46
C ASN F 81 1.32 13.18 -28.21
N LYS F 82 0.67 12.40 -29.07
CA LYS F 82 -0.49 12.89 -29.81
C LYS F 82 -1.61 13.29 -28.86
N LYS F 83 -1.74 12.54 -27.76
CA LYS F 83 -2.78 12.84 -26.78
C LYS F 83 -2.56 14.17 -26.09
N VAL F 84 -1.31 14.44 -25.71
CA VAL F 84 -0.99 15.70 -25.03
C VAL F 84 -1.15 16.89 -25.97
N ASP F 85 -0.94 16.65 -27.26
CA ASP F 85 -1.14 17.68 -28.27
C ASP F 85 -2.62 17.95 -28.49
N ASP F 86 -3.40 16.87 -28.58
CA ASP F 86 -4.84 16.98 -28.79
C ASP F 86 -5.54 17.52 -27.55
N GLY F 87 -4.93 17.32 -26.39
CA GLY F 87 -5.48 17.81 -25.15
C GLY F 87 -5.35 19.32 -25.05
N PHE F 88 -4.14 19.82 -25.26
CA PHE F 88 -3.89 21.25 -25.26
C PHE F 88 -4.70 21.94 -26.35
N LEU F 89 -4.86 21.26 -27.48
CA LEU F 89 -5.64 21.79 -28.59
C LEU F 89 -7.10 22.01 -28.19
N ASP F 90 -7.66 21.04 -27.47
CA ASP F 90 -9.06 21.13 -27.05
C ASP F 90 -9.28 22.17 -25.96
N ILE F 91 -8.33 22.26 -25.03
CA ILE F 91 -8.42 23.24 -23.95
C ILE F 91 -8.34 24.67 -24.48
N TRP F 92 -7.32 24.94 -25.28
CA TRP F 92 -7.10 26.28 -25.81
C TRP F 92 -8.20 26.74 -26.76
N THR F 93 -8.66 25.84 -27.62
CA THR F 93 -9.75 26.17 -28.54
C THR F 93 -11.00 26.54 -27.76
N TYR F 94 -11.39 25.69 -26.81
CA TYR F 94 -12.59 25.93 -26.02
C TYR F 94 -12.49 27.22 -25.21
N ASN F 95 -11.38 27.40 -24.50
CA ASN F 95 -11.18 28.58 -23.68
C ASN F 95 -11.16 29.87 -24.49
N ALA F 96 -10.45 29.85 -25.62
CA ALA F 96 -10.35 31.02 -26.48
C ALA F 96 -11.71 31.41 -27.05
N GLU F 97 -12.45 30.41 -27.51
CA GLU F 97 -13.79 30.63 -28.07
C GLU F 97 -14.72 31.25 -27.02
N LEU F 98 -14.73 30.66 -25.83
CA LEU F 98 -15.56 31.14 -24.73
C LEU F 98 -15.12 32.51 -24.23
N LEU F 99 -13.81 32.73 -24.19
CA LEU F 99 -13.26 34.01 -23.72
C LEU F 99 -13.76 35.16 -24.57
N VAL F 100 -13.72 34.98 -25.89
CA VAL F 100 -14.18 36.01 -26.81
C VAL F 100 -15.68 36.27 -26.64
N LEU F 101 -16.46 35.20 -26.63
CA LEU F 101 -17.91 35.32 -26.44
C LEU F 101 -18.23 36.08 -25.16
N LEU F 102 -17.69 35.59 -24.04
CA LEU F 102 -17.90 36.23 -22.76
C LEU F 102 -17.51 37.71 -22.77
N GLU F 103 -16.31 38.00 -23.27
CA GLU F 103 -15.80 39.36 -23.28
C GLU F 103 -16.58 40.29 -24.21
N ASN F 104 -17.00 39.78 -25.36
CA ASN F 104 -17.80 40.57 -26.28
C ASN F 104 -19.11 41.02 -25.64
N GLU F 105 -19.75 40.11 -24.92
CA GLU F 105 -20.98 40.43 -24.21
C GLU F 105 -20.72 41.55 -23.21
N ARG F 106 -19.57 41.49 -22.55
CA ARG F 106 -19.17 42.48 -21.55
C ARG F 106 -18.89 43.83 -22.20
N THR F 107 -18.20 43.80 -23.34
CA THR F 107 -17.82 45.02 -24.05
C THR F 107 -19.04 45.81 -24.51
N LEU F 108 -20.04 45.11 -25.03
CA LEU F 108 -21.27 45.75 -25.46
C LEU F 108 -22.04 46.33 -24.28
N ASP F 109 -22.09 45.56 -23.18
CA ASP F 109 -22.74 46.04 -21.97
C ASP F 109 -22.00 47.24 -21.38
N TYR F 110 -20.68 47.27 -21.58
CA TYR F 110 -19.86 48.37 -21.12
C TYR F 110 -20.22 49.66 -21.85
N HIS F 111 -20.32 49.57 -23.17
CA HIS F 111 -20.71 50.72 -23.99
C HIS F 111 -22.14 51.13 -23.68
N ASP F 112 -23.03 50.16 -23.63
CA ASP F 112 -24.43 50.42 -23.29
C ASP F 112 -24.51 51.19 -21.99
N SER F 113 -23.67 50.82 -21.04
CA SER F 113 -23.62 51.46 -19.73
C SER F 113 -23.25 52.93 -19.81
N ASN F 114 -22.18 53.23 -20.55
CA ASN F 114 -21.70 54.60 -20.69
C ASN F 114 -22.75 55.54 -21.28
N VAL F 115 -23.54 55.03 -22.22
CA VAL F 115 -24.62 55.80 -22.80
C VAL F 115 -25.67 56.11 -21.74
N LYS F 116 -26.17 55.07 -21.09
CA LYS F 116 -27.13 55.20 -20.00
C LYS F 116 -26.66 56.22 -18.96
N ASN F 117 -25.37 56.14 -18.62
CA ASN F 117 -24.79 57.06 -17.65
C ASN F 117 -24.76 58.50 -18.13
N LEU F 118 -24.45 58.67 -19.42
CA LEU F 118 -24.41 60.00 -20.02
C LEU F 118 -25.82 60.58 -19.98
N TYR F 119 -26.80 59.75 -20.32
CA TYR F 119 -28.20 60.16 -20.30
C TYR F 119 -28.63 60.57 -18.90
N GLU F 120 -28.35 59.70 -17.94
CA GLU F 120 -28.69 59.99 -16.55
C GLU F 120 -28.03 61.27 -16.06
N LYS F 121 -26.76 61.46 -16.38
CA LYS F 121 -26.02 62.61 -15.89
C LYS F 121 -26.70 63.92 -16.29
N VAL F 122 -27.17 63.98 -17.54
CA VAL F 122 -27.80 65.18 -18.07
C VAL F 122 -29.20 65.41 -17.52
N ARG F 123 -29.93 64.31 -17.28
CA ARG F 123 -31.26 64.40 -16.69
C ARG F 123 -31.21 64.90 -15.26
N SER F 124 -30.40 64.24 -14.43
CA SER F 124 -30.36 64.54 -13.00
C SER F 124 -30.13 66.01 -12.89
N GLN F 125 -29.54 66.56 -13.94
CA GLN F 125 -28.96 67.88 -13.89
C GLN F 125 -29.79 68.88 -14.73
N LEU F 126 -30.75 68.36 -15.49
CA LEU F 126 -31.99 69.10 -15.81
C LEU F 126 -33.17 68.36 -15.20
N LYS F 127 -33.80 68.95 -14.19
CA LYS F 127 -34.90 68.28 -13.53
C LYS F 127 -36.29 68.77 -13.99
N ASN F 128 -36.68 69.95 -13.50
CA ASN F 128 -37.93 70.58 -13.93
C ASN F 128 -37.73 71.42 -15.18
N ASN F 129 -36.50 71.90 -15.40
CA ASN F 129 -36.23 72.86 -16.47
C ASN F 129 -36.38 72.27 -17.88
N ALA F 130 -36.85 71.03 -17.96
CA ALA F 130 -36.98 70.33 -19.24
C ALA F 130 -37.71 69.01 -19.02
N LYS F 131 -38.13 68.37 -20.11
CA LYS F 131 -38.87 67.12 -19.99
C LYS F 131 -38.28 66.02 -20.89
N GLU F 132 -38.42 64.77 -20.45
CA GLU F 132 -37.97 63.63 -21.24
C GLU F 132 -38.95 63.34 -22.36
N ILE F 133 -38.42 63.03 -23.54
CA ILE F 133 -39.26 62.65 -24.68
C ILE F 133 -39.46 61.14 -24.68
N GLY F 134 -38.43 60.41 -24.25
CA GLY F 134 -38.48 58.96 -24.22
C GLY F 134 -37.51 58.36 -25.21
N ASN F 135 -37.09 59.17 -26.18
CA ASN F 135 -36.16 58.71 -27.22
C ASN F 135 -34.74 59.13 -26.90
N GLY F 136 -34.47 59.31 -25.61
CA GLY F 136 -33.17 59.76 -25.16
C GLY F 136 -33.05 61.27 -25.17
N CYS F 137 -34.08 61.94 -25.70
CA CYS F 137 -34.00 63.39 -25.90
C CYS F 137 -34.89 64.13 -24.89
N PHE F 138 -34.43 65.32 -24.51
CA PHE F 138 -35.10 66.17 -23.53
C PHE F 138 -35.46 67.49 -24.17
N GLU F 139 -36.63 68.01 -23.84
CA GLU F 139 -37.09 69.28 -24.38
C GLU F 139 -37.03 70.38 -23.33
N PHE F 140 -36.31 71.45 -23.64
CA PHE F 140 -36.14 72.56 -22.72
C PHE F 140 -37.38 73.44 -22.62
N TYR F 141 -37.73 73.80 -21.39
CA TYR F 141 -38.76 74.81 -21.17
C TYR F 141 -38.09 76.17 -21.12
N HIS F 142 -36.78 76.18 -20.92
CA HIS F 142 -36.01 77.41 -20.81
C HIS F 142 -35.02 77.55 -21.96
N LYS F 143 -35.19 78.62 -22.74
CA LYS F 143 -34.34 78.86 -23.91
C LYS F 143 -32.87 78.55 -23.63
N CYS F 144 -32.36 77.52 -24.28
CA CYS F 144 -30.98 77.10 -24.05
C CYS F 144 -30.14 77.25 -25.31
N ASP F 145 -29.37 78.34 -25.37
CA ASP F 145 -28.48 78.60 -26.48
C ASP F 145 -27.20 77.77 -26.38
N ASN F 146 -26.18 78.14 -27.15
CA ASN F 146 -24.94 77.36 -27.24
C ASN F 146 -24.18 77.26 -25.93
N THR F 147 -24.08 78.37 -25.20
CA THR F 147 -23.33 78.38 -23.95
C THR F 147 -24.17 77.82 -22.80
N CYS F 148 -25.47 77.65 -23.06
CA CYS F 148 -26.33 76.94 -22.12
C CYS F 148 -26.09 75.45 -22.32
N MET F 149 -26.10 75.03 -23.59
CA MET F 149 -25.83 73.65 -23.96
C MET F 149 -24.51 73.15 -23.39
N GLU F 150 -23.58 74.08 -23.15
CA GLU F 150 -22.25 73.72 -22.69
C GLU F 150 -22.24 73.38 -21.20
N SER F 151 -22.96 74.17 -20.41
CA SER F 151 -23.08 73.95 -18.97
C SER F 151 -23.53 72.52 -18.68
N VAL F 152 -24.25 71.94 -19.63
CA VAL F 152 -24.73 70.57 -19.50
C VAL F 152 -23.60 69.58 -19.79
N LYS F 153 -22.88 69.81 -20.88
CA LYS F 153 -21.75 68.95 -21.25
C LYS F 153 -20.64 69.02 -20.20
N ASN F 154 -20.16 70.22 -19.91
CA ASN F 154 -19.14 70.41 -18.88
C ASN F 154 -19.59 69.87 -17.53
N GLY F 155 -20.89 69.57 -17.42
CA GLY F 155 -21.45 69.08 -16.17
C GLY F 155 -21.63 70.22 -15.19
N THR F 156 -21.31 71.44 -15.62
CA THR F 156 -21.43 72.63 -14.77
C THR F 156 -22.63 73.50 -15.15
N TYR F 157 -23.79 73.09 -14.67
CA TYR F 157 -25.08 73.72 -14.89
C TYR F 157 -25.48 73.83 -13.41
N ASP F 158 -24.48 74.17 -12.58
CA ASP F 158 -24.59 74.18 -11.13
C ASP F 158 -25.26 75.44 -10.62
N TYR F 159 -25.13 76.51 -11.39
CA TYR F 159 -25.75 77.78 -11.05
C TYR F 159 -26.76 78.15 -12.12
N PRO F 160 -27.89 77.41 -12.17
CA PRO F 160 -28.89 77.54 -13.22
C PRO F 160 -29.62 78.89 -13.20
N LYS F 161 -30.06 79.32 -14.37
CA LYS F 161 -30.87 80.53 -14.50
C LYS F 161 -31.89 80.34 -15.61
N TYR F 162 -33.11 79.97 -15.24
CA TYR F 162 -34.16 79.64 -16.19
C TYR F 162 -35.02 80.85 -16.55
N ASP G 7 -44.02 23.84 43.70
CA ASP G 7 -43.35 24.87 42.92
C ASP G 7 -42.22 24.26 42.08
N THR G 8 -41.25 23.63 42.75
CA THR G 8 -40.09 23.11 42.06
C THR G 8 -40.18 21.62 41.78
N LEU G 9 -39.59 21.19 40.66
CA LEU G 9 -39.45 19.78 40.36
C LEU G 9 -37.96 19.47 40.37
N CYS G 10 -37.60 18.19 40.33
CA CYS G 10 -36.19 17.83 40.34
C CYS G 10 -35.91 16.44 39.80
N ILE G 11 -34.65 16.05 39.90
CA ILE G 11 -34.13 14.91 39.18
C ILE G 11 -32.77 14.50 39.78
N GLY G 12 -32.61 13.22 40.08
CA GLY G 12 -31.37 12.77 40.68
C GLY G 12 -31.09 11.28 40.59
N TYR G 13 -30.18 10.82 41.44
CA TYR G 13 -29.66 9.47 41.34
C TYR G 13 -29.27 8.95 42.71
N HIS G 14 -28.93 7.67 42.77
CA HIS G 14 -28.66 7.00 44.03
C HIS G 14 -27.32 7.40 44.63
N ALA G 15 -27.12 7.04 45.90
CA ALA G 15 -25.90 7.29 46.64
C ALA G 15 -25.89 6.44 47.91
N ASN G 16 -24.72 6.15 48.43
CA ASN G 16 -24.60 5.28 49.60
C ASN G 16 -23.25 5.38 50.32
N ASN G 17 -23.03 4.45 51.25
CA ASN G 17 -21.80 4.40 52.02
C ASN G 17 -20.71 3.60 51.32
N SER G 18 -20.83 3.45 50.01
CA SER G 18 -19.88 2.65 49.25
C SER G 18 -18.54 3.35 49.11
N THR G 19 -17.47 2.58 49.30
CA THR G 19 -16.12 3.10 49.14
C THR G 19 -15.47 2.48 47.91
N ASP G 20 -16.21 1.61 47.23
CA ASP G 20 -15.73 0.97 46.01
C ASP G 20 -15.21 2.00 45.03
N THR G 21 -14.03 1.76 44.48
CA THR G 21 -13.44 2.65 43.48
C THR G 21 -13.04 1.86 42.23
N VAL G 22 -13.42 2.38 41.07
CA VAL G 22 -13.04 1.78 39.80
C VAL G 22 -12.27 2.79 38.97
N ASP G 23 -11.65 2.31 37.89
CA ASP G 23 -10.95 3.19 36.96
C ASP G 23 -11.67 3.20 35.62
N THR G 24 -11.59 4.34 34.94
CA THR G 24 -12.12 4.46 33.59
C THR G 24 -10.99 4.88 32.66
N VAL G 25 -11.32 5.06 31.39
CA VAL G 25 -10.32 5.51 30.42
C VAL G 25 -9.95 6.96 30.69
N LEU G 26 -10.93 7.71 31.18
CA LEU G 26 -10.76 9.15 31.33
C LEU G 26 -10.43 9.58 32.76
N GLU G 27 -10.69 8.71 33.73
CA GLU G 27 -10.55 9.08 35.13
C GLU G 27 -10.11 7.92 36.02
N LYS G 28 -9.31 8.23 37.03
CA LYS G 28 -8.81 7.22 37.97
C LYS G 28 -9.29 7.32 39.43
N ASN G 29 -9.56 6.16 40.04
CA ASN G 29 -10.09 6.08 41.40
C ASN G 29 -11.42 6.84 41.49
N VAL G 30 -12.41 6.40 40.73
CA VAL G 30 -13.75 6.97 40.80
C VAL G 30 -14.64 6.11 41.70
N THR G 31 -15.18 6.73 42.75
CA THR G 31 -16.03 6.02 43.69
C THR G 31 -17.40 5.73 43.08
N VAL G 32 -17.79 4.47 43.10
CA VAL G 32 -19.09 4.06 42.54
C VAL G 32 -19.97 3.43 43.61
N THR G 33 -21.28 3.42 43.35
CA THR G 33 -22.25 2.88 44.30
C THR G 33 -22.16 1.35 44.38
N HIS G 34 -21.96 0.71 43.25
CA HIS G 34 -21.90 -0.75 43.19
C HIS G 34 -20.87 -1.22 42.16
N SER G 35 -20.31 -2.40 42.39
CA SER G 35 -19.32 -2.97 41.47
C SER G 35 -19.10 -4.45 41.73
N VAL G 36 -18.43 -5.11 40.79
CA VAL G 36 -18.08 -6.52 40.91
C VAL G 36 -16.63 -6.73 40.52
N ASN G 37 -16.01 -7.77 41.05
CA ASN G 37 -14.64 -8.09 40.69
C ASN G 37 -14.57 -9.19 39.64
N LEU G 38 -13.88 -8.92 38.54
CA LEU G 38 -13.76 -9.89 37.45
C LEU G 38 -12.51 -10.74 37.65
N LEU G 39 -11.72 -10.39 38.64
CA LEU G 39 -10.45 -11.05 38.90
C LEU G 39 -10.56 -12.00 40.09
N GLU G 40 -10.34 -13.29 39.86
CA GLU G 40 -10.29 -14.26 40.96
C GLU G 40 -8.90 -14.31 41.55
N ASP G 41 -8.81 -14.12 42.86
CA ASP G 41 -7.54 -14.08 43.55
C ASP G 41 -7.60 -14.89 44.84
N LYS G 42 -8.33 -15.99 44.80
CA LYS G 42 -8.55 -16.80 46.01
C LYS G 42 -8.67 -18.28 45.69
N HIS G 43 -7.69 -19.05 46.18
CA HIS G 43 -7.69 -20.50 46.01
C HIS G 43 -7.96 -21.17 47.36
N ASN G 44 -8.42 -22.41 47.32
CA ASN G 44 -8.73 -23.13 48.56
C ASN G 44 -7.51 -23.78 49.21
N GLY G 45 -6.35 -23.65 48.55
CA GLY G 45 -5.12 -24.18 49.08
C GLY G 45 -5.12 -25.69 49.21
N LYS G 46 -5.92 -26.35 48.38
CA LYS G 46 -5.99 -27.80 48.37
C LYS G 46 -5.70 -28.35 46.98
N LEU G 47 -4.96 -29.44 46.91
CA LEU G 47 -4.81 -30.17 45.65
C LEU G 47 -5.99 -31.11 45.52
N CYS G 48 -7.04 -30.66 44.83
CA CYS G 48 -8.31 -31.38 44.73
C CYS G 48 -8.38 -32.26 43.49
N LYS G 49 -9.41 -33.10 43.42
CA LYS G 49 -9.61 -33.93 42.24
C LYS G 49 -10.03 -33.05 41.07
N LEU G 50 -9.76 -33.52 39.86
CA LEU G 50 -9.90 -32.65 38.69
C LEU G 50 -11.21 -32.80 37.91
N ARG G 51 -11.61 -34.03 37.62
CA ARG G 51 -12.94 -34.30 37.09
C ARG G 51 -13.79 -34.76 38.26
N GLY G 52 -13.70 -36.06 38.55
CA GLY G 52 -14.18 -36.65 39.79
C GLY G 52 -13.08 -37.61 40.20
N VAL G 53 -12.00 -37.59 39.43
CA VAL G 53 -10.87 -38.47 39.65
C VAL G 53 -9.80 -37.80 40.49
N ALA G 54 -9.20 -38.56 41.39
CA ALA G 54 -8.17 -38.03 42.29
C ALA G 54 -6.80 -38.03 41.62
N PRO G 55 -5.93 -37.11 42.07
CA PRO G 55 -4.54 -37.06 41.60
C PRO G 55 -3.71 -38.21 42.17
N LEU G 56 -2.64 -38.58 41.48
CA LEU G 56 -1.72 -39.59 41.98
C LEU G 56 -0.61 -38.91 42.77
N HIS G 57 -0.65 -39.02 44.09
CA HIS G 57 0.34 -38.38 44.93
C HIS G 57 1.49 -39.34 45.27
N LEU G 58 2.70 -38.96 44.88
CA LEU G 58 3.87 -39.83 45.04
C LEU G 58 4.58 -39.67 46.38
N GLY G 59 4.30 -38.58 47.08
CA GLY G 59 4.91 -38.34 48.37
C GLY G 59 6.41 -38.15 48.30
N LYS G 60 7.14 -39.05 48.97
CA LYS G 60 8.59 -38.93 49.06
C LYS G 60 9.31 -39.41 47.80
N CYS G 61 8.55 -39.94 46.84
CA CYS G 61 9.15 -40.52 45.65
C CYS G 61 8.72 -39.79 44.38
N ASN G 62 9.56 -39.89 43.34
CA ASN G 62 9.23 -39.30 42.05
C ASN G 62 8.80 -40.37 41.05
N ILE G 63 8.35 -39.93 39.88
CA ILE G 63 7.87 -40.85 38.85
C ILE G 63 8.83 -42.03 38.65
N ALA G 64 10.12 -41.71 38.48
CA ALA G 64 11.13 -42.74 38.27
C ALA G 64 11.08 -43.82 39.34
N GLY G 65 11.19 -43.41 40.60
CA GLY G 65 11.17 -44.35 41.71
C GLY G 65 9.90 -45.17 41.77
N TRP G 66 8.76 -44.52 41.52
CA TRP G 66 7.47 -45.17 41.62
C TRP G 66 7.27 -46.29 40.60
N ILE G 67 7.67 -46.05 39.36
CA ILE G 67 7.47 -47.03 38.30
C ILE G 67 8.52 -48.14 38.33
N LEU G 68 9.76 -47.77 38.61
CA LEU G 68 10.83 -48.76 38.69
C LEU G 68 10.62 -49.70 39.87
N GLY G 69 10.01 -49.18 40.93
CA GLY G 69 9.74 -49.98 42.11
C GLY G 69 10.80 -49.84 43.18
N ASN G 70 11.27 -48.62 43.38
CA ASN G 70 12.21 -48.33 44.45
C ASN G 70 11.70 -48.87 45.78
N PRO G 71 12.55 -49.56 46.54
CA PRO G 71 12.17 -50.15 47.82
C PRO G 71 11.49 -49.13 48.75
N GLU G 72 11.94 -47.88 48.70
CA GLU G 72 11.38 -46.83 49.54
C GLU G 72 10.19 -46.15 48.87
N CYS G 73 9.73 -46.75 47.78
CA CYS G 73 8.55 -46.26 47.07
C CYS G 73 7.45 -47.34 47.01
N GLU G 74 7.47 -48.25 47.97
CA GLU G 74 6.32 -49.11 48.23
C GLU G 74 5.26 -48.22 48.86
N SER G 75 4.08 -48.77 49.06
CA SER G 75 3.00 -48.06 49.75
C SER G 75 2.10 -47.13 48.92
N LEU G 76 2.44 -46.93 47.65
CA LEU G 76 1.66 -46.06 46.76
C LEU G 76 1.33 -46.57 45.37
N SER G 77 0.37 -47.47 45.30
CA SER G 77 0.06 -48.15 44.05
C SER G 77 -1.42 -48.46 43.86
N THR G 78 -2.21 -48.39 44.94
CA THR G 78 -3.64 -48.69 44.92
C THR G 78 -4.33 -47.62 44.08
N ALA G 79 -4.00 -47.61 42.79
CA ALA G 79 -4.44 -46.58 41.88
C ALA G 79 -4.84 -47.25 40.58
N SER G 80 -6.10 -47.07 40.18
CA SER G 80 -6.59 -47.61 38.92
C SER G 80 -6.57 -46.51 37.87
N SER G 81 -6.58 -45.26 38.33
CA SER G 81 -6.61 -44.10 37.45
C SER G 81 -6.30 -42.82 38.22
N TRP G 82 -5.94 -41.77 37.50
CA TRP G 82 -5.65 -40.47 38.10
C TRP G 82 -5.68 -39.33 37.09
N SER G 83 -6.33 -38.23 37.47
CA SER G 83 -6.45 -37.06 36.61
C SER G 83 -5.12 -36.36 36.38
N TYR G 84 -4.28 -36.31 37.41
CA TYR G 84 -2.97 -35.67 37.31
C TYR G 84 -2.01 -36.26 38.32
N ILE G 85 -0.72 -35.94 38.19
CA ILE G 85 0.29 -36.47 39.11
C ILE G 85 0.87 -35.37 40.00
N VAL G 86 0.96 -35.65 41.30
CA VAL G 86 1.54 -34.70 42.25
C VAL G 86 2.88 -35.20 42.80
N GLU G 87 3.89 -34.35 42.67
CA GLU G 87 5.21 -34.66 43.20
C GLU G 87 5.58 -33.60 44.22
N THR G 88 6.16 -34.01 45.34
CA THR G 88 6.60 -33.06 46.35
C THR G 88 8.01 -32.59 46.03
N PRO G 89 8.29 -31.30 46.26
CA PRO G 89 9.61 -30.72 45.98
C PRO G 89 10.70 -31.44 46.75
N SER G 90 10.31 -32.26 47.72
CA SER G 90 11.27 -32.95 48.58
C SER G 90 11.32 -34.45 48.28
N SER G 91 10.93 -34.83 47.08
CA SER G 91 10.94 -36.23 46.68
C SER G 91 12.21 -36.57 45.89
N ASP G 92 13.04 -37.45 46.44
CA ASP G 92 14.32 -37.79 45.82
C ASP G 92 14.55 -39.29 45.67
N ASN G 93 13.61 -40.08 46.16
CA ASN G 93 13.71 -41.54 46.00
C ASN G 93 13.34 -41.98 44.59
N GLY G 94 14.28 -41.80 43.66
CA GLY G 94 14.09 -42.20 42.29
C GLY G 94 14.98 -43.38 41.92
N THR G 95 15.91 -43.13 41.00
CA THR G 95 16.85 -44.17 40.59
C THR G 95 18.00 -44.30 41.59
N CYS G 96 17.86 -45.26 42.51
CA CYS G 96 18.87 -45.49 43.53
C CYS G 96 20.20 -45.95 42.95
N TYR G 97 20.15 -46.69 41.85
CA TYR G 97 21.38 -47.04 41.14
C TYR G 97 21.62 -46.03 40.03
N PRO G 98 22.80 -45.39 40.05
CA PRO G 98 23.15 -44.32 39.11
C PRO G 98 22.97 -44.77 37.66
N GLY G 99 22.48 -43.86 36.82
CA GLY G 99 22.26 -44.16 35.43
C GLY G 99 21.35 -43.16 34.75
N ASP G 100 21.14 -43.36 33.45
CA ASP G 100 20.31 -42.45 32.66
C ASP G 100 18.94 -43.06 32.40
N PHE G 101 17.89 -42.26 32.60
CA PHE G 101 16.53 -42.69 32.28
C PHE G 101 16.15 -42.13 30.92
N ILE G 102 16.26 -42.96 29.89
CA ILE G 102 16.03 -42.53 28.52
C ILE G 102 14.59 -42.06 28.29
N ASP G 103 14.45 -40.89 27.67
CA ASP G 103 13.13 -40.33 27.40
C ASP G 103 12.27 -40.29 28.66
N TYR G 104 12.87 -39.83 29.76
CA TYR G 104 12.20 -39.79 31.05
C TYR G 104 11.06 -38.78 31.08
N GLU G 105 11.34 -37.55 30.66
CA GLU G 105 10.32 -36.50 30.64
C GLU G 105 9.13 -36.93 29.79
N GLU G 106 9.41 -37.67 28.72
CA GLU G 106 8.35 -38.18 27.87
C GLU G 106 7.49 -39.19 28.62
N LEU G 107 8.14 -40.11 29.31
CA LEU G 107 7.45 -41.10 30.12
C LEU G 107 6.49 -40.42 31.09
N ARG G 108 7.00 -39.42 31.81
CA ARG G 108 6.21 -38.67 32.78
C ARG G 108 4.98 -38.02 32.13
N GLU G 109 5.18 -37.42 30.96
CA GLU G 109 4.08 -36.78 30.24
C GLU G 109 2.99 -37.78 29.88
N GLN G 110 3.39 -38.98 29.48
CA GLN G 110 2.46 -40.01 29.07
C GLN G 110 1.70 -40.57 30.27
N LEU G 111 2.35 -40.57 31.42
CA LEU G 111 1.77 -41.14 32.62
C LEU G 111 1.02 -40.10 33.43
N SER G 112 1.15 -38.84 33.02
CA SER G 112 0.51 -37.73 33.73
C SER G 112 -0.96 -38.00 34.04
N SER G 113 -1.63 -38.75 33.16
CA SER G 113 -3.04 -39.09 33.34
C SER G 113 -3.38 -40.43 32.69
N VAL G 114 -3.83 -41.38 33.50
CA VAL G 114 -4.22 -42.69 32.98
C VAL G 114 -5.68 -43.02 33.30
N SER G 115 -6.36 -43.64 32.35
CA SER G 115 -7.76 -44.06 32.53
C SER G 115 -7.81 -45.33 33.37
N SER G 116 -7.04 -46.33 32.98
CA SER G 116 -6.90 -47.56 33.76
C SER G 116 -5.44 -47.97 33.85
N PHE G 117 -5.05 -48.49 35.01
CA PHE G 117 -3.64 -48.74 35.29
C PHE G 117 -3.45 -49.91 36.24
N GLU G 118 -3.19 -51.10 35.70
CA GLU G 118 -2.95 -52.26 36.54
C GLU G 118 -1.53 -52.82 36.38
N ARG G 119 -0.95 -53.22 37.50
CA ARG G 119 0.43 -53.72 37.53
C ARG G 119 0.45 -55.25 37.64
N PHE G 120 0.91 -55.91 36.60
CA PHE G 120 0.93 -57.37 36.57
C PHE G 120 2.34 -57.90 36.37
N GLU G 121 2.58 -59.11 36.83
CA GLU G 121 3.87 -59.76 36.67
C GLU G 121 4.02 -60.30 35.25
N ILE G 122 4.80 -59.62 34.43
CA ILE G 122 5.00 -60.02 33.05
C ILE G 122 5.93 -61.22 32.94
N PHE G 123 6.99 -61.22 33.74
CA PHE G 123 7.89 -62.36 33.81
C PHE G 123 8.07 -62.82 35.26
N PRO G 124 7.29 -63.82 35.68
CA PRO G 124 7.40 -64.38 37.04
C PRO G 124 8.83 -64.80 37.35
N LYS G 125 9.34 -64.44 38.53
CA LYS G 125 10.73 -64.67 38.87
C LYS G 125 11.13 -66.14 38.87
N THR G 126 10.18 -67.01 39.21
CA THR G 126 10.52 -68.40 39.49
C THR G 126 10.23 -69.43 38.39
N SER G 127 9.98 -68.97 37.18
CA SER G 127 9.71 -69.89 36.08
C SER G 127 10.29 -69.36 34.76
N SER G 128 10.70 -68.09 34.76
CA SER G 128 11.15 -67.43 33.55
C SER G 128 12.66 -67.53 33.37
N TRP G 129 13.36 -67.65 34.49
CA TRP G 129 14.82 -67.63 34.46
C TRP G 129 15.41 -68.85 35.17
N PRO G 130 15.40 -70.00 34.48
CA PRO G 130 15.86 -71.30 34.99
C PRO G 130 17.35 -71.52 34.74
N ASN G 131 17.96 -70.68 33.90
CA ASN G 131 19.36 -70.81 33.56
C ASN G 131 20.19 -69.65 34.10
N HIS G 132 19.54 -68.81 34.91
CA HIS G 132 20.20 -67.64 35.48
C HIS G 132 19.76 -67.42 36.92
N ASP G 133 20.60 -66.76 37.70
CA ASP G 133 20.27 -66.48 39.10
C ASP G 133 19.44 -65.22 39.20
N SER G 134 18.24 -65.36 39.75
CA SER G 134 17.31 -64.23 39.88
C SER G 134 17.17 -63.82 41.35
N ASN G 135 18.23 -64.04 42.13
CA ASN G 135 18.18 -63.75 43.56
C ASN G 135 19.37 -62.91 44.04
N LYS G 136 20.49 -63.02 43.34
CA LYS G 136 21.70 -62.32 43.73
C LYS G 136 21.71 -60.87 43.25
N GLY G 137 20.61 -60.46 42.62
CA GLY G 137 20.53 -59.14 42.02
C GLY G 137 20.18 -58.03 42.99
N VAL G 138 21.08 -57.75 43.93
CA VAL G 138 20.85 -56.66 44.88
C VAL G 138 22.07 -55.75 44.94
N THR G 139 21.93 -54.62 45.61
CA THR G 139 23.00 -53.63 45.72
C THR G 139 22.84 -52.70 46.92
N ALA G 140 23.95 -52.16 47.40
CA ALA G 140 23.93 -51.21 48.51
C ALA G 140 23.32 -49.89 48.07
N ALA G 141 23.19 -49.71 46.76
CA ALA G 141 22.56 -48.52 46.21
C ALA G 141 21.05 -48.52 46.45
N CYS G 142 20.42 -49.67 46.37
CA CYS G 142 18.97 -49.73 46.64
C CYS G 142 18.67 -50.41 47.97
N PRO G 143 18.95 -49.70 49.08
CA PRO G 143 18.84 -50.32 50.40
C PRO G 143 17.40 -50.38 50.90
N HIS G 144 17.01 -51.55 51.38
CA HIS G 144 15.76 -51.68 52.09
C HIS G 144 16.08 -51.98 53.56
N ALA G 145 16.08 -50.92 54.37
CA ALA G 145 16.37 -51.06 55.79
C ALA G 145 17.74 -51.70 56.02
N GLY G 146 18.79 -50.97 55.68
CA GLY G 146 20.16 -51.42 55.86
C GLY G 146 20.56 -52.45 54.81
N ALA G 147 19.69 -53.43 54.63
CA ALA G 147 19.88 -54.54 53.72
C ALA G 147 19.99 -54.12 52.25
N LYS G 148 20.81 -54.83 51.46
CA LYS G 148 21.06 -54.48 50.06
C LYS G 148 19.97 -54.96 49.10
N SER G 149 19.07 -54.07 48.69
CA SER G 149 17.92 -54.50 47.87
C SER G 149 18.01 -54.08 46.40
N PHE G 150 16.84 -53.97 45.75
CA PHE G 150 16.77 -53.58 44.35
C PHE G 150 15.35 -53.14 44.00
N TYR G 151 15.16 -52.68 42.77
CA TYR G 151 13.83 -52.30 42.30
C TYR G 151 12.90 -53.51 42.32
N LYS G 152 11.65 -53.30 42.73
CA LYS G 152 10.69 -54.39 42.83
C LYS G 152 10.22 -54.86 41.46
N ASN G 153 9.98 -53.90 40.56
CA ASN G 153 9.41 -54.20 39.25
C ASN G 153 10.45 -54.68 38.25
N LEU G 154 11.67 -54.87 38.71
CA LEU G 154 12.78 -55.30 37.86
C LEU G 154 13.64 -56.35 38.56
N ILE G 155 14.19 -57.29 37.80
CA ILE G 155 15.11 -58.29 38.34
C ILE G 155 16.48 -58.17 37.70
N TRP G 156 17.51 -57.99 38.52
CA TRP G 156 18.88 -57.93 38.04
C TRP G 156 19.47 -59.34 37.91
N LEU G 157 19.36 -59.92 36.73
CA LEU G 157 19.85 -61.27 36.49
C LEU G 157 21.38 -61.33 36.48
N VAL G 158 21.93 -62.29 37.21
CA VAL G 158 23.36 -62.53 37.23
C VAL G 158 23.66 -63.97 36.83
N LYS G 159 24.93 -64.28 36.59
CA LYS G 159 25.32 -65.62 36.17
C LYS G 159 25.02 -66.65 37.25
N LYS G 160 24.54 -67.82 36.83
CA LYS G 160 24.25 -68.90 37.77
C LYS G 160 25.44 -69.83 37.94
N GLY G 161 26.27 -69.56 38.93
CA GLY G 161 27.43 -70.39 39.18
C GLY G 161 28.28 -70.57 37.94
N ASN G 162 28.87 -69.47 37.46
CA ASN G 162 29.80 -69.51 36.34
C ASN G 162 29.17 -69.81 34.99
N SER G 163 27.90 -69.46 34.85
CA SER G 163 27.21 -69.71 33.58
C SER G 163 26.17 -68.65 33.28
N TYR G 164 26.34 -67.99 32.15
CA TYR G 164 25.33 -67.05 31.66
C TYR G 164 25.07 -67.34 30.19
N PRO G 165 24.18 -68.30 29.92
CA PRO G 165 23.80 -68.70 28.57
C PRO G 165 22.90 -67.65 27.94
N LYS G 166 22.94 -67.52 26.62
CA LYS G 166 22.04 -66.60 25.93
C LYS G 166 20.60 -66.85 26.36
N LEU G 167 19.98 -65.85 26.97
CA LEU G 167 18.57 -65.97 27.32
C LEU G 167 17.70 -65.41 26.20
N SER G 168 16.47 -65.90 26.11
CA SER G 168 15.57 -65.46 25.05
C SER G 168 14.11 -65.60 25.48
N LYS G 169 13.62 -64.62 26.22
CA LYS G 169 12.22 -64.57 26.64
C LYS G 169 11.47 -63.55 25.78
N SER G 170 10.18 -63.78 25.60
CA SER G 170 9.35 -62.86 24.85
C SER G 170 7.89 -62.94 25.29
N TYR G 171 7.33 -61.78 25.64
CA TYR G 171 5.94 -61.71 26.11
C TYR G 171 5.04 -61.10 25.04
N ILE G 172 3.82 -61.61 24.93
CA ILE G 172 2.85 -61.08 23.98
C ILE G 172 1.69 -60.40 24.70
N ASN G 173 1.36 -59.19 24.27
CA ASN G 173 0.31 -58.40 24.91
C ASN G 173 -1.08 -58.99 24.71
N ASP G 174 -1.54 -59.76 25.69
CA ASP G 174 -2.87 -60.36 25.63
C ASP G 174 -3.92 -59.46 26.24
N LYS G 175 -3.49 -58.31 26.75
CA LYS G 175 -4.39 -57.32 27.33
C LYS G 175 -5.14 -56.60 26.20
N GLY G 176 -6.14 -55.80 26.58
CA GLY G 176 -6.89 -55.01 25.61
C GLY G 176 -6.44 -53.57 25.66
N LYS G 177 -5.24 -53.35 26.19
CA LYS G 177 -4.70 -52.01 26.38
C LYS G 177 -3.19 -52.07 26.27
N GLU G 178 -2.56 -50.93 25.99
CA GLU G 178 -1.11 -50.87 25.89
C GLU G 178 -0.47 -51.37 27.18
N VAL G 179 0.75 -51.88 27.05
CA VAL G 179 1.49 -52.41 28.19
C VAL G 179 2.85 -51.71 28.29
N LEU G 180 3.05 -50.96 29.39
CA LEU G 180 4.32 -50.29 29.64
C LEU G 180 5.35 -51.28 30.17
N VAL G 181 6.36 -51.56 29.36
CA VAL G 181 7.43 -52.45 29.78
C VAL G 181 8.71 -51.68 30.03
N LEU G 182 9.28 -51.85 31.23
CA LEU G 182 10.54 -51.21 31.57
C LEU G 182 11.63 -52.25 31.76
N TRP G 183 12.86 -51.86 31.40
CA TRP G 183 14.00 -52.74 31.55
C TRP G 183 15.27 -51.92 31.69
N GLY G 184 16.36 -52.56 32.09
CA GLY G 184 17.60 -51.84 32.31
C GLY G 184 18.82 -52.50 31.70
N ILE G 185 19.80 -51.68 31.32
CA ILE G 185 21.07 -52.16 30.82
C ILE G 185 22.18 -51.78 31.79
N HIS G 186 22.79 -52.77 32.42
CA HIS G 186 23.83 -52.50 33.40
C HIS G 186 25.20 -52.38 32.74
N HIS G 187 25.91 -51.32 33.09
CA HIS G 187 27.26 -51.10 32.60
C HIS G 187 28.25 -51.17 33.76
N PRO G 188 28.89 -52.33 33.96
CA PRO G 188 29.83 -52.54 35.06
C PRO G 188 30.98 -51.54 35.02
N SER G 189 31.65 -51.37 36.16
CA SER G 189 32.73 -50.40 36.27
C SER G 189 34.04 -50.97 35.72
N THR G 190 34.28 -52.25 35.97
CA THR G 190 35.52 -52.90 35.55
C THR G 190 35.27 -54.21 34.80
N SER G 191 36.21 -54.58 33.94
CA SER G 191 36.11 -55.83 33.19
C SER G 191 36.09 -57.03 34.12
N ALA G 192 36.67 -56.85 35.32
CA ALA G 192 36.63 -57.88 36.34
C ALA G 192 35.21 -58.02 36.90
N ASP G 193 34.54 -56.88 37.07
CA ASP G 193 33.16 -56.87 37.52
C ASP G 193 32.25 -57.47 36.46
N GLN G 194 32.63 -57.29 35.20
CA GLN G 194 31.86 -57.83 34.08
C GLN G 194 31.78 -59.35 34.14
N GLN G 195 32.94 -60.00 34.10
CA GLN G 195 32.99 -61.46 34.14
C GLN G 195 32.52 -62.01 35.48
N SER G 196 32.60 -61.19 36.52
CA SER G 196 32.15 -61.58 37.86
C SER G 196 30.63 -61.72 37.94
N LEU G 197 29.93 -60.83 37.23
CA LEU G 197 28.48 -60.74 37.24
C LEU G 197 27.92 -61.57 36.12
N TYR G 198 28.38 -61.27 34.92
CA TYR G 198 28.10 -62.06 33.72
C TYR G 198 29.47 -62.50 33.23
N GLN G 199 29.71 -63.80 33.36
CA GLN G 199 30.93 -64.43 32.93
C GLN G 199 31.52 -63.80 31.65
N ASN G 200 30.76 -63.88 30.56
CA ASN G 200 31.25 -63.44 29.25
C ASN G 200 31.79 -62.00 29.26
N ALA G 201 32.81 -61.77 28.44
CA ALA G 201 33.45 -60.46 28.37
C ALA G 201 32.81 -59.58 27.31
N ASP G 202 32.51 -60.16 26.16
CA ASP G 202 31.88 -59.42 25.07
C ASP G 202 30.42 -59.83 24.95
N THR G 203 29.53 -59.05 25.56
CA THR G 203 28.12 -59.38 25.60
C THR G 203 27.25 -58.38 24.86
N TYR G 204 25.97 -58.70 24.72
CA TYR G 204 25.03 -57.80 24.08
C TYR G 204 23.62 -58.01 24.60
N VAL G 205 22.81 -56.95 24.55
CA VAL G 205 21.40 -57.05 24.88
C VAL G 205 20.56 -56.56 23.70
N PHE G 206 19.45 -57.21 23.43
CA PHE G 206 18.58 -56.79 22.33
C PHE G 206 17.11 -56.85 22.70
N VAL G 207 16.41 -55.73 22.52
CA VAL G 207 14.99 -55.64 22.83
C VAL G 207 14.21 -55.20 21.59
N GLY G 208 13.24 -56.00 21.19
CA GLY G 208 12.48 -55.72 19.99
C GLY G 208 11.00 -56.04 20.08
N SER G 209 10.19 -55.20 19.43
CA SER G 209 8.76 -55.46 19.27
C SER G 209 8.41 -55.23 17.80
N SER G 210 7.13 -55.03 17.52
CA SER G 210 6.69 -54.76 16.16
C SER G 210 7.21 -53.40 15.71
N ARG G 211 7.47 -52.52 16.67
CA ARG G 211 7.88 -51.15 16.37
C ARG G 211 9.25 -50.81 16.96
N TYR G 212 9.55 -51.38 18.12
CA TYR G 212 10.81 -51.10 18.81
C TYR G 212 11.92 -52.13 18.57
N SER G 213 13.10 -51.65 18.19
CA SER G 213 14.23 -52.53 17.96
C SER G 213 15.58 -51.86 18.19
N LYS G 214 16.32 -52.35 19.19
CA LYS G 214 17.66 -51.83 19.45
C LYS G 214 18.58 -52.85 20.13
N LYS G 215 19.84 -52.84 19.72
CA LYS G 215 20.85 -53.72 20.29
C LYS G 215 21.78 -52.91 21.18
N PHE G 216 22.00 -53.41 22.40
CA PHE G 216 22.79 -52.69 23.38
C PHE G 216 24.17 -53.32 23.61
N LYS G 217 25.20 -52.49 23.62
CA LYS G 217 26.54 -52.94 23.95
C LYS G 217 27.00 -52.31 25.26
N PRO G 218 27.28 -53.15 26.27
CA PRO G 218 27.72 -52.68 27.58
C PRO G 218 28.96 -51.81 27.50
N GLU G 219 28.90 -50.61 28.06
CA GLU G 219 30.03 -49.69 28.07
C GLU G 219 30.75 -49.77 29.41
N ILE G 220 31.82 -50.57 29.45
CA ILE G 220 32.55 -50.82 30.68
C ILE G 220 33.63 -49.78 30.96
N ALA G 221 33.49 -49.07 32.07
CA ALA G 221 34.46 -48.04 32.45
C ALA G 221 34.19 -47.54 33.87
N ILE G 222 35.10 -46.71 34.38
CA ILE G 222 34.98 -46.18 35.73
C ILE G 222 34.36 -44.78 35.73
N ARG G 223 33.14 -44.68 36.26
CA ARG G 223 32.48 -43.39 36.41
C ARG G 223 32.65 -42.87 37.83
N PRO G 224 32.67 -41.53 37.99
CA PRO G 224 32.75 -40.92 39.32
C PRO G 224 31.67 -41.47 40.24
N LYS G 225 32.08 -41.91 41.43
CA LYS G 225 31.15 -42.56 42.36
C LYS G 225 29.92 -41.73 42.67
N VAL G 226 28.75 -42.31 42.37
CA VAL G 226 27.48 -41.76 42.81
C VAL G 226 26.76 -42.87 43.58
N ARG G 227 26.67 -42.72 44.89
CA ARG G 227 26.07 -43.75 45.74
C ARG G 227 26.94 -45.00 45.86
N ASP G 228 28.25 -44.81 45.77
CA ASP G 228 29.21 -45.91 45.92
C ASP G 228 29.42 -46.73 44.65
N GLN G 229 28.61 -46.44 43.62
CA GLN G 229 28.69 -47.19 42.37
C GLN G 229 29.52 -46.45 41.33
N GLU G 230 30.56 -47.11 40.83
CA GLU G 230 31.37 -46.54 39.75
C GLU G 230 30.81 -47.01 38.41
N GLY G 231 29.87 -47.95 38.46
CA GLY G 231 29.19 -48.41 37.27
C GLY G 231 27.90 -47.66 37.08
N ARG G 232 27.29 -47.80 35.90
CA ARG G 232 26.05 -47.13 35.59
C ARG G 232 24.96 -48.12 35.18
N MET G 233 23.72 -47.66 35.21
CA MET G 233 22.59 -48.49 34.78
C MET G 233 21.56 -47.63 34.06
N ASN G 234 21.47 -47.81 32.74
CA ASN G 234 20.52 -47.07 31.93
C ASN G 234 19.14 -47.73 31.92
N TYR G 235 18.11 -46.92 32.04
CA TYR G 235 16.74 -47.43 32.10
C TYR G 235 15.97 -47.11 30.83
N TYR G 236 15.34 -48.13 30.26
CA TYR G 236 14.59 -47.98 29.02
C TYR G 236 13.14 -48.42 29.19
N TRP G 237 12.28 -47.94 28.31
CA TRP G 237 10.86 -48.28 28.34
C TRP G 237 10.24 -48.22 26.96
N THR G 238 9.07 -48.85 26.80
CA THR G 238 8.35 -48.85 25.55
C THR G 238 6.92 -49.34 25.75
N LEU G 239 6.02 -48.86 24.91
CA LEU G 239 4.61 -49.27 24.96
C LEU G 239 4.28 -50.29 23.88
N VAL G 240 4.13 -51.54 24.28
CA VAL G 240 3.77 -52.59 23.34
C VAL G 240 2.27 -52.66 23.12
N GLU G 241 1.87 -52.53 21.85
CA GLU G 241 0.47 -52.49 21.46
C GLU G 241 -0.27 -53.78 21.78
N PRO G 242 -1.60 -53.69 21.96
CA PRO G 242 -2.41 -54.90 22.16
C PRO G 242 -2.24 -55.86 20.98
N GLY G 243 -1.95 -57.12 21.27
CA GLY G 243 -1.75 -58.11 20.24
C GLY G 243 -0.33 -58.14 19.72
N ASP G 244 0.49 -57.23 20.23
CA ASP G 244 1.90 -57.17 19.85
C ASP G 244 2.74 -57.88 20.92
N LYS G 245 3.94 -58.31 20.53
CA LYS G 245 4.84 -58.96 21.48
C LYS G 245 6.21 -58.31 21.50
N ILE G 246 6.87 -58.37 22.64
CA ILE G 246 8.20 -57.81 22.81
C ILE G 246 9.19 -58.90 23.21
N THR G 247 10.34 -58.93 22.53
CA THR G 247 11.34 -59.96 22.78
C THR G 247 12.59 -59.43 23.47
N PHE G 248 13.09 -60.19 24.44
CA PHE G 248 14.34 -59.88 25.10
C PHE G 248 15.38 -60.95 24.79
N GLU G 249 16.60 -60.52 24.48
CA GLU G 249 17.67 -61.44 24.12
C GLU G 249 18.99 -60.89 24.63
N ALA G 250 19.62 -61.61 25.56
CA ALA G 250 20.82 -61.10 26.21
C ALA G 250 21.85 -62.18 26.52
N THR G 251 23.12 -61.81 26.40
CA THR G 251 24.23 -62.64 26.85
C THR G 251 24.78 -62.06 28.14
N GLY G 252 24.01 -61.18 28.76
CA GLY G 252 24.40 -60.55 30.01
C GLY G 252 24.03 -59.08 30.08
N ASN G 253 24.19 -58.49 31.26
CA ASN G 253 24.00 -57.06 31.46
C ASN G 253 22.55 -56.59 31.35
N LEU G 254 21.61 -57.54 31.32
CA LEU G 254 20.20 -57.21 31.15
C LEU G 254 19.41 -57.26 32.47
N VAL G 255 19.01 -56.08 32.94
CA VAL G 255 18.11 -55.97 34.08
C VAL G 255 16.68 -56.20 33.56
N VAL G 256 16.22 -57.45 33.61
CA VAL G 256 14.96 -57.85 32.98
C VAL G 256 13.73 -57.33 33.70
N PRO G 257 12.63 -57.11 32.95
CA PRO G 257 11.36 -56.68 33.53
C PRO G 257 10.76 -57.76 34.42
N ARG G 258 10.10 -57.36 35.49
CA ARG G 258 9.38 -58.31 36.32
C ARG G 258 7.89 -57.99 36.27
N TYR G 259 7.58 -56.74 36.56
CA TYR G 259 6.21 -56.27 36.48
C TYR G 259 6.09 -55.28 35.33
N ALA G 260 4.99 -55.41 34.58
CA ALA G 260 4.65 -54.43 33.55
C ALA G 260 3.38 -53.73 34.00
N PHE G 261 2.84 -52.87 33.15
CA PHE G 261 1.65 -52.08 33.50
C PHE G 261 0.62 -52.02 32.38
N ALA G 262 -0.42 -52.82 32.48
CA ALA G 262 -1.56 -52.71 31.57
C ALA G 262 -2.15 -51.32 31.74
N MET G 263 -2.37 -50.62 30.63
CA MET G 263 -2.65 -49.19 30.70
C MET G 263 -3.60 -48.68 29.63
N GLU G 264 -4.36 -47.64 29.97
CA GLU G 264 -5.12 -46.88 29.00
C GLU G 264 -4.97 -45.42 29.37
N ARG G 265 -4.26 -44.67 28.55
CA ARG G 265 -3.99 -43.27 28.84
C ARG G 265 -4.82 -42.35 27.97
N ASN G 266 -5.37 -41.30 28.58
CA ASN G 266 -5.93 -40.18 27.85
C ASN G 266 -4.80 -39.20 27.59
N ALA G 267 -5.07 -38.19 26.77
CA ALA G 267 -4.03 -37.19 26.46
C ALA G 267 -4.35 -35.72 26.80
N GLY G 268 -4.15 -35.33 28.06
CA GLY G 268 -4.01 -33.94 28.42
C GLY G 268 -3.00 -33.62 29.49
N SER G 269 -3.36 -33.98 30.72
CA SER G 269 -2.82 -33.41 31.94
C SER G 269 -1.35 -33.51 32.10
N GLY G 270 -0.91 -32.88 33.17
CA GLY G 270 0.44 -33.03 33.70
C GLY G 270 0.72 -33.21 35.16
N ILE G 271 1.97 -32.96 35.57
CA ILE G 271 2.40 -33.22 36.93
C ILE G 271 2.69 -31.92 37.70
N ILE G 272 2.08 -31.77 38.87
CA ILE G 272 2.29 -30.58 39.70
C ILE G 272 3.31 -30.88 40.80
N ILE G 273 4.35 -30.05 40.89
CA ILE G 273 5.31 -30.19 41.98
C ILE G 273 4.95 -29.21 43.10
N SER G 274 4.33 -29.73 44.15
CA SER G 274 3.81 -28.88 45.23
C SER G 274 3.80 -29.59 46.58
N ASP G 275 3.85 -28.80 47.65
CA ASP G 275 3.76 -29.32 49.01
C ASP G 275 2.30 -29.34 49.48
N THR G 276 1.46 -28.60 48.77
CA THR G 276 0.04 -28.46 49.10
C THR G 276 -0.64 -29.80 49.37
N PRO G 277 -1.51 -29.85 50.40
CA PRO G 277 -2.23 -31.06 50.81
C PRO G 277 -3.16 -31.60 49.72
N VAL G 278 -3.14 -32.91 49.51
CA VAL G 278 -4.12 -33.55 48.65
C VAL G 278 -5.44 -33.62 49.42
N HIS G 279 -6.55 -33.41 48.73
CA HIS G 279 -7.84 -33.33 49.42
C HIS G 279 -8.96 -34.08 48.70
N ASP G 280 -9.98 -34.45 49.46
CA ASP G 280 -11.18 -35.03 48.90
C ASP G 280 -12.15 -33.91 48.53
N CYS G 281 -11.91 -33.26 47.40
CA CYS G 281 -12.74 -32.15 46.95
C CYS G 281 -12.84 -32.10 45.42
N ASN G 282 -13.87 -31.42 44.92
CA ASN G 282 -14.07 -31.25 43.49
C ASN G 282 -13.55 -29.89 43.01
N THR G 283 -12.88 -29.87 41.86
CA THR G 283 -12.44 -28.62 41.23
C THR G 283 -12.43 -28.77 39.71
N THR G 284 -12.53 -27.65 39.01
CA THR G 284 -12.46 -27.65 37.55
C THR G 284 -11.15 -27.05 37.07
N CYS G 285 -10.42 -26.47 38.02
CA CYS G 285 -9.13 -25.83 37.72
C CYS G 285 -8.17 -26.02 38.90
N GLN G 286 -6.99 -26.55 38.62
CA GLN G 286 -6.02 -26.86 39.66
C GLN G 286 -4.69 -26.13 39.48
N THR G 287 -4.21 -25.51 40.55
CA THR G 287 -2.90 -24.86 40.54
C THR G 287 -2.02 -25.49 41.63
N PRO G 288 -0.70 -25.31 41.51
CA PRO G 288 0.24 -25.83 42.51
C PRO G 288 -0.04 -25.28 43.91
N LYS G 289 -0.63 -24.09 43.99
CA LYS G 289 -0.89 -23.46 45.28
C LYS G 289 -2.24 -23.89 45.87
N GLY G 290 -3.17 -24.24 44.98
CA GLY G 290 -4.50 -24.66 45.40
C GLY G 290 -5.48 -24.63 44.25
N ALA G 291 -6.68 -25.15 44.46
CA ALA G 291 -7.70 -25.20 43.43
C ALA G 291 -8.47 -23.89 43.31
N ILE G 292 -9.09 -23.68 42.15
CA ILE G 292 -9.88 -22.48 41.93
C ILE G 292 -11.34 -22.84 41.61
N ASN G 293 -12.24 -22.50 42.52
CA ASN G 293 -13.67 -22.58 42.27
C ASN G 293 -14.16 -21.20 41.88
N THR G 294 -14.18 -20.90 40.58
CA THR G 294 -14.65 -19.59 40.15
C THR G 294 -15.53 -19.58 38.91
N SER G 295 -16.02 -18.38 38.59
CA SER G 295 -16.99 -18.17 37.54
C SER G 295 -16.45 -17.03 36.70
N LEU G 296 -15.44 -16.38 37.25
CA LEU G 296 -14.84 -15.20 36.65
C LEU G 296 -13.91 -15.61 35.51
N PRO G 297 -13.66 -14.66 34.60
CA PRO G 297 -12.86 -14.90 33.39
C PRO G 297 -11.35 -14.89 33.64
N PHE G 298 -10.90 -14.25 34.72
CA PHE G 298 -9.47 -14.08 34.93
C PHE G 298 -9.03 -14.42 36.36
N GLN G 299 -7.80 -14.94 36.48
CA GLN G 299 -7.22 -15.25 37.77
C GLN G 299 -5.76 -14.81 37.81
N ASN G 300 -5.31 -14.35 38.97
CA ASN G 300 -3.93 -13.91 39.13
C ASN G 300 -3.18 -14.74 40.18
N ILE G 301 -3.69 -15.95 40.42
CA ILE G 301 -3.11 -16.83 41.42
C ILE G 301 -1.82 -17.48 40.96
N HIS G 302 -1.87 -18.17 39.82
CA HIS G 302 -0.72 -18.89 39.31
C HIS G 302 -0.80 -19.11 37.80
N PRO G 303 0.34 -18.95 37.11
CA PRO G 303 0.45 -19.12 35.66
C PRO G 303 0.26 -20.58 35.25
N ILE G 304 0.93 -21.49 35.94
CA ILE G 304 0.81 -22.92 35.64
C ILE G 304 -0.49 -23.46 36.20
N THR G 305 -1.31 -24.04 35.32
CA THR G 305 -2.65 -24.44 35.71
C THR G 305 -3.07 -25.72 34.97
N ILE G 306 -3.99 -26.47 35.56
CA ILE G 306 -4.50 -27.70 34.93
C ILE G 306 -6.02 -27.74 34.96
N GLY G 307 -6.63 -28.10 33.85
CA GLY G 307 -8.08 -28.18 33.74
C GLY G 307 -8.65 -27.08 32.86
N LYS G 308 -9.91 -26.73 33.10
CA LYS G 308 -10.53 -25.62 32.40
C LYS G 308 -10.51 -24.39 33.31
N CYS G 309 -9.53 -23.53 33.11
CA CYS G 309 -9.25 -22.46 34.06
C CYS G 309 -9.44 -21.06 33.48
N PRO G 310 -9.66 -20.07 34.37
CA PRO G 310 -9.67 -18.67 33.98
C PRO G 310 -8.29 -18.29 33.46
N LYS G 311 -8.21 -17.19 32.71
CA LYS G 311 -6.94 -16.77 32.14
C LYS G 311 -6.04 -16.18 33.23
N TYR G 312 -4.74 -16.47 33.17
CA TYR G 312 -3.82 -15.87 34.11
C TYR G 312 -3.50 -14.44 33.69
N VAL G 313 -3.67 -13.51 34.60
CA VAL G 313 -3.42 -12.10 34.35
C VAL G 313 -2.53 -11.52 35.43
N LYS G 314 -1.68 -10.56 35.06
CA LYS G 314 -0.73 -9.98 35.99
C LYS G 314 -1.39 -8.87 36.80
N SER G 315 -2.69 -8.68 36.59
CA SER G 315 -3.44 -7.64 37.26
C SER G 315 -3.53 -7.87 38.77
N THR G 316 -3.62 -6.77 39.51
CA THR G 316 -3.84 -6.82 40.95
C THR G 316 -5.33 -6.72 41.27
N LYS G 317 -6.04 -5.95 40.45
CA LYS G 317 -7.48 -5.79 40.60
C LYS G 317 -8.15 -5.49 39.26
N LEU G 318 -9.34 -6.04 39.07
CA LEU G 318 -10.13 -5.79 37.86
C LEU G 318 -11.56 -5.46 38.25
N ARG G 319 -11.72 -4.42 39.07
CA ARG G 319 -13.05 -4.05 39.57
C ARG G 319 -13.91 -3.41 38.49
N LEU G 320 -15.06 -4.04 38.22
CA LEU G 320 -15.97 -3.62 37.17
C LEU G 320 -17.16 -2.86 37.76
N ALA G 321 -17.35 -1.62 37.32
CA ALA G 321 -18.40 -0.74 37.84
C ALA G 321 -19.81 -1.18 37.40
N THR G 322 -20.67 -1.48 38.35
CA THR G 322 -22.04 -1.87 38.05
C THR G 322 -23.03 -0.76 38.34
N GLY G 323 -22.79 -0.03 39.44
CA GLY G 323 -23.63 1.09 39.81
C GLY G 323 -23.18 2.37 39.12
N LEU G 324 -23.57 3.51 39.68
CA LEU G 324 -23.17 4.81 39.12
C LEU G 324 -22.37 5.64 40.13
N ARG G 325 -21.71 6.68 39.63
CA ARG G 325 -20.87 7.54 40.47
C ARG G 325 -21.50 7.80 41.83
N ASN G 326 -20.68 7.90 42.87
CA ASN G 326 -21.22 8.04 44.21
C ASN G 326 -21.00 9.41 44.80
N ILE G 327 -22.06 10.00 45.35
CA ILE G 327 -21.93 11.29 46.01
C ILE G 327 -22.56 11.32 47.39
N GLY H 1 -20.52 12.03 32.40
CA GLY H 1 -20.25 13.43 32.14
C GLY H 1 -20.34 13.77 30.66
N LEU H 2 -20.67 12.77 29.85
CA LEU H 2 -20.74 12.95 28.40
C LEU H 2 -22.07 13.61 27.97
N PHE H 3 -23.09 13.50 28.81
CA PHE H 3 -24.37 14.09 28.47
C PHE H 3 -24.65 15.33 29.32
N GLY H 4 -23.68 15.72 30.14
CA GLY H 4 -23.74 16.96 30.89
C GLY H 4 -24.70 16.93 32.07
N ALA H 5 -25.35 15.80 32.28
CA ALA H 5 -26.33 15.69 33.36
C ALA H 5 -25.66 15.39 34.71
N ILE H 6 -25.17 14.16 34.87
CA ILE H 6 -24.54 13.75 36.11
C ILE H 6 -23.21 14.47 36.31
N ALA H 7 -23.07 15.13 37.46
CA ALA H 7 -21.91 15.96 37.74
C ALA H 7 -21.86 17.13 36.76
N GLY H 8 -23.02 17.49 36.22
CA GLY H 8 -23.14 18.60 35.29
C GLY H 8 -24.06 19.68 35.82
N PHE H 9 -25.17 19.92 35.12
CA PHE H 9 -26.14 20.90 35.58
C PHE H 9 -26.94 20.37 36.78
N ILE H 10 -26.90 19.06 36.96
CA ILE H 10 -27.37 18.44 38.19
C ILE H 10 -26.14 18.04 38.99
N GLU H 11 -25.68 18.96 39.83
CA GLU H 11 -24.40 18.83 40.50
C GLU H 11 -24.33 17.62 41.42
N GLY H 12 -25.45 17.27 42.02
CA GLY H 12 -25.45 16.31 43.10
C GLY H 12 -26.38 15.11 43.03
N GLY H 13 -26.08 14.12 43.87
CA GLY H 13 -26.87 12.92 44.00
C GLY H 13 -27.73 12.95 45.25
N TRP H 14 -28.69 12.02 45.33
CA TRP H 14 -29.59 11.97 46.46
C TRP H 14 -29.46 10.69 47.26
N THR H 15 -28.80 10.78 48.41
CA THR H 15 -28.74 9.67 49.34
C THR H 15 -30.15 9.29 49.76
N GLY H 16 -31.04 10.27 49.71
CA GLY H 16 -32.42 10.08 50.13
C GLY H 16 -33.21 9.10 49.29
N MET H 17 -32.98 9.12 47.98
CA MET H 17 -33.68 8.21 47.08
C MET H 17 -32.99 6.86 47.03
N VAL H 18 -33.66 5.84 47.59
CA VAL H 18 -33.06 4.52 47.72
C VAL H 18 -33.90 3.45 47.02
N ASP H 19 -34.81 3.89 46.15
CA ASP H 19 -35.71 2.99 45.45
C ASP H 19 -35.15 2.56 44.10
N GLY H 20 -34.40 3.47 43.47
CA GLY H 20 -33.82 3.20 42.16
C GLY H 20 -32.63 4.08 41.85
N TRP H 21 -32.16 4.03 40.61
CA TRP H 21 -31.00 4.81 40.19
C TRP H 21 -31.37 6.23 39.77
N TYR H 22 -32.51 6.38 39.12
CA TYR H 22 -33.00 7.70 38.73
C TYR H 22 -34.42 7.88 39.22
N GLY H 23 -34.78 9.11 39.58
CA GLY H 23 -36.11 9.41 40.09
C GLY H 23 -36.39 10.89 40.26
N TYR H 24 -37.45 11.20 41.00
CA TYR H 24 -37.89 12.58 41.18
C TYR H 24 -37.97 12.97 42.66
N HIS H 25 -38.19 14.26 42.90
CA HIS H 25 -38.45 14.76 44.24
C HIS H 25 -39.47 15.91 44.18
N HIS H 26 -40.73 15.58 44.39
CA HIS H 26 -41.81 16.55 44.30
C HIS H 26 -41.83 17.44 45.53
N GLN H 27 -42.51 18.58 45.42
CA GLN H 27 -42.54 19.56 46.50
C GLN H 27 -43.82 20.38 46.44
N ASN H 28 -44.97 19.70 46.47
CA ASN H 28 -46.26 20.39 46.43
C ASN H 28 -46.91 20.49 47.79
N GLU H 29 -48.18 20.88 47.80
CA GLU H 29 -48.88 21.21 49.03
C GLU H 29 -49.25 19.99 49.89
N GLN H 30 -49.06 18.79 49.35
CA GLN H 30 -49.38 17.58 50.09
C GLN H 30 -48.15 16.91 50.67
N GLY H 31 -47.00 17.56 50.56
CA GLY H 31 -45.78 17.03 51.13
C GLY H 31 -44.61 16.97 50.17
N SER H 32 -43.52 16.36 50.62
CA SER H 32 -42.33 16.22 49.80
C SER H 32 -41.91 14.76 49.73
N GLY H 33 -40.65 14.52 49.37
CA GLY H 33 -40.13 13.17 49.32
C GLY H 33 -39.52 12.79 47.98
N TYR H 34 -38.84 11.66 47.95
CA TYR H 34 -38.23 11.17 46.72
C TYR H 34 -38.99 9.97 46.18
N ALA H 35 -39.01 9.84 44.86
CA ALA H 35 -39.66 8.69 44.22
C ALA H 35 -38.89 8.27 42.97
N ALA H 36 -38.31 7.07 43.02
CA ALA H 36 -37.49 6.57 41.92
C ALA H 36 -38.35 6.20 40.72
N ASP H 37 -37.87 6.54 39.53
CA ASP H 37 -38.58 6.21 38.30
C ASP H 37 -38.60 4.71 38.08
N LEU H 38 -39.80 4.17 37.97
CA LEU H 38 -39.98 2.73 37.88
C LEU H 38 -39.39 2.13 36.60
N LYS H 39 -39.91 2.56 35.45
CA LYS H 39 -39.51 1.99 34.17
C LYS H 39 -38.04 2.21 33.83
N SER H 40 -37.52 3.39 34.17
CA SER H 40 -36.14 3.74 33.83
C SER H 40 -35.13 2.90 34.62
N THR H 41 -35.27 2.89 35.94
CA THR H 41 -34.36 2.15 36.80
C THR H 41 -34.37 0.66 36.48
N GLN H 42 -35.55 0.13 36.15
CA GLN H 42 -35.69 -1.29 35.85
C GLN H 42 -34.90 -1.68 34.60
N ASN H 43 -35.05 -0.89 33.54
CA ASN H 43 -34.34 -1.14 32.29
C ASN H 43 -32.82 -1.08 32.46
N ALA H 44 -32.36 -0.06 33.18
CA ALA H 44 -30.93 0.10 33.43
C ALA H 44 -30.35 -1.13 34.09
N ILE H 45 -31.01 -1.58 35.16
CA ILE H 45 -30.58 -2.77 35.88
C ILE H 45 -30.48 -3.98 34.95
N ASP H 46 -31.53 -4.21 34.17
CA ASP H 46 -31.56 -5.32 33.22
C ASP H 46 -30.40 -5.24 32.24
N GLU H 47 -30.19 -4.07 31.67
CA GLU H 47 -29.16 -3.87 30.65
C GLU H 47 -27.75 -3.91 31.23
N ILE H 48 -27.56 -3.31 32.39
CA ILE H 48 -26.27 -3.36 33.06
C ILE H 48 -25.95 -4.80 33.47
N THR H 49 -26.98 -5.52 33.91
CA THR H 49 -26.83 -6.93 34.25
C THR H 49 -26.35 -7.71 33.04
N ASN H 50 -27.05 -7.56 31.93
CA ASN H 50 -26.69 -8.21 30.69
C ASN H 50 -25.26 -7.87 30.30
N LYS H 51 -24.86 -6.63 30.55
CA LYS H 51 -23.50 -6.16 30.26
C LYS H 51 -22.48 -6.99 31.00
N VAL H 52 -22.69 -7.12 32.31
CA VAL H 52 -21.79 -7.89 33.17
C VAL H 52 -21.77 -9.36 32.77
N ASN H 53 -22.94 -9.89 32.45
CA ASN H 53 -23.05 -11.29 32.02
C ASN H 53 -22.28 -11.58 30.74
N SER H 54 -22.31 -10.63 29.81
CA SER H 54 -21.62 -10.80 28.52
C SER H 54 -20.11 -10.93 28.71
N VAL H 55 -19.52 -9.96 29.42
CA VAL H 55 -18.09 -9.97 29.69
C VAL H 55 -17.65 -11.30 30.31
N ILE H 56 -18.56 -11.91 31.07
CA ILE H 56 -18.26 -13.16 31.76
C ILE H 56 -18.61 -14.39 30.91
N GLU H 57 -19.83 -14.40 30.37
CA GLU H 57 -20.36 -15.59 29.71
C GLU H 57 -19.58 -15.98 28.44
N LYS H 58 -19.00 -14.99 27.78
CA LYS H 58 -18.26 -15.24 26.55
C LYS H 58 -16.93 -15.95 26.79
N MET H 59 -16.53 -16.02 28.06
CA MET H 59 -15.27 -16.65 28.40
C MET H 59 -15.40 -18.17 28.60
N ASN H 60 -15.44 -18.90 27.49
CA ASN H 60 -15.45 -20.36 27.58
C ASN H 60 -14.09 -20.94 27.18
N THR H 61 -13.32 -21.32 28.19
CA THR H 61 -11.95 -21.76 28.01
C THR H 61 -11.85 -23.25 27.68
N GLN H 62 -10.73 -23.63 27.07
CA GLN H 62 -10.46 -25.02 26.75
C GLN H 62 -9.93 -25.73 27.98
N PHE H 63 -10.12 -27.05 28.04
CA PHE H 63 -9.51 -27.85 29.09
C PHE H 63 -8.06 -28.07 28.75
N THR H 64 -7.17 -27.43 29.49
CA THR H 64 -5.75 -27.49 29.18
C THR H 64 -4.93 -27.56 30.46
N ALA H 65 -3.79 -28.23 30.39
CA ALA H 65 -2.91 -28.30 31.54
C ALA H 65 -1.64 -27.48 31.29
N VAL H 66 -1.70 -26.20 31.61
CA VAL H 66 -0.53 -25.34 31.52
C VAL H 66 0.60 -26.01 32.29
N GLY H 67 1.84 -25.65 31.97
CA GLY H 67 3.00 -26.20 32.67
C GLY H 67 3.46 -27.51 32.07
N LYS H 68 4.72 -27.56 31.66
CA LYS H 68 5.33 -28.75 31.11
C LYS H 68 6.64 -29.03 31.81
N GLU H 69 7.19 -30.22 31.60
CA GLU H 69 8.45 -30.60 32.24
C GLU H 69 9.52 -30.90 31.20
N PHE H 70 10.69 -30.27 31.35
CA PHE H 70 11.79 -30.50 30.44
C PHE H 70 13.07 -30.79 31.21
N ASN H 71 13.93 -31.62 30.64
CA ASN H 71 15.22 -31.91 31.27
C ASN H 71 16.27 -30.86 30.93
N HIS H 72 17.44 -30.97 31.55
CA HIS H 72 18.49 -29.98 31.42
C HIS H 72 18.93 -29.76 29.96
N LEU H 73 18.66 -30.74 29.11
CA LEU H 73 19.01 -30.64 27.70
C LEU H 73 17.82 -30.23 26.84
N GLU H 74 16.81 -29.64 27.47
CA GLU H 74 15.63 -29.16 26.75
C GLU H 74 15.27 -27.74 27.13
N LYS H 75 16.29 -26.95 27.46
CA LYS H 75 16.11 -25.56 27.84
C LYS H 75 15.48 -24.71 26.74
N ARG H 76 15.73 -25.06 25.47
CA ARG H 76 15.18 -24.30 24.35
C ARG H 76 13.66 -24.40 24.29
N ILE H 77 13.13 -25.63 24.30
CA ILE H 77 11.69 -25.82 24.29
C ILE H 77 11.06 -25.32 25.59
N GLU H 78 11.83 -25.38 26.67
CA GLU H 78 11.35 -24.86 27.94
C GLU H 78 11.14 -23.35 27.84
N ASN H 79 12.04 -22.69 27.12
CA ASN H 79 11.93 -21.26 26.89
C ASN H 79 10.86 -20.90 25.85
N LEU H 80 10.72 -21.76 24.85
CA LEU H 80 9.62 -21.61 23.90
C LEU H 80 8.30 -21.68 24.66
N ASN H 81 8.19 -22.67 25.52
CA ASN H 81 7.01 -22.84 26.36
C ASN H 81 6.79 -21.63 27.26
N LYS H 82 7.87 -21.15 27.87
CA LYS H 82 7.78 -19.95 28.70
C LYS H 82 7.30 -18.77 27.86
N LYS H 83 7.64 -18.78 26.57
CA LYS H 83 7.24 -17.69 25.69
C LYS H 83 5.74 -17.63 25.41
N VAL H 84 5.15 -18.79 25.17
CA VAL H 84 3.70 -18.86 24.96
C VAL H 84 2.98 -18.36 26.21
N ASP H 85 3.49 -18.78 27.38
CA ASP H 85 2.89 -18.41 28.66
C ASP H 85 2.98 -16.91 28.91
N ASP H 86 4.15 -16.33 28.65
CA ASP H 86 4.35 -14.90 28.83
C ASP H 86 3.62 -14.10 27.75
N GLY H 87 3.40 -14.71 26.60
CA GLY H 87 2.66 -14.07 25.54
C GLY H 87 1.19 -13.95 25.88
N PHE H 88 0.57 -15.07 26.22
CA PHE H 88 -0.84 -15.08 26.62
C PHE H 88 -1.06 -14.21 27.85
N LEU H 89 -0.05 -14.18 28.72
CA LEU H 89 -0.13 -13.36 29.94
C LEU H 89 -0.21 -11.88 29.60
N ASP H 90 0.60 -11.44 28.65
CA ASP H 90 0.63 -10.04 28.24
C ASP H 90 -0.62 -9.63 27.47
N ILE H 91 -1.11 -10.51 26.62
CA ILE H 91 -2.32 -10.25 25.85
C ILE H 91 -3.53 -10.09 26.77
N TRP H 92 -3.75 -11.10 27.62
CA TRP H 92 -4.91 -11.11 28.50
C TRP H 92 -4.90 -9.99 29.53
N THR H 93 -3.73 -9.70 30.09
CA THR H 93 -3.60 -8.60 31.04
C THR H 93 -3.98 -7.28 30.39
N TYR H 94 -3.36 -7.00 29.24
CA TYR H 94 -3.61 -5.75 28.54
C TYR H 94 -5.07 -5.61 28.11
N ASN H 95 -5.60 -6.66 27.50
CA ASN H 95 -6.99 -6.64 27.04
C ASN H 95 -7.99 -6.49 28.18
N ALA H 96 -7.77 -7.23 29.26
CA ALA H 96 -8.66 -7.17 30.42
C ALA H 96 -8.64 -5.78 31.06
N GLU H 97 -7.45 -5.22 31.22
CA GLU H 97 -7.30 -3.89 31.79
C GLU H 97 -8.01 -2.83 30.95
N LEU H 98 -7.78 -2.88 29.64
CA LEU H 98 -8.39 -1.94 28.71
C LEU H 98 -9.91 -2.14 28.61
N LEU H 99 -10.35 -3.39 28.64
CA LEU H 99 -11.77 -3.71 28.55
C LEU H 99 -12.55 -3.05 29.68
N VAL H 100 -12.03 -3.18 30.90
CA VAL H 100 -12.66 -2.59 32.07
C VAL H 100 -12.71 -1.07 31.96
N LEU H 101 -11.57 -0.46 31.60
CA LEU H 101 -11.50 0.98 31.44
C LEU H 101 -12.53 1.47 30.44
N LEU H 102 -12.49 0.91 29.24
CA LEU H 102 -13.42 1.31 28.18
C LEU H 102 -14.87 1.14 28.59
N GLU H 103 -15.19 -0.01 29.17
CA GLU H 103 -16.57 -0.31 29.57
C GLU H 103 -17.06 0.57 30.71
N ASN H 104 -16.19 0.85 31.68
CA ASN H 104 -16.55 1.75 32.77
C ASN H 104 -16.91 3.14 32.25
N GLU H 105 -16.16 3.62 31.28
CA GLU H 105 -16.45 4.89 30.66
C GLU H 105 -17.83 4.86 30.01
N ARG H 106 -18.14 3.76 29.34
CA ARG H 106 -19.43 3.60 28.69
C ARG H 106 -20.57 3.46 29.68
N THR H 107 -20.31 2.78 30.80
CA THR H 107 -21.33 2.56 31.82
C THR H 107 -21.76 3.88 32.47
N LEU H 108 -20.79 4.73 32.76
CA LEU H 108 -21.07 6.04 33.35
C LEU H 108 -21.83 6.93 32.36
N ASP H 109 -21.39 6.90 31.11
CA ASP H 109 -22.07 7.67 30.06
C ASP H 109 -23.48 7.14 29.84
N TYR H 110 -23.67 5.84 30.06
CA TYR H 110 -24.98 5.23 29.96
C TYR H 110 -25.92 5.77 31.03
N HIS H 111 -25.46 5.81 32.27
CA HIS H 111 -26.26 6.35 33.36
C HIS H 111 -26.51 7.84 33.15
N ASP H 112 -25.45 8.57 32.81
CA ASP H 112 -25.55 9.99 32.55
C ASP H 112 -26.65 10.26 31.52
N SER H 113 -26.71 9.42 30.50
CA SER H 113 -27.68 9.58 29.42
C SER H 113 -29.11 9.39 29.89
N ASN H 114 -29.36 8.34 30.69
CA ASN H 114 -30.69 8.09 31.20
C ASN H 114 -31.26 9.25 32.02
N VAL H 115 -30.39 9.91 32.77
CA VAL H 115 -30.78 11.09 33.53
C VAL H 115 -31.20 12.21 32.59
N LYS H 116 -30.29 12.56 31.67
CA LYS H 116 -30.57 13.57 30.65
C LYS H 116 -31.90 13.29 29.95
N ASN H 117 -32.13 12.03 29.61
CA ASN H 117 -33.36 11.63 28.94
C ASN H 117 -34.59 11.83 29.82
N LEU H 118 -34.46 11.51 31.10
CA LEU H 118 -35.55 11.69 32.04
C LEU H 118 -35.89 13.17 32.17
N TYR H 119 -34.85 13.99 32.24
CA TYR H 119 -35.01 15.44 32.31
C TYR H 119 -35.72 15.96 31.06
N GLU H 120 -35.22 15.55 29.90
CA GLU H 120 -35.79 15.99 28.63
C GLU H 120 -37.24 15.57 28.46
N LYS H 121 -37.55 14.33 28.84
CA LYS H 121 -38.91 13.81 28.71
C LYS H 121 -39.91 14.63 29.50
N VAL H 122 -39.47 15.15 30.65
CA VAL H 122 -40.30 16.01 31.47
C VAL H 122 -40.40 17.40 30.84
N ARG H 123 -39.26 17.90 30.38
CA ARG H 123 -39.19 19.25 29.84
C ARG H 123 -39.96 19.43 28.53
N SER H 124 -39.89 18.46 27.63
CA SER H 124 -40.64 18.54 26.38
C SER H 124 -42.09 18.14 26.60
N GLN H 125 -42.52 18.19 27.85
CA GLN H 125 -43.86 17.78 28.20
C GLN H 125 -44.54 18.91 28.98
N LEU H 126 -43.83 19.47 29.97
CA LEU H 126 -44.16 20.80 30.43
C LEU H 126 -43.39 21.72 29.54
N LYS H 127 -44.08 22.65 28.88
CA LYS H 127 -43.41 23.60 28.04
C LYS H 127 -43.54 25.02 28.61
N ASN H 128 -44.68 25.66 28.36
CA ASN H 128 -44.96 26.96 28.96
C ASN H 128 -45.45 26.82 30.39
N ASN H 129 -46.08 25.69 30.71
CA ASN H 129 -46.71 25.51 32.02
C ASN H 129 -45.74 25.52 33.19
N ALA H 130 -44.45 25.68 32.89
CA ALA H 130 -43.43 25.71 33.93
C ALA H 130 -42.12 26.24 33.36
N LYS H 131 -41.16 26.54 34.23
CA LYS H 131 -39.88 27.08 33.80
C LYS H 131 -38.71 26.28 34.36
N GLU H 132 -37.61 26.23 33.60
CA GLU H 132 -36.40 25.58 34.06
C GLU H 132 -35.67 26.46 35.06
N ILE H 133 -35.13 25.85 36.10
CA ILE H 133 -34.31 26.56 37.08
C ILE H 133 -32.85 26.52 36.66
N GLY H 134 -32.45 25.40 36.06
CA GLY H 134 -31.08 25.21 35.62
C GLY H 134 -30.38 24.13 36.42
N ASN H 135 -30.94 23.81 37.59
CA ASN H 135 -30.38 22.78 38.45
C ASN H 135 -31.10 21.45 38.26
N GLY H 136 -31.61 21.23 37.05
CA GLY H 136 -32.38 20.04 36.72
C GLY H 136 -33.77 20.12 37.31
N CYS H 137 -34.14 21.30 37.76
CA CYS H 137 -35.37 21.47 38.51
C CYS H 137 -36.33 22.45 37.81
N PHE H 138 -37.62 22.12 37.80
CA PHE H 138 -38.62 22.96 37.13
C PHE H 138 -39.49 23.68 38.15
N GLU H 139 -40.06 24.83 37.75
CA GLU H 139 -41.01 25.52 38.60
C GLU H 139 -42.36 25.68 37.92
N PHE H 140 -43.41 25.14 38.54
CA PHE H 140 -44.75 25.18 37.97
C PHE H 140 -45.40 26.55 38.09
N TYR H 141 -46.03 27.00 37.02
CA TYR H 141 -46.88 28.19 37.07
C TYR H 141 -48.29 27.76 37.41
N HIS H 142 -48.56 26.46 37.23
CA HIS H 142 -49.89 25.92 37.48
C HIS H 142 -49.86 24.92 38.65
N LYS H 143 -50.61 25.24 39.69
CA LYS H 143 -50.66 24.42 40.90
C LYS H 143 -50.69 22.93 40.56
N CYS H 144 -49.61 22.23 40.89
CA CYS H 144 -49.50 20.82 40.57
C CYS H 144 -49.44 19.94 41.83
N ASP H 145 -50.58 19.37 42.18
CA ASP H 145 -50.68 18.47 43.34
C ASP H 145 -50.15 17.08 43.01
N ASN H 146 -50.44 16.11 43.87
CA ASN H 146 -49.91 14.76 43.75
C ASN H 146 -50.34 14.03 42.48
N THR H 147 -51.62 14.14 42.12
CA THR H 147 -52.11 13.50 40.90
C THR H 147 -51.89 14.38 39.69
N CYS H 148 -51.10 15.44 39.88
CA CYS H 148 -50.64 16.28 38.79
C CYS H 148 -49.23 15.80 38.50
N MET H 149 -48.47 15.68 39.59
CA MET H 149 -47.13 15.14 39.60
C MET H 149 -47.06 13.77 38.94
N GLU H 150 -48.17 13.03 38.97
CA GLU H 150 -48.19 11.68 38.42
C GLU H 150 -48.24 11.69 36.89
N SER H 151 -49.08 12.56 36.36
CA SER H 151 -49.25 12.67 34.91
C SER H 151 -47.91 12.89 34.22
N VAL H 152 -46.96 13.47 34.96
CA VAL H 152 -45.64 13.72 34.44
C VAL H 152 -44.79 12.44 34.45
N LYS H 153 -44.81 11.73 35.57
CA LYS H 153 -44.05 10.50 35.70
C LYS H 153 -44.59 9.44 34.73
N ASN H 154 -45.89 9.21 34.79
CA ASN H 154 -46.55 8.28 33.87
C ASN H 154 -46.35 8.66 32.41
N GLY H 155 -45.90 9.89 32.18
CA GLY H 155 -45.69 10.38 30.84
C GLY H 155 -47.00 10.78 30.18
N THR H 156 -48.09 10.64 30.92
CA THR H 156 -49.41 11.00 30.42
C THR H 156 -49.83 12.35 30.97
N TYR H 157 -49.32 13.41 30.34
CA TYR H 157 -49.57 14.77 30.80
C TYR H 157 -50.21 15.59 29.70
N ASP H 158 -51.52 15.80 29.77
CA ASP H 158 -52.12 16.80 28.89
C ASP H 158 -51.73 18.18 29.40
N TYR H 159 -51.48 19.09 28.48
CA TYR H 159 -50.95 20.42 28.79
C TYR H 159 -52.05 21.50 28.59
N PRO H 160 -53.12 21.47 29.43
CA PRO H 160 -54.23 22.41 29.20
C PRO H 160 -54.37 23.60 30.17
N LYS H 161 -53.35 23.99 30.92
CA LYS H 161 -53.62 24.86 32.07
C LYS H 161 -52.48 25.79 32.50
N TYR H 162 -52.60 27.08 32.17
CA TYR H 162 -51.63 28.12 32.53
C TYR H 162 -50.46 27.62 33.40
N ASP I 7 -25.43 42.76 20.47
CA ASP I 7 -26.58 42.00 19.99
C ASP I 7 -26.58 40.55 20.47
N THR I 8 -25.41 39.92 20.55
CA THR I 8 -25.37 38.47 20.70
C THR I 8 -24.20 37.96 21.54
N LEU I 9 -23.99 36.66 21.50
CA LEU I 9 -22.94 35.97 22.23
C LEU I 9 -22.94 34.58 21.60
N CYS I 10 -21.79 33.96 21.39
CA CYS I 10 -21.80 32.70 20.66
C CYS I 10 -20.83 31.63 21.19
N ILE I 11 -21.23 30.37 21.08
CA ILE I 11 -20.43 29.23 21.56
C ILE I 11 -19.85 28.48 20.37
N GLY I 12 -18.53 28.25 20.40
CA GLY I 12 -17.86 27.58 19.30
C GLY I 12 -16.84 26.55 19.76
N TYR I 13 -16.28 25.83 18.81
CA TYR I 13 -15.16 24.95 19.11
C TYR I 13 -13.90 25.48 18.47
N HIS I 14 -12.78 24.85 18.81
CA HIS I 14 -11.48 25.29 18.36
C HIS I 14 -11.22 24.85 16.93
N ALA I 15 -10.37 25.62 16.25
CA ALA I 15 -9.83 25.21 14.95
C ALA I 15 -8.38 25.67 14.93
N ASN I 16 -7.57 25.03 14.09
CA ASN I 16 -6.17 25.42 13.98
C ASN I 16 -5.57 24.99 12.65
N ASN I 17 -4.26 25.16 12.51
CA ASN I 17 -3.59 24.81 11.27
C ASN I 17 -3.18 23.35 11.24
N SER I 18 -3.83 22.52 12.06
CA SER I 18 -3.49 21.12 12.16
C SER I 18 -3.89 20.35 10.90
N THR I 19 -2.98 19.50 10.43
CA THR I 19 -3.25 18.65 9.28
C THR I 19 -3.34 17.20 9.71
N ASP I 20 -3.17 16.96 11.00
CA ASP I 20 -3.27 15.62 11.57
C ASP I 20 -4.57 14.96 11.16
N THR I 21 -4.48 13.73 10.70
CA THR I 21 -5.67 12.96 10.34
C THR I 21 -5.68 11.61 11.06
N VAL I 22 -6.85 11.24 11.59
CA VAL I 22 -7.02 9.96 12.24
C VAL I 22 -8.18 9.22 11.58
N ASP I 23 -8.31 7.94 11.91
CA ASP I 23 -9.43 7.15 11.44
C ASP I 23 -10.33 6.76 12.60
N THR I 24 -11.62 6.66 12.32
CA THR I 24 -12.58 6.16 13.29
C THR I 24 -13.21 4.91 12.71
N VAL I 25 -14.18 4.35 13.42
CA VAL I 25 -14.91 3.18 12.93
C VAL I 25 -15.85 3.59 11.82
N LEU I 26 -16.38 4.80 11.94
CA LEU I 26 -17.40 5.29 11.02
C LEU I 26 -16.85 6.10 9.85
N GLU I 27 -15.65 6.66 10.02
CA GLU I 27 -15.13 7.60 9.04
C GLU I 27 -13.60 7.50 8.88
N LYS I 28 -13.13 7.73 7.65
CA LYS I 28 -11.70 7.69 7.37
C LYS I 28 -11.10 9.08 7.17
N ASN I 29 -9.78 9.17 7.33
CA ASN I 29 -9.04 10.42 7.16
C ASN I 29 -9.80 11.65 7.68
N VAL I 30 -10.05 11.67 8.98
CA VAL I 30 -10.70 12.81 9.63
C VAL I 30 -9.66 13.72 10.25
N THR I 31 -9.65 14.99 9.85
CA THR I 31 -8.69 15.96 10.36
C THR I 31 -9.05 16.38 11.78
N VAL I 32 -8.10 16.22 12.69
CA VAL I 32 -8.32 16.59 14.09
C VAL I 32 -7.37 17.70 14.51
N THR I 33 -7.75 18.44 15.54
CA THR I 33 -6.94 19.54 16.05
C THR I 33 -5.64 19.03 16.65
N HIS I 34 -5.71 17.84 17.26
CA HIS I 34 -4.53 17.27 17.90
C HIS I 34 -4.55 15.74 17.86
N SER I 35 -3.43 15.12 18.23
CA SER I 35 -3.27 13.68 18.08
C SER I 35 -1.92 13.21 18.63
N VAL I 36 -1.86 11.96 19.07
CA VAL I 36 -0.61 11.36 19.50
C VAL I 36 -0.43 10.05 18.75
N ASN I 37 0.81 9.63 18.58
CA ASN I 37 1.10 8.38 17.91
C ASN I 37 1.37 7.28 18.94
N LEU I 38 0.62 6.19 18.84
CA LEU I 38 0.78 5.07 19.76
C LEU I 38 1.79 4.07 19.21
N LEU I 39 2.22 4.29 17.97
CA LEU I 39 3.15 3.39 17.31
C LEU I 39 4.56 3.96 17.26
N GLU I 40 5.51 3.23 17.85
CA GLU I 40 6.91 3.60 17.79
C GLU I 40 7.53 3.04 16.51
N ASP I 41 8.15 3.91 15.72
CA ASP I 41 8.75 3.51 14.46
C ASP I 41 10.13 4.13 14.28
N LYS I 42 10.87 4.25 15.38
CA LYS I 42 12.15 4.92 15.36
C LYS I 42 13.14 4.31 16.34
N HIS I 43 14.19 3.71 15.81
CA HIS I 43 15.25 3.13 16.63
C HIS I 43 16.52 3.97 16.51
N ASN I 44 17.41 3.87 17.49
CA ASN I 44 18.64 4.65 17.48
C ASN I 44 19.74 4.03 16.63
N GLY I 45 19.47 2.88 16.04
CA GLY I 45 20.42 2.22 15.17
C GLY I 45 21.70 1.82 15.88
N LYS I 46 21.60 1.57 17.17
CA LYS I 46 22.74 1.15 17.96
C LYS I 46 22.43 -0.15 18.70
N LEU I 47 23.39 -1.05 18.75
CA LEU I 47 23.26 -2.23 19.59
C LEU I 47 23.72 -1.84 21.00
N CYS I 48 22.77 -1.48 21.85
CA CYS I 48 23.09 -0.94 23.17
C CYS I 48 22.99 -1.95 24.31
N LYS I 49 23.32 -1.50 25.52
CA LYS I 49 23.37 -2.38 26.68
C LYS I 49 21.98 -2.59 27.28
N LEU I 50 21.67 -3.84 27.59
CA LEU I 50 20.30 -4.25 27.88
C LEU I 50 19.73 -3.91 29.26
N ARG I 51 20.49 -4.18 30.30
CA ARG I 51 20.14 -3.71 31.64
C ARG I 51 21.08 -2.55 31.91
N GLY I 52 22.28 -2.89 32.37
CA GLY I 52 23.40 -1.96 32.50
C GLY I 52 24.66 -2.68 32.03
N VAL I 53 24.49 -3.93 31.60
CA VAL I 53 25.60 -4.72 31.12
C VAL I 53 25.62 -4.85 29.60
N ALA I 54 26.82 -4.87 29.03
CA ALA I 54 27.00 -4.81 27.59
C ALA I 54 26.84 -6.18 26.90
N PRO I 55 26.52 -6.16 25.60
CA PRO I 55 26.46 -7.39 24.81
C PRO I 55 27.86 -7.93 24.53
N LEU I 56 27.96 -9.23 24.28
CA LEU I 56 29.22 -9.84 23.88
C LEU I 56 29.31 -9.87 22.35
N HIS I 57 30.15 -9.01 21.80
CA HIS I 57 30.29 -8.91 20.35
C HIS I 57 31.48 -9.73 19.89
N LEU I 58 31.23 -10.69 19.00
CA LEU I 58 32.26 -11.63 18.57
C LEU I 58 33.00 -11.19 17.31
N GLY I 59 32.46 -10.18 16.64
CA GLY I 59 33.10 -9.65 15.44
C GLY I 59 33.16 -10.65 14.29
N LYS I 60 34.39 -11.01 13.91
CA LYS I 60 34.60 -11.89 12.76
C LYS I 60 34.39 -13.36 13.12
N CYS I 61 34.14 -13.64 14.40
CA CYS I 61 33.98 -15.01 14.86
C CYS I 61 32.55 -15.32 15.28
N ASN I 62 32.24 -16.62 15.32
CA ASN I 62 30.95 -17.07 15.83
C ASN I 62 31.12 -17.79 17.15
N ILE I 63 30.00 -18.13 17.77
CA ILE I 63 30.03 -18.83 19.04
C ILE I 63 31.04 -19.99 19.05
N ALA I 64 30.91 -20.91 18.10
CA ALA I 64 31.85 -22.04 17.98
C ALA I 64 33.32 -21.61 18.08
N GLY I 65 33.74 -20.72 17.19
CA GLY I 65 35.11 -20.26 17.16
C GLY I 65 35.58 -19.63 18.46
N TRP I 66 34.70 -18.85 19.09
CA TRP I 66 35.05 -18.10 20.29
C TRP I 66 35.39 -18.97 21.50
N ILE I 67 34.56 -19.98 21.78
CA ILE I 67 34.80 -20.88 22.91
C ILE I 67 35.88 -21.91 22.59
N LEU I 68 35.88 -22.44 21.37
CA LEU I 68 36.87 -23.45 21.01
C LEU I 68 38.27 -22.84 20.90
N GLY I 69 38.35 -21.51 20.86
CA GLY I 69 39.61 -20.82 20.84
C GLY I 69 40.28 -20.83 19.48
N ASN I 70 39.50 -20.59 18.43
CA ASN I 70 40.03 -20.46 17.09
C ASN I 70 41.13 -19.40 17.10
N PRO I 71 42.28 -19.71 16.47
CA PRO I 71 43.42 -18.78 16.44
C PRO I 71 43.03 -17.36 16.04
N GLU I 72 41.96 -17.23 15.26
CA GLU I 72 41.54 -15.92 14.75
C GLU I 72 40.53 -15.22 15.67
N CYS I 73 40.08 -15.91 16.71
CA CYS I 73 39.14 -15.34 17.67
C CYS I 73 39.87 -14.87 18.94
N GLU I 74 40.96 -14.16 18.76
CA GLU I 74 41.94 -13.90 19.83
C GLU I 74 41.54 -12.74 20.71
N SER I 75 41.13 -11.65 20.07
CA SER I 75 41.10 -10.36 20.74
C SER I 75 40.07 -10.15 21.86
N LEU I 76 38.94 -10.83 21.76
CA LEU I 76 37.85 -10.62 22.72
C LEU I 76 37.90 -11.40 24.05
N SER I 77 39.04 -12.01 24.40
CA SER I 77 39.18 -12.61 25.72
C SER I 77 38.87 -11.52 26.70
N THR I 78 38.74 -11.90 27.97
CA THR I 78 38.42 -11.00 29.07
C THR I 78 37.02 -10.41 28.93
N ALA I 79 35.99 -11.21 29.17
CA ALA I 79 34.67 -10.66 29.46
C ALA I 79 34.10 -11.35 30.68
N SER I 80 33.53 -10.58 31.60
CA SER I 80 33.03 -11.14 32.85
C SER I 80 31.55 -11.51 32.80
N SER I 81 30.80 -10.79 31.97
CA SER I 81 29.36 -11.01 31.85
C SER I 81 28.84 -10.29 30.62
N TRP I 82 27.65 -10.71 30.16
CA TRP I 82 27.00 -10.03 29.05
C TRP I 82 25.50 -10.31 29.06
N SER I 83 24.73 -9.31 28.62
CA SER I 83 23.28 -9.42 28.60
C SER I 83 22.79 -10.25 27.43
N TYR I 84 23.49 -10.14 26.30
CA TYR I 84 23.18 -10.92 25.12
C TYR I 84 24.40 -11.03 24.22
N ILE I 85 24.31 -11.84 23.18
CA ILE I 85 25.43 -12.05 22.29
C ILE I 85 25.16 -11.49 20.90
N VAL I 86 26.15 -10.79 20.35
CA VAL I 86 26.02 -10.24 19.01
C VAL I 86 26.96 -10.96 18.05
N GLU I 87 26.40 -11.48 16.98
CA GLU I 87 27.19 -12.13 15.95
C GLU I 87 27.01 -11.33 14.68
N THR I 88 28.09 -11.05 13.97
CA THR I 88 27.96 -10.35 12.71
C THR I 88 27.58 -11.33 11.62
N PRO I 89 26.68 -10.92 10.72
CA PRO I 89 26.81 -11.66 9.47
C PRO I 89 28.29 -11.41 9.24
N SER I 90 28.94 -12.26 8.47
CA SER I 90 30.39 -12.25 8.30
C SER I 90 31.18 -12.79 9.52
N SER I 91 30.62 -13.75 10.24
CA SER I 91 31.38 -14.48 11.26
C SER I 91 31.49 -15.95 10.89
N ASP I 92 32.58 -16.31 10.21
CA ASP I 92 32.76 -17.65 9.70
C ASP I 92 33.95 -18.36 10.32
N ASN I 93 34.71 -17.63 11.13
CA ASN I 93 35.79 -18.23 11.90
C ASN I 93 35.23 -19.04 13.06
N GLY I 94 34.72 -20.23 12.77
CA GLY I 94 34.22 -21.15 13.79
C GLY I 94 35.08 -22.39 13.83
N THR I 95 34.49 -23.52 13.41
CA THR I 95 35.24 -24.76 13.31
C THR I 95 36.19 -24.72 12.11
N CYS I 96 37.48 -24.57 12.37
CA CYS I 96 38.48 -24.60 11.31
C CYS I 96 38.74 -26.04 10.85
N TYR I 97 38.67 -26.98 11.80
CA TYR I 97 38.75 -28.40 11.44
C TYR I 97 37.33 -28.95 11.30
N PRO I 98 37.03 -29.52 10.12
CA PRO I 98 35.68 -30.03 9.80
C PRO I 98 35.18 -31.01 10.84
N GLY I 99 33.89 -30.94 11.14
CA GLY I 99 33.29 -31.82 12.13
C GLY I 99 31.94 -31.34 12.60
N ASP I 100 31.33 -32.11 13.49
CA ASP I 100 30.01 -31.78 14.00
C ASP I 100 30.09 -31.23 15.42
N PHE I 101 29.38 -30.13 15.67
CA PHE I 101 29.30 -29.56 17.01
C PHE I 101 28.02 -30.02 17.66
N ILE I 102 28.11 -31.05 18.48
CA ILE I 102 26.94 -31.66 19.10
C ILE I 102 26.18 -30.70 20.00
N ASP I 103 24.86 -30.62 19.81
CA ASP I 103 24.02 -29.73 20.61
C ASP I 103 24.56 -28.31 20.59
N TYR I 104 24.96 -27.84 19.41
CA TYR I 104 25.54 -26.51 19.26
C TYR I 104 24.54 -25.41 19.58
N GLU I 105 23.34 -25.50 19.01
CA GLU I 105 22.31 -24.49 19.21
C GLU I 105 21.92 -24.40 20.68
N GLU I 106 21.91 -25.55 21.34
CA GLU I 106 21.62 -25.60 22.77
C GLU I 106 22.65 -24.87 23.60
N LEU I 107 23.92 -24.98 23.21
CA LEU I 107 25.01 -24.30 23.92
C LEU I 107 24.89 -22.79 23.75
N ARG I 108 24.79 -22.35 22.50
CA ARG I 108 24.57 -20.95 22.16
C ARG I 108 23.48 -20.34 23.04
N GLU I 109 22.36 -21.05 23.17
CA GLU I 109 21.24 -20.59 23.96
C GLU I 109 21.63 -20.45 25.44
N GLN I 110 22.45 -21.37 25.93
CA GLN I 110 22.88 -21.33 27.33
C GLN I 110 23.90 -20.22 27.57
N LEU I 111 24.71 -19.92 26.57
CA LEU I 111 25.73 -18.89 26.65
C LEU I 111 25.15 -17.50 26.41
N SER I 112 23.97 -17.46 25.77
CA SER I 112 23.37 -16.20 25.34
C SER I 112 23.45 -15.09 26.39
N SER I 113 23.28 -15.45 27.65
CA SER I 113 23.44 -14.48 28.74
C SER I 113 24.16 -15.11 29.92
N VAL I 114 25.23 -14.45 30.36
CA VAL I 114 26.09 -14.98 31.40
C VAL I 114 26.31 -13.96 32.52
N SER I 115 26.19 -14.41 33.76
CA SER I 115 26.34 -13.52 34.91
C SER I 115 27.81 -13.33 35.26
N SER I 116 28.53 -14.44 35.45
CA SER I 116 29.98 -14.39 35.60
C SER I 116 30.60 -15.44 34.69
N PHE I 117 31.71 -15.08 34.07
CA PHE I 117 32.33 -15.93 33.07
C PHE I 117 33.85 -15.80 33.13
N GLU I 118 34.51 -16.82 33.68
CA GLU I 118 35.97 -16.82 33.71
C GLU I 118 36.52 -18.04 32.97
N ARG I 119 37.70 -17.85 32.37
CA ARG I 119 38.33 -18.90 31.58
C ARG I 119 39.63 -19.32 32.27
N PHE I 120 39.65 -20.55 32.78
CA PHE I 120 40.80 -21.06 33.53
C PHE I 120 41.35 -22.32 32.88
N GLU I 121 42.64 -22.57 33.09
CA GLU I 121 43.27 -23.76 32.56
C GLU I 121 42.92 -24.96 33.43
N ILE I 122 42.03 -25.80 32.92
CA ILE I 122 41.58 -26.99 33.64
C ILE I 122 42.65 -28.08 33.63
N PHE I 123 43.30 -28.26 32.48
CA PHE I 123 44.40 -29.19 32.37
C PHE I 123 45.63 -28.50 31.77
N PRO I 124 46.55 -28.03 32.64
CA PRO I 124 47.79 -27.39 32.19
C PRO I 124 48.55 -28.30 31.22
N LYS I 125 49.04 -27.75 30.12
CA LYS I 125 49.66 -28.54 29.06
C LYS I 125 50.91 -29.28 29.52
N THR I 126 51.63 -28.72 30.48
CA THR I 126 52.97 -29.21 30.79
C THR I 126 53.10 -30.10 32.04
N SER I 127 51.98 -30.54 32.61
CA SER I 127 52.03 -31.39 33.77
C SER I 127 50.97 -32.50 33.72
N SER I 128 50.01 -32.36 32.80
CA SER I 128 48.87 -33.27 32.73
C SER I 128 49.11 -34.44 31.78
N TRP I 129 49.96 -34.23 30.80
CA TRP I 129 50.19 -35.22 29.75
C TRP I 129 51.66 -35.59 29.61
N PRO I 130 52.18 -36.37 30.57
CA PRO I 130 53.60 -36.75 30.61
C PRO I 130 53.90 -37.96 29.75
N ASN I 131 52.87 -38.67 29.32
CA ASN I 131 53.03 -39.89 28.52
C ASN I 131 52.56 -39.69 27.09
N HIS I 132 52.26 -38.45 26.75
CA HIS I 132 51.72 -38.12 25.43
C HIS I 132 52.30 -36.80 24.93
N ASP I 133 52.37 -36.65 23.61
CA ASP I 133 52.91 -35.42 23.02
C ASP I 133 51.82 -34.36 22.93
N SER I 134 52.03 -33.23 23.61
CA SER I 134 51.05 -32.15 23.63
C SER I 134 51.54 -30.95 22.83
N ASN I 135 52.34 -31.22 21.79
CA ASN I 135 52.94 -30.16 21.00
C ASN I 135 52.74 -30.35 19.49
N LYS I 136 52.60 -31.61 19.07
CA LYS I 136 52.49 -31.93 17.65
C LYS I 136 51.06 -31.82 17.13
N GLY I 137 50.15 -31.41 17.99
CA GLY I 137 48.74 -31.33 17.64
C GLY I 137 48.34 -30.06 16.91
N VAL I 138 48.82 -29.92 15.68
CA VAL I 138 48.45 -28.77 14.85
C VAL I 138 47.97 -29.23 13.48
N THR I 139 47.45 -28.30 12.70
CA THR I 139 46.89 -28.63 11.38
C THR I 139 46.81 -27.41 10.47
N ALA I 140 46.86 -27.67 9.17
CA ALA I 140 46.72 -26.60 8.18
C ALA I 140 45.29 -26.07 8.16
N ALA I 141 44.40 -26.78 8.84
CA ALA I 141 42.98 -26.44 8.87
C ALA I 141 42.73 -25.31 9.87
N CYS I 142 43.55 -25.24 10.91
CA CYS I 142 43.48 -24.12 11.82
C CYS I 142 44.71 -23.21 11.67
N PRO I 143 44.77 -22.48 10.53
CA PRO I 143 45.88 -21.63 10.07
C PRO I 143 45.97 -20.29 10.79
N HIS I 144 47.19 -19.78 10.95
CA HIS I 144 47.42 -18.50 11.61
C HIS I 144 48.72 -17.87 11.09
N ALA I 145 48.59 -16.90 10.19
CA ALA I 145 49.75 -16.24 9.57
C ALA I 145 50.57 -17.23 8.74
N GLY I 146 49.95 -18.34 8.38
CA GLY I 146 50.60 -19.35 7.56
C GLY I 146 50.89 -20.63 8.32
N ALA I 147 51.41 -20.50 9.53
CA ALA I 147 51.78 -21.65 10.34
C ALA I 147 50.58 -22.51 10.71
N LYS I 148 50.81 -23.82 10.82
CA LYS I 148 49.76 -24.76 11.22
C LYS I 148 49.52 -24.67 12.72
N SER I 149 48.32 -24.24 13.11
CA SER I 149 48.00 -24.09 14.51
C SER I 149 46.81 -24.95 14.92
N PHE I 150 46.14 -24.56 16.00
CA PHE I 150 44.99 -25.31 16.50
C PHE I 150 44.19 -24.44 17.47
N TYR I 151 43.09 -24.98 17.97
CA TYR I 151 42.28 -24.28 18.96
C TYR I 151 43.11 -24.04 20.22
N LYS I 152 42.97 -22.85 20.79
CA LYS I 152 43.71 -22.50 21.99
C LYS I 152 43.19 -23.24 23.20
N ASN I 153 41.87 -23.40 23.26
CA ASN I 153 41.21 -23.99 24.42
C ASN I 153 41.20 -25.52 24.43
N LEU I 154 41.81 -26.12 23.41
CA LEU I 154 41.91 -27.58 23.34
C LEU I 154 43.31 -28.01 22.95
N ILE I 155 43.69 -29.21 23.35
CA ILE I 155 44.99 -29.76 22.98
C ILE I 155 44.82 -31.09 22.25
N TRP I 156 45.32 -31.14 21.02
CA TRP I 156 45.22 -32.37 20.22
C TRP I 156 46.37 -33.30 20.56
N LEU I 157 46.14 -34.19 21.52
CA LEU I 157 47.17 -35.13 21.96
C LEU I 157 47.48 -36.18 20.89
N VAL I 158 48.76 -36.37 20.63
CA VAL I 158 49.21 -37.41 19.70
C VAL I 158 50.21 -38.32 20.39
N LYS I 159 50.55 -39.42 19.74
CA LYS I 159 51.43 -40.42 20.33
C LYS I 159 52.84 -39.88 20.58
N LYS I 160 53.44 -40.25 21.70
CA LYS I 160 54.77 -39.73 22.05
C LYS I 160 55.87 -40.48 21.29
N GLY I 161 56.36 -39.86 20.22
CA GLY I 161 57.36 -40.48 19.37
C GLY I 161 56.77 -41.66 18.61
N ASN I 162 56.31 -42.67 19.37
CA ASN I 162 55.79 -43.93 18.80
C ASN I 162 54.74 -44.60 19.71
N SER I 163 54.37 -43.94 20.79
CA SER I 163 53.54 -44.63 21.77
C SER I 163 52.25 -43.89 22.14
N TYR I 164 51.25 -44.60 22.67
CA TYR I 164 50.03 -43.97 23.19
C TYR I 164 49.35 -44.84 24.25
N PRO I 165 49.80 -44.70 25.52
CA PRO I 165 49.24 -45.47 26.65
C PRO I 165 47.88 -44.93 27.07
N LYS I 166 47.03 -45.79 27.61
CA LYS I 166 45.74 -45.35 28.14
C LYS I 166 45.95 -44.18 29.09
N LEU I 167 45.37 -43.03 28.75
CA LEU I 167 45.43 -41.88 29.64
C LEU I 167 44.19 -41.85 30.52
N SER I 168 44.31 -41.24 31.70
CA SER I 168 43.19 -41.19 32.63
C SER I 168 43.30 -39.97 33.55
N LYS I 169 42.84 -38.83 33.04
CA LYS I 169 42.81 -37.60 33.82
C LYS I 169 41.38 -37.32 34.27
N SER I 170 41.24 -36.65 35.41
CA SER I 170 39.91 -36.28 35.89
C SER I 170 39.98 -35.04 36.77
N TYR I 171 39.17 -34.04 36.42
CA TYR I 171 39.13 -32.78 37.15
C TYR I 171 37.86 -32.68 37.97
N ILE I 172 37.96 -32.06 39.14
CA ILE I 172 36.81 -31.89 40.01
C ILE I 172 36.50 -30.41 40.20
N ASN I 173 35.23 -30.06 40.06
CA ASN I 173 34.80 -28.67 40.10
C ASN I 173 34.91 -28.06 41.49
N ASP I 174 36.00 -27.35 41.74
CA ASP I 174 36.23 -26.70 43.03
C ASP I 174 35.67 -25.29 43.04
N LYS I 175 35.13 -24.87 41.90
CA LYS I 175 34.50 -23.55 41.78
C LYS I 175 33.15 -23.55 42.50
N GLY I 176 32.55 -22.38 42.63
CA GLY I 176 31.23 -22.25 43.23
C GLY I 176 30.18 -22.04 42.17
N LYS I 177 30.54 -22.39 40.93
CA LYS I 177 29.67 -22.21 39.79
C LYS I 177 29.93 -23.33 38.81
N GLU I 178 28.99 -23.59 37.92
CA GLU I 178 29.19 -24.64 36.93
C GLU I 178 30.40 -24.35 36.08
N VAL I 179 30.96 -25.41 35.52
CA VAL I 179 32.11 -25.28 34.64
C VAL I 179 31.82 -25.92 33.28
N LEU I 180 31.92 -25.10 32.23
CA LEU I 180 31.73 -25.59 30.87
C LEU I 180 33.00 -26.25 30.38
N VAL I 181 32.95 -27.56 30.18
CA VAL I 181 34.10 -28.30 29.66
C VAL I 181 33.84 -28.74 28.22
N LEU I 182 34.77 -28.40 27.34
CA LEU I 182 34.67 -28.82 25.94
C LEU I 182 35.79 -29.78 25.58
N TRP I 183 35.48 -30.74 24.72
CA TRP I 183 36.48 -31.68 24.24
C TRP I 183 36.13 -32.14 22.83
N GLY I 184 37.06 -32.83 22.18
CA GLY I 184 36.86 -33.27 20.82
C GLY I 184 37.23 -34.72 20.59
N ILE I 185 36.53 -35.37 19.67
CA ILE I 185 36.86 -36.72 19.26
C ILE I 185 37.28 -36.70 17.80
N HIS I 186 38.54 -37.00 17.54
CA HIS I 186 39.06 -36.97 16.18
C HIS I 186 38.84 -38.29 15.44
N HIS I 187 38.31 -38.19 14.22
CA HIS I 187 38.10 -39.35 13.38
C HIS I 187 38.99 -39.26 12.14
N PRO I 188 40.14 -39.94 12.18
CA PRO I 188 41.11 -39.94 11.07
C PRO I 188 40.48 -40.42 9.77
N SER I 189 41.10 -40.06 8.65
CA SER I 189 40.58 -40.41 7.33
C SER I 189 40.93 -41.85 6.95
N THR I 190 42.13 -42.28 7.32
CA THR I 190 42.59 -43.62 6.97
C THR I 190 43.20 -44.35 8.16
N SER I 191 43.20 -45.68 8.08
CA SER I 191 43.76 -46.51 9.14
C SER I 191 45.27 -46.26 9.29
N ALA I 192 45.89 -45.77 8.23
CA ALA I 192 47.29 -45.41 8.26
C ALA I 192 47.48 -44.14 9.09
N ASP I 193 46.57 -43.20 8.92
CA ASP I 193 46.57 -41.96 9.70
C ASP I 193 46.29 -42.26 11.17
N GLN I 194 45.51 -43.30 11.41
CA GLN I 194 45.13 -43.69 12.77
C GLN I 194 46.36 -44.12 13.59
N GLN I 195 47.08 -45.11 13.08
CA GLN I 195 48.27 -45.61 13.76
C GLN I 195 49.40 -44.59 13.72
N SER I 196 49.36 -43.71 12.72
CA SER I 196 50.35 -42.64 12.60
C SER I 196 50.19 -41.64 13.73
N LEU I 197 48.95 -41.44 14.17
CA LEU I 197 48.64 -40.45 15.19
C LEU I 197 48.59 -41.02 16.60
N TYR I 198 47.98 -42.20 16.75
CA TYR I 198 47.77 -42.76 18.09
C TYR I 198 48.26 -44.20 18.21
N GLN I 199 48.89 -44.70 17.16
CA GLN I 199 49.52 -46.03 17.17
C GLN I 199 48.79 -47.08 18.01
N ASN I 200 47.49 -47.24 17.76
CA ASN I 200 46.71 -48.33 18.33
C ASN I 200 45.67 -48.23 17.22
N ALA I 201 45.18 -49.39 16.76
CA ALA I 201 44.21 -49.43 15.68
C ALA I 201 42.78 -49.39 16.21
N ASP I 202 42.54 -50.14 17.27
CA ASP I 202 41.21 -50.19 17.89
C ASP I 202 41.23 -49.42 19.20
N THR I 203 40.78 -48.16 19.15
CA THR I 203 40.84 -47.28 20.32
C THR I 203 39.46 -46.86 20.79
N TYR I 204 39.42 -46.18 21.93
CA TYR I 204 38.17 -45.68 22.47
C TYR I 204 38.39 -44.46 23.36
N VAL I 205 37.35 -43.63 23.49
CA VAL I 205 37.38 -42.49 24.38
C VAL I 205 36.16 -42.53 25.29
N PHE I 206 36.35 -42.22 26.56
CA PHE I 206 35.23 -42.21 27.50
C PHE I 206 35.24 -40.97 28.39
N VAL I 207 34.13 -40.24 28.37
CA VAL I 207 33.97 -39.05 29.20
C VAL I 207 32.78 -39.21 30.12
N GLY I 208 33.01 -39.05 31.42
CA GLY I 208 31.96 -39.24 32.40
C GLY I 208 32.01 -38.30 33.58
N SER I 209 30.83 -37.92 34.07
CA SER I 209 30.70 -37.14 35.30
C SER I 209 29.62 -37.80 36.14
N SER I 210 29.06 -37.05 37.08
CA SER I 210 27.97 -37.57 37.91
C SER I 210 26.71 -37.77 37.07
N ARG I 211 26.61 -37.02 35.98
CA ARG I 211 25.42 -37.07 35.13
C ARG I 211 25.73 -37.51 33.71
N TYR I 212 26.89 -37.08 33.20
CA TYR I 212 27.28 -37.40 31.83
C TYR I 212 28.06 -38.72 31.77
N SER I 213 27.89 -39.45 30.68
CA SER I 213 28.58 -40.73 30.50
C SER I 213 28.40 -41.16 29.05
N LYS I 214 29.51 -41.33 28.35
CA LYS I 214 29.46 -41.82 26.97
C LYS I 214 30.82 -42.33 26.51
N LYS I 215 30.79 -43.45 25.79
CA LYS I 215 32.00 -44.04 25.24
C LYS I 215 32.03 -43.81 23.73
N PHE I 216 33.17 -43.32 23.23
CA PHE I 216 33.29 -42.97 21.82
C PHE I 216 34.17 -43.95 21.05
N LYS I 217 33.68 -44.37 19.89
CA LYS I 217 34.47 -45.21 18.99
C LYS I 217 34.80 -44.42 17.72
N PRO I 218 36.09 -44.23 17.45
CA PRO I 218 36.55 -43.50 16.26
C PRO I 218 36.02 -44.12 14.98
N GLU I 219 35.40 -43.30 14.13
CA GLU I 219 34.86 -43.76 12.87
C GLU I 219 35.80 -43.38 11.73
N ILE I 220 36.67 -44.33 11.36
CA ILE I 220 37.70 -44.09 10.38
C ILE I 220 37.19 -44.30 8.95
N ALA I 221 37.24 -43.23 8.15
CA ALA I 221 36.80 -43.27 6.76
C ALA I 221 37.18 -42.01 6.02
N ILE I 222 36.97 -42.00 4.71
CA ILE I 222 37.30 -40.86 3.88
C ILE I 222 36.08 -39.97 3.61
N ARG I 223 36.09 -38.78 4.19
CA ARG I 223 35.03 -37.81 3.94
C ARG I 223 35.46 -36.82 2.87
N PRO I 224 34.50 -36.29 2.10
CA PRO I 224 34.78 -35.26 1.10
C PRO I 224 35.56 -34.10 1.71
N LYS I 225 36.66 -33.71 1.07
CA LYS I 225 37.55 -32.70 1.61
C LYS I 225 36.85 -31.38 1.93
N VAL I 226 36.96 -30.98 3.20
CA VAL I 226 36.54 -29.66 3.63
C VAL I 226 37.74 -29.02 4.32
N ARG I 227 38.34 -28.02 3.67
CA ARG I 227 39.55 -27.40 4.20
C ARG I 227 40.71 -28.41 4.22
N ASP I 228 40.83 -29.19 3.16
CA ASP I 228 41.94 -30.12 2.98
C ASP I 228 41.89 -31.37 3.86
N GLN I 229 40.94 -31.41 4.79
CA GLN I 229 40.83 -32.54 5.70
C GLN I 229 39.78 -33.54 5.23
N GLU I 230 40.19 -34.79 5.05
CA GLU I 230 39.25 -35.86 4.72
C GLU I 230 38.80 -36.57 5.99
N GLY I 231 39.40 -36.22 7.11
CA GLY I 231 38.98 -36.70 8.41
C GLY I 231 38.02 -35.70 9.04
N ARG I 232 37.37 -36.12 10.12
CA ARG I 232 36.43 -35.25 10.82
C ARG I 232 36.80 -35.12 12.29
N MET I 233 36.24 -34.11 12.95
CA MET I 233 36.45 -33.91 14.38
C MET I 233 35.16 -33.42 15.04
N ASN I 234 34.54 -34.28 15.83
CA ASN I 234 33.32 -33.93 16.52
C ASN I 234 33.59 -33.23 17.85
N TYR I 235 32.82 -32.19 18.12
CA TYR I 235 33.03 -31.39 19.33
C TYR I 235 31.90 -31.62 20.34
N TYR I 236 32.29 -31.91 21.57
CA TYR I 236 31.33 -32.17 22.64
C TYR I 236 31.53 -31.22 23.81
N TRP I 237 30.48 -31.07 24.62
CA TRP I 237 30.54 -30.20 25.78
C TRP I 237 29.59 -30.68 26.87
N THR I 238 29.79 -30.18 28.08
CA THR I 238 28.93 -30.52 29.21
C THR I 238 29.16 -29.54 30.35
N LEU I 239 28.19 -29.45 31.25
CA LEU I 239 28.30 -28.55 32.39
C LEU I 239 28.49 -29.32 33.69
N VAL I 240 29.70 -29.23 34.25
CA VAL I 240 30.02 -29.92 35.49
C VAL I 240 29.50 -29.14 36.69
N GLU I 241 28.65 -29.77 37.48
CA GLU I 241 28.08 -29.13 38.68
C GLU I 241 29.17 -28.85 39.69
N PRO I 242 28.99 -27.82 40.53
CA PRO I 242 29.92 -27.54 41.62
C PRO I 242 30.05 -28.74 42.54
N GLY I 243 31.28 -29.16 42.84
CA GLY I 243 31.52 -30.29 43.70
C GLY I 243 31.50 -31.60 42.94
N ASP I 244 31.20 -31.52 41.65
CA ASP I 244 31.17 -32.69 40.78
C ASP I 244 32.50 -32.80 40.03
N LYS I 245 32.84 -34.00 39.57
CA LYS I 245 34.06 -34.18 38.79
C LYS I 245 33.79 -34.88 37.47
N ILE I 246 34.62 -34.58 36.47
CA ILE I 246 34.50 -35.19 35.16
C ILE I 246 35.77 -35.94 34.80
N THR I 247 35.61 -37.18 34.32
CA THR I 247 36.75 -38.04 34.01
C THR I 247 36.94 -38.23 32.52
N PHE I 248 38.21 -38.19 32.09
CA PHE I 248 38.56 -38.49 30.70
C PHE I 248 39.42 -39.75 30.65
N GLU I 249 39.11 -40.63 29.70
CA GLU I 249 39.81 -41.89 29.56
C GLU I 249 39.89 -42.27 28.09
N ALA I 250 41.11 -42.31 27.56
CA ALA I 250 41.28 -42.53 26.13
C ALA I 250 42.50 -43.37 25.78
N THR I 251 42.37 -44.17 24.73
CA THR I 251 43.50 -44.90 24.15
C THR I 251 43.88 -44.24 22.83
N GLY I 252 43.37 -43.03 22.63
CA GLY I 252 43.66 -42.26 21.44
C GLY I 252 42.47 -41.47 20.94
N ASN I 253 42.72 -40.59 19.96
CA ASN I 253 41.65 -39.85 19.28
C ASN I 253 40.97 -38.79 20.14
N LEU I 254 41.53 -38.49 21.30
CA LEU I 254 40.92 -37.54 22.22
C LEU I 254 41.57 -36.16 22.20
N VAL I 255 40.87 -35.19 21.62
CA VAL I 255 41.29 -33.79 21.72
C VAL I 255 40.90 -33.27 23.09
N VAL I 256 41.85 -33.32 24.02
CA VAL I 256 41.57 -33.02 25.43
C VAL I 256 41.34 -31.53 25.69
N PRO I 257 40.56 -31.22 26.72
CA PRO I 257 40.34 -29.84 27.15
C PRO I 257 41.62 -29.25 27.74
N ARG I 258 41.86 -27.97 27.49
CA ARG I 258 42.98 -27.27 28.12
C ARG I 258 42.44 -26.15 29.00
N TYR I 259 41.48 -25.39 28.47
CA TYR I 259 40.81 -24.35 29.22
C TYR I 259 39.32 -24.66 29.37
N ALA I 260 38.80 -24.49 30.59
CA ALA I 260 37.37 -24.62 30.83
C ALA I 260 36.82 -23.26 31.17
N PHE I 261 35.54 -23.20 31.55
CA PHE I 261 34.91 -21.93 31.86
C PHE I 261 34.03 -21.99 33.11
N ALA I 262 34.50 -21.35 34.18
CA ALA I 262 33.67 -21.16 35.36
C ALA I 262 32.56 -20.19 34.95
N MET I 263 31.32 -20.60 35.15
CA MET I 263 30.20 -19.91 34.54
C MET I 263 28.94 -19.89 35.39
N GLU I 264 28.37 -18.70 35.56
CA GLU I 264 27.08 -18.55 36.22
C GLU I 264 26.12 -17.90 35.23
N ARG I 265 25.06 -18.63 34.90
CA ARG I 265 24.15 -18.20 33.84
C ARG I 265 22.78 -17.76 34.36
N ASN I 266 22.17 -16.83 33.63
CA ASN I 266 20.79 -16.43 33.88
C ASN I 266 19.96 -16.69 32.63
N ALA I 267 18.86 -17.41 32.79
CA ALA I 267 18.04 -17.80 31.65
C ALA I 267 17.32 -16.61 31.02
N GLY I 268 17.00 -16.72 29.74
CA GLY I 268 16.15 -15.75 29.08
C GLY I 268 16.81 -14.61 28.34
N SER I 269 17.75 -14.93 27.45
CA SER I 269 18.28 -13.93 26.54
C SER I 269 18.33 -14.51 25.13
N GLY I 270 19.19 -13.96 24.28
CA GLY I 270 19.27 -14.44 22.92
C GLY I 270 20.54 -14.03 22.19
N ILE I 271 20.56 -14.26 20.89
CA ILE I 271 21.71 -13.96 20.06
C ILE I 271 21.27 -13.19 18.82
N ILE I 272 21.77 -11.96 18.68
CA ILE I 272 21.42 -11.11 17.56
C ILE I 272 22.47 -11.16 16.47
N ILE I 273 22.06 -11.51 15.26
CA ILE I 273 22.95 -11.47 14.11
C ILE I 273 22.74 -10.17 13.35
N SER I 274 23.66 -9.23 13.56
CA SER I 274 23.51 -7.90 12.99
C SER I 274 24.85 -7.23 12.70
N ASP I 275 24.86 -6.31 11.74
CA ASP I 275 26.04 -5.53 11.42
C ASP I 275 26.08 -4.27 12.29
N THR I 276 24.91 -3.90 12.80
CA THR I 276 24.74 -2.69 13.60
C THR I 276 25.86 -2.49 14.63
N PRO I 277 26.33 -1.24 14.75
CA PRO I 277 27.39 -0.85 15.69
C PRO I 277 27.04 -1.10 17.16
N VAL I 278 27.95 -1.71 17.90
CA VAL I 278 27.81 -1.80 19.35
C VAL I 278 28.10 -0.44 19.95
N HIS I 279 27.35 -0.06 20.99
CA HIS I 279 27.46 1.28 21.56
C HIS I 279 27.46 1.29 23.09
N ASP I 280 28.01 2.36 23.66
CA ASP I 280 28.04 2.56 25.09
C ASP I 280 26.88 3.45 25.53
N CYS I 281 25.70 2.86 25.60
CA CYS I 281 24.51 3.57 26.08
C CYS I 281 23.56 2.59 26.76
N ASN I 282 22.34 3.04 27.02
CA ASN I 282 21.37 2.20 27.70
C ASN I 282 20.10 1.96 26.87
N THR I 283 19.48 0.80 27.07
CA THR I 283 18.21 0.50 26.44
C THR I 283 17.45 -0.56 27.25
N THR I 284 16.14 -0.59 27.09
CA THR I 284 15.30 -1.59 27.74
C THR I 284 14.75 -2.57 26.73
N CYS I 285 14.90 -2.24 25.45
CA CYS I 285 14.45 -3.12 24.39
C CYS I 285 15.47 -3.10 23.25
N GLN I 286 15.96 -4.27 22.86
CA GLN I 286 16.93 -4.36 21.80
C GLN I 286 16.40 -5.10 20.57
N THR I 287 16.63 -4.51 19.38
CA THR I 287 16.39 -5.18 18.11
C THR I 287 17.73 -5.32 17.39
N PRO I 288 17.78 -6.15 16.33
CA PRO I 288 18.96 -6.28 15.47
C PRO I 288 19.21 -5.03 14.63
N LYS I 289 18.22 -4.15 14.47
CA LYS I 289 18.41 -2.93 13.69
C LYS I 289 18.88 -1.77 14.57
N GLY I 290 18.54 -1.84 15.85
CA GLY I 290 18.85 -0.76 16.78
C GLY I 290 17.98 -0.87 18.02
N ALA I 291 18.29 -0.07 19.03
CA ALA I 291 17.54 -0.12 20.29
C ALA I 291 16.28 0.73 20.22
N ILE I 292 15.33 0.45 21.11
CA ILE I 292 14.11 1.23 21.18
C ILE I 292 13.94 1.89 22.55
N ASN I 293 13.97 3.21 22.56
CA ASN I 293 13.75 3.99 23.76
C ASN I 293 12.32 4.54 23.72
N THR I 294 11.37 3.79 24.28
CA THR I 294 9.97 4.14 24.09
C THR I 294 9.07 3.85 25.28
N SER I 295 7.95 4.56 25.33
CA SER I 295 6.90 4.31 26.30
C SER I 295 5.68 3.75 25.59
N LEU I 296 5.65 3.90 24.26
CA LEU I 296 4.52 3.47 23.45
C LEU I 296 4.30 1.95 23.53
N PRO I 297 3.03 1.53 23.44
CA PRO I 297 2.63 0.12 23.58
C PRO I 297 3.01 -0.74 22.38
N PHE I 298 3.21 -0.13 21.21
CA PHE I 298 3.46 -0.90 20.00
C PHE I 298 4.61 -0.37 19.16
N GLN I 299 5.31 -1.29 18.50
CA GLN I 299 6.41 -0.93 17.60
C GLN I 299 6.33 -1.75 16.31
N ASN I 300 6.71 -1.14 15.20
CA ASN I 300 6.69 -1.83 13.91
C ASN I 300 8.09 -1.90 13.30
N ILE I 301 9.09 -1.78 14.15
CA ILE I 301 10.48 -1.78 13.72
C ILE I 301 10.97 -3.17 13.34
N HIS I 302 10.86 -4.11 14.28
CA HIS I 302 11.35 -5.46 14.05
C HIS I 302 10.63 -6.48 14.94
N PRO I 303 10.31 -7.65 14.36
CA PRO I 303 9.64 -8.74 15.07
C PRO I 303 10.52 -9.37 16.14
N ILE I 304 11.77 -9.67 15.78
CA ILE I 304 12.72 -10.26 16.73
C ILE I 304 13.23 -9.18 17.69
N THR I 305 13.03 -9.42 18.99
CA THR I 305 13.33 -8.41 19.99
C THR I 305 13.87 -9.04 21.27
N ILE I 306 14.66 -8.28 22.02
CA ILE I 306 15.18 -8.74 23.30
C ILE I 306 14.95 -7.69 24.39
N GLY I 307 14.45 -8.13 25.54
CA GLY I 307 14.22 -7.25 26.67
C GLY I 307 12.75 -7.04 26.99
N LYS I 308 12.43 -5.87 27.52
CA LYS I 308 11.04 -5.48 27.79
C LYS I 308 10.55 -4.57 26.68
N CYS I 309 9.97 -5.16 25.63
CA CYS I 309 9.68 -4.40 24.42
C CYS I 309 8.19 -4.18 24.16
N PRO I 310 7.88 -3.10 23.42
CA PRO I 310 6.52 -2.88 22.93
C PRO I 310 6.15 -4.04 22.01
N LYS I 311 4.85 -4.23 21.80
CA LYS I 311 4.41 -5.35 20.99
C LYS I 311 4.60 -5.08 19.50
N TYR I 312 5.08 -6.07 18.77
CA TYR I 312 5.30 -5.91 17.33
C TYR I 312 3.99 -5.92 16.56
N VAL I 313 3.79 -4.88 15.75
CA VAL I 313 2.58 -4.72 14.96
C VAL I 313 2.92 -4.42 13.51
N LYS I 314 2.08 -4.89 12.60
CA LYS I 314 2.31 -4.72 11.17
C LYS I 314 1.78 -3.36 10.69
N SER I 315 1.25 -2.58 11.62
CA SER I 315 0.67 -1.28 11.29
C SER I 315 1.72 -0.30 10.75
N THR I 316 1.27 0.60 9.87
CA THR I 316 2.12 1.68 9.39
C THR I 316 1.95 2.92 10.27
N LYS I 317 0.74 3.12 10.76
CA LYS I 317 0.44 4.24 11.66
C LYS I 317 -0.66 3.90 12.67
N LEU I 318 -0.49 4.38 13.89
CA LEU I 318 -1.51 4.26 14.92
C LEU I 318 -1.76 5.62 15.53
N ARG I 319 -2.39 6.51 14.78
CA ARG I 319 -2.61 7.88 15.22
C ARG I 319 -3.86 8.00 16.09
N LEU I 320 -3.66 8.35 17.36
CA LEU I 320 -4.74 8.42 18.33
C LEU I 320 -5.21 9.86 18.50
N ALA I 321 -6.47 10.11 18.20
CA ALA I 321 -7.06 11.44 18.32
C ALA I 321 -7.18 11.88 19.77
N THR I 322 -6.70 13.09 20.04
CA THR I 322 -6.74 13.67 21.38
C THR I 322 -7.56 14.95 21.34
N GLY I 323 -7.35 15.73 20.29
CA GLY I 323 -8.13 16.92 20.04
C GLY I 323 -9.41 16.59 19.30
N LEU I 324 -10.13 17.62 18.87
CA LEU I 324 -11.41 17.43 18.21
C LEU I 324 -11.37 17.66 16.71
N ARG I 325 -12.49 17.36 16.04
CA ARG I 325 -12.60 17.59 14.61
C ARG I 325 -12.22 19.02 14.31
N ASN I 326 -11.52 19.20 13.19
CA ASN I 326 -10.96 20.50 12.85
C ASN I 326 -11.58 21.12 11.58
N ILE I 327 -12.02 22.36 11.70
CA ILE I 327 -12.59 23.09 10.56
C ILE I 327 -11.95 24.48 10.37
N GLY J 1 -20.76 15.55 15.43
CA GLY J 1 -21.07 14.21 14.99
C GLY J 1 -22.25 13.58 15.70
N LEU J 2 -21.96 12.82 16.76
CA LEU J 2 -22.98 12.06 17.46
C LEU J 2 -23.96 12.95 18.23
N PHE J 3 -23.50 14.13 18.62
CA PHE J 3 -24.34 15.06 19.39
C PHE J 3 -24.85 16.21 18.52
N GLY J 4 -24.53 16.16 17.23
CA GLY J 4 -25.06 17.11 16.27
C GLY J 4 -24.48 18.51 16.34
N ALA J 5 -23.53 18.72 17.25
CA ALA J 5 -22.93 20.04 17.43
C ALA J 5 -21.81 20.30 16.43
N ILE J 6 -20.69 19.62 16.61
CA ILE J 6 -19.54 19.80 15.73
C ILE J 6 -19.83 19.23 14.34
N ALA J 7 -19.64 20.06 13.33
CA ALA J 7 -19.99 19.70 11.95
C ALA J 7 -21.50 19.45 11.84
N GLY J 8 -22.25 20.07 12.75
CA GLY J 8 -23.70 19.97 12.76
C GLY J 8 -24.34 21.33 12.60
N PHE J 9 -25.11 21.76 13.60
CA PHE J 9 -25.74 23.07 13.56
C PHE J 9 -24.73 24.19 13.74
N ILE J 10 -23.58 23.85 14.31
CA ILE J 10 -22.43 24.73 14.29
C ILE J 10 -21.51 24.19 13.21
N GLU J 11 -21.55 24.80 12.04
CA GLU J 11 -20.93 24.22 10.84
C GLU J 11 -19.40 24.23 10.86
N GLY J 12 -18.82 25.27 11.44
CA GLY J 12 -17.37 25.43 11.37
C GLY J 12 -16.67 25.73 12.68
N GLY J 13 -15.34 25.67 12.65
CA GLY J 13 -14.53 25.98 13.81
C GLY J 13 -13.91 27.36 13.70
N TRP J 14 -13.25 27.80 14.77
CA TRP J 14 -12.65 29.13 14.80
C TRP J 14 -11.14 29.08 14.92
N THR J 15 -10.45 29.36 13.82
CA THR J 15 -9.00 29.51 13.85
C THR J 15 -8.63 30.64 14.80
N GLY J 16 -9.55 31.59 14.95
CA GLY J 16 -9.32 32.75 15.78
C GLY J 16 -9.15 32.46 17.26
N MET J 17 -9.91 31.49 17.76
CA MET J 17 -9.81 31.12 19.18
C MET J 17 -8.66 30.13 19.40
N VAL J 18 -7.61 30.59 20.07
CA VAL J 18 -6.41 29.79 20.26
C VAL J 18 -6.09 29.58 21.74
N ASP J 19 -7.07 29.86 22.59
CA ASP J 19 -6.88 29.75 24.04
C ASP J 19 -7.29 28.38 24.56
N GLY J 20 -8.27 27.75 23.91
CA GLY J 20 -8.77 26.46 24.32
C GLY J 20 -9.51 25.72 23.22
N TRP J 21 -10.13 24.61 23.56
CA TRP J 21 -10.85 23.79 22.58
C TRP J 21 -12.27 24.28 22.35
N TYR J 22 -12.93 24.76 23.41
CA TYR J 22 -14.28 25.30 23.29
C TYR J 22 -14.32 26.68 23.93
N GLY J 23 -15.12 27.58 23.37
CA GLY J 23 -15.23 28.93 23.89
C GLY J 23 -16.32 29.76 23.27
N TYR J 24 -16.25 31.07 23.47
CA TYR J 24 -17.29 31.97 22.98
C TYR J 24 -16.74 33.07 22.07
N HIS J 25 -17.65 33.80 21.44
CA HIS J 25 -17.30 34.99 20.68
C HIS J 25 -18.38 36.04 20.86
N HIS J 26 -18.14 36.94 21.80
CA HIS J 26 -19.11 37.98 22.14
C HIS J 26 -19.13 39.06 21.07
N GLN J 27 -20.23 39.79 21.00
CA GLN J 27 -20.39 40.86 20.03
C GLN J 27 -21.35 41.88 20.64
N ASN J 28 -20.82 42.80 21.46
CA ASN J 28 -21.64 43.83 22.08
C ASN J 28 -21.17 45.21 21.68
N GLU J 29 -21.23 46.17 22.61
CA GLU J 29 -20.96 47.56 22.29
C GLU J 29 -19.54 48.00 22.67
N GLN J 30 -18.91 47.25 23.56
CA GLN J 30 -17.51 47.48 23.87
C GLN J 30 -16.62 46.81 22.83
N GLY J 31 -17.06 45.67 22.31
CA GLY J 31 -16.25 45.02 21.31
C GLY J 31 -16.56 43.57 21.02
N SER J 32 -15.63 42.92 20.33
CA SER J 32 -15.81 41.54 19.92
C SER J 32 -14.52 40.79 20.19
N GLY J 33 -14.47 39.54 19.75
CA GLY J 33 -13.30 38.72 19.93
C GLY J 33 -13.68 37.35 20.44
N TYR J 34 -12.69 36.48 20.56
CA TYR J 34 -12.95 35.13 21.03
C TYR J 34 -12.42 34.93 22.45
N ALA J 35 -13.10 34.08 23.21
CA ALA J 35 -12.67 33.74 24.57
C ALA J 35 -12.96 32.28 24.88
N ALA J 36 -11.91 31.48 25.04
CA ALA J 36 -12.07 30.06 25.31
C ALA J 36 -12.59 29.80 26.72
N ASP J 37 -13.50 28.83 26.84
CA ASP J 37 -14.06 28.47 28.13
C ASP J 37 -12.99 27.83 29.00
N LEU J 38 -12.75 28.42 30.16
CA LEU J 38 -11.67 27.99 31.05
C LEU J 38 -11.90 26.58 31.60
N LYS J 39 -12.99 26.39 32.34
CA LYS J 39 -13.26 25.13 33.01
C LYS J 39 -13.45 23.96 32.05
N SER J 40 -14.12 24.21 30.93
CA SER J 40 -14.42 23.14 29.98
C SER J 40 -13.16 22.62 29.28
N THR J 41 -12.39 23.53 28.71
CA THR J 41 -11.17 23.16 27.99
C THR J 41 -10.18 22.46 28.91
N GLN J 42 -10.10 22.91 30.15
CA GLN J 42 -9.17 22.33 31.12
C GLN J 42 -9.50 20.87 31.41
N ASN J 43 -10.77 20.59 31.68
CA ASN J 43 -11.22 19.23 31.95
C ASN J 43 -10.97 18.29 30.78
N ALA J 44 -11.32 18.74 29.57
CA ALA J 44 -11.11 17.94 28.38
C ALA J 44 -9.65 17.53 28.24
N ILE J 45 -8.75 18.49 28.37
CA ILE J 45 -7.32 18.23 28.29
C ILE J 45 -6.90 17.17 29.31
N ASP J 46 -7.33 17.34 30.55
CA ASP J 46 -7.02 16.39 31.61
C ASP J 46 -7.51 14.98 31.28
N GLU J 47 -8.76 14.89 30.85
CA GLU J 47 -9.37 13.58 30.58
C GLU J 47 -8.84 12.93 29.31
N ILE J 48 -8.58 13.73 28.28
CA ILE J 48 -7.97 13.22 27.06
C ILE J 48 -6.54 12.76 27.35
N THR J 49 -5.84 13.51 28.18
CA THR J 49 -4.50 13.13 28.62
C THR J 49 -4.55 11.78 29.31
N ASN J 50 -5.45 11.65 30.29
CA ASN J 50 -5.63 10.40 31.01
C ASN J 50 -5.94 9.25 30.06
N LYS J 51 -6.72 9.54 29.03
CA LYS J 51 -7.08 8.56 28.02
C LYS J 51 -5.83 8.03 27.32
N VAL J 52 -4.99 8.93 26.85
CA VAL J 52 -3.76 8.56 26.16
C VAL J 52 -2.82 7.80 27.09
N ASN J 53 -2.74 8.23 28.34
CA ASN J 53 -1.89 7.58 29.32
C ASN J 53 -2.32 6.14 29.61
N SER J 54 -3.63 5.90 29.62
CA SER J 54 -4.16 4.57 29.88
C SER J 54 -3.75 3.58 28.80
N VAL J 55 -4.02 3.93 27.55
CA VAL J 55 -3.67 3.07 26.42
C VAL J 55 -2.19 2.71 26.46
N ILE J 56 -1.37 3.60 27.01
CA ILE J 56 0.07 3.41 27.08
C ILE J 56 0.52 2.73 28.38
N GLU J 57 -0.01 3.20 29.51
CA GLU J 57 0.46 2.73 30.80
C GLU J 57 0.09 1.27 31.07
N LYS J 58 -0.99 0.81 30.45
CA LYS J 58 -1.52 -0.53 30.69
C LYS J 58 -0.72 -1.66 30.02
N MET J 59 0.17 -1.27 29.11
CA MET J 59 1.17 -2.21 28.62
C MET J 59 2.24 -2.34 29.70
N ASN J 60 2.53 -3.57 30.06
CA ASN J 60 3.68 -3.84 30.90
C ASN J 60 4.18 -5.20 30.49
N THR J 61 5.12 -5.18 29.54
CA THR J 61 5.56 -6.39 28.89
C THR J 61 6.55 -7.19 29.73
N GLN J 62 6.62 -8.48 29.46
CA GLN J 62 7.56 -9.35 30.15
C GLN J 62 8.92 -9.23 29.50
N PHE J 63 9.97 -9.48 30.25
CA PHE J 63 11.31 -9.55 29.67
C PHE J 63 11.44 -10.87 28.93
N THR J 64 11.40 -10.80 27.60
CA THR J 64 11.50 -11.99 26.78
C THR J 64 12.46 -11.78 25.62
N ALA J 65 13.15 -12.84 25.24
CA ALA J 65 13.98 -12.82 24.05
C ALA J 65 13.34 -13.66 22.97
N VAL J 66 12.40 -13.07 22.26
CA VAL J 66 11.79 -13.75 21.12
C VAL J 66 12.88 -14.09 20.11
N GLY J 67 12.67 -15.16 19.34
CA GLY J 67 13.67 -15.61 18.41
C GLY J 67 14.48 -16.75 19.00
N LYS J 68 14.44 -17.90 18.32
CA LYS J 68 15.17 -19.07 18.78
C LYS J 68 16.05 -19.60 17.65
N GLU J 69 16.88 -20.59 17.94
CA GLU J 69 17.72 -21.21 16.92
C GLU J 69 17.46 -22.71 16.87
N PHE J 70 17.22 -23.22 15.67
CA PHE J 70 16.96 -24.64 15.47
C PHE J 70 17.80 -25.17 14.31
N ASN J 71 18.29 -26.40 14.46
CA ASN J 71 19.06 -27.02 13.39
C ASN J 71 18.16 -27.61 12.32
N HIS J 72 18.78 -28.11 11.25
CA HIS J 72 18.03 -28.60 10.09
C HIS J 72 17.05 -29.73 10.42
N LEU J 73 17.28 -30.41 11.54
CA LEU J 73 16.42 -31.52 11.95
C LEU J 73 15.40 -31.10 13.00
N GLU J 74 15.18 -29.79 13.12
CA GLU J 74 14.21 -29.26 14.07
C GLU J 74 13.29 -28.25 13.38
N LYS J 75 13.03 -28.49 12.10
CA LYS J 75 12.16 -27.62 11.32
C LYS J 75 10.76 -27.57 11.93
N ARG J 76 10.38 -28.64 12.63
CA ARG J 76 9.06 -28.70 13.23
C ARG J 76 8.88 -27.68 14.35
N ILE J 77 9.74 -27.76 15.37
CA ILE J 77 9.67 -26.80 16.46
C ILE J 77 9.95 -25.37 15.97
N GLU J 78 10.73 -25.26 14.89
CA GLU J 78 10.99 -23.97 14.27
C GLU J 78 9.70 -23.36 13.75
N ASN J 79 8.86 -24.20 13.16
CA ASN J 79 7.56 -23.75 12.64
C ASN J 79 6.54 -23.52 13.76
N LEU J 80 6.62 -24.33 14.81
CA LEU J 80 5.80 -24.11 15.98
C LEU J 80 6.11 -22.72 16.52
N ASN J 81 7.40 -22.44 16.65
CA ASN J 81 7.88 -21.14 17.11
C ASN J 81 7.42 -20.01 16.20
N LYS J 82 7.50 -20.24 14.89
CA LYS J 82 7.05 -19.25 13.92
C LYS J 82 5.54 -19.03 14.05
N LYS J 83 4.80 -20.09 14.38
CA LYS J 83 3.37 -19.98 14.54
C LYS J 83 2.99 -19.10 15.72
N VAL J 84 3.69 -19.28 16.84
CA VAL J 84 3.40 -18.50 18.03
C VAL J 84 3.78 -17.04 17.84
N ASP J 85 4.77 -16.79 16.99
CA ASP J 85 5.15 -15.43 16.64
C ASP J 85 4.13 -14.79 15.72
N ASP J 86 3.69 -15.54 14.71
CA ASP J 86 2.70 -15.05 13.75
C ASP J 86 1.33 -14.89 14.40
N GLY J 87 1.09 -15.66 15.45
CA GLY J 87 -0.15 -15.56 16.19
C GLY J 87 -0.21 -14.25 16.96
N PHE J 88 0.78 -14.01 17.80
CA PHE J 88 0.85 -12.78 18.57
C PHE J 88 0.84 -11.57 17.64
N LEU J 89 1.47 -11.72 16.47
CA LEU J 89 1.53 -10.65 15.48
C LEU J 89 0.13 -10.28 14.99
N ASP J 90 -0.67 -11.29 14.69
CA ASP J 90 -2.02 -11.08 14.19
C ASP J 90 -2.97 -10.53 15.24
N ILE J 91 -2.85 -11.02 16.47
CA ILE J 91 -3.68 -10.55 17.57
C ILE J 91 -3.41 -9.07 17.86
N TRP J 92 -2.14 -8.74 18.07
CA TRP J 92 -1.76 -7.39 18.44
C TRP J 92 -2.04 -6.37 17.34
N THR J 93 -1.77 -6.74 16.10
CA THR J 93 -2.05 -5.86 14.97
C THR J 93 -3.54 -5.54 14.90
N TYR J 94 -4.37 -6.60 14.93
CA TYR J 94 -5.81 -6.43 14.83
C TYR J 94 -6.37 -5.61 16.00
N ASN J 95 -5.97 -5.97 17.21
CA ASN J 95 -6.45 -5.26 18.40
C ASN J 95 -6.02 -3.80 18.42
N ALA J 96 -4.76 -3.54 18.10
CA ALA J 96 -4.23 -2.19 18.09
C ALA J 96 -4.94 -1.32 17.05
N GLU J 97 -5.15 -1.88 15.86
CA GLU J 97 -5.84 -1.17 14.79
C GLU J 97 -7.27 -0.81 15.19
N LEU J 98 -7.98 -1.80 15.73
CA LEU J 98 -9.36 -1.62 16.17
C LEU J 98 -9.46 -0.67 17.36
N LEU J 99 -8.50 -0.77 18.27
CA LEU J 99 -8.50 0.07 19.47
C LEU J 99 -8.44 1.55 19.10
N VAL J 100 -7.55 1.88 18.17
CA VAL J 100 -7.41 3.27 17.71
C VAL J 100 -8.68 3.75 17.04
N LEU J 101 -9.21 2.95 16.12
CA LEU J 101 -10.45 3.30 15.43
C LEU J 101 -11.57 3.56 16.43
N LEU J 102 -11.85 2.58 17.28
CA LEU J 102 -12.88 2.70 18.29
C LEU J 102 -12.70 3.93 19.16
N GLU J 103 -11.49 4.13 19.67
CA GLU J 103 -11.21 5.24 20.58
C GLU J 103 -11.30 6.61 19.89
N ASN J 104 -10.83 6.69 18.65
CA ASN J 104 -10.93 7.93 17.90
C ASN J 104 -12.39 8.35 17.72
N GLU J 105 -13.26 7.39 17.44
CA GLU J 105 -14.68 7.65 17.33
C GLU J 105 -15.22 8.22 18.63
N ARG J 106 -14.78 7.65 19.75
CA ARG J 106 -15.20 8.09 21.06
C ARG J 106 -14.65 9.46 21.42
N THR J 107 -13.42 9.74 21.00
CA THR J 107 -12.78 11.01 21.30
C THR J 107 -13.49 12.17 20.61
N LEU J 108 -13.86 11.96 19.35
CA LEU J 108 -14.58 12.98 18.60
C LEU J 108 -15.97 13.20 19.18
N ASP J 109 -16.65 12.12 19.55
CA ASP J 109 -17.95 12.22 20.18
C ASP J 109 -17.86 12.90 21.54
N TYR J 110 -16.73 12.71 22.21
CA TYR J 110 -16.48 13.35 23.50
C TYR J 110 -16.42 14.86 23.35
N HIS J 111 -15.66 15.32 22.36
CA HIS J 111 -15.54 16.75 22.08
C HIS J 111 -16.86 17.32 21.60
N ASP J 112 -17.49 16.63 20.65
CA ASP J 112 -18.79 17.03 20.14
C ASP J 112 -19.75 17.25 21.30
N SER J 113 -19.67 16.36 22.28
CA SER J 113 -20.53 16.42 23.46
C SER J 113 -20.32 17.69 24.27
N ASN J 114 -19.05 18.01 24.56
CA ASN J 114 -18.73 19.18 25.37
C ASN J 114 -19.25 20.46 24.76
N VAL J 115 -19.20 20.56 23.43
CA VAL J 115 -19.75 21.71 22.72
C VAL J 115 -21.25 21.79 22.95
N LYS J 116 -21.96 20.71 22.61
CA LYS J 116 -23.39 20.62 22.83
C LYS J 116 -23.77 21.03 24.25
N ASN J 117 -22.99 20.56 25.21
CA ASN J 117 -23.23 20.87 26.62
C ASN J 117 -23.03 22.34 26.94
N LEU J 118 -22.00 22.94 26.34
CA LEU J 118 -21.73 24.35 26.52
C LEU J 118 -22.88 25.18 25.96
N TYR J 119 -23.35 24.79 24.78
CA TYR J 119 -24.48 25.44 24.14
C TYR J 119 -25.72 25.35 25.02
N GLU J 120 -26.02 24.13 25.48
CA GLU J 120 -27.20 23.90 26.31
C GLU J 120 -27.14 24.68 27.61
N LYS J 121 -25.97 24.71 28.25
CA LYS J 121 -25.81 25.40 29.52
C LYS J 121 -26.14 26.88 29.40
N VAL J 122 -25.81 27.46 28.25
CA VAL J 122 -26.13 28.86 27.98
C VAL J 122 -27.60 29.04 27.66
N ARG J 123 -28.13 28.13 26.84
CA ARG J 123 -29.52 28.22 26.39
C ARG J 123 -30.52 28.07 27.53
N SER J 124 -30.32 27.07 28.37
CA SER J 124 -31.21 26.83 29.50
C SER J 124 -30.95 27.84 30.62
N GLN J 125 -30.40 28.99 30.27
CA GLN J 125 -30.02 29.99 31.26
C GLN J 125 -30.24 31.44 30.79
N LEU J 126 -30.40 31.62 29.49
CA LEU J 126 -31.20 32.72 28.98
C LEU J 126 -32.31 32.08 28.19
N LYS J 127 -33.50 32.17 28.74
CA LYS J 127 -34.65 31.53 28.14
C LYS J 127 -35.40 32.49 27.22
N ASN J 128 -36.22 33.35 27.82
CA ASN J 128 -36.91 34.37 27.07
C ASN J 128 -36.02 35.56 26.73
N ASN J 129 -34.99 35.83 27.55
CA ASN J 129 -34.17 37.02 27.39
C ASN J 129 -33.35 37.05 26.11
N ALA J 130 -33.48 36.01 25.30
CA ALA J 130 -32.76 35.92 24.02
C ALA J 130 -33.36 34.83 23.14
N LYS J 131 -32.95 34.80 21.88
CA LYS J 131 -33.48 33.81 20.94
C LYS J 131 -32.36 33.06 20.22
N GLU J 132 -32.63 31.80 19.89
CA GLU J 132 -31.68 31.00 19.13
C GLU J 132 -31.69 31.41 17.67
N ILE J 133 -30.51 31.46 17.06
CA ILE J 133 -30.40 31.73 15.64
C ILE J 133 -30.42 30.41 14.85
N GLY J 134 -29.84 29.38 15.45
CA GLY J 134 -29.77 28.07 14.82
C GLY J 134 -28.34 27.70 14.47
N ASN J 135 -27.48 28.72 14.40
CA ASN J 135 -26.07 28.50 14.08
C ASN J 135 -25.21 28.42 15.33
N GLY J 136 -25.82 27.97 16.43
CA GLY J 136 -25.13 27.86 17.69
C GLY J 136 -24.97 29.18 18.41
N CYS J 137 -25.62 30.21 17.87
CA CYS J 137 -25.53 31.54 18.48
C CYS J 137 -26.94 32.05 18.86
N PHE J 138 -27.00 32.95 19.84
CA PHE J 138 -28.24 33.48 20.44
C PHE J 138 -28.26 35.02 20.43
N GLU J 139 -29.40 35.58 20.07
CA GLU J 139 -29.53 37.03 20.01
C GLU J 139 -30.24 37.59 21.23
N PHE J 140 -29.57 38.53 21.91
CA PHE J 140 -30.13 39.17 23.11
C PHE J 140 -31.22 40.19 22.81
N TYR J 141 -32.28 40.14 23.61
CA TYR J 141 -33.31 41.19 23.58
C TYR J 141 -32.96 42.27 24.60
N HIS J 142 -32.03 41.94 25.50
CA HIS J 142 -31.68 42.81 26.61
C HIS J 142 -30.21 43.21 26.53
N LYS J 143 -29.93 44.50 26.41
CA LYS J 143 -28.56 44.97 26.22
C LYS J 143 -27.57 44.25 27.14
N CYS J 144 -26.69 43.46 26.54
CA CYS J 144 -25.72 42.67 27.30
C CYS J 144 -24.29 43.11 27.03
N ASP J 145 -23.75 43.93 27.92
CA ASP J 145 -22.38 44.40 27.83
C ASP J 145 -21.39 43.34 28.31
N ASN J 146 -20.15 43.76 28.56
CA ASN J 146 -19.08 42.83 28.93
C ASN J 146 -19.32 42.07 30.23
N THR J 147 -19.77 42.77 31.26
CA THR J 147 -20.02 42.12 32.55
C THR J 147 -21.34 41.35 32.55
N CYS J 148 -22.14 41.57 31.51
CA CYS J 148 -23.32 40.75 31.29
C CYS J 148 -22.88 39.44 30.68
N MET J 149 -22.03 39.55 29.66
CA MET J 149 -21.45 38.41 28.98
C MET J 149 -20.77 37.45 29.94
N GLU J 150 -20.27 37.99 31.05
CA GLU J 150 -19.53 37.21 32.02
C GLU J 150 -20.46 36.33 32.84
N SER J 151 -21.59 36.90 33.26
CA SER J 151 -22.56 36.17 34.07
C SER J 151 -22.98 34.88 33.39
N VAL J 152 -22.88 34.85 32.06
CA VAL J 152 -23.22 33.66 31.29
C VAL J 152 -22.08 32.65 31.33
N LYS J 153 -20.85 33.12 31.12
CA LYS J 153 -19.69 32.25 31.17
C LYS J 153 -19.50 31.66 32.57
N ASN J 154 -19.41 32.53 33.58
CA ASN J 154 -19.31 32.10 34.96
C ASN J 154 -20.46 31.18 35.36
N GLY J 155 -21.51 31.16 34.55
CA GLY J 155 -22.68 30.36 34.83
C GLY J 155 -23.57 31.00 35.88
N THR J 156 -23.18 32.19 36.33
CA THR J 156 -23.94 32.93 37.32
C THR J 156 -24.76 34.04 36.66
N TYR J 157 -25.91 33.67 36.10
CA TYR J 157 -26.70 34.60 35.31
C TYR J 157 -28.06 34.91 35.93
N ASP J 158 -28.23 36.17 36.34
CA ASP J 158 -29.51 36.65 36.84
C ASP J 158 -30.48 36.83 35.68
N TYR J 159 -31.51 35.99 35.65
CA TYR J 159 -32.46 36.00 34.55
C TYR J 159 -33.46 37.18 34.55
N PRO J 160 -33.85 37.69 35.72
CA PRO J 160 -34.88 38.74 35.74
C PRO J 160 -34.39 40.09 35.25
N LYS J 161 -34.18 40.21 33.94
CA LYS J 161 -33.87 41.50 33.32
C LYS J 161 -34.65 41.61 32.02
N TYR J 162 -35.96 41.39 32.13
CA TYR J 162 -36.84 41.27 30.97
C TYR J 162 -36.90 42.56 30.14
N ASP K 7 -50.55 19.59 8.05
CA ASP K 7 -50.14 20.24 9.29
C ASP K 7 -49.54 19.23 10.26
N THR K 8 -49.07 18.13 9.71
CA THR K 8 -48.64 17.00 10.49
C THR K 8 -47.32 16.54 9.95
N LEU K 9 -46.25 16.79 10.70
CA LEU K 9 -44.95 16.27 10.29
C LEU K 9 -44.40 15.34 11.35
N CYS K 10 -43.94 14.17 10.93
CA CYS K 10 -43.42 13.21 11.87
C CYS K 10 -42.24 12.43 11.29
N ILE K 11 -41.32 12.04 12.17
CA ILE K 11 -40.12 11.30 11.79
C ILE K 11 -40.09 9.99 12.57
N GLY K 12 -40.33 8.90 11.84
CA GLY K 12 -40.31 7.57 12.42
C GLY K 12 -39.31 6.77 11.63
N TYR K 13 -38.54 5.96 12.33
CA TYR K 13 -37.46 5.21 11.70
C TYR K 13 -38.05 4.08 10.87
N HIS K 14 -37.18 3.13 10.50
CA HIS K 14 -37.57 2.06 9.58
C HIS K 14 -38.03 0.81 10.30
N ALA K 15 -38.74 -0.04 9.58
CA ALA K 15 -39.19 -1.33 10.08
C ALA K 15 -39.45 -2.26 8.89
N ASN K 16 -39.43 -3.56 9.14
CA ASN K 16 -39.62 -4.52 8.06
C ASN K 16 -39.92 -5.93 8.52
N ASN K 17 -39.89 -6.87 7.57
CA ASN K 17 -40.18 -8.27 7.86
C ASN K 17 -38.98 -9.04 8.34
N SER K 18 -37.96 -8.33 8.80
CA SER K 18 -36.72 -8.96 9.20
C SER K 18 -36.86 -9.75 10.50
N THR K 19 -36.30 -10.96 10.50
CA THR K 19 -36.29 -11.78 11.71
C THR K 19 -34.88 -11.89 12.28
N ASP K 20 -33.94 -11.19 11.64
CA ASP K 20 -32.56 -11.16 12.11
C ASP K 20 -32.48 -10.73 13.57
N THR K 21 -31.73 -11.50 14.36
CA THR K 21 -31.52 -11.15 15.76
C THR K 21 -30.03 -11.09 16.09
N VAL K 22 -29.63 -10.05 16.81
CA VAL K 22 -28.26 -9.91 17.25
C VAL K 22 -28.23 -9.77 18.76
N ASP K 23 -27.05 -9.80 19.34
CA ASP K 23 -26.91 -9.57 20.73
C ASP K 23 -26.14 -8.33 20.99
N THR K 24 -26.33 -7.76 22.15
CA THR K 24 -25.54 -6.62 22.57
C THR K 24 -24.98 -6.90 23.96
N VAL K 25 -24.25 -5.94 24.50
CA VAL K 25 -23.71 -6.08 25.84
C VAL K 25 -24.85 -6.02 26.85
N LEU K 26 -25.88 -5.26 26.53
CA LEU K 26 -26.96 -4.98 27.48
C LEU K 26 -28.23 -5.78 27.23
N GLU K 27 -28.32 -6.42 26.07
CA GLU K 27 -29.55 -7.14 25.72
C GLU K 27 -29.29 -8.32 24.80
N LYS K 28 -30.07 -9.36 24.87
CA LYS K 28 -29.85 -10.37 23.89
C LYS K 28 -31.03 -10.53 22.99
N ASN K 29 -30.85 -11.43 22.07
CA ASN K 29 -31.84 -11.64 21.01
C ASN K 29 -32.67 -10.41 20.68
N VAL K 30 -32.00 -9.38 20.18
CA VAL K 30 -32.65 -8.16 19.74
C VAL K 30 -32.85 -8.18 18.23
N THR K 31 -34.11 -8.09 17.79
CA THR K 31 -34.44 -8.12 16.37
C THR K 31 -34.04 -6.81 15.69
N VAL K 32 -33.23 -6.93 14.63
CA VAL K 32 -32.77 -5.76 13.90
C VAL K 32 -33.26 -5.79 12.45
N THR K 33 -33.31 -4.61 11.83
CA THR K 33 -33.77 -4.49 10.45
C THR K 33 -32.77 -5.09 9.46
N HIS K 34 -31.49 -4.89 9.73
CA HIS K 34 -30.44 -5.38 8.85
C HIS K 34 -29.22 -5.84 9.63
N SER K 35 -28.47 -6.77 9.06
CA SER K 35 -27.27 -7.29 9.72
C SER K 35 -26.39 -8.08 8.75
N VAL K 36 -25.16 -8.36 9.18
CA VAL K 36 -24.23 -9.16 8.40
C VAL K 36 -23.56 -10.19 9.30
N ASN K 37 -23.12 -11.28 8.71
CA ASN K 37 -22.42 -12.31 9.48
C ASN K 37 -20.91 -12.18 9.31
N LEU K 38 -20.20 -12.05 10.43
CA LEU K 38 -18.74 -11.91 10.41
C LEU K 38 -18.07 -13.28 10.48
N LEU K 39 -18.87 -14.30 10.75
CA LEU K 39 -18.36 -15.66 10.87
C LEU K 39 -18.63 -16.51 9.63
N GLU K 40 -17.56 -17.01 9.03
CA GLU K 40 -17.69 -17.95 7.92
C GLU K 40 -17.90 -19.36 8.47
N ASP K 41 -18.85 -20.08 7.88
CA ASP K 41 -19.16 -21.44 8.30
C ASP K 41 -19.51 -22.30 7.09
N LYS K 42 -18.86 -22.02 5.96
CA LYS K 42 -19.19 -22.70 4.72
C LYS K 42 -17.95 -22.92 3.84
N HIS K 43 -17.60 -24.19 3.66
CA HIS K 43 -16.49 -24.58 2.80
C HIS K 43 -17.02 -25.26 1.56
N ASN K 44 -16.24 -25.27 0.48
CA ASN K 44 -16.67 -25.88 -0.77
C ASN K 44 -16.48 -27.40 -0.79
N GLY K 45 -15.94 -27.94 0.29
CA GLY K 45 -15.73 -29.38 0.39
C GLY K 45 -14.80 -29.93 -0.66
N LYS K 46 -13.91 -29.07 -1.17
CA LYS K 46 -12.91 -29.47 -2.14
C LYS K 46 -11.50 -29.17 -1.62
N LEU K 47 -10.59 -30.10 -1.84
CA LEU K 47 -9.17 -29.84 -1.62
C LEU K 47 -8.63 -29.13 -2.86
N CYS K 48 -8.47 -27.82 -2.74
CA CYS K 48 -8.11 -26.97 -3.88
C CYS K 48 -6.64 -26.58 -3.87
N LYS K 49 -6.19 -26.01 -4.98
CA LYS K 49 -4.82 -25.54 -5.11
C LYS K 49 -4.67 -24.26 -4.32
N LEU K 50 -3.48 -24.04 -3.78
CA LEU K 50 -3.30 -23.02 -2.75
C LEU K 50 -2.87 -21.63 -3.21
N ARG K 51 -1.96 -21.59 -4.18
CA ARG K 51 -1.61 -20.34 -4.84
C ARG K 51 -2.28 -20.43 -6.20
N GLY K 52 -1.57 -21.07 -7.12
CA GLY K 52 -2.12 -21.49 -8.41
C GLY K 52 -1.58 -22.89 -8.61
N VAL K 53 -0.87 -23.35 -7.59
CA VAL K 53 -0.22 -24.66 -7.61
C VAL K 53 -1.09 -25.73 -6.96
N ALA K 54 -1.12 -26.91 -7.57
CA ALA K 54 -1.94 -28.01 -7.06
C ALA K 54 -1.24 -28.76 -5.93
N PRO K 55 -2.04 -29.38 -5.06
CA PRO K 55 -1.49 -30.23 -3.99
C PRO K 55 -0.98 -31.56 -4.54
N LEU K 56 -0.06 -32.19 -3.82
CA LEU K 56 0.44 -33.50 -4.19
C LEU K 56 -0.38 -34.58 -3.48
N HIS K 57 -1.24 -35.27 -4.23
CA HIS K 57 -2.11 -36.28 -3.65
C HIS K 57 -1.49 -37.67 -3.81
N LEU K 58 -1.27 -38.36 -2.70
CA LEU K 58 -0.58 -39.65 -2.73
C LEU K 58 -1.52 -40.83 -2.83
N GLY K 59 -2.81 -40.57 -2.62
CA GLY K 59 -3.82 -41.63 -2.71
C GLY K 59 -3.63 -42.73 -1.68
N LYS K 60 -3.36 -43.94 -2.17
CA LYS K 60 -3.25 -45.10 -1.31
C LYS K 60 -1.89 -45.19 -0.60
N CYS K 61 -0.98 -44.28 -0.95
CA CYS K 61 0.35 -44.29 -0.38
C CYS K 61 0.60 -43.13 0.58
N ASN K 62 1.63 -43.28 1.41
CA ASN K 62 2.08 -42.19 2.27
C ASN K 62 3.45 -41.70 1.83
N ILE K 63 3.91 -40.59 2.42
CA ILE K 63 5.18 -39.99 2.04
C ILE K 63 6.28 -41.03 1.93
N ALA K 64 6.41 -41.87 2.96
CA ALA K 64 7.43 -42.91 2.98
C ALA K 64 7.41 -43.78 1.72
N GLY K 65 6.25 -44.35 1.44
CA GLY K 65 6.11 -45.21 0.27
C GLY K 65 6.40 -44.50 -1.03
N TRP K 66 5.94 -43.25 -1.14
CA TRP K 66 6.10 -42.47 -2.35
C TRP K 66 7.56 -42.17 -2.70
N ILE K 67 8.33 -41.77 -1.69
CA ILE K 67 9.72 -41.39 -1.93
C ILE K 67 10.63 -42.61 -2.06
N LEU K 68 10.40 -43.62 -1.25
CA LEU K 68 11.19 -44.84 -1.31
C LEU K 68 10.98 -45.57 -2.64
N GLY K 69 9.77 -45.45 -3.19
CA GLY K 69 9.45 -46.07 -4.45
C GLY K 69 8.78 -47.42 -4.26
N ASN K 70 7.86 -47.49 -3.30
CA ASN K 70 7.09 -48.70 -3.07
C ASN K 70 6.41 -49.13 -4.37
N PRO K 71 6.49 -50.42 -4.70
CA PRO K 71 5.91 -50.95 -5.94
C PRO K 71 4.48 -50.49 -6.18
N GLU K 72 3.75 -50.23 -5.10
CA GLU K 72 2.33 -49.87 -5.20
C GLU K 72 2.10 -48.36 -5.30
N CYS K 73 3.17 -47.59 -5.14
CA CYS K 73 3.09 -46.14 -5.25
C CYS K 73 3.57 -45.68 -6.62
N GLU K 74 3.15 -46.41 -7.65
CA GLU K 74 3.67 -46.25 -9.00
C GLU K 74 3.21 -44.96 -9.69
N SER K 75 1.90 -44.81 -9.84
CA SER K 75 1.32 -43.95 -10.88
C SER K 75 1.36 -42.40 -10.78
N LEU K 76 2.11 -41.82 -9.84
CA LEU K 76 2.00 -40.36 -9.71
C LEU K 76 3.33 -39.57 -9.71
N SER K 77 4.35 -40.07 -10.40
CA SER K 77 5.63 -39.35 -10.51
C SER K 77 5.43 -37.93 -11.07
N THR K 78 4.39 -37.77 -11.88
CA THR K 78 4.16 -36.53 -12.63
C THR K 78 3.86 -35.29 -11.76
N ALA K 79 4.93 -34.74 -11.20
CA ALA K 79 4.86 -33.58 -10.30
C ALA K 79 6.16 -32.81 -10.30
N SER K 80 6.10 -31.55 -10.67
CA SER K 80 7.27 -30.69 -10.71
C SER K 80 7.27 -29.80 -9.49
N SER K 81 6.08 -29.62 -8.92
CA SER K 81 5.91 -28.78 -7.74
C SER K 81 4.55 -28.99 -7.11
N TRP K 82 4.42 -28.60 -5.86
CA TRP K 82 3.13 -28.67 -5.18
C TRP K 82 3.08 -27.71 -3.99
N SER K 83 1.89 -27.15 -3.77
CA SER K 83 1.70 -26.18 -2.71
C SER K 83 1.60 -26.86 -1.34
N TYR K 84 1.05 -28.06 -1.30
CA TYR K 84 0.99 -28.85 -0.07
C TYR K 84 0.77 -30.33 -0.41
N ILE K 85 0.82 -31.18 0.61
CA ILE K 85 0.69 -32.62 0.39
C ILE K 85 -0.59 -33.18 1.01
N VAL K 86 -1.28 -34.02 0.25
CA VAL K 86 -2.51 -34.64 0.72
C VAL K 86 -2.35 -36.15 0.90
N GLU K 87 -2.68 -36.63 2.08
CA GLU K 87 -2.63 -38.05 2.40
C GLU K 87 -4.02 -38.50 2.81
N THR K 88 -4.45 -39.67 2.33
CA THR K 88 -5.76 -40.20 2.69
C THR K 88 -5.64 -41.02 3.98
N PRO K 89 -6.65 -40.94 4.86
CA PRO K 89 -6.59 -41.64 6.15
C PRO K 89 -6.47 -43.15 5.91
N SER K 90 -6.82 -43.58 4.71
CA SER K 90 -6.69 -44.98 4.33
C SER K 90 -5.39 -45.19 3.51
N SER K 91 -4.32 -44.50 3.90
CA SER K 91 -2.99 -44.80 3.33
C SER K 91 -2.66 -46.12 3.97
N ASP K 92 -1.40 -46.52 3.88
CA ASP K 92 -1.03 -47.89 4.22
C ASP K 92 0.00 -48.42 5.22
N ASN K 93 0.00 -47.79 6.38
CA ASN K 93 0.95 -48.09 7.41
C ASN K 93 2.30 -47.83 6.82
N GLY K 94 3.26 -48.68 7.10
CA GLY K 94 4.63 -48.26 6.90
C GLY K 94 5.29 -48.79 5.65
N THR K 95 6.61 -48.61 5.55
CA THR K 95 7.40 -49.23 4.50
C THR K 95 7.03 -50.71 4.40
N CYS K 96 7.19 -51.28 3.21
CA CYS K 96 6.89 -52.70 3.02
C CYS K 96 7.87 -53.61 3.79
N TYR K 97 9.13 -53.21 3.84
CA TYR K 97 10.10 -53.93 4.67
C TYR K 97 10.27 -53.26 6.02
N PRO K 98 9.96 -53.99 7.11
CA PRO K 98 9.97 -53.44 8.47
C PRO K 98 11.26 -52.70 8.79
N GLY K 99 11.15 -51.60 9.51
CA GLY K 99 12.32 -50.81 9.87
C GLY K 99 11.97 -49.42 10.35
N ASP K 100 12.98 -48.65 10.72
CA ASP K 100 12.77 -47.30 11.22
C ASP K 100 13.12 -46.26 10.16
N PHE K 101 12.24 -45.29 9.96
CA PHE K 101 12.53 -44.18 9.06
C PHE K 101 13.05 -42.99 9.88
N ILE K 102 14.37 -42.81 9.87
CA ILE K 102 15.01 -41.80 10.71
C ILE K 102 14.57 -40.39 10.36
N ASP K 103 14.21 -39.61 11.37
CA ASP K 103 13.76 -38.24 11.16
C ASP K 103 12.74 -38.18 10.02
N TYR K 104 11.71 -39.03 10.13
CA TYR K 104 10.70 -39.14 9.09
C TYR K 104 9.79 -37.92 9.06
N GLU K 105 9.30 -37.53 10.23
CA GLU K 105 8.42 -36.36 10.34
C GLU K 105 9.11 -35.13 9.80
N GLU K 106 10.41 -35.03 10.03
CA GLU K 106 11.20 -33.92 9.49
C GLU K 106 11.21 -33.94 7.97
N LEU K 107 11.47 -35.10 7.39
CA LEU K 107 11.48 -35.25 5.94
C LEU K 107 10.17 -34.78 5.34
N ARG K 108 9.05 -35.18 5.96
CA ARG K 108 7.73 -34.83 5.47
C ARG K 108 7.52 -33.33 5.53
N GLU K 109 7.98 -32.70 6.61
CA GLU K 109 7.90 -31.26 6.77
C GLU K 109 8.62 -30.54 5.65
N GLN K 110 9.80 -31.04 5.29
CA GLN K 110 10.61 -30.44 4.24
C GLN K 110 10.01 -30.67 2.84
N LEU K 111 9.36 -31.81 2.67
CA LEU K 111 8.74 -32.15 1.38
C LEU K 111 7.35 -31.54 1.23
N SER K 112 6.81 -31.01 2.33
CA SER K 112 5.44 -30.51 2.36
C SER K 112 5.13 -29.55 1.21
N SER K 113 6.11 -28.71 0.86
CA SER K 113 5.97 -27.81 -0.27
C SER K 113 7.26 -27.74 -1.07
N VAL K 114 7.16 -27.97 -2.37
CA VAL K 114 8.32 -28.03 -3.24
C VAL K 114 8.15 -27.14 -4.47
N SER K 115 9.20 -26.38 -4.80
CA SER K 115 9.14 -25.48 -5.93
C SER K 115 9.44 -26.20 -7.23
N SER K 116 10.55 -26.92 -7.27
CA SER K 116 10.85 -27.80 -8.39
C SER K 116 11.31 -29.16 -7.85
N PHE K 117 10.90 -30.22 -8.52
CA PHE K 117 11.12 -31.57 -8.03
C PHE K 117 11.28 -32.53 -9.18
N GLU K 118 12.52 -32.93 -9.47
CA GLU K 118 12.76 -33.91 -10.51
C GLU K 118 13.51 -35.11 -9.96
N ARG K 119 13.12 -36.29 -10.39
CA ARG K 119 13.74 -37.53 -9.93
C ARG K 119 14.66 -38.09 -11.00
N PHE K 120 15.95 -38.17 -10.69
CA PHE K 120 16.95 -38.65 -11.63
C PHE K 120 17.69 -39.85 -11.06
N GLU K 121 18.22 -40.68 -11.94
CA GLU K 121 18.99 -41.84 -11.51
C GLU K 121 20.40 -41.39 -11.10
N ILE K 122 20.63 -41.39 -9.80
CA ILE K 122 21.93 -40.97 -9.26
C ILE K 122 22.98 -42.05 -9.46
N PHE K 123 22.60 -43.30 -9.24
CA PHE K 123 23.47 -44.44 -9.49
C PHE K 123 22.79 -45.45 -10.39
N PRO K 124 23.05 -45.38 -11.71
CA PRO K 124 22.48 -46.33 -12.67
C PRO K 124 22.81 -47.77 -12.28
N LYS K 125 21.82 -48.66 -12.33
CA LYS K 125 21.97 -50.03 -11.84
C LYS K 125 23.05 -50.82 -12.57
N THR K 126 23.24 -50.53 -13.85
CA THR K 126 24.05 -51.41 -14.70
C THR K 126 25.49 -50.97 -14.95
N SER K 127 25.96 -49.94 -14.26
CA SER K 127 27.32 -49.48 -14.45
C SER K 127 28.00 -49.11 -13.13
N SER K 128 27.21 -49.02 -12.07
CA SER K 128 27.70 -48.55 -10.78
C SER K 128 28.15 -49.70 -9.89
N TRP K 129 27.56 -50.87 -10.11
CA TRP K 129 27.81 -52.01 -9.25
C TRP K 129 28.25 -53.23 -10.06
N PRO K 130 29.52 -53.26 -10.47
CA PRO K 130 30.13 -54.31 -11.29
C PRO K 130 30.71 -55.44 -10.45
N ASN K 131 30.84 -55.21 -9.15
CA ASN K 131 31.40 -56.21 -8.25
C ASN K 131 30.37 -56.77 -7.30
N HIS K 132 29.11 -56.38 -7.50
CA HIS K 132 28.02 -56.82 -6.63
C HIS K 132 26.77 -57.12 -7.47
N ASP K 133 25.91 -57.98 -6.93
CA ASP K 133 24.68 -58.34 -7.63
C ASP K 133 23.59 -57.31 -7.34
N SER K 134 23.10 -56.67 -8.39
CA SER K 134 22.07 -55.65 -8.26
C SER K 134 20.73 -56.14 -8.80
N ASN K 135 20.50 -57.44 -8.70
CA ASN K 135 19.30 -58.05 -9.23
C ASN K 135 18.56 -58.96 -8.24
N LYS K 136 19.31 -59.52 -7.28
CA LYS K 136 18.77 -60.49 -6.34
C LYS K 136 18.13 -59.85 -5.12
N GLY K 137 18.09 -58.52 -5.12
CA GLY K 137 17.61 -57.78 -3.98
C GLY K 137 16.11 -57.55 -3.97
N VAL K 138 15.36 -58.62 -3.78
CA VAL K 138 13.91 -58.54 -3.71
C VAL K 138 13.43 -59.25 -2.45
N THR K 139 12.15 -59.12 -2.14
CA THR K 139 11.63 -59.72 -0.92
C THR K 139 10.12 -59.92 -0.98
N ALA K 140 9.62 -60.86 -0.19
CA ALA K 140 8.19 -61.10 -0.11
C ALA K 140 7.53 -60.09 0.82
N ALA K 141 8.26 -59.02 1.16
CA ALA K 141 7.72 -57.91 1.94
C ALA K 141 6.82 -57.06 1.06
N CYS K 142 7.44 -56.27 0.18
CA CYS K 142 6.71 -55.49 -0.80
C CYS K 142 6.66 -56.20 -2.14
N PRO K 143 5.62 -57.05 -2.35
CA PRO K 143 5.43 -57.79 -3.59
C PRO K 143 4.60 -57.03 -4.62
N HIS K 144 5.08 -57.09 -5.87
CA HIS K 144 4.57 -56.47 -7.11
C HIS K 144 4.42 -57.57 -8.17
N ALA K 145 3.19 -57.65 -8.64
CA ALA K 145 2.79 -58.65 -9.61
C ALA K 145 2.96 -60.03 -9.03
N GLY K 146 2.65 -60.18 -7.75
CA GLY K 146 2.87 -61.45 -7.08
C GLY K 146 4.31 -61.83 -7.24
N ALA K 147 5.07 -60.89 -7.80
CA ALA K 147 6.50 -61.02 -7.98
C ALA K 147 7.24 -60.37 -6.83
N LYS K 148 8.19 -61.11 -6.27
CA LYS K 148 9.12 -60.61 -5.25
C LYS K 148 9.73 -59.31 -5.76
N SER K 149 9.42 -58.20 -5.10
CA SER K 149 9.93 -56.91 -5.56
C SER K 149 10.64 -56.15 -4.44
N PHE K 150 10.80 -54.85 -4.67
CA PHE K 150 11.51 -53.99 -3.76
C PHE K 150 11.25 -52.54 -4.16
N TYR K 151 11.77 -51.60 -3.37
CA TYR K 151 11.60 -50.18 -3.67
C TYR K 151 12.25 -49.83 -5.00
N LYS K 152 11.57 -49.03 -5.81
CA LYS K 152 12.09 -48.65 -7.11
C LYS K 152 13.30 -47.74 -7.01
N ASN K 153 13.26 -46.82 -6.05
CA ASN K 153 14.30 -45.79 -5.91
C ASN K 153 15.53 -46.26 -5.13
N LEU K 154 15.53 -47.52 -4.72
CA LEU K 154 16.66 -48.09 -4.00
C LEU K 154 17.02 -49.46 -4.57
N ILE K 155 18.29 -49.84 -4.43
CA ILE K 155 18.75 -51.15 -4.86
C ILE K 155 19.38 -51.92 -3.71
N TRP K 156 18.84 -53.09 -3.42
CA TRP K 156 19.35 -53.93 -2.34
C TRP K 156 20.50 -54.78 -2.85
N LEU K 157 21.71 -54.26 -2.71
CA LEU K 157 22.90 -54.97 -3.19
C LEU K 157 23.21 -56.20 -2.34
N VAL K 158 23.42 -57.33 -3.01
CA VAL K 158 23.81 -58.56 -2.34
C VAL K 158 25.12 -59.08 -2.93
N LYS K 159 25.73 -60.05 -2.26
CA LYS K 159 27.01 -60.60 -2.70
C LYS K 159 26.90 -61.25 -4.07
N LYS K 160 27.91 -61.02 -4.91
CA LYS K 160 27.95 -61.63 -6.24
C LYS K 160 28.69 -62.96 -6.20
N GLY K 161 27.94 -64.04 -6.10
CA GLY K 161 28.52 -65.38 -6.06
C GLY K 161 29.66 -65.58 -5.08
N ASN K 162 29.36 -65.38 -3.79
CA ASN K 162 30.35 -65.60 -2.73
C ASN K 162 31.39 -64.49 -2.66
N SER K 163 31.01 -63.28 -3.05
CA SER K 163 31.95 -62.16 -3.01
C SER K 163 31.26 -60.82 -2.76
N TYR K 164 31.65 -60.16 -1.67
CA TYR K 164 31.20 -58.80 -1.40
C TYR K 164 32.38 -57.93 -1.03
N PRO K 165 33.07 -57.39 -2.06
CA PRO K 165 34.26 -56.54 -1.88
C PRO K 165 33.84 -55.16 -1.39
N LYS K 166 34.71 -54.49 -0.64
CA LYS K 166 34.43 -53.12 -0.22
C LYS K 166 34.03 -52.28 -1.41
N LEU K 167 32.83 -51.73 -1.37
CA LEU K 167 32.36 -50.86 -2.45
C LEU K 167 32.58 -49.40 -2.06
N SER K 168 32.78 -48.55 -3.06
CA SER K 168 33.08 -47.15 -2.78
C SER K 168 32.64 -46.23 -3.92
N LYS K 169 31.36 -45.90 -3.93
CA LYS K 169 30.81 -44.97 -4.90
C LYS K 169 30.59 -43.61 -4.26
N SER K 170 30.67 -42.56 -5.07
CA SER K 170 30.42 -41.20 -4.57
C SER K 170 29.92 -40.28 -5.69
N TYR K 171 28.79 -39.65 -5.43
CA TYR K 171 28.16 -38.75 -6.41
C TYR K 171 28.35 -37.30 -6.00
N ILE K 172 28.56 -36.43 -6.99
CA ILE K 172 28.70 -35.00 -6.73
C ILE K 172 27.54 -34.22 -7.32
N ASN K 173 26.96 -33.33 -6.52
CA ASN K 173 25.78 -32.57 -6.92
C ASN K 173 26.08 -31.55 -8.01
N ASP K 174 25.85 -31.94 -9.26
CA ASP K 174 26.08 -31.06 -10.39
C ASP K 174 24.83 -30.23 -10.70
N LYS K 175 23.77 -30.47 -9.95
CA LYS K 175 22.53 -29.73 -10.12
C LYS K 175 22.67 -28.32 -9.54
N GLY K 176 21.64 -27.51 -9.74
CA GLY K 176 21.62 -26.16 -9.21
C GLY K 176 20.72 -26.03 -8.01
N LYS K 177 20.39 -27.18 -7.44
CA LYS K 177 19.45 -27.26 -6.33
C LYS K 177 19.86 -28.42 -5.45
N GLU K 178 19.41 -28.41 -4.20
CA GLU K 178 19.70 -29.51 -3.29
C GLU K 178 19.24 -30.83 -3.89
N VAL K 179 19.90 -31.92 -3.51
CA VAL K 179 19.49 -33.24 -3.94
C VAL K 179 19.19 -34.13 -2.75
N LEU K 180 17.96 -34.63 -2.69
CA LEU K 180 17.55 -35.55 -1.63
C LEU K 180 18.03 -36.95 -1.94
N VAL K 181 18.94 -37.46 -1.13
CA VAL K 181 19.46 -38.81 -1.33
C VAL K 181 18.95 -39.76 -0.25
N LEU K 182 18.32 -40.86 -0.67
CA LEU K 182 17.84 -41.85 0.28
C LEU K 182 18.62 -43.16 0.17
N TRP K 183 18.85 -43.81 1.31
CA TRP K 183 19.57 -45.07 1.37
C TRP K 183 19.10 -45.88 2.58
N GLY K 184 19.42 -47.17 2.60
CA GLY K 184 18.98 -48.03 3.69
C GLY K 184 20.09 -48.89 4.27
N ILE K 185 19.97 -49.21 5.55
CA ILE K 185 20.89 -50.12 6.21
C ILE K 185 20.13 -51.36 6.63
N HIS K 186 20.45 -52.49 6.02
CA HIS K 186 19.75 -53.74 6.33
C HIS K 186 20.36 -54.46 7.52
N HIS K 187 19.50 -54.86 8.46
CA HIS K 187 19.93 -55.63 9.62
C HIS K 187 19.30 -57.02 9.57
N PRO K 188 20.07 -58.01 9.08
CA PRO K 188 19.60 -59.39 8.98
C PRO K 188 19.16 -59.97 10.32
N SER K 189 18.35 -61.03 10.27
CA SER K 189 17.82 -61.63 11.47
C SER K 189 18.81 -62.58 12.14
N THR K 190 19.55 -63.32 11.32
CA THR K 190 20.50 -64.31 11.82
C THR K 190 21.87 -64.15 11.18
N SER K 191 22.91 -64.60 11.88
CA SER K 191 24.28 -64.53 11.37
C SER K 191 24.43 -65.39 10.11
N ALA K 192 23.54 -66.37 9.98
CA ALA K 192 23.52 -67.21 8.78
C ALA K 192 22.98 -66.41 7.59
N ASP K 193 21.96 -65.59 7.86
CA ASP K 193 21.40 -64.70 6.85
C ASP K 193 22.42 -63.63 6.44
N GLN K 194 23.26 -63.24 7.40
CA GLN K 194 24.28 -62.22 7.15
C GLN K 194 25.29 -62.68 6.10
N GLN K 195 25.93 -63.81 6.35
CA GLN K 195 26.92 -64.34 5.42
C GLN K 195 26.27 -64.83 4.14
N SER K 196 25.00 -65.20 4.22
CA SER K 196 24.23 -65.62 3.06
C SER K 196 24.05 -64.46 2.09
N LEU K 197 23.91 -63.26 2.65
CA LEU K 197 23.62 -62.07 1.86
C LEU K 197 24.88 -61.28 1.46
N TYR K 198 25.80 -61.12 2.40
CA TYR K 198 26.97 -60.28 2.15
C TYR K 198 28.28 -60.98 2.48
N GLN K 199 28.20 -62.27 2.80
CA GLN K 199 29.39 -63.10 3.01
C GLN K 199 30.60 -62.41 3.64
N ASN K 200 30.36 -61.66 4.72
CA ASN K 200 31.42 -61.12 5.55
C ASN K 200 30.55 -61.08 6.81
N ALA K 201 31.14 -61.42 7.95
CA ALA K 201 30.40 -61.46 9.20
C ALA K 201 30.42 -60.11 9.91
N ASP K 202 31.59 -59.50 9.95
CA ASP K 202 31.76 -58.20 10.58
C ASP K 202 31.87 -57.11 9.53
N THR K 203 30.75 -56.45 9.23
CA THR K 203 30.71 -55.45 8.17
C THR K 203 30.38 -54.06 8.71
N TYR K 204 30.46 -53.07 7.83
CA TYR K 204 30.15 -51.69 8.16
C TYR K 204 29.77 -50.93 6.91
N VAL K 205 28.97 -49.89 7.06
CA VAL K 205 28.71 -48.96 5.96
C VAL K 205 28.84 -47.53 6.45
N PHE K 206 29.39 -46.68 5.59
CA PHE K 206 29.65 -45.29 5.95
C PHE K 206 29.18 -44.33 4.87
N VAL K 207 28.38 -43.34 5.29
CA VAL K 207 27.86 -42.33 4.37
C VAL K 207 28.30 -40.95 4.81
N GLY K 208 28.97 -40.22 3.92
CA GLY K 208 29.49 -38.91 4.26
C GLY K 208 29.39 -37.88 3.15
N SER K 209 29.13 -36.63 3.55
CA SER K 209 29.18 -35.50 2.63
C SER K 209 29.99 -34.40 3.30
N SER K 210 29.85 -33.17 2.82
CA SER K 210 30.54 -32.05 3.43
C SER K 210 30.03 -31.79 4.85
N ARG K 211 28.79 -32.20 5.10
CA ARG K 211 28.15 -31.94 6.39
C ARG K 211 27.76 -33.22 7.10
N TYR K 212 27.34 -34.22 6.33
CA TYR K 212 26.89 -35.49 6.91
C TYR K 212 28.05 -36.46 7.06
N SER K 213 28.01 -37.28 8.11
CA SER K 213 29.05 -38.27 8.35
C SER K 213 28.53 -39.23 9.42
N LYS K 214 28.53 -40.53 9.11
CA LYS K 214 28.08 -41.53 10.06
C LYS K 214 28.47 -42.94 9.59
N LYS K 215 28.97 -43.73 10.53
CA LYS K 215 29.35 -45.11 10.26
C LYS K 215 28.32 -46.05 10.88
N PHE K 216 27.84 -47.00 10.09
CA PHE K 216 26.79 -47.91 10.55
C PHE K 216 27.29 -49.32 10.81
N LYS K 217 26.89 -49.88 11.93
CA LYS K 217 27.20 -51.27 12.26
C LYS K 217 25.91 -52.09 12.30
N PRO K 218 25.82 -53.08 11.41
CA PRO K 218 24.64 -53.95 11.32
C PRO K 218 24.32 -54.63 12.65
N GLU K 219 23.08 -54.47 13.12
CA GLU K 219 22.65 -55.08 14.37
C GLU K 219 21.88 -56.36 14.09
N ILE K 220 22.59 -57.49 14.16
CA ILE K 220 22.01 -58.79 13.81
C ILE K 220 21.29 -59.44 14.98
N ALA K 221 19.98 -59.66 14.82
CA ALA K 221 19.16 -60.29 15.84
C ALA K 221 17.77 -60.64 15.32
N ILE K 222 16.99 -61.34 16.13
CA ILE K 222 15.65 -61.75 15.74
C ILE K 222 14.59 -60.81 16.29
N ARG K 223 13.93 -60.08 15.39
CA ARG K 223 12.83 -59.20 15.77
C ARG K 223 11.50 -59.89 15.53
N PRO K 224 10.49 -59.55 16.34
CA PRO K 224 9.14 -60.10 16.14
C PRO K 224 8.68 -59.85 14.71
N LYS K 225 8.19 -60.89 14.06
CA LYS K 225 7.82 -60.82 12.66
C LYS K 225 6.83 -59.72 12.32
N VAL K 226 7.24 -58.87 11.41
CA VAL K 226 6.34 -57.91 10.80
C VAL K 226 6.43 -58.11 9.30
N ARG K 227 5.36 -58.63 8.70
CA ARG K 227 5.37 -58.95 7.28
C ARG K 227 6.37 -60.05 6.94
N ASP K 228 6.43 -61.05 7.82
CA ASP K 228 7.27 -62.23 7.58
C ASP K 228 8.76 -62.00 7.79
N GLN K 229 9.15 -60.75 8.01
CA GLN K 229 10.57 -60.43 8.19
C GLN K 229 10.94 -60.32 9.66
N GLU K 230 11.94 -61.09 10.07
CA GLU K 230 12.45 -61.00 11.44
C GLU K 230 13.63 -60.06 11.48
N GLY K 231 14.10 -59.66 10.30
CA GLY K 231 15.15 -58.66 10.19
C GLY K 231 14.53 -57.29 10.03
N ARG K 232 15.36 -56.26 10.17
CA ARG K 232 14.88 -54.89 10.02
C ARG K 232 15.66 -54.14 8.95
N MET K 233 15.13 -53.01 8.53
CA MET K 233 15.79 -52.16 7.55
C MET K 233 15.56 -50.69 7.87
N ASN K 234 16.60 -50.01 8.36
CA ASN K 234 16.50 -48.59 8.69
C ASN K 234 16.73 -47.71 7.48
N TYR K 235 15.91 -46.67 7.35
CA TYR K 235 15.98 -45.78 6.19
C TYR K 235 16.53 -44.41 6.59
N TYR K 236 17.53 -43.96 5.85
CA TYR K 236 18.16 -42.68 6.14
C TYR K 236 18.05 -41.75 4.94
N TRP K 237 18.25 -40.46 5.16
CA TRP K 237 18.20 -39.46 4.10
C TRP K 237 19.02 -38.23 4.45
N THR K 238 19.38 -37.45 3.43
CA THR K 238 20.12 -36.22 3.64
C THR K 238 20.01 -35.31 2.42
N LEU K 239 20.30 -34.03 2.60
CA LEU K 239 20.23 -33.08 1.50
C LEU K 239 21.61 -32.60 1.09
N VAL K 240 22.05 -33.05 -0.09
CA VAL K 240 23.36 -32.68 -0.60
C VAL K 240 23.31 -31.29 -1.24
N GLU K 241 24.11 -30.38 -0.73
CA GLU K 241 24.18 -29.02 -1.26
C GLU K 241 24.72 -29.02 -2.68
N PRO K 242 24.31 -28.03 -3.49
CA PRO K 242 24.86 -27.88 -4.84
C PRO K 242 26.37 -27.72 -4.79
N GLY K 243 27.09 -28.51 -5.59
CA GLY K 243 28.53 -28.46 -5.62
C GLY K 243 29.16 -29.35 -4.56
N ASP K 244 28.32 -29.96 -3.73
CA ASP K 244 28.78 -30.89 -2.71
C ASP K 244 28.67 -32.32 -3.21
N LYS K 245 29.44 -33.22 -2.61
CA LYS K 245 29.37 -34.63 -2.99
C LYS K 245 29.14 -35.52 -1.78
N ILE K 246 28.47 -36.65 -2.00
CA ILE K 246 28.20 -37.61 -0.95
C ILE K 246 28.83 -38.96 -1.29
N THR K 247 29.52 -39.56 -0.31
CA THR K 247 30.23 -40.81 -0.53
C THR K 247 29.58 -41.98 0.19
N PHE K 248 29.52 -43.12 -0.49
CA PHE K 248 29.05 -44.36 0.11
C PHE K 248 30.20 -45.38 0.17
N GLU K 249 30.31 -46.05 1.30
CA GLU K 249 31.39 -47.02 1.52
C GLU K 249 30.86 -48.16 2.38
N ALA K 250 30.81 -49.36 1.82
CA ALA K 250 30.21 -50.48 2.52
C ALA K 250 30.91 -51.82 2.27
N THR K 251 30.94 -52.65 3.31
CA THR K 251 31.39 -54.03 3.17
C THR K 251 30.18 -54.95 3.24
N GLY K 252 29.00 -54.35 3.08
CA GLY K 252 27.75 -55.09 3.09
C GLY K 252 26.63 -54.36 3.79
N ASN K 253 25.41 -54.89 3.68
CA ASN K 253 24.25 -54.38 4.41
C ASN K 253 23.76 -53.02 3.92
N LEU K 254 24.28 -52.56 2.78
CA LEU K 254 23.92 -51.24 2.27
C LEU K 254 22.90 -51.28 1.14
N VAL K 255 21.68 -50.84 1.43
CA VAL K 255 20.67 -50.64 0.40
C VAL K 255 20.96 -49.32 -0.29
N VAL K 256 21.68 -49.38 -1.40
CA VAL K 256 22.19 -48.18 -2.07
C VAL K 256 21.09 -47.40 -2.79
N PRO K 257 21.28 -46.09 -2.92
CA PRO K 257 20.37 -45.23 -3.69
C PRO K 257 20.43 -45.56 -5.18
N ARG K 258 19.29 -45.50 -5.85
CA ARG K 258 19.24 -45.65 -7.29
C ARG K 258 18.76 -44.34 -7.91
N TYR K 259 17.68 -43.81 -7.37
CA TYR K 259 17.16 -42.51 -7.79
C TYR K 259 17.28 -41.50 -6.66
N ALA K 260 17.70 -40.28 -7.00
CA ALA K 260 17.71 -39.18 -6.06
C ALA K 260 16.70 -38.13 -6.53
N PHE K 261 16.66 -37.00 -5.84
CA PHE K 261 15.68 -35.96 -6.19
C PHE K 261 16.28 -34.56 -6.17
N ALA K 262 16.50 -34.01 -7.36
CA ALA K 262 16.83 -32.60 -7.48
C ALA K 262 15.59 -31.82 -7.04
N MET K 263 15.73 -30.98 -6.01
CA MET K 263 14.57 -30.30 -5.46
C MET K 263 14.87 -28.95 -4.82
N GLU K 264 14.02 -27.98 -5.15
CA GLU K 264 14.07 -26.66 -4.54
C GLU K 264 12.84 -26.49 -3.68
N ARG K 265 13.05 -26.37 -2.38
CA ARG K 265 11.94 -26.26 -1.45
C ARG K 265 11.80 -24.85 -0.89
N ASN K 266 10.56 -24.45 -0.63
CA ASN K 266 10.24 -23.22 0.07
C ASN K 266 10.10 -23.44 1.58
N ALA K 267 9.44 -22.51 2.26
CA ALA K 267 8.97 -22.78 3.61
C ALA K 267 7.61 -23.40 3.38
N GLY K 268 6.63 -22.56 3.07
CA GLY K 268 5.33 -23.08 2.72
C GLY K 268 4.76 -24.13 3.64
N SER K 269 3.98 -25.03 3.04
CA SER K 269 2.88 -25.76 3.66
C SER K 269 3.19 -26.89 4.61
N GLY K 270 2.13 -27.63 4.94
CA GLY K 270 2.20 -28.86 5.70
C GLY K 270 1.52 -29.96 4.92
N ILE K 271 0.99 -30.97 5.62
CA ILE K 271 0.34 -32.07 4.93
C ILE K 271 -1.06 -32.27 5.53
N ILE K 272 -2.06 -32.44 4.67
CA ILE K 272 -3.43 -32.65 5.12
C ILE K 272 -3.82 -34.11 4.96
N ILE K 273 -4.29 -34.72 6.04
CA ILE K 273 -4.80 -36.07 5.98
C ILE K 273 -6.31 -36.03 5.86
N SER K 274 -6.82 -36.23 4.65
CA SER K 274 -8.23 -36.10 4.38
C SER K 274 -8.70 -37.00 3.25
N ASP K 275 -9.99 -37.34 3.27
CA ASP K 275 -10.59 -38.13 2.20
C ASP K 275 -11.11 -37.20 1.11
N THR K 276 -11.36 -35.96 1.48
CA THR K 276 -11.93 -34.96 0.57
C THR K 276 -11.29 -34.99 -0.80
N PRO K 277 -12.12 -34.86 -1.85
CA PRO K 277 -11.73 -34.84 -3.26
C PRO K 277 -10.76 -33.72 -3.62
N VAL K 278 -9.70 -34.05 -4.35
CA VAL K 278 -8.83 -33.03 -4.92
C VAL K 278 -9.56 -32.41 -6.12
N HIS K 279 -9.38 -31.10 -6.32
CA HIS K 279 -10.13 -30.39 -7.33
C HIS K 279 -9.29 -29.40 -8.13
N ASP K 280 -9.77 -29.07 -9.33
CA ASP K 280 -9.19 -28.00 -10.13
C ASP K 280 -9.89 -26.69 -9.81
N CYS K 281 -9.51 -26.09 -8.68
CA CYS K 281 -10.08 -24.83 -8.23
C CYS K 281 -9.02 -24.04 -7.45
N ASN K 282 -9.22 -22.73 -7.33
CA ASN K 282 -8.32 -21.89 -6.55
C ASN K 282 -8.86 -21.64 -5.15
N THR K 283 -7.97 -21.33 -4.21
CA THR K 283 -8.36 -21.00 -2.83
C THR K 283 -7.18 -20.30 -2.17
N THR K 284 -7.46 -19.50 -1.15
CA THR K 284 -6.40 -18.80 -0.44
C THR K 284 -6.27 -19.41 0.95
N CYS K 285 -7.21 -20.28 1.29
CA CYS K 285 -7.23 -20.96 2.58
C CYS K 285 -7.78 -22.37 2.44
N GLN K 286 -7.00 -23.35 2.89
CA GLN K 286 -7.37 -24.76 2.73
C GLN K 286 -7.50 -25.49 4.06
N THR K 287 -8.60 -26.21 4.23
CA THR K 287 -8.81 -27.03 5.41
C THR K 287 -9.00 -28.49 4.99
N PRO K 288 -8.84 -29.43 5.92
CA PRO K 288 -9.03 -30.85 5.64
C PRO K 288 -10.44 -31.16 5.14
N LYS K 289 -11.41 -30.36 5.53
CA LYS K 289 -12.81 -30.59 5.16
C LYS K 289 -13.15 -29.95 3.81
N GLY K 290 -12.44 -28.88 3.48
CA GLY K 290 -12.67 -28.16 2.23
C GLY K 290 -12.03 -26.79 2.26
N ALA K 291 -12.04 -26.11 1.11
CA ALA K 291 -11.42 -24.80 1.00
C ALA K 291 -12.36 -23.69 1.47
N ILE K 292 -11.80 -22.53 1.80
CA ILE K 292 -12.59 -21.39 2.23
C ILE K 292 -12.38 -20.18 1.33
N ASN K 293 -13.43 -19.79 0.63
CA ASN K 293 -13.44 -18.61 -0.22
C ASN K 293 -14.13 -17.48 0.54
N THR K 294 -13.37 -16.70 1.31
CA THR K 294 -13.98 -15.74 2.24
C THR K 294 -13.22 -14.43 2.42
N SER K 295 -13.96 -13.40 2.82
CA SER K 295 -13.39 -12.12 3.20
C SER K 295 -13.53 -11.93 4.71
N LEU K 296 -14.42 -12.72 5.30
CA LEU K 296 -14.73 -12.61 6.72
C LEU K 296 -13.51 -12.88 7.60
N PRO K 297 -13.44 -12.19 8.75
CA PRO K 297 -12.29 -12.25 9.67
C PRO K 297 -12.20 -13.56 10.43
N PHE K 298 -13.32 -14.25 10.59
CA PHE K 298 -13.34 -15.45 11.40
C PHE K 298 -14.06 -16.61 10.73
N GLN K 299 -13.58 -17.82 10.98
CA GLN K 299 -14.21 -19.03 10.50
C GLN K 299 -14.36 -19.99 11.68
N ASN K 300 -15.32 -20.91 11.59
CA ASN K 300 -15.50 -21.92 12.63
C ASN K 300 -15.54 -23.31 12.03
N ILE K 301 -14.98 -23.44 10.83
CA ILE K 301 -14.99 -24.71 10.10
C ILE K 301 -13.99 -25.71 10.67
N HIS K 302 -12.72 -25.31 10.73
CA HIS K 302 -11.67 -26.22 11.17
C HIS K 302 -10.47 -25.46 11.73
N PRO K 303 -9.89 -25.97 12.83
CA PRO K 303 -8.72 -25.36 13.49
C PRO K 303 -7.45 -25.50 12.65
N ILE K 304 -7.22 -26.67 12.08
CA ILE K 304 -6.05 -26.89 11.23
C ILE K 304 -6.29 -26.29 9.85
N THR K 305 -5.40 -25.40 9.44
CA THR K 305 -5.61 -24.62 8.23
C THR K 305 -4.28 -24.35 7.51
N ILE K 306 -4.35 -24.18 6.19
CA ILE K 306 -3.17 -23.85 5.41
C ILE K 306 -3.44 -22.67 4.49
N GLY K 307 -2.51 -21.72 4.43
CA GLY K 307 -2.65 -20.55 3.61
C GLY K 307 -2.85 -19.29 4.43
N LYS K 308 -3.45 -18.28 3.81
CA LYS K 308 -3.82 -17.06 4.52
C LYS K 308 -5.31 -17.15 4.88
N CYS K 309 -5.58 -17.57 6.11
CA CYS K 309 -6.94 -17.93 6.49
C CYS K 309 -7.53 -17.03 7.58
N PRO K 310 -8.86 -16.98 7.66
CA PRO K 310 -9.56 -16.31 8.76
C PRO K 310 -9.20 -17.01 10.06
N LYS K 311 -9.38 -16.31 11.18
CA LYS K 311 -9.03 -16.88 12.48
C LYS K 311 -10.07 -17.90 12.95
N TYR K 312 -9.60 -19.03 13.48
CA TYR K 312 -10.50 -20.07 13.99
C TYR K 312 -11.16 -19.65 15.29
N VAL K 313 -12.49 -19.71 15.31
CA VAL K 313 -13.25 -19.32 16.49
C VAL K 313 -14.25 -20.41 16.83
N LYS K 314 -14.53 -20.58 18.12
CA LYS K 314 -15.43 -21.62 18.60
C LYS K 314 -16.88 -21.13 18.55
N SER K 315 -17.08 -19.92 18.03
CA SER K 315 -18.40 -19.33 17.96
C SER K 315 -19.32 -20.10 17.02
N THR K 316 -20.62 -20.02 17.31
CA THR K 316 -21.62 -20.62 16.44
C THR K 316 -22.18 -19.56 15.49
N LYS K 317 -22.25 -18.33 15.98
CA LYS K 317 -22.71 -17.21 15.17
C LYS K 317 -22.07 -15.91 15.63
N LEU K 318 -21.79 -15.02 14.68
CA LEU K 318 -21.23 -13.71 14.98
C LEU K 318 -21.97 -12.64 14.17
N ARG K 319 -23.28 -12.58 14.34
CA ARG K 319 -24.11 -11.67 13.58
C ARG K 319 -23.93 -10.22 14.01
N LEU K 320 -23.50 -9.38 13.08
CA LEU K 320 -23.20 -7.98 13.36
C LEU K 320 -24.33 -7.08 12.86
N ALA K 321 -24.95 -6.35 13.79
CA ALA K 321 -26.06 -5.46 13.45
C ALA K 321 -25.61 -4.30 12.57
N THR K 322 -26.31 -4.11 11.46
CA THR K 322 -26.02 -3.01 10.55
C THR K 322 -27.19 -2.04 10.54
N GLY K 323 -28.40 -2.59 10.61
CA GLY K 323 -29.59 -1.78 10.70
C GLY K 323 -29.87 -1.34 12.12
N LEU K 324 -31.14 -1.06 12.37
CA LEU K 324 -31.60 -0.53 13.65
C LEU K 324 -32.44 -1.60 14.36
N ARG K 325 -33.07 -1.25 15.48
CA ARG K 325 -34.04 -2.15 16.08
C ARG K 325 -35.12 -2.42 15.06
N ASN K 326 -36.09 -3.25 15.41
CA ASN K 326 -37.20 -3.52 14.51
C ASN K 326 -38.53 -3.60 15.23
N ILE K 327 -39.53 -2.92 14.69
CA ILE K 327 -40.84 -2.86 15.32
C ILE K 327 -41.96 -3.10 14.31
N LEU L 2 -30.11 4.82 23.58
CA LEU L 2 -29.25 5.65 24.41
C LEU L 2 -29.60 7.12 24.27
N PHE L 3 -30.25 7.45 23.14
CA PHE L 3 -30.66 8.82 22.87
C PHE L 3 -32.16 9.01 23.06
N GLY L 4 -32.84 7.95 23.49
CA GLY L 4 -34.25 8.04 23.83
C GLY L 4 -35.20 8.15 22.66
N ALA L 5 -34.66 8.14 21.44
CA ALA L 5 -35.49 8.28 20.25
C ALA L 5 -36.11 6.95 19.83
N ILE L 6 -35.28 6.06 19.30
CA ILE L 6 -35.76 4.76 18.84
C ILE L 6 -36.19 3.88 20.01
N ALA L 7 -37.42 3.38 19.94
CA ALA L 7 -38.02 2.64 21.04
C ALA L 7 -38.14 3.54 22.27
N GLY L 8 -38.22 4.85 22.03
CA GLY L 8 -38.37 5.83 23.10
C GLY L 8 -39.64 6.63 22.95
N PHE L 9 -39.50 7.94 22.75
CA PHE L 9 -40.66 8.80 22.54
C PHE L 9 -41.25 8.59 21.14
N ILE L 10 -40.45 8.02 20.25
CA ILE L 10 -40.95 7.51 18.98
C ILE L 10 -41.02 6.00 19.10
N GLU L 11 -42.20 5.51 19.47
CA GLU L 11 -42.37 4.11 19.89
C GLU L 11 -42.12 3.07 18.80
N GLY L 12 -42.51 3.37 17.57
CA GLY L 12 -42.44 2.38 16.51
C GLY L 12 -41.78 2.83 15.22
N GLY L 13 -41.52 1.85 14.35
CA GLY L 13 -40.93 2.11 13.05
C GLY L 13 -41.97 2.10 11.95
N TRP L 14 -41.56 2.45 10.74
CA TRP L 14 -42.49 2.54 9.61
C TRP L 14 -42.14 1.56 8.50
N THR L 15 -42.90 0.48 8.41
CA THR L 15 -42.75 -0.48 7.32
C THR L 15 -42.98 0.23 6.00
N GLY L 16 -43.76 1.30 6.03
CA GLY L 16 -44.14 2.03 4.83
C GLY L 16 -43.01 2.79 4.17
N MET L 17 -42.11 3.35 4.98
CA MET L 17 -40.95 4.05 4.44
C MET L 17 -39.88 3.05 4.05
N VAL L 18 -39.66 2.89 2.75
CA VAL L 18 -38.73 1.90 2.24
C VAL L 18 -37.63 2.55 1.39
N ASP L 19 -37.49 3.87 1.51
CA ASP L 19 -36.51 4.61 0.74
C ASP L 19 -35.19 4.74 1.47
N GLY L 20 -35.26 4.81 2.80
CA GLY L 20 -34.07 4.96 3.62
C GLY L 20 -34.28 4.51 5.06
N TRP L 21 -33.31 4.82 5.92
CA TRP L 21 -33.38 4.43 7.32
C TRP L 21 -34.14 5.43 8.17
N TYR L 22 -33.97 6.71 7.88
CA TYR L 22 -34.69 7.77 8.58
C TYR L 22 -35.41 8.67 7.58
N GLY L 23 -36.57 9.18 7.97
CA GLY L 23 -37.35 10.04 7.08
C GLY L 23 -38.54 10.68 7.73
N TYR L 24 -39.44 11.22 6.92
CA TYR L 24 -40.61 11.94 7.42
C TYR L 24 -41.92 11.35 6.91
N HIS L 25 -43.02 11.84 7.45
CA HIS L 25 -44.36 11.52 6.95
C HIS L 25 -45.26 12.74 7.07
N HIS L 26 -45.37 13.49 5.99
CA HIS L 26 -46.14 14.72 5.96
C HIS L 26 -47.62 14.37 5.89
N GLN L 27 -48.48 15.35 6.14
CA GLN L 27 -49.90 15.09 6.16
C GLN L 27 -50.54 16.48 6.10
N ASN L 28 -50.51 17.06 4.90
CA ASN L 28 -51.09 18.37 4.64
C ASN L 28 -52.25 18.18 3.67
N GLU L 29 -52.64 19.26 3.01
CA GLU L 29 -53.86 19.28 2.19
C GLU L 29 -53.67 18.67 0.80
N GLN L 30 -52.42 18.40 0.42
CA GLN L 30 -52.15 17.83 -0.89
C GLN L 30 -51.90 16.32 -0.84
N GLY L 31 -52.10 15.73 0.34
CA GLY L 31 -51.95 14.30 0.49
C GLY L 31 -51.03 13.89 1.62
N SER L 32 -50.75 12.60 1.71
CA SER L 32 -49.88 12.06 2.76
C SER L 32 -48.74 11.27 2.14
N GLY L 33 -48.11 10.42 2.95
CA GLY L 33 -47.04 9.56 2.46
C GLY L 33 -45.75 9.67 3.26
N TYR L 34 -44.82 8.75 3.00
CA TYR L 34 -43.53 8.75 3.66
C TYR L 34 -42.42 9.20 2.71
N ALA L 35 -41.43 9.90 3.24
CA ALA L 35 -40.29 10.33 2.45
C ALA L 35 -39.00 10.24 3.27
N ALA L 36 -38.11 9.35 2.86
CA ALA L 36 -36.86 9.14 3.59
C ALA L 36 -35.89 10.30 3.40
N ASP L 37 -35.23 10.69 4.48
CA ASP L 37 -34.25 11.77 4.43
C ASP L 37 -33.05 11.36 3.59
N LEU L 38 -32.80 12.13 2.53
CA LEU L 38 -31.75 11.82 1.56
C LEU L 38 -30.35 11.85 2.17
N LYS L 39 -29.96 13.00 2.69
CA LYS L 39 -28.60 13.19 3.19
C LYS L 39 -28.28 12.32 4.41
N SER L 40 -29.25 12.15 5.30
CA SER L 40 -29.03 11.40 6.53
C SER L 40 -28.83 9.91 6.27
N THR L 41 -29.76 9.31 5.54
CA THR L 41 -29.70 7.88 5.22
C THR L 41 -28.42 7.54 4.45
N GLN L 42 -28.03 8.42 3.54
CA GLN L 42 -26.84 8.19 2.72
C GLN L 42 -25.58 8.12 3.57
N ASN L 43 -25.41 9.08 4.48
CA ASN L 43 -24.26 9.11 5.37
C ASN L 43 -24.18 7.87 6.26
N ALA L 44 -25.30 7.50 6.85
CA ALA L 44 -25.37 6.32 7.71
C ALA L 44 -24.88 5.08 6.97
N ILE L 45 -25.40 4.86 5.77
CA ILE L 45 -25.00 3.73 4.95
C ILE L 45 -23.50 3.72 4.72
N ASP L 46 -22.96 4.87 4.30
CA ASP L 46 -21.52 5.00 4.06
C ASP L 46 -20.71 4.64 5.30
N GLU L 47 -21.10 5.21 6.44
CA GLU L 47 -20.36 5.03 7.68
C GLU L 47 -20.50 3.62 8.26
N ILE L 48 -21.71 3.06 8.18
CA ILE L 48 -21.94 1.69 8.61
C ILE L 48 -21.16 0.73 7.71
N THR L 49 -21.13 1.03 6.41
CA THR L 49 -20.36 0.25 5.47
C THR L 49 -18.89 0.27 5.86
N ASN L 50 -18.36 1.47 6.08
CA ASN L 50 -16.97 1.63 6.50
C ASN L 50 -16.69 0.85 7.78
N LYS L 51 -17.65 0.85 8.69
CA LYS L 51 -17.55 0.11 9.94
C LYS L 51 -17.34 -1.38 9.69
N VAL L 52 -18.20 -1.95 8.86
CA VAL L 52 -18.12 -3.37 8.53
C VAL L 52 -16.82 -3.69 7.81
N ASN L 53 -16.40 -2.82 6.90
CA ASN L 53 -15.15 -3.01 6.18
C ASN L 53 -13.93 -3.02 7.09
N SER L 54 -13.95 -2.18 8.12
CA SER L 54 -12.84 -2.09 9.06
C SER L 54 -12.63 -3.39 9.82
N VAL L 55 -13.70 -3.88 10.45
CA VAL L 55 -13.65 -5.13 11.20
C VAL L 55 -13.09 -6.26 10.33
N ILE L 56 -13.33 -6.18 9.03
CA ILE L 56 -12.89 -7.21 8.10
C ILE L 56 -11.50 -6.93 7.54
N GLU L 57 -11.31 -5.73 7.02
CA GLU L 57 -10.08 -5.38 6.30
C GLU L 57 -8.83 -5.44 7.18
N LYS L 58 -9.01 -5.22 8.48
CA LYS L 58 -7.88 -5.21 9.41
C LYS L 58 -7.38 -6.61 9.73
N MET L 59 -7.98 -7.61 9.11
CA MET L 59 -7.59 -8.99 9.35
C MET L 59 -6.66 -9.52 8.26
N ASN L 60 -5.38 -9.14 8.34
CA ASN L 60 -4.40 -9.65 7.40
C ASN L 60 -3.54 -10.74 8.04
N THR L 61 -3.90 -11.99 7.79
CA THR L 61 -3.26 -13.12 8.43
C THR L 61 -1.98 -13.56 7.73
N GLN L 62 -1.10 -14.22 8.48
CA GLN L 62 0.13 -14.75 7.95
C GLN L 62 -0.13 -16.07 7.24
N PHE L 63 0.72 -16.42 6.29
CA PHE L 63 0.65 -17.74 5.68
C PHE L 63 1.27 -18.76 6.62
N THR L 64 0.42 -19.54 7.27
CA THR L 64 0.88 -20.55 8.20
C THR L 64 0.16 -21.87 7.99
N ALA L 65 0.89 -22.96 8.21
CA ALA L 65 0.27 -24.29 8.20
C ALA L 65 0.19 -24.82 9.62
N VAL L 66 -0.85 -24.42 10.33
CA VAL L 66 -1.11 -24.99 11.65
C VAL L 66 -1.28 -26.49 11.50
N GLY L 67 -1.03 -27.23 12.59
CA GLY L 67 -1.01 -28.67 12.53
C GLY L 67 0.40 -29.18 12.34
N LYS L 68 0.88 -29.96 13.28
CA LYS L 68 2.22 -30.54 13.23
C LYS L 68 2.14 -32.04 13.51
N GLU L 69 3.22 -32.76 13.22
CA GLU L 69 3.25 -34.20 13.45
C GLU L 69 4.34 -34.59 14.44
N PHE L 70 3.97 -35.35 15.46
CA PHE L 70 4.93 -35.78 16.49
C PHE L 70 4.79 -37.27 16.75
N ASN L 71 5.92 -37.94 16.96
CA ASN L 71 5.91 -39.37 17.25
C ASN L 71 5.58 -39.63 18.72
N HIS L 72 5.44 -40.90 19.08
CA HIS L 72 5.01 -41.29 20.41
C HIS L 72 5.94 -40.78 21.51
N LEU L 73 7.18 -40.47 21.15
CA LEU L 73 8.15 -39.97 22.12
C LEU L 73 8.29 -38.45 22.06
N GLU L 74 7.26 -37.78 21.56
CA GLU L 74 7.25 -36.33 21.48
C GLU L 74 5.91 -35.78 21.95
N LYS L 75 5.31 -36.44 22.93
CA LYS L 75 4.02 -36.05 23.46
C LYS L 75 4.07 -34.66 24.11
N ARG L 76 5.23 -34.31 24.64
CA ARG L 76 5.40 -33.02 25.32
C ARG L 76 5.28 -31.84 24.36
N ILE L 77 6.05 -31.87 23.27
CA ILE L 77 5.97 -30.80 22.28
C ILE L 77 4.62 -30.84 21.56
N GLU L 78 4.03 -32.03 21.47
CA GLU L 78 2.70 -32.18 20.90
C GLU L 78 1.69 -31.41 21.74
N ASN L 79 1.87 -31.48 23.05
CA ASN L 79 0.99 -30.77 23.99
C ASN L 79 1.31 -29.28 24.05
N LEU L 80 2.59 -28.93 23.90
CA LEU L 80 2.99 -27.53 23.79
C LEU L 80 2.25 -26.94 22.58
N ASN L 81 2.34 -27.64 21.46
CA ASN L 81 1.67 -27.23 20.24
C ASN L 81 0.15 -27.12 20.43
N LYS L 82 -0.43 -28.09 21.12
CA LYS L 82 -1.86 -28.06 21.41
C LYS L 82 -2.21 -26.86 22.27
N LYS L 83 -1.29 -26.50 23.18
CA LYS L 83 -1.52 -25.37 24.06
C LYS L 83 -1.57 -24.05 23.29
N VAL L 84 -0.65 -23.88 22.33
CA VAL L 84 -0.60 -22.65 21.55
C VAL L 84 -1.81 -22.55 20.63
N ASP L 85 -2.35 -23.69 20.23
CA ASP L 85 -3.55 -23.73 19.42
C ASP L 85 -4.78 -23.39 20.25
N ASP L 86 -4.86 -23.97 21.45
CA ASP L 86 -5.99 -23.73 22.34
C ASP L 86 -5.96 -22.31 22.92
N GLY L 87 -4.77 -21.73 22.97
CA GLY L 87 -4.61 -20.37 23.44
C GLY L 87 -5.17 -19.38 22.45
N PHE L 88 -4.70 -19.46 21.21
CA PHE L 88 -5.19 -18.60 20.13
C PHE L 88 -6.69 -18.78 19.95
N LEU L 89 -7.17 -20.01 20.14
CA LEU L 89 -8.59 -20.31 20.02
C LEU L 89 -9.41 -19.55 21.07
N ASP L 90 -8.90 -19.51 22.29
CA ASP L 90 -9.60 -18.84 23.39
C ASP L 90 -9.56 -17.32 23.24
N ILE L 91 -8.43 -16.80 22.80
CA ILE L 91 -8.28 -15.36 22.60
C ILE L 91 -9.21 -14.86 21.51
N TRP L 92 -9.14 -15.49 20.34
CA TRP L 92 -9.92 -15.06 19.19
C TRP L 92 -11.42 -15.22 19.39
N THR L 93 -11.82 -16.33 20.01
CA THR L 93 -13.23 -16.56 20.31
C THR L 93 -13.76 -15.46 21.22
N TYR L 94 -13.07 -15.23 22.32
CA TYR L 94 -13.50 -14.22 23.29
C TYR L 94 -13.53 -12.81 22.70
N ASN L 95 -12.46 -12.44 22.00
CA ASN L 95 -12.38 -11.12 21.39
C ASN L 95 -13.44 -10.90 20.32
N ALA L 96 -13.63 -11.90 19.46
CA ALA L 96 -14.62 -11.80 18.39
C ALA L 96 -16.03 -11.67 18.95
N GLU L 97 -16.34 -12.47 19.97
CA GLU L 97 -17.65 -12.44 20.61
C GLU L 97 -17.91 -11.07 21.23
N LEU L 98 -16.94 -10.56 21.98
CA LEU L 98 -17.05 -9.26 22.63
C LEU L 98 -17.09 -8.12 21.62
N LEU L 99 -16.29 -8.24 20.56
CA LEU L 99 -16.23 -7.21 19.53
C LEU L 99 -17.60 -6.98 18.91
N VAL L 100 -18.28 -8.06 18.56
CA VAL L 100 -19.61 -7.98 17.98
C VAL L 100 -20.60 -7.34 18.94
N LEU L 101 -20.63 -7.86 20.17
CA LEU L 101 -21.52 -7.31 21.20
C LEU L 101 -21.31 -5.81 21.37
N LEU L 102 -20.07 -5.41 21.61
CA LEU L 102 -19.72 -4.00 21.80
C LEU L 102 -20.13 -3.14 20.60
N GLU L 103 -19.80 -3.61 19.40
CA GLU L 103 -20.10 -2.85 18.18
C GLU L 103 -21.59 -2.76 17.88
N ASN L 104 -22.31 -3.85 18.12
CA ASN L 104 -23.76 -3.83 17.93
C ASN L 104 -24.43 -2.80 18.81
N GLU L 105 -23.97 -2.69 20.05
CA GLU L 105 -24.48 -1.68 20.97
C GLU L 105 -24.22 -0.28 20.41
N ARG L 106 -23.04 -0.08 19.84
CA ARG L 106 -22.66 1.20 19.27
C ARG L 106 -23.46 1.50 17.99
N THR L 107 -23.71 0.47 17.20
CA THR L 107 -24.43 0.64 15.94
C THR L 107 -25.88 1.10 16.19
N LEU L 108 -26.53 0.49 17.17
CA LEU L 108 -27.89 0.85 17.51
C LEU L 108 -27.95 2.27 18.07
N ASP L 109 -26.99 2.60 18.94
CA ASP L 109 -26.90 3.94 19.50
C ASP L 109 -26.61 4.96 18.41
N TYR L 110 -25.88 4.54 17.38
CA TYR L 110 -25.58 5.39 16.25
C TYR L 110 -26.84 5.77 15.48
N HIS L 111 -27.66 4.76 15.18
CA HIS L 111 -28.93 4.99 14.49
C HIS L 111 -29.88 5.80 15.37
N ASP L 112 -29.98 5.41 16.64
CA ASP L 112 -30.80 6.14 17.60
C ASP L 112 -30.44 7.62 17.58
N SER L 113 -29.13 7.89 17.51
CA SER L 113 -28.61 9.25 17.50
C SER L 113 -29.09 10.05 16.30
N ASN L 114 -28.98 9.45 15.12
CA ASN L 114 -29.36 10.13 13.88
C ASN L 114 -30.84 10.53 13.87
N VAL L 115 -31.69 9.69 14.43
CA VAL L 115 -33.11 10.00 14.56
C VAL L 115 -33.29 11.22 15.47
N LYS L 116 -32.75 11.13 16.68
CA LYS L 116 -32.78 12.23 17.63
C LYS L 116 -32.32 13.54 17.00
N ASN L 117 -31.25 13.46 16.22
CA ASN L 117 -30.71 14.64 15.55
C ASN L 117 -31.64 15.18 14.48
N LEU L 118 -32.29 14.28 13.75
CA LEU L 118 -33.24 14.68 12.72
C LEU L 118 -34.43 15.39 13.36
N TYR L 119 -34.89 14.84 14.48
CA TYR L 119 -35.98 15.44 15.25
C TYR L 119 -35.58 16.84 15.73
N GLU L 120 -34.41 16.92 16.36
CA GLU L 120 -33.92 18.19 16.89
C GLU L 120 -33.74 19.25 15.80
N LYS L 121 -33.20 18.84 14.66
CA LYS L 121 -32.96 19.78 13.57
C LYS L 121 -34.25 20.43 13.09
N VAL L 122 -35.33 19.67 13.11
CA VAL L 122 -36.65 20.18 12.74
C VAL L 122 -37.19 21.07 13.85
N ARG L 123 -37.04 20.61 15.09
CA ARG L 123 -37.60 21.31 16.24
C ARG L 123 -36.95 22.67 16.50
N SER L 124 -35.62 22.73 16.39
CA SER L 124 -34.93 23.99 16.59
C SER L 124 -35.01 24.86 15.34
N GLN L 125 -35.98 24.55 14.50
CA GLN L 125 -36.15 25.27 13.25
C GLN L 125 -37.58 25.79 13.15
N LEU L 126 -38.56 24.94 13.45
CA LEU L 126 -39.86 25.42 13.85
C LEU L 126 -39.77 25.64 15.34
N LYS L 127 -40.05 26.85 15.80
CA LYS L 127 -40.00 27.12 17.23
C LYS L 127 -41.40 27.41 17.77
N ASN L 128 -41.91 28.60 17.49
CA ASN L 128 -43.26 28.97 17.86
C ASN L 128 -44.27 28.53 16.81
N ASN L 129 -43.82 28.43 15.56
CA ASN L 129 -44.71 28.16 14.44
C ASN L 129 -45.36 26.79 14.47
N ALA L 130 -45.05 26.01 15.51
CA ALA L 130 -45.63 24.67 15.66
C ALA L 130 -45.40 24.15 17.08
N LYS L 131 -46.07 23.07 17.43
CA LYS L 131 -45.94 22.50 18.76
C LYS L 131 -45.59 21.01 18.73
N GLU L 132 -44.86 20.55 19.73
CA GLU L 132 -44.52 19.14 19.85
C GLU L 132 -45.71 18.36 20.37
N ILE L 133 -45.92 17.17 19.81
CA ILE L 133 -46.96 16.27 20.30
C ILE L 133 -46.38 15.35 21.38
N GLY L 134 -45.12 14.99 21.22
CA GLY L 134 -44.43 14.11 22.15
C GLY L 134 -44.16 12.76 21.52
N ASN L 135 -44.80 12.53 20.38
CA ASN L 135 -44.71 11.26 19.69
C ASN L 135 -43.59 11.31 18.67
N GLY L 136 -42.86 12.42 18.69
CA GLY L 136 -41.86 12.66 17.67
C GLY L 136 -42.45 13.34 16.44
N CYS L 137 -43.64 13.94 16.61
CA CYS L 137 -44.35 14.61 15.51
C CYS L 137 -44.85 15.97 15.97
N PHE L 138 -44.85 16.92 15.04
CA PHE L 138 -45.20 18.30 15.33
C PHE L 138 -46.55 18.67 14.75
N GLU L 139 -47.17 19.72 15.29
CA GLU L 139 -48.41 20.25 14.72
C GLU L 139 -48.24 21.72 14.34
N PHE L 140 -48.46 22.02 13.07
CA PHE L 140 -48.30 23.37 12.55
C PHE L 140 -49.44 24.29 12.96
N TYR L 141 -49.11 25.50 13.37
CA TYR L 141 -50.10 26.54 13.56
C TYR L 141 -50.27 27.30 12.25
N HIS L 142 -49.29 27.15 11.37
CA HIS L 142 -49.29 27.85 10.08
C HIS L 142 -49.40 26.87 8.92
N LYS L 143 -50.46 27.02 8.13
CA LYS L 143 -50.72 26.13 7.01
C LYS L 143 -49.45 25.81 6.23
N CYS L 144 -49.02 24.55 6.28
CA CYS L 144 -47.79 24.14 5.63
C CYS L 144 -48.05 23.12 4.52
N ASP L 145 -48.10 23.62 3.28
CA ASP L 145 -48.29 22.76 2.12
C ASP L 145 -47.01 22.02 1.74
N ASN L 146 -46.98 21.45 0.54
CA ASN L 146 -45.86 20.62 0.09
C ASN L 146 -44.52 21.35 0.02
N THR L 147 -44.52 22.56 -0.51
CA THR L 147 -43.28 23.32 -0.66
C THR L 147 -42.89 23.98 0.65
N CYS L 148 -43.81 23.95 1.61
CA CYS L 148 -43.53 24.37 2.97
C CYS L 148 -42.82 23.23 3.66
N MET L 149 -43.39 22.03 3.52
CA MET L 149 -42.80 20.81 4.05
C MET L 149 -41.36 20.62 3.59
N GLU L 150 -41.02 21.19 2.44
CA GLU L 150 -39.68 21.02 1.88
C GLU L 150 -38.65 21.89 2.57
N SER L 151 -39.03 23.13 2.84
CA SER L 151 -38.12 24.08 3.49
C SER L 151 -37.59 23.48 4.78
N VAL L 152 -38.35 22.56 5.37
CA VAL L 152 -37.96 21.89 6.60
C VAL L 152 -36.94 20.79 6.32
N LYS L 153 -37.24 19.96 5.33
CA LYS L 153 -36.35 18.87 4.95
C LYS L 153 -35.01 19.38 4.45
N ASN L 154 -35.06 20.23 3.43
CA ASN L 154 -33.85 20.84 2.87
C ASN L 154 -33.22 21.85 3.84
N GLY L 155 -33.68 21.84 5.08
CA GLY L 155 -33.11 22.67 6.14
C GLY L 155 -33.15 24.16 5.92
N THR L 156 -33.74 24.59 4.82
CA THR L 156 -33.85 26.00 4.49
C THR L 156 -35.26 26.51 4.82
N TYR L 157 -35.50 26.79 6.09
CA TYR L 157 -36.84 27.14 6.57
C TYR L 157 -36.92 28.65 6.75
N ASP L 158 -38.14 29.18 6.66
CA ASP L 158 -38.36 30.62 6.60
C ASP L 158 -39.54 30.93 7.51
N TYR L 159 -39.56 32.14 8.02
CA TYR L 159 -40.68 32.51 8.82
C TYR L 159 -41.76 33.49 8.45
N PRO L 160 -42.64 33.06 7.54
CA PRO L 160 -44.03 33.50 7.58
C PRO L 160 -44.75 32.73 8.69
N LYS L 161 -44.84 33.35 9.86
CA LYS L 161 -45.49 32.73 11.00
C LYS L 161 -46.82 33.41 11.33
N TYR L 162 -47.48 32.92 12.37
CA TYR L 162 -48.73 33.48 12.87
C TYR L 162 -49.15 34.82 12.24
C1 NAG M . -6.47 -21.67 -20.66
C2 NAG M . -5.48 -22.82 -20.67
C3 NAG M . -5.67 -23.74 -19.47
C4 NAG M . -5.72 -22.93 -18.18
C5 NAG M . -6.55 -21.65 -18.29
C6 NAG M . -6.23 -20.73 -17.12
C7 NAG M . -4.50 -24.06 -22.50
C8 NAG M . -4.57 -25.44 -23.06
N2 NAG M . -5.59 -23.62 -21.88
O3 NAG M . -4.60 -24.65 -19.48
O4 NAG M . -6.21 -23.73 -17.13
O5 NAG M . -6.29 -20.94 -19.48
O6 NAG M . -5.12 -21.26 -16.42
O7 NAG M . -3.47 -23.39 -22.61
C1 NAG M . -5.45 -24.75 -16.44
C2 NAG M . -5.43 -25.36 -15.05
C3 NAG M . -4.11 -26.11 -14.94
C4 NAG M . -4.09 -27.17 -16.04
C5 NAG M . -4.46 -26.60 -17.42
C6 NAG M . -4.67 -27.69 -18.47
C7 NAG M . -6.60 -24.59 -13.15
C8 NAG M . -7.34 -23.39 -12.61
N2 NAG M . -5.63 -24.37 -14.02
O3 NAG M . -3.97 -26.71 -13.67
O4 NAG M . -2.80 -27.74 -16.09
O5 NAG M . -5.64 -25.82 -17.35
O6 NAG M . -4.47 -28.95 -17.87
O7 NAG M . -6.92 -25.73 -12.82
C1 NAG N . -24.50 1.48 -36.06
C2 NAG N . -25.77 0.81 -36.59
C3 NAG N . -25.49 0.05 -37.88
C4 NAG N . -24.77 0.91 -38.89
C5 NAG N . -23.66 1.71 -38.22
C6 NAG N . -24.03 3.20 -38.13
C7 NAG N . -27.14 0.37 -34.64
C8 NAG N . -27.66 -0.64 -33.67
N2 NAG N . -26.33 -0.07 -35.59
O3 NAG N . -26.71 -0.41 -38.43
O4 NAG N . -24.21 0.11 -39.91
O5 NAG N . -23.43 1.20 -36.94
O6 NAG N . -22.99 3.98 -38.65
O7 NAG N . -27.48 1.55 -34.55
C1 NAG N . -24.95 -0.81 -40.73
C2 NAG N . -23.88 -1.78 -41.21
C3 NAG N . -24.49 -2.50 -42.41
C4 NAG N . -25.74 -3.23 -41.94
C5 NAG N . -26.70 -2.26 -41.26
C6 NAG N . -27.96 -2.96 -40.75
C7 NAG N . -21.49 -1.67 -41.60
C8 NAG N . -20.29 -0.77 -41.67
N2 NAG N . -22.68 -1.07 -41.61
O3 NAG N . -23.56 -3.38 -43.01
O4 NAG N . -26.36 -3.85 -43.04
O5 NAG N . -26.05 -1.55 -40.21
O6 NAG N . -27.64 -4.29 -40.36
O7 NAG N . -21.35 -2.89 -41.54
C1 NAG O . 0.93 48.42 -11.74
C2 NAG O . 0.78 46.89 -11.77
C3 NAG O . 2.07 46.09 -11.98
C4 NAG O . 3.04 46.79 -12.92
C5 NAG O . 3.17 48.22 -12.43
C6 NAG O . 4.26 49.00 -13.16
C7 NAG O . -0.89 45.66 -10.58
C8 NAG O . -1.65 45.44 -9.32
N2 NAG O . 0.18 46.44 -10.53
O3 NAG O . 1.75 44.81 -12.48
O4 NAG O . 4.28 46.11 -12.86
O5 NAG O . 1.93 48.85 -12.63
O6 NAG O . 3.65 49.87 -14.09
O7 NAG O . -1.23 45.14 -11.64
C1 NAG O . 4.86 45.93 -14.17
C2 NAG O . 6.26 45.35 -13.99
C3 NAG O . 7.00 45.13 -15.29
C4 NAG O . 6.10 44.49 -16.35
C5 NAG O . 4.72 45.15 -16.35
C6 NAG O . 3.80 44.56 -17.41
C7 NAG O . 7.64 45.75 -12.05
C8 NAG O . 8.57 46.69 -11.34
N2 NAG O . 7.04 46.22 -13.14
O3 NAG O . 8.12 44.34 -15.01
O4 NAG O . 6.63 44.77 -17.62
O5 NAG O . 4.13 45.12 -15.06
O6 NAG O . 3.55 43.19 -17.11
O7 NAG O . 7.47 44.60 -11.64
C1 BMA O . 6.94 43.51 -18.22
C2 BMA O . 7.07 43.87 -19.70
C3 BMA O . 8.48 43.57 -20.20
C4 BMA O . 8.94 42.20 -19.74
C5 BMA O . 8.81 42.06 -18.22
C6 BMA O . 10.16 41.81 -17.58
O2 BMA O . 6.79 45.27 -19.86
O3 BMA O . 9.38 44.57 -19.73
O4 BMA O . 8.16 41.19 -20.38
O5 BMA O . 8.23 43.25 -17.68
O6 BMA O . 10.67 43.04 -17.06
C1 NAG P . 33.18 8.71 -2.60
C2 NAG P . 34.22 7.92 -3.38
C3 NAG P . 35.49 8.73 -3.64
C4 NAG P . 35.19 10.15 -4.12
C5 NAG P . 34.12 10.74 -3.20
C6 NAG P . 33.80 12.20 -3.52
C7 NAG P . 34.00 5.55 -2.88
C8 NAG P . 34.41 4.42 -1.99
N2 NAG P . 34.57 6.72 -2.64
O3 NAG P . 36.33 8.06 -4.56
O4 NAG P . 36.38 10.93 -4.02
O5 NAG P . 32.96 9.95 -3.24
O6 NAG P . 33.04 12.29 -4.70
O7 NAG P . 33.17 5.36 -3.79
C1 NAG P . 36.97 11.28 -5.29
C2 NAG P . 37.40 12.75 -5.16
C3 NAG P . 38.40 13.22 -6.20
C4 NAG P . 39.57 12.27 -6.17
C5 NAG P . 39.09 10.86 -6.48
C6 NAG P . 40.29 9.92 -6.35
C7 NAG P . 36.37 14.77 -4.39
C8 NAG P . 35.61 15.98 -4.86
N2 NAG P . 36.27 13.67 -5.13
O3 NAG P . 38.84 14.53 -5.87
O4 NAG P . 40.55 12.69 -7.10
O5 NAG P . 38.05 10.41 -5.64
O6 NAG P . 41.08 10.35 -5.27
O7 NAG P . 37.08 14.82 -3.38
C1 NAG Q . 20.76 9.44 -53.80
C2 NAG Q . 21.24 8.00 -53.99
C3 NAG Q . 20.34 7.25 -54.95
C4 NAG Q . 18.86 7.46 -54.61
C5 NAG Q . 18.56 8.93 -54.38
C6 NAG Q . 17.10 9.13 -53.95
C7 NAG Q . 23.61 8.43 -53.72
C8 NAG Q . 24.98 8.36 -54.32
N2 NAG Q . 22.61 8.00 -54.47
O3 NAG Q . 20.65 5.88 -54.91
O4 NAG Q . 18.06 6.95 -55.65
O5 NAG Q . 19.42 9.44 -53.39
O6 NAG Q . 16.64 10.36 -54.42
O7 NAG Q . 23.45 8.87 -52.58
C1 NAG Q . 17.98 5.64 -56.22
C2 NAG Q . 16.66 5.68 -57.00
C3 NAG Q . 16.53 4.43 -57.88
C4 NAG Q . 17.79 4.19 -58.70
C5 NAG Q . 19.03 4.31 -57.81
C6 NAG Q . 20.32 4.13 -58.60
C7 NAG Q . 14.59 6.72 -56.26
C8 NAG Q . 13.35 6.58 -55.45
N2 NAG Q . 15.53 5.78 -56.09
O3 NAG Q . 15.43 4.59 -58.76
O4 NAG Q . 17.72 2.92 -59.29
O5 NAG Q . 19.04 5.55 -57.16
O6 NAG Q . 20.10 4.49 -59.94
O7 NAG Q . 14.73 7.67 -57.03
C1 NAG R . -6.44 8.26 3.82
C2 NAG R . -6.13 7.09 4.75
C3 NAG R . -5.29 5.97 4.12
C4 NAG R . -5.54 5.72 2.65
C5 NAG R . -5.80 7.01 1.88
C6 NAG R . -6.29 6.72 0.47
C7 NAG R . -5.96 7.04 7.09
C8 NAG R . -5.11 7.14 8.33
N2 NAG R . -5.47 7.53 5.96
O3 NAG R . -5.54 4.78 4.84
O4 NAG R . -4.41 5.05 2.12
O5 NAG R . -6.77 7.81 2.53
O6 NAG R . -7.11 5.56 0.49
O7 NAG R . -7.06 6.51 7.10
C1 NAG R . -4.72 3.98 1.22
C2 NAG R . -3.44 3.42 0.61
C3 NAG R . -3.68 2.17 -0.22
C4 NAG R . -4.31 1.18 0.72
C5 NAG R . -5.68 1.71 1.18
C6 NAG R . -6.33 0.75 2.16
C7 NAG R . -1.40 4.56 0.02
C8 NAG R . -0.68 5.43 -0.97
N2 NAG R . -2.71 4.44 -0.13
O3 NAG R . -2.44 1.67 -0.70
O4 NAG R . -4.34 -0.13 0.20
O5 NAG R . -5.56 2.99 1.80
O6 NAG R . -5.36 0.29 3.07
O7 NAG R . -0.77 3.99 0.91
C1 BMA R . -5.47 -0.48 -0.63
C2 BMA R . -4.80 -1.63 -1.37
C3 BMA R . -5.28 -2.97 -0.84
C4 BMA R . -6.81 -3.05 -0.85
C5 BMA R . -7.42 -1.76 -0.32
C6 BMA R . -8.53 -2.05 0.69
O2 BMA R . -3.39 -1.54 -1.21
O3 BMA R . -4.81 -3.15 0.50
O4 BMA R . -7.27 -3.26 -2.20
O5 BMA R . -6.40 -0.98 0.31
O6 BMA R . -9.54 -1.05 0.60
C1 NAG S . 38.92 -16.79 9.50
C2 NAG S . 39.72 -17.86 8.74
C3 NAG S . 40.24 -17.37 7.39
C4 NAG S . 39.03 -16.82 6.63
C5 NAG S . 38.46 -15.68 7.46
C6 NAG S . 37.37 -14.94 6.69
C7 NAG S . 40.62 -19.60 10.12
C8 NAG S . 41.58 -19.99 11.20
N2 NAG S . 40.77 -18.39 9.57
O3 NAG S . 40.82 -18.48 6.74
O4 NAG S . 39.13 -16.38 5.27
O5 NAG S . 37.94 -16.19 8.66
O6 NAG S . 36.37 -15.86 6.30
O7 NAG S . 39.74 -20.38 9.76
C1 NAG S . 40.36 -16.43 4.52
C2 NAG S . 41.01 -15.06 4.40
C3 NAG S . 42.07 -15.11 3.31
C4 NAG S . 42.93 -16.37 3.36
C5 NAG S . 42.22 -17.64 3.82
C6 NAG S . 43.23 -18.69 4.24
C7 NAG S . 40.16 -12.77 4.30
C8 NAG S . 39.17 -11.84 3.68
N2 NAG S . 39.99 -14.08 4.08
O3 NAG S . 42.91 -13.98 3.44
O4 NAG S . 43.46 -16.62 2.07
O5 NAG S . 41.35 -17.36 4.90
O6 NAG S . 44.09 -18.15 5.21
O7 NAG S . 41.10 -12.33 4.98
C1 NAG T . -25.26 23.38 -1.41
C2 NAG T . -25.37 22.07 -0.65
C3 NAG T . -24.15 21.19 -0.90
C4 NAG T . -23.85 21.10 -2.40
C5 NAG T . -23.85 22.48 -3.04
C6 NAG T . -23.62 22.38 -4.54
C7 NAG T . -26.69 22.27 1.38
C8 NAG T . -26.69 22.57 2.85
N2 NAG T . -25.50 22.33 0.77
O3 NAG T . -24.40 19.90 -0.39
O4 NAG T . -22.58 20.49 -2.58
O5 NAG T . -25.08 23.11 -2.79
O6 NAG T . -22.35 22.90 -4.86
O7 NAG T . -27.72 21.99 0.80
C1 NAG U . -29.08 7.68 -28.47
C2 NAG U . -30.05 8.69 -27.84
C3 NAG U . -31.14 9.19 -28.80
C4 NAG U . -30.60 9.41 -30.20
C5 NAG U . -29.82 8.19 -30.67
C6 NAG U . -29.34 8.38 -32.10
C7 NAG U . -30.28 8.26 -25.46
C8 NAG U . -29.96 7.02 -24.67
N2 NAG U . -30.70 8.07 -26.70
O3 NAG U . -31.68 10.40 -28.31
O4 NAG U . -31.67 9.67 -31.08
O5 NAG U . -28.73 7.98 -29.81
O6 NAG U . -28.48 9.49 -32.15
O7 NAG U . -30.13 9.38 -24.96
C1 NAG V . -3.76 51.68 8.65
C2 NAG V . -4.43 50.63 9.53
C3 NAG V . -3.43 49.98 10.48
C4 NAG V . -2.16 49.56 9.73
C5 NAG V . -1.65 50.68 8.84
C6 NAG V . -0.44 50.24 8.04
C7 NAG V . -6.58 50.52 10.64
C8 NAG V . -7.63 51.26 11.43
N2 NAG V . -5.51 51.23 10.29
O3 NAG V . -4.01 48.85 11.08
O4 NAG V . -1.17 49.20 10.67
O5 NAG V . -2.68 51.09 7.96
O6 NAG V . -0.70 48.97 7.45
O7 NAG V . -6.73 49.34 10.36
C1 NAG W . 1.92 16.73 12.77
C2 NAG W . 2.81 15.61 13.29
C3 NAG W . 2.87 15.63 14.82
C4 NAG W . 3.17 17.04 15.34
C5 NAG W . 2.27 18.06 14.66
C6 NAG W . 2.61 19.48 15.12
C7 NAG W . 2.39 13.96 11.57
C8 NAG W . 1.83 12.61 11.23
N2 NAG W . 2.30 14.33 12.84
O3 NAG W . 3.89 14.75 15.26
O4 NAG W . 2.99 17.07 16.73
O5 NAG W . 2.39 17.96 13.26
O6 NAG W . 2.51 20.35 14.02
O7 NAG W . 2.90 14.67 10.70
C1 NAG X . -16.09 53.48 -44.82
C2 NAG X . -14.90 54.37 -44.48
C3 NAG X . -13.99 54.54 -45.69
C4 NAG X . -13.68 53.21 -46.34
C5 NAG X . -14.96 52.40 -46.55
C6 NAG X . -14.65 51.02 -47.12
C7 NAG X . -14.71 56.35 -43.09
C8 NAG X . -15.29 57.68 -42.69
N2 NAG X . -15.37 55.67 -44.02
O3 NAG X . -12.78 55.16 -45.28
O4 NAG X . -13.05 53.41 -47.58
O5 NAG X . -15.63 52.24 -45.32
O6 NAG X . -14.26 50.15 -46.08
O7 NAG X . -13.68 55.94 -42.56
C1 NAG Y . 15.21 39.30 -33.90
C2 NAG Y . 14.36 39.26 -32.64
C3 NAG Y . 15.13 39.73 -31.40
C4 NAG Y . 16.54 39.16 -31.35
C5 NAG Y . 17.24 39.26 -32.71
C6 NAG Y . 18.62 38.60 -32.70
C7 NAG Y . 11.93 39.63 -32.82
C8 NAG Y . 10.84 40.63 -33.02
N2 NAG Y . 13.19 40.10 -32.82
O3 NAG Y . 14.44 39.32 -30.24
O4 NAG Y . 17.29 39.86 -30.38
O5 NAG Y . 16.44 38.65 -33.69
O6 NAG Y . 18.49 37.20 -32.60
O7 NAG Y . 11.65 38.44 -32.66
C1 NAG Z . 4.82 41.55 -38.89
C2 NAG Z . 3.58 41.88 -39.70
C3 NAG Z . 3.83 43.10 -40.55
C4 NAG Z . 4.36 44.24 -39.70
C5 NAG Z . 5.37 43.81 -38.63
C6 NAG Z . 5.48 44.96 -37.62
C7 NAG Z . 1.98 40.36 -40.66
C8 NAG Z . 1.65 39.52 -41.85
N2 NAG Z . 3.23 40.78 -40.56
O3 NAG Z . 2.62 43.47 -41.15
O4 NAG Z . 5.01 45.16 -40.55
O5 NAG Z . 5.03 42.60 -37.98
O6 NAG Z . 5.73 44.49 -36.32
O7 NAG Z . 1.11 40.66 -39.82
C1 NAG AA . -15.84 73.32 -19.00
C2 NAG AA . -15.08 74.41 -19.75
C3 NAG AA . -14.08 75.10 -18.83
C4 NAG AA . -14.73 75.48 -17.51
C5 NAG AA . -15.52 74.32 -16.92
C6 NAG AA . -16.23 74.74 -15.65
C7 NAG AA . -14.19 74.54 -22.00
C8 NAG AA . -13.47 73.84 -23.12
N2 NAG AA . -14.39 73.84 -20.89
O3 NAG AA . -13.58 76.26 -19.46
O4 NAG AA . -13.73 75.90 -16.60
O5 NAG AA . -16.45 73.87 -17.86
O6 NAG AA . -15.94 73.81 -14.62
O7 NAG AA . -14.57 75.70 -22.13
C1 NAG BA . -23.80 0.68 54.15
C2 NAG BA . -24.28 0.18 55.51
C3 NAG BA . -25.00 -1.16 55.39
C4 NAG BA . -26.03 -1.13 54.26
C5 NAG BA . -25.42 -0.56 52.99
C6 NAG BA . -26.49 -0.49 51.91
C7 NAG BA . -22.94 0.96 57.38
C8 NAG BA . -21.88 0.64 58.38
N2 NAG BA . -23.15 0.06 56.41
O3 NAG BA . -25.67 -1.44 56.61
O4 NAG BA . -26.50 -2.42 53.99
O5 NAG BA . -24.88 0.73 53.24
O6 NAG BA . -26.60 0.82 51.44
O7 NAG BA . -23.59 2.00 57.46
C1 NAG CA . -5.83 5.99 43.15
C2 NAG CA . -5.66 5.12 44.39
C3 NAG CA . -4.48 5.61 45.24
C4 NAG CA . -3.25 5.84 44.38
C5 NAG CA . -3.59 6.65 43.13
C6 NAG CA . -2.37 6.80 42.22
C7 NAG CA . -7.16 4.17 46.06
C8 NAG CA . -8.45 4.31 46.80
N2 NAG CA . -6.88 5.14 45.18
O3 NAG CA . -4.19 4.66 46.23
O4 NAG CA . -2.28 6.51 45.13
O5 NAG CA . -4.63 6.01 42.42
O6 NAG CA . -1.68 7.98 42.57
O7 NAG CA . -6.40 3.22 46.25
C1 NAG DA . -18.31 -33.72 42.15
C2 NAG DA . -19.52 -32.83 41.86
C3 NAG DA . -20.60 -33.62 41.11
C4 NAG DA . -20.00 -34.38 39.93
C5 NAG DA . -18.74 -35.14 40.35
C6 NAG DA . -18.10 -35.83 39.16
C7 NAG DA . -19.38 -31.48 43.87
C8 NAG DA . -20.05 -31.03 45.13
N2 NAG DA . -20.07 -32.32 43.11
O3 NAG DA . -21.59 -32.73 40.64
O4 NAG DA . -20.95 -35.29 39.41
O5 NAG DA . -17.82 -34.25 40.94
O6 NAG DA . -18.53 -37.17 39.09
O7 NAG DA . -18.24 -31.10 43.59
C1 NAG EA . -39.51 -9.76 3.29
C2 NAG EA . -39.51 -11.29 3.31
C3 NAG EA . -39.06 -11.92 1.99
C4 NAG EA . -39.94 -11.37 0.89
C5 NAG EA . -39.81 -9.85 0.81
C6 NAG EA . -41.00 -9.31 0.00
C7 NAG EA . -38.81 -13.01 4.86
C8 NAG EA . -37.55 -13.70 5.32
N2 NAG EA . -38.65 -11.78 4.36
O3 NAG EA . -39.15 -13.32 2.04
O4 NAG EA . -39.58 -11.95 -0.34
O5 NAG EA . -39.78 -9.15 2.04
O6 NAG EA . -41.91 -10.35 -0.26
O7 NAG EA . -39.91 -13.56 4.96
C1 NAG FA . -31.58 -16.29 22.20
C2 NAG FA . -30.23 -16.30 22.91
C3 NAG FA . -29.94 -17.66 23.52
C4 NAG FA . -31.14 -18.18 24.30
C5 NAG FA . -32.43 -18.05 23.49
C6 NAG FA . -33.64 -18.50 24.29
C7 NAG FA . -28.00 -15.47 22.41
C8 NAG FA . -27.00 -15.13 21.36
N2 NAG FA . -29.18 -15.92 21.99
O3 NAG FA . -28.83 -17.57 24.38
O4 NAG FA . -30.93 -19.54 24.63
O5 NAG FA . -32.59 -16.70 23.09
O6 NAG FA . -33.21 -19.03 25.52
O7 NAG FA . -27.74 -15.34 23.61
C1 NAG GA . -5.50 -19.19 -9.82
C2 NAG GA . -4.55 -18.53 -8.84
C3 NAG GA . -3.26 -18.10 -9.55
C4 NAG GA . -2.71 -19.22 -10.41
C5 NAG GA . -3.80 -19.84 -11.27
C6 NAG GA . -3.26 -21.02 -12.08
C7 NAG GA . -5.63 -17.42 -6.98
C8 NAG GA . -6.27 -16.18 -6.44
N2 NAG GA . -5.18 -17.38 -8.22
O3 NAG GA . -2.30 -17.71 -8.59
O4 NAG GA . -1.68 -18.72 -11.24
O5 NAG GA . -4.86 -20.28 -10.45
O6 NAG GA . -4.31 -21.92 -12.37
O7 NAG GA . -5.55 -18.44 -6.27
C1 NAG HA . -15.34 -17.31 -4.81
C2 NAG HA . -15.55 -15.89 -5.33
C3 NAG HA . -15.55 -15.86 -6.85
C4 NAG HA . -14.37 -16.62 -7.41
C5 NAG HA . -14.24 -17.99 -6.75
C6 NAG HA . -12.99 -18.73 -7.26
C7 NAG HA . -17.26 -15.69 -3.60
C8 NAG HA . -18.56 -15.08 -3.19
N2 NAG HA . -16.81 -15.37 -4.81
O3 NAG HA . -15.50 -14.52 -7.29
O4 NAG HA . -14.53 -16.80 -8.80
O5 NAG HA . -14.14 -17.83 -5.35
O6 NAG HA . -12.72 -19.82 -6.40
O7 NAG HA . -16.66 -16.45 -2.85
C1 NAG IA . -35.02 20.18 -2.07
C2 NAG IA . -34.15 18.96 -2.42
C3 NAG IA . -34.59 18.34 -3.73
C4 NAG IA . -36.11 18.15 -3.78
C5 NAG IA . -36.83 19.41 -3.34
C6 NAG IA . -38.34 19.20 -3.29
C7 NAG IA . -32.04 19.58 -1.40
C8 NAG IA . -30.62 19.98 -1.59
N2 NAG IA . -32.76 19.36 -2.49
O3 NAG IA . -33.95 17.09 -3.90
O4 NAG IA . -36.50 17.81 -5.09
O5 NAG IA . -36.38 19.79 -2.05
O6 NAG IA . -38.99 20.36 -3.75
O7 NAG IA . -32.51 19.48 -0.25
#